data_8H3E
#
_entry.id   8H3E
#
_cell.length_a   1.00
_cell.length_b   1.00
_cell.length_c   1.00
_cell.angle_alpha   90.00
_cell.angle_beta   90.00
_cell.angle_gamma   90.00
#
_symmetry.space_group_name_H-M   'P 1'
#
loop_
_entity.id
_entity.type
_entity.pdbx_description
1 polymer 'Spike glycoprotein,Fibritin'
2 non-polymer '7-(6-nitro-2,3-dihydroindol-1-yl)-7-oxidanylidene-heptanoic acid'
3 non-polymer 2-acetamido-2-deoxy-beta-D-glucopyranose
#
_entity_poly.entity_id   1
_entity_poly.type   'polypeptide(L)'
_entity_poly.pdbx_seq_one_letter_code
;MFVFLVLLPLVSSQCVNLTTRTQLPPAYTNSFTRGVYYPDKVFRSSVLHSTQDLFLPFFSNVTWFHAIHVSGTNGTKRFD
NPVLPFNDGVYFASTEKSNIIRGWIFGTTLDSKTQSLLIVNNATNVVIKVCEFQFCNDPFLGVYYHKNNKSWMESEFRVY
SSANNCTFEYVSQPFLMDLEGKQGNFKNLREFVFKNIDGYFKIYSKHTPINLVRDLPQGFSALEPLVDLPIGINITRFQT
LLALHRSYLTPGDSSSGWTAGAAAYYVGYLQPRTFLLKYNENGTITDAVDCALDPLSETKCTLKSFTVEKGIYQTSNFRV
QPTESIVRFPNITNLCPFGEVFNATRFASVYAWNRKRISNCVADYSVLYNSASFSTFKCYGVSPTKLNDLCFTNVYADSF
VIRGDEVRQIAPGQTGKIADYNYKLPDDFTGCVIAWNSNNLDSKVGGNYNYLYRLFRKSNLKPFERDISTEIYQAGSTPC
NGVEGFNCYFPLQSYGFQPTNGVGYQPYRVVVLSFELLHAPATVCGPKKSTNLVKNKCVNFNFNGLTGTGVLTESNKKFL
PFQQFGRDIADTTDAVRDPQTLEILDITPCSFGGVSVITPGTNTSNQVAVLYQDVNCTEVPVAIHADQLTPTWRVYSTGS
NVFQTRAGCLIGAEHVNNSYECDIPIGAGICASYQTQTNSPSGAGSVASQSIIAYTMSLGAENSVAYSNNSIAIPTNFTI
SVTTEILPVSMTKTSVDCTMYICGDSTECSNLLLQYGSFCTQLNRALTGIAVEQDKNTQEVFAQVKQIYKTPPIKDFGGF
NFSQILPDPSKPSKRSFIEDLLFNKVTLADAGFIKQYGDCLGDIAARDLICAQKFNGLTVLPPLLTDEMIAQYTSALLAG
TITSGWTFGAGAALQIPFAMQMAYRFNGIGVTQNVLYENQKLIANQFNSAIGKIQDSLSSTASALGKLQDVVNQNAQALN
TLVKQLSSNFGAISSVLNDILSRLDPPEAEVQIDRLITGRLQSLQTYVTQQLIRAAEIRASANLAATKMSECVLGQSKRV
DFCGKGYHLMSFPQSAPHGVVFLHVTYVPAQEKNFTTAPAICHDGKAHFPREGVFVSNGTHWFVTQRNFYEPQIITTDNT
FVSGNCDVVIGIVNNTVYDPLQPELDSFKEELDKYFKNHTSPDVDLGDISGINASVVNIQKEIDRLNEVAKNLNESLIDL
QELGKYEQYIKSGRENLYFQGGGGSGYIPEAPRDGQAYVRKDGEWVLLSTFLSGGGHHHHHHHHEDQVDPRLIDGK
;
_entity_poly.pdbx_strand_id   A,B,C
#
loop_
_chem_comp.id
_chem_comp.type
_chem_comp.name
_chem_comp.formula
NAG D-saccharide, beta linking 2-acetamido-2-deoxy-beta-D-glucopyranose 'C8 H15 N O6'
Q83 non-polymer '7-(6-nitro-2,3-dihydroindol-1-yl)-7-oxidanylidene-heptanoic acid' 'C15 H18 N2 O5'
#
# COMPACT_ATOMS: atom_id res chain seq x y z
N ALA A 27 47.07 31.24 20.06
CA ALA A 27 46.09 31.01 21.10
C ALA A 27 44.75 30.58 20.52
N TYR A 28 44.73 30.33 19.21
CA TYR A 28 43.51 29.88 18.53
C TYR A 28 43.90 29.19 17.24
N THR A 29 43.49 27.94 17.09
CA THR A 29 43.74 27.15 15.89
C THR A 29 42.50 26.34 15.55
N ASN A 30 42.37 25.97 14.27
CA ASN A 30 41.26 25.17 13.81
C ASN A 30 41.73 23.80 13.35
N SER A 31 40.88 22.80 13.57
CA SER A 31 41.14 21.43 13.13
C SER A 31 40.26 21.14 11.92
N PHE A 32 40.89 20.68 10.84
CA PHE A 32 40.16 20.53 9.58
C PHE A 32 39.27 19.30 9.61
N THR A 33 39.87 18.11 9.69
CA THR A 33 39.12 16.87 9.61
C THR A 33 39.64 15.83 10.60
N ARG A 34 40.17 16.28 11.74
CA ARG A 34 40.78 15.38 12.71
C ARG A 34 39.80 15.01 13.82
N GLY A 35 39.89 13.77 14.27
CA GLY A 35 39.05 13.25 15.32
C GLY A 35 37.97 12.32 14.81
N VAL A 36 38.24 11.02 14.86
CA VAL A 36 37.33 9.99 14.38
C VAL A 36 37.70 8.69 15.07
N TYR A 37 36.68 7.97 15.56
CA TYR A 37 36.89 6.72 16.26
C TYR A 37 35.93 5.65 15.74
N TYR A 38 36.32 4.40 15.90
CA TYR A 38 35.48 3.28 15.50
C TYR A 38 34.24 3.23 16.39
N PRO A 39 33.04 3.32 15.84
CA PRO A 39 31.82 3.31 16.67
C PRO A 39 31.27 1.93 16.99
N ASP A 40 31.92 0.85 16.55
CA ASP A 40 31.40 -0.49 16.79
C ASP A 40 32.54 -1.49 16.61
N LYS A 41 32.29 -2.73 17.02
CA LYS A 41 33.25 -3.82 16.90
C LYS A 41 32.67 -4.88 15.97
N VAL A 42 32.86 -4.67 14.66
CA VAL A 42 32.40 -5.60 13.66
C VAL A 42 33.22 -5.36 12.39
N PHE A 43 33.52 -6.45 11.68
CA PHE A 43 34.29 -6.33 10.45
C PHE A 43 33.41 -5.81 9.32
N ARG A 44 34.02 -5.03 8.43
CA ARG A 44 33.34 -4.54 7.25
C ARG A 44 34.39 -4.16 6.20
N SER A 45 33.98 -4.18 4.94
CA SER A 45 34.91 -3.92 3.86
C SER A 45 34.18 -3.45 2.62
N SER A 46 34.75 -2.46 1.94
CA SER A 46 34.26 -1.96 0.65
C SER A 46 32.77 -1.64 0.72
N VAL A 47 32.43 -0.67 1.57
CA VAL A 47 31.05 -0.25 1.75
C VAL A 47 31.06 1.11 2.43
N LEU A 48 29.97 1.86 2.27
CA LEU A 48 29.79 3.15 2.92
C LEU A 48 28.71 3.02 3.99
N HIS A 49 28.98 3.59 5.16
CA HIS A 49 28.09 3.45 6.31
C HIS A 49 27.81 4.82 6.91
N SER A 50 26.62 4.95 7.49
CA SER A 50 26.16 6.20 8.10
C SER A 50 25.83 5.96 9.57
N THR A 51 26.24 6.91 10.42
CA THR A 51 26.04 6.77 11.85
C THR A 51 25.81 8.14 12.47
N GLN A 52 25.21 8.13 13.65
CA GLN A 52 25.01 9.33 14.47
C GLN A 52 25.60 9.09 15.84
N ASP A 53 26.48 9.99 16.28
CA ASP A 53 27.19 9.84 17.54
C ASP A 53 27.65 11.21 18.00
N LEU A 54 28.55 11.24 18.98
CA LEU A 54 29.16 12.47 19.47
C LEU A 54 30.53 12.62 18.81
N PHE A 55 30.62 13.54 17.86
CA PHE A 55 31.83 13.74 17.06
C PHE A 55 32.31 15.17 17.19
N LEU A 56 33.57 15.38 16.80
CA LEU A 56 34.16 16.72 16.77
C LEU A 56 33.96 17.31 15.38
N PRO A 57 33.23 18.43 15.24
CA PRO A 57 32.90 18.93 13.90
C PRO A 57 34.13 19.27 13.08
N PHE A 58 33.89 19.59 11.82
CA PHE A 58 34.95 19.92 10.88
C PHE A 58 35.20 21.42 10.85
N PHE A 59 36.46 21.81 10.74
CA PHE A 59 36.85 23.21 10.65
C PHE A 59 36.26 24.01 11.82
N SER A 60 36.68 23.64 13.03
CA SER A 60 36.16 24.23 14.25
C SER A 60 37.29 24.84 15.05
N ASN A 61 36.94 25.77 15.94
CA ASN A 61 37.92 26.49 16.74
C ASN A 61 38.56 25.56 17.77
N VAL A 62 39.83 25.82 18.07
CA VAL A 62 40.60 25.02 19.01
C VAL A 62 41.62 25.91 19.69
N THR A 63 41.95 25.58 20.93
CA THR A 63 42.84 26.40 21.75
C THR A 63 44.24 25.80 21.80
N TRP A 64 45.21 26.65 22.14
CA TRP A 64 46.61 26.29 22.16
C TRP A 64 47.21 26.69 23.50
N PHE A 65 47.88 25.75 24.16
CA PHE A 65 48.52 25.99 25.45
C PHE A 65 50.01 25.70 25.33
N HIS A 66 50.83 26.56 25.93
CA HIS A 66 52.27 26.52 25.77
C HIS A 66 52.96 26.23 27.09
N ALA A 67 54.18 25.70 26.99
CA ALA A 67 55.08 25.55 28.14
C ALA A 67 56.50 25.70 27.60
N ILE A 68 57.01 26.93 27.65
CA ILE A 68 58.31 27.26 27.09
C ILE A 68 59.06 28.17 28.05
N HIS A 69 60.35 27.91 28.23
CA HIS A 69 61.22 28.71 29.08
C HIS A 69 62.30 29.34 28.20
N VAL A 70 62.19 30.65 27.98
CA VAL A 70 63.11 31.36 27.11
C VAL A 70 64.56 31.09 27.51
N THR A 76 60.23 35.09 28.89
CA THR A 76 59.35 34.87 30.04
C THR A 76 58.86 33.43 30.08
N LYS A 77 59.14 32.76 31.20
CA LYS A 77 58.70 31.38 31.36
C LYS A 77 57.17 31.31 31.45
N ARG A 78 56.63 30.18 31.00
CA ARG A 78 55.19 29.94 31.09
C ARG A 78 54.95 28.52 31.56
N PHE A 79 53.82 28.32 32.25
CA PHE A 79 53.45 27.02 32.80
C PHE A 79 51.93 26.99 32.88
N ASP A 80 51.30 26.32 31.93
CA ASP A 80 49.85 26.38 31.75
C ASP A 80 49.20 25.12 32.29
N ASN A 81 48.38 25.28 33.33
CA ASN A 81 47.56 24.19 33.86
C ASN A 81 46.28 24.74 34.46
N PRO A 82 45.48 25.50 33.70
CA PRO A 82 44.24 26.03 34.25
C PRO A 82 43.14 24.98 34.30
N VAL A 83 42.11 25.29 35.07
CA VAL A 83 40.94 24.43 35.22
C VAL A 83 39.92 24.80 34.16
N LEU A 84 39.45 23.82 33.41
CA LEU A 84 38.56 24.03 32.27
C LEU A 84 37.33 23.18 32.40
N PRO A 85 36.23 23.56 31.73
CA PRO A 85 34.99 22.79 31.85
C PRO A 85 35.10 21.45 31.14
N PHE A 86 34.07 20.62 31.38
CA PHE A 86 33.94 19.29 30.77
C PHE A 86 32.47 19.15 30.42
N ASN A 87 32.10 19.58 29.21
CA ASN A 87 30.68 19.73 28.87
C ASN A 87 30.03 18.39 28.53
N ASP A 88 30.48 17.77 27.44
CA ASP A 88 29.97 16.46 27.03
C ASP A 88 31.08 15.49 26.63
N GLY A 89 32.26 15.98 26.30
CA GLY A 89 33.38 15.14 25.93
C GLY A 89 34.61 16.01 25.82
N VAL A 90 35.70 15.41 25.36
CA VAL A 90 36.95 16.14 25.22
C VAL A 90 37.85 15.45 24.22
N TYR A 91 38.42 16.22 23.30
CA TYR A 91 39.45 15.76 22.39
C TYR A 91 40.76 16.42 22.78
N PHE A 92 41.78 15.62 23.06
CA PHE A 92 43.04 16.09 23.58
C PHE A 92 44.16 15.66 22.64
N ALA A 93 45.12 16.55 22.41
CA ALA A 93 46.25 16.26 21.54
C ALA A 93 47.50 16.94 22.09
N SER A 94 48.62 16.24 22.02
CA SER A 94 49.89 16.76 22.52
C SER A 94 51.02 16.34 21.58
N THR A 95 51.91 17.28 21.29
CA THR A 95 53.11 17.03 20.52
C THR A 95 54.32 17.38 21.38
N GLU A 96 55.28 16.46 21.47
CA GLU A 96 56.40 16.65 22.37
C GLU A 96 57.57 15.79 21.92
N LYS A 97 58.77 16.20 22.34
CA LYS A 97 60.00 15.44 22.14
C LYS A 97 60.48 14.77 23.40
N SER A 98 60.44 15.44 24.54
CA SER A 98 60.76 14.88 25.83
C SER A 98 59.49 14.84 26.69
N ASN A 99 59.29 13.72 27.39
CA ASN A 99 58.05 13.49 28.13
C ASN A 99 57.85 14.54 29.21
N ILE A 100 56.83 15.40 29.02
CA ILE A 100 56.50 16.43 29.99
C ILE A 100 55.02 16.46 30.35
N ILE A 101 54.23 15.52 29.85
CA ILE A 101 52.82 15.39 30.19
C ILE A 101 52.58 13.99 30.74
N ARG A 102 51.93 13.91 31.90
CA ARG A 102 51.83 12.65 32.63
C ARG A 102 50.40 12.12 32.73
N GLY A 103 49.48 12.91 33.26
CA GLY A 103 48.13 12.42 33.46
C GLY A 103 47.12 13.52 33.61
N TRP A 104 45.98 13.18 34.22
CA TRP A 104 44.89 14.12 34.40
C TRP A 104 44.18 13.82 35.71
N ILE A 105 43.40 14.79 36.17
CA ILE A 105 42.55 14.64 37.36
C ILE A 105 41.17 15.19 37.02
N PHE A 106 40.14 14.44 37.38
CA PHE A 106 38.76 14.81 37.09
C PHE A 106 37.96 14.90 38.37
N GLY A 107 36.93 15.73 38.36
CA GLY A 107 36.11 15.90 39.55
C GLY A 107 35.04 16.95 39.32
N THR A 108 34.36 17.28 40.42
CA THR A 108 33.28 18.27 40.42
C THR A 108 33.66 19.53 41.20
N THR A 109 34.09 19.39 42.45
CA THR A 109 34.54 20.52 43.25
C THR A 109 36.01 20.46 43.60
N LEU A 110 36.70 19.37 43.27
CA LEU A 110 38.13 19.21 43.53
C LEU A 110 38.47 19.61 44.95
N ASP A 111 37.78 18.97 45.89
CA ASP A 111 37.95 19.23 47.32
C ASP A 111 37.68 17.95 48.08
N SER A 112 37.71 18.04 49.41
CA SER A 112 37.53 16.88 50.28
C SER A 112 36.08 16.63 50.65
N LYS A 113 35.14 17.16 49.88
CA LYS A 113 33.71 16.96 50.13
C LYS A 113 33.04 16.08 49.09
N THR A 114 33.78 15.58 48.10
CA THR A 114 33.21 14.76 47.04
C THR A 114 34.27 13.77 46.57
N GLN A 115 33.88 12.93 45.62
CA GLN A 115 34.77 11.94 45.03
C GLN A 115 35.39 12.48 43.75
N SER A 116 36.60 12.01 43.44
CA SER A 116 37.33 12.45 42.26
C SER A 116 38.05 11.24 41.65
N LEU A 117 38.71 11.47 40.52
CA LEU A 117 39.41 10.44 39.79
C LEU A 117 40.82 10.92 39.46
N LEU A 118 41.76 9.97 39.43
CA LEU A 118 43.16 10.29 39.19
C LEU A 118 43.77 9.28 38.24
N ILE A 119 44.39 9.76 37.18
CA ILE A 119 45.21 8.94 36.27
C ILE A 119 46.59 9.56 36.23
N VAL A 120 47.61 8.81 36.62
CA VAL A 120 48.96 9.33 36.80
C VAL A 120 49.97 8.38 36.17
N ASN A 121 51.17 8.91 35.95
CA ASN A 121 52.31 8.13 35.47
C ASN A 121 53.52 8.56 36.29
N ASN A 122 53.84 7.80 37.33
CA ASN A 122 54.90 8.16 38.26
C ASN A 122 56.28 7.66 37.81
N ALA A 123 56.45 7.39 36.51
CA ALA A 123 57.71 6.98 35.90
C ALA A 123 58.09 5.54 36.23
N THR A 124 57.23 4.79 36.91
CA THR A 124 57.55 3.39 37.21
C THR A 124 56.39 2.47 36.83
N ASN A 125 55.17 3.00 36.85
CA ASN A 125 53.99 2.22 36.48
C ASN A 125 52.79 3.15 36.43
N VAL A 126 51.70 2.65 35.85
CA VAL A 126 50.47 3.41 35.68
C VAL A 126 49.57 3.16 36.88
N VAL A 127 49.03 4.24 37.46
CA VAL A 127 48.24 4.16 38.67
C VAL A 127 46.89 4.82 38.41
N ILE A 128 45.82 4.16 38.86
CA ILE A 128 44.47 4.71 38.80
C ILE A 128 43.85 4.56 40.19
N LYS A 129 43.24 5.64 40.68
CA LYS A 129 42.68 5.68 42.02
C LYS A 129 41.45 6.56 42.02
N VAL A 130 40.45 6.17 42.82
CA VAL A 130 39.21 6.93 42.96
C VAL A 130 38.98 7.13 44.45
N CYS A 131 39.49 8.24 45.00
CA CYS A 131 39.36 8.54 46.41
C CYS A 131 38.83 9.95 46.64
N GLU A 132 38.84 10.41 47.89
CA GLU A 132 38.47 11.77 48.24
C GLU A 132 39.75 12.54 48.55
N PHE A 133 40.29 13.21 47.54
CA PHE A 133 41.57 13.89 47.68
C PHE A 133 41.39 15.33 48.11
N GLN A 134 42.49 15.95 48.54
CA GLN A 134 42.57 17.38 48.83
C GLN A 134 43.74 17.91 48.00
N PHE A 135 43.45 18.26 46.75
CA PHE A 135 44.49 18.59 45.80
C PHE A 135 45.13 19.95 46.12
N CYS A 136 46.37 20.12 45.64
CA CYS A 136 47.10 21.36 45.83
C CYS A 136 46.65 22.40 44.80
N ASN A 137 47.22 23.60 44.91
CA ASN A 137 46.88 24.67 43.99
C ASN A 137 47.68 24.62 42.69
N ASP A 138 48.93 24.17 42.75
CA ASP A 138 49.82 24.07 41.59
C ASP A 138 50.45 22.69 41.54
N PRO A 139 49.67 21.66 41.20
CA PRO A 139 50.23 20.31 41.14
C PRO A 139 51.30 20.19 40.05
N PHE A 140 52.28 19.33 40.30
CA PHE A 140 53.33 19.08 39.33
C PHE A 140 54.22 17.95 39.85
N LEU A 141 55.18 17.55 39.01
CA LEU A 141 56.20 16.58 39.36
C LEU A 141 57.55 17.19 39.05
N GLY A 142 58.64 16.41 39.08
CA GLY A 142 59.92 16.99 38.74
C GLY A 142 61.02 15.95 38.70
N VAL A 143 62.14 16.37 38.11
CA VAL A 143 63.38 15.61 38.08
C VAL A 143 64.51 16.58 38.40
N TYR A 144 65.63 16.02 38.87
CA TYR A 144 66.75 16.83 39.35
C TYR A 144 67.98 16.74 38.47
N TYR A 145 68.50 15.53 38.24
CA TYR A 145 69.72 15.38 37.47
C TYR A 145 69.42 15.12 36.00
N SER A 151 71.66 9.84 34.52
CA SER A 151 71.76 11.10 35.24
C SER A 151 70.41 11.52 35.79
N TRP A 152 69.46 11.81 34.90
CA TRP A 152 68.15 12.27 35.32
C TRP A 152 67.45 11.22 36.17
N MET A 153 66.75 11.67 37.20
CA MET A 153 66.04 10.78 38.11
C MET A 153 64.76 11.45 38.57
N GLU A 154 63.84 10.62 39.08
CA GLU A 154 62.55 11.09 39.57
C GLU A 154 62.64 11.28 41.09
N SER A 155 62.39 12.50 41.55
CA SER A 155 62.56 12.84 42.96
C SER A 155 61.29 13.31 43.64
N GLU A 156 60.55 14.24 43.03
CA GLU A 156 59.45 14.91 43.70
C GLU A 156 58.11 14.49 43.13
N PHE A 157 57.11 14.40 44.01
CA PHE A 157 55.75 14.04 43.62
C PHE A 157 54.80 14.76 44.57
N ARG A 158 54.27 15.90 44.14
CA ARG A 158 53.43 16.75 44.97
C ARG A 158 52.08 16.95 44.27
N VAL A 159 51.10 16.12 44.64
CA VAL A 159 49.79 16.20 44.01
C VAL A 159 48.72 16.45 45.07
N TYR A 160 48.56 15.53 46.01
CA TYR A 160 47.51 15.60 47.01
C TYR A 160 48.12 15.54 48.40
N SER A 161 47.27 15.81 49.40
CA SER A 161 47.66 15.76 50.80
C SER A 161 47.06 14.60 51.57
N SER A 162 45.84 14.18 51.23
CA SER A 162 45.20 13.09 51.94
C SER A 162 44.15 12.43 51.05
N ALA A 163 43.91 11.15 51.29
CA ALA A 163 42.88 10.39 50.61
C ALA A 163 42.20 9.48 51.60
N ASN A 164 40.87 9.39 51.54
CA ASN A 164 40.12 8.63 52.52
C ASN A 164 38.83 8.10 51.91
N ASN A 165 38.43 6.90 52.34
CA ASN A 165 37.13 6.33 52.01
C ASN A 165 36.93 6.22 50.50
N CYS A 166 37.73 5.38 49.87
CA CYS A 166 37.66 5.20 48.43
C CYS A 166 37.70 3.72 48.06
N THR A 167 37.05 3.40 46.94
CA THR A 167 36.70 2.03 46.59
C THR A 167 37.04 1.72 45.13
N PHE A 168 38.26 2.05 44.70
CA PHE A 168 38.71 1.63 43.38
C PHE A 168 40.22 1.83 43.25
N GLU A 169 40.93 0.81 42.78
CA GLU A 169 42.38 0.90 42.66
C GLU A 169 42.86 -0.07 41.60
N TYR A 170 44.00 0.26 40.98
CA TYR A 170 44.63 -0.58 39.99
C TYR A 170 46.04 -0.04 39.72
N VAL A 171 47.02 -0.94 39.66
CA VAL A 171 48.40 -0.57 39.42
C VAL A 171 48.97 -1.50 38.36
N SER A 172 49.67 -0.92 37.38
CA SER A 172 50.26 -1.68 36.30
C SER A 172 51.64 -2.18 36.68
N GLN A 173 52.13 -3.15 35.91
CA GLN A 173 53.43 -3.74 36.19
C GLN A 173 54.54 -2.72 35.96
N PRO A 174 55.64 -2.84 36.68
CA PRO A 174 56.70 -1.82 36.61
C PRO A 174 57.38 -1.79 35.24
N PHE A 175 57.92 -0.63 34.91
CA PHE A 175 58.70 -0.45 33.68
C PHE A 175 59.71 0.67 33.91
N LEU A 176 60.72 0.70 33.04
CA LEU A 176 61.76 1.74 33.07
C LEU A 176 61.61 2.60 31.82
N MET A 177 61.47 3.90 32.02
CA MET A 177 61.23 4.85 30.94
C MET A 177 62.32 5.92 30.93
N ASP A 178 62.77 6.28 29.73
CA ASP A 178 63.82 7.27 29.58
C ASP A 178 63.30 8.65 29.98
N LEU A 179 64.25 9.52 30.36
CA LEU A 179 63.92 10.89 30.74
C LEU A 179 64.92 11.84 30.11
N GLU A 180 64.42 12.93 29.55
CA GLU A 180 65.25 13.97 28.93
C GLU A 180 66.20 13.30 27.93
N GLY A 181 67.38 13.89 27.73
CA GLY A 181 68.31 13.38 26.74
C GLY A 181 67.94 13.67 25.31
N LYS A 182 67.10 14.68 25.06
CA LYS A 182 66.67 15.01 23.72
C LYS A 182 66.50 16.52 23.59
N GLN A 183 66.60 17.00 22.35
CA GLN A 183 66.41 18.41 22.04
C GLN A 183 66.33 18.56 20.53
N GLY A 184 65.46 19.47 20.08
CA GLY A 184 65.25 19.68 18.66
C GLY A 184 63.80 20.01 18.33
N ASN A 185 63.29 19.41 17.26
CA ASN A 185 61.90 19.63 16.85
C ASN A 185 61.02 18.48 17.29
N PHE A 186 59.71 18.73 17.28
CA PHE A 186 58.75 17.75 17.77
C PHE A 186 58.78 16.49 16.92
N LYS A 187 58.54 15.36 17.57
CA LYS A 187 58.66 14.05 16.92
C LYS A 187 57.46 13.13 17.08
N ASN A 188 56.62 13.31 18.10
CA ASN A 188 55.56 12.37 18.39
C ASN A 188 54.23 13.10 18.57
N LEU A 189 53.14 12.38 18.28
CA LEU A 189 51.79 12.90 18.44
C LEU A 189 50.92 11.83 19.08
N ARG A 190 50.05 12.25 19.99
CA ARG A 190 49.15 11.35 20.69
C ARG A 190 47.79 12.01 20.85
N GLU A 191 46.72 11.24 20.67
CA GLU A 191 45.36 11.74 20.69
C GLU A 191 44.50 10.89 21.60
N PHE A 192 43.53 11.52 22.26
CA PHE A 192 42.68 10.86 23.23
C PHE A 192 41.25 11.35 23.10
N VAL A 193 40.31 10.53 23.54
CA VAL A 193 38.90 10.89 23.60
C VAL A 193 38.33 10.39 24.92
N PHE A 194 37.53 11.24 25.58
CA PHE A 194 36.94 10.93 26.88
C PHE A 194 35.44 11.08 26.81
N LYS A 195 34.72 10.14 27.44
CA LYS A 195 33.27 10.18 27.48
C LYS A 195 32.80 9.69 28.84
N ASN A 196 31.54 10.00 29.17
CA ASN A 196 30.98 9.68 30.48
C ASN A 196 29.50 9.37 30.30
N ILE A 197 29.15 8.08 30.23
CA ILE A 197 27.78 7.65 29.99
C ILE A 197 27.42 6.55 30.98
N ASP A 198 26.33 6.74 31.70
CA ASP A 198 25.76 5.72 32.60
C ASP A 198 26.82 5.13 33.53
N GLY A 199 27.56 6.02 34.20
CA GLY A 199 28.60 5.56 35.10
C GLY A 199 29.68 4.76 34.42
N TYR A 200 30.12 5.19 33.24
CA TYR A 200 31.15 4.52 32.48
C TYR A 200 32.10 5.55 31.90
N PHE A 201 33.40 5.23 31.93
CA PHE A 201 34.44 6.10 31.37
C PHE A 201 35.11 5.34 30.23
N LYS A 202 35.03 5.89 29.03
CA LYS A 202 35.58 5.26 27.83
C LYS A 202 36.72 6.11 27.29
N ILE A 203 37.74 5.45 26.76
CA ILE A 203 38.93 6.12 26.24
C ILE A 203 39.32 5.48 24.92
N TYR A 204 39.54 6.31 23.89
CA TYR A 204 40.08 5.88 22.62
C TYR A 204 41.42 6.56 22.40
N SER A 205 42.33 5.89 21.70
CA SER A 205 43.69 6.40 21.57
C SER A 205 44.31 5.93 20.27
N LYS A 206 45.37 6.63 19.87
CA LYS A 206 46.19 6.28 18.71
C LYS A 206 47.44 7.16 18.73
N HIS A 207 48.55 6.59 18.24
CA HIS A 207 49.84 7.26 18.24
C HIS A 207 50.43 7.27 16.84
N THR A 208 51.05 8.39 16.46
CA THR A 208 51.60 8.56 15.12
C THR A 208 52.89 9.37 15.16
N PRO A 209 53.95 8.91 14.50
CA PRO A 209 55.22 9.66 14.51
C PRO A 209 55.23 10.74 13.42
N ILE A 210 55.60 11.96 13.82
CA ILE A 210 55.64 13.11 12.92
C ILE A 210 56.91 13.89 13.15
N ASN A 211 57.29 14.67 12.13
CA ASN A 211 58.41 15.60 12.21
C ASN A 211 57.91 16.98 11.80
N LEU A 212 58.05 17.95 12.70
CA LEU A 212 57.52 19.29 12.48
C LEU A 212 58.13 20.21 13.54
N VAL A 213 57.73 21.48 13.50
CA VAL A 213 58.33 22.48 14.40
C VAL A 213 57.28 23.14 15.29
N ARG A 214 56.32 23.83 14.70
CA ARG A 214 55.47 24.76 15.45
C ARG A 214 54.00 24.68 14.99
N ASP A 215 53.44 23.48 14.90
CA ASP A 215 52.01 23.35 14.61
C ASP A 215 51.62 21.89 14.78
N LEU A 216 50.39 21.57 14.38
CA LEU A 216 49.90 20.20 14.34
C LEU A 216 49.61 19.81 12.89
N PRO A 217 50.18 18.72 12.39
CA PRO A 217 50.05 18.41 10.96
C PRO A 217 48.63 18.08 10.53
N GLN A 218 48.46 17.78 9.25
CA GLN A 218 47.16 17.46 8.67
C GLN A 218 47.17 16.04 8.13
N GLY A 219 46.03 15.38 8.22
CA GLY A 219 45.92 14.01 7.74
C GLY A 219 44.64 13.37 8.22
N PHE A 220 44.59 12.05 8.08
CA PHE A 220 43.44 11.26 8.51
C PHE A 220 43.91 10.04 9.27
N SER A 221 43.21 9.75 10.37
CA SER A 221 43.51 8.58 11.20
C SER A 221 42.37 8.37 12.18
N ALA A 222 41.95 7.12 12.35
CA ALA A 222 40.85 6.76 13.23
C ALA A 222 41.39 6.27 14.56
N LEU A 223 40.58 6.43 15.61
CA LEU A 223 40.94 6.02 16.95
C LEU A 223 40.20 4.74 17.33
N GLU A 224 40.86 3.92 18.16
CA GLU A 224 40.37 2.59 18.49
C GLU A 224 40.01 2.49 19.97
N PRO A 225 39.13 1.57 20.34
CA PRO A 225 38.77 1.42 21.75
C PRO A 225 39.97 1.04 22.60
N LEU A 226 40.02 1.58 23.82
CA LEU A 226 41.12 1.31 24.73
C LEU A 226 40.69 0.61 26.01
N VAL A 227 39.74 1.17 26.75
CA VAL A 227 39.36 0.63 28.05
C VAL A 227 38.01 1.22 28.45
N ASP A 228 37.32 0.54 29.38
CA ASP A 228 36.03 0.97 29.88
C ASP A 228 35.98 0.71 31.37
N LEU A 229 35.90 1.77 32.18
CA LEU A 229 36.00 1.66 33.63
C LEU A 229 34.68 2.04 34.28
N PRO A 230 34.21 1.27 35.27
CA PRO A 230 33.05 1.70 36.06
C PRO A 230 33.45 2.54 37.25
N ILE A 231 32.94 3.77 37.37
CA ILE A 231 33.27 4.62 38.50
C ILE A 231 32.00 5.09 39.19
N GLY A 232 31.12 5.76 38.46
CA GLY A 232 29.85 6.19 39.00
C GLY A 232 29.89 7.48 39.78
N ILE A 233 30.44 8.55 39.19
CA ILE A 233 30.53 9.85 39.83
C ILE A 233 30.15 10.92 38.82
N ASN A 234 29.87 12.12 39.33
CA ASN A 234 29.49 13.27 38.52
C ASN A 234 30.73 14.11 38.24
N ILE A 235 31.05 14.29 36.96
CA ILE A 235 32.26 14.98 36.53
C ILE A 235 31.87 16.23 35.76
N THR A 236 32.40 17.38 36.18
CA THR A 236 32.13 18.63 35.47
C THR A 236 33.36 19.54 35.38
N ARG A 237 34.57 18.98 35.47
CA ARG A 237 35.80 19.76 35.37
C ARG A 237 36.97 18.81 35.23
N PHE A 238 38.11 19.35 34.82
CA PHE A 238 39.32 18.56 34.67
C PHE A 238 40.52 19.49 34.60
N GLN A 239 41.71 18.90 34.71
CA GLN A 239 42.94 19.66 34.78
C GLN A 239 44.10 18.77 34.35
N THR A 240 45.21 19.40 33.99
CA THR A 240 46.41 18.71 33.55
C THR A 240 47.55 18.98 34.51
N LEU A 241 48.44 17.99 34.64
CA LEU A 241 49.61 18.09 35.52
C LEU A 241 50.86 17.74 34.73
N LEU A 242 51.91 18.54 34.92
CA LEU A 242 53.15 18.45 34.15
C LEU A 242 54.32 18.16 35.08
N ALA A 243 55.53 18.24 34.52
CA ALA A 243 56.77 18.06 35.27
C ALA A 243 57.74 19.18 34.91
N LEU A 244 58.66 19.46 35.83
CA LEU A 244 59.67 20.49 35.62
C LEU A 244 61.05 19.95 35.99
N HIS A 245 62.08 20.51 35.36
CA HIS A 245 63.45 20.01 35.47
C HIS A 245 64.23 20.93 36.41
N ARG A 246 64.14 20.64 37.72
CA ARG A 246 64.84 21.39 38.74
C ARG A 246 64.81 22.89 38.46
N SER A 247 63.66 23.39 38.01
CA SER A 247 63.51 24.78 37.65
C SER A 247 62.27 25.33 38.37
N TYR A 248 61.85 26.53 37.99
CA TYR A 248 60.71 27.18 38.61
C TYR A 248 59.73 27.64 37.54
N LEU A 249 58.65 28.27 37.98
CA LEU A 249 57.59 28.74 37.10
C LEU A 249 57.30 27.73 35.98
N GLY A 261 61.35 20.47 27.82
CA GLY A 261 61.36 21.91 27.98
C GLY A 261 60.32 22.61 27.12
N ALA A 262 60.16 22.12 25.90
CA ALA A 262 59.20 22.67 24.94
C ALA A 262 58.11 21.65 24.67
N ALA A 263 56.86 22.09 24.78
CA ALA A 263 55.72 21.21 24.54
C ALA A 263 54.45 22.04 24.57
N ALA A 264 53.39 21.49 23.99
CA ALA A 264 52.11 22.17 23.97
C ALA A 264 51.01 21.13 23.76
N TYR A 265 49.78 21.52 24.08
CA TYR A 265 48.64 20.63 23.94
C TYR A 265 47.42 21.44 23.50
N TYR A 266 46.43 20.74 22.99
CA TYR A 266 45.22 21.34 22.44
C TYR A 266 44.00 20.78 23.16
N VAL A 267 42.85 21.40 22.92
CA VAL A 267 41.61 21.00 23.59
C VAL A 267 40.43 21.36 22.70
N GLY A 268 39.50 20.43 22.55
CA GLY A 268 38.29 20.67 21.79
C GLY A 268 37.17 19.80 22.33
N TYR A 269 35.94 20.27 22.15
CA TYR A 269 34.78 19.61 22.72
C TYR A 269 34.03 18.80 21.66
N LEU A 270 32.92 18.20 22.06
CA LEU A 270 32.17 17.27 21.22
C LEU A 270 30.71 17.70 21.14
N GLN A 271 30.07 17.33 20.05
CA GLN A 271 28.66 17.61 19.81
C GLN A 271 28.03 16.47 19.06
N PRO A 272 26.71 16.29 19.17
CA PRO A 272 26.02 15.27 18.38
C PRO A 272 26.04 15.61 16.90
N ARG A 273 26.34 14.62 16.07
CA ARG A 273 26.48 14.83 14.64
C ARG A 273 26.20 13.52 13.91
N THR A 274 26.03 13.63 12.60
CA THR A 274 25.88 12.48 11.72
C THR A 274 26.91 12.55 10.62
N PHE A 275 27.63 11.45 10.40
CA PHE A 275 28.73 11.40 9.46
C PHE A 275 28.48 10.31 8.41
N LEU A 276 29.34 10.29 7.39
CA LEU A 276 29.38 9.22 6.40
C LEU A 276 30.81 8.73 6.30
N LEU A 277 31.01 7.43 6.53
CA LEU A 277 32.33 6.84 6.60
C LEU A 277 32.56 5.88 5.45
N LYS A 278 33.83 5.70 5.08
CA LYS A 278 34.23 4.83 3.98
C LYS A 278 35.24 3.82 4.48
N TYR A 279 35.14 2.58 3.97
CA TYR A 279 36.01 1.49 4.38
C TYR A 279 36.85 1.02 3.20
N ASN A 280 38.02 0.47 3.51
CA ASN A 280 38.90 -0.10 2.51
C ASN A 280 38.45 -1.51 2.14
N GLU A 281 39.25 -2.17 1.30
CA GLU A 281 39.10 -3.61 1.12
C GLU A 281 39.69 -4.38 2.30
N ASN A 282 40.70 -3.82 2.95
CA ASN A 282 41.28 -4.46 4.12
C ASN A 282 40.38 -4.34 5.35
N GLY A 283 39.75 -3.18 5.52
CA GLY A 283 38.82 -2.98 6.61
C GLY A 283 39.06 -1.73 7.43
N THR A 284 39.86 -0.81 6.90
CA THR A 284 40.20 0.43 7.59
C THR A 284 39.41 1.60 7.02
N ILE A 285 39.20 2.61 7.86
CA ILE A 285 38.51 3.83 7.46
C ILE A 285 39.54 4.82 6.91
N THR A 286 39.28 5.36 5.72
CA THR A 286 40.23 6.23 5.05
C THR A 286 39.69 7.60 4.67
N ASP A 287 38.38 7.81 4.71
CA ASP A 287 37.81 9.10 4.36
C ASP A 287 36.44 9.24 5.00
N ALA A 288 35.98 10.49 5.11
CA ALA A 288 34.70 10.77 5.74
C ALA A 288 34.16 12.09 5.22
N VAL A 289 32.86 12.30 5.45
CA VAL A 289 32.17 13.52 5.05
C VAL A 289 31.19 13.91 6.14
N ASP A 290 31.11 15.21 6.43
CA ASP A 290 30.15 15.73 7.40
C ASP A 290 28.89 16.19 6.67
N CYS A 291 27.74 15.70 7.13
CA CYS A 291 26.49 15.86 6.40
C CYS A 291 25.75 17.16 6.72
N ALA A 292 26.34 18.05 7.53
CA ALA A 292 25.68 19.31 7.85
C ALA A 292 26.62 20.51 7.85
N LEU A 293 27.85 20.36 7.34
CA LEU A 293 28.78 21.48 7.35
C LEU A 293 28.27 22.63 6.47
N ASP A 294 27.75 22.31 5.30
CA ASP A 294 27.28 23.34 4.36
C ASP A 294 26.33 22.68 3.38
N PRO A 295 25.58 23.47 2.60
CA PRO A 295 24.63 22.88 1.65
C PRO A 295 25.27 21.99 0.61
N LEU A 296 26.50 22.28 0.18
CA LEU A 296 27.16 21.44 -0.80
C LEU A 296 27.36 20.03 -0.26
N SER A 297 27.83 19.91 0.99
CA SER A 297 28.06 18.61 1.59
C SER A 297 26.78 17.92 2.01
N GLU A 298 25.63 18.61 1.92
CA GLU A 298 24.35 18.00 2.24
C GLU A 298 23.77 17.19 1.08
N THR A 299 24.34 17.31 -0.12
CA THR A 299 23.90 16.53 -1.26
C THR A 299 24.68 15.23 -1.44
N LYS A 300 25.98 15.25 -1.12
CA LYS A 300 26.77 14.02 -1.19
C LYS A 300 26.22 12.96 -0.24
N CYS A 301 25.85 13.37 0.97
CA CYS A 301 25.22 12.44 1.91
C CYS A 301 23.86 11.99 1.38
N THR A 302 23.10 12.91 0.78
CA THR A 302 21.76 12.58 0.32
C THR A 302 21.80 11.52 -0.78
N LEU A 303 22.71 11.66 -1.74
CA LEU A 303 22.83 10.70 -2.83
C LEU A 303 23.91 9.64 -2.58
N LYS A 304 24.57 9.67 -1.43
CA LYS A 304 25.49 8.62 -1.00
C LYS A 304 26.60 8.39 -2.02
N SER A 305 27.42 9.43 -2.20
CA SER A 305 28.59 9.31 -3.07
C SER A 305 29.51 10.51 -2.81
N PHE A 306 30.77 10.34 -3.19
CA PHE A 306 31.77 11.39 -3.03
C PHE A 306 31.93 12.26 -4.26
N THR A 307 31.13 12.03 -5.30
CA THR A 307 31.22 12.79 -6.55
C THR A 307 29.83 13.23 -6.97
N VAL A 308 29.75 14.44 -7.53
CA VAL A 308 28.49 15.02 -7.98
C VAL A 308 28.69 15.57 -9.39
N GLU A 309 27.59 15.63 -10.14
CA GLU A 309 27.61 16.07 -11.53
C GLU A 309 26.78 17.35 -11.69
N LYS A 310 26.85 17.92 -12.89
CA LYS A 310 26.17 19.17 -13.18
C LYS A 310 24.66 19.03 -12.99
N GLY A 311 24.04 20.10 -12.52
CA GLY A 311 22.61 20.14 -12.35
C GLY A 311 22.24 21.05 -11.20
N ILE A 312 20.99 20.92 -10.77
CA ILE A 312 20.43 21.70 -9.67
C ILE A 312 19.66 20.75 -8.77
N TYR A 313 19.86 20.84 -7.46
CA TYR A 313 19.34 19.90 -6.50
C TYR A 313 18.50 20.60 -5.44
N GLN A 314 17.79 19.82 -4.62
CA GLN A 314 16.78 20.39 -3.73
C GLN A 314 17.33 20.66 -2.34
N THR A 315 17.88 19.64 -1.69
CA THR A 315 18.37 19.74 -0.29
C THR A 315 17.14 19.92 0.62
N SER A 316 17.22 20.73 1.67
CA SER A 316 16.18 20.81 2.68
C SER A 316 15.77 22.26 2.90
N ASN A 317 14.72 22.43 3.71
CA ASN A 317 14.14 23.75 3.94
C ASN A 317 14.95 24.54 4.97
N PHE A 318 14.49 25.76 5.22
CA PHE A 318 15.16 26.64 6.17
C PHE A 318 14.57 26.47 7.56
N ARG A 319 15.45 26.38 8.56
CA ARG A 319 15.06 26.11 9.93
C ARG A 319 15.67 27.14 10.87
N VAL A 320 14.95 27.42 11.96
CA VAL A 320 15.41 28.34 12.99
C VAL A 320 15.21 27.66 14.35
N GLN A 321 16.17 27.86 15.26
CA GLN A 321 16.17 27.15 16.52
C GLN A 321 15.75 28.05 17.68
N PRO A 322 15.20 27.49 18.74
CA PRO A 322 14.76 28.29 19.88
C PRO A 322 15.95 28.87 20.65
N THR A 323 15.65 29.92 21.41
CA THR A 323 16.67 30.65 22.17
C THR A 323 16.65 30.32 23.66
N GLU A 324 15.47 30.28 24.29
CA GLU A 324 15.38 30.03 25.72
C GLU A 324 14.08 29.28 26.00
N SER A 325 13.71 29.19 27.28
CA SER A 325 12.52 28.49 27.72
C SER A 325 11.61 29.42 28.52
N ILE A 326 10.46 28.90 28.92
CA ILE A 326 9.45 29.69 29.63
C ILE A 326 8.49 28.73 30.31
N VAL A 327 7.92 29.16 31.43
CA VAL A 327 6.92 28.39 32.16
C VAL A 327 5.90 29.35 32.74
N ARG A 328 4.64 28.91 32.78
CA ARG A 328 3.55 29.72 33.32
C ARG A 328 2.55 28.79 34.01
N PHE A 329 2.29 29.06 35.28
CA PHE A 329 1.38 28.28 36.11
C PHE A 329 0.46 29.22 36.86
N PRO A 330 -0.69 28.73 37.33
CA PRO A 330 -1.59 29.60 38.09
C PRO A 330 -0.98 30.02 39.42
N ASN A 331 -1.55 31.08 40.00
CA ASN A 331 -1.06 31.65 41.24
C ASN A 331 -1.84 31.04 42.41
N ILE A 332 -1.24 30.06 43.08
CA ILE A 332 -1.85 29.37 44.20
C ILE A 332 -0.81 29.20 45.29
N THR A 333 -1.26 29.18 46.54
CA THR A 333 -0.34 29.14 47.67
C THR A 333 -0.60 28.02 48.66
N ASN A 334 -1.87 27.70 48.92
CA ASN A 334 -2.19 26.74 49.97
C ASN A 334 -1.76 25.33 49.58
N LEU A 335 -1.50 24.52 50.60
CA LEU A 335 -1.08 23.13 50.43
C LEU A 335 -2.27 22.20 50.61
N CYS A 336 -2.30 21.13 49.83
CA CYS A 336 -3.47 20.25 49.81
C CYS A 336 -3.61 19.51 51.15
N PRO A 337 -4.82 19.05 51.47
CA PRO A 337 -5.04 18.34 52.75
C PRO A 337 -4.49 16.92 52.74
N PHE A 338 -3.19 16.77 52.95
CA PHE A 338 -2.56 15.46 52.96
C PHE A 338 -2.74 14.73 54.28
N GLY A 339 -3.20 15.41 55.33
CA GLY A 339 -3.37 14.78 56.62
C GLY A 339 -4.79 14.32 56.89
N GLU A 340 -5.76 15.17 56.55
CA GLU A 340 -7.16 14.82 56.78
C GLU A 340 -7.60 13.60 56.01
N VAL A 341 -6.90 13.27 54.92
CA VAL A 341 -7.36 12.23 54.00
C VAL A 341 -6.70 10.88 54.31
N PHE A 342 -5.38 10.85 54.42
CA PHE A 342 -4.67 9.58 54.43
C PHE A 342 -4.72 8.91 55.80
N ASN A 343 -4.41 9.64 56.86
CA ASN A 343 -4.55 9.11 58.21
C ASN A 343 -5.57 9.94 58.99
N ALA A 344 -6.50 9.25 59.64
CA ALA A 344 -7.63 9.91 60.27
C ALA A 344 -8.12 9.02 61.41
N THR A 345 -9.30 9.35 61.95
CA THR A 345 -9.83 8.65 63.11
C THR A 345 -10.51 7.34 62.72
N ARG A 346 -11.56 7.43 61.90
CA ARG A 346 -12.35 6.26 61.52
C ARG A 346 -12.64 6.30 60.02
N PHE A 347 -12.81 5.12 59.45
CA PHE A 347 -13.12 4.94 58.04
C PHE A 347 -14.52 4.34 57.90
N ALA A 348 -15.02 4.34 56.66
CA ALA A 348 -16.37 3.87 56.38
C ALA A 348 -16.37 2.39 56.04
N SER A 349 -17.55 1.87 55.72
CA SER A 349 -17.72 0.48 55.31
C SER A 349 -17.75 0.38 53.79
N VAL A 350 -17.54 -0.84 53.30
CA VAL A 350 -17.44 -1.05 51.86
C VAL A 350 -18.77 -0.73 51.17
N TYR A 351 -19.87 -1.21 51.74
CA TYR A 351 -21.16 -1.10 51.07
C TYR A 351 -21.68 0.34 51.04
N ALA A 352 -21.13 1.23 51.87
CA ALA A 352 -21.50 2.65 51.86
C ALA A 352 -20.21 3.45 52.01
N TRP A 353 -19.59 3.80 50.89
CA TRP A 353 -18.29 4.46 50.89
C TRP A 353 -18.47 5.98 50.97
N ASN A 354 -17.37 6.71 50.76
CA ASN A 354 -17.33 8.15 50.97
C ASN A 354 -16.66 8.82 49.77
N ARG A 355 -16.97 10.11 49.59
CA ARG A 355 -16.42 10.88 48.49
C ARG A 355 -16.22 12.32 48.94
N LYS A 356 -15.05 12.88 48.61
CA LYS A 356 -14.67 14.22 49.03
C LYS A 356 -14.04 14.96 47.86
N ARG A 357 -14.26 16.27 47.81
CA ARG A 357 -13.81 17.11 46.70
C ARG A 357 -12.60 17.95 47.12
N ILE A 358 -11.61 18.02 46.23
CA ILE A 358 -10.38 18.76 46.46
C ILE A 358 -10.24 19.84 45.40
N SER A 359 -9.79 21.02 45.80
CA SER A 359 -9.65 22.14 44.87
C SER A 359 -8.78 23.23 45.49
N ASN A 360 -8.13 24.00 44.62
CA ASN A 360 -7.38 25.19 44.99
C ASN A 360 -6.28 24.89 46.00
N CYS A 361 -5.31 24.10 45.56
CA CYS A 361 -4.16 23.75 46.39
C CYS A 361 -3.01 23.33 45.49
N VAL A 362 -1.84 23.12 46.10
CA VAL A 362 -0.64 22.69 45.40
C VAL A 362 -0.27 21.31 45.91
N ALA A 363 0.01 20.39 44.98
CA ALA A 363 0.23 18.98 45.32
C ALA A 363 1.73 18.73 45.44
N ASP A 364 2.20 18.54 46.67
CA ASP A 364 3.58 18.16 46.95
C ASP A 364 3.55 16.91 47.82
N TYR A 365 3.67 15.74 47.18
CA TYR A 365 3.53 14.47 47.88
C TYR A 365 4.83 13.98 48.52
N SER A 366 5.90 14.76 48.44
CA SER A 366 7.14 14.37 49.11
C SER A 366 7.02 14.44 50.63
N VAL A 367 5.97 15.07 51.16
CA VAL A 367 5.80 15.18 52.60
C VAL A 367 5.38 13.87 53.25
N LEU A 368 5.03 12.86 52.46
CA LEU A 368 4.62 11.57 52.98
C LEU A 368 5.78 10.59 53.16
N TYR A 369 6.99 10.97 52.72
CA TYR A 369 8.12 10.04 52.78
C TYR A 369 8.48 9.69 54.23
N ASN A 370 8.20 10.59 55.17
CA ASN A 370 8.68 10.39 56.54
C ASN A 370 7.98 9.21 57.21
N SER A 371 6.65 9.16 57.14
CA SER A 371 5.87 8.20 57.92
C SER A 371 5.19 7.14 57.08
N ALA A 372 4.39 7.54 56.09
CA ALA A 372 3.57 6.58 55.37
C ALA A 372 4.42 5.55 54.65
N SER A 373 3.95 4.31 54.65
CA SER A 373 4.60 3.21 53.92
C SER A 373 3.50 2.40 53.23
N PHE A 374 3.36 2.59 51.93
CA PHE A 374 2.31 1.98 51.14
C PHE A 374 2.80 0.68 50.52
N SER A 375 1.91 -0.31 50.47
CA SER A 375 2.23 -1.61 49.88
C SER A 375 1.68 -1.77 48.46
N THR A 376 0.79 -0.87 48.02
CA THR A 376 0.23 -0.93 46.68
C THR A 376 0.19 0.48 46.11
N PHE A 377 0.52 0.59 44.83
CA PHE A 377 0.45 1.88 44.13
C PHE A 377 0.43 1.61 42.64
N LYS A 378 -0.68 1.97 41.97
CA LYS A 378 -0.83 1.78 40.54
C LYS A 378 -1.56 2.97 39.95
N CYS A 379 -1.14 3.40 38.77
CA CYS A 379 -1.75 4.54 38.08
C CYS A 379 -2.07 4.16 36.65
N TYR A 380 -3.22 4.63 36.16
CA TYR A 380 -3.73 4.29 34.83
C TYR A 380 -3.86 5.56 34.01
N GLY A 381 -3.36 5.52 32.77
CA GLY A 381 -3.49 6.62 31.85
C GLY A 381 -2.45 7.71 31.98
N VAL A 382 -1.47 7.55 32.87
CA VAL A 382 -0.42 8.53 33.08
C VAL A 382 0.83 7.81 33.55
N SER A 383 1.95 8.53 33.59
CA SER A 383 3.21 7.92 34.02
C SER A 383 3.64 8.48 35.36
N PRO A 384 4.14 7.63 36.26
CA PRO A 384 4.51 8.12 37.60
C PRO A 384 5.58 9.20 37.57
N THR A 385 6.51 9.15 36.62
CA THR A 385 7.60 10.11 36.58
C THR A 385 7.20 11.46 36.00
N LYS A 386 5.97 11.58 35.47
CA LYS A 386 5.50 12.81 34.85
C LYS A 386 4.50 13.56 35.71
N LEU A 387 4.35 13.17 36.98
CA LEU A 387 3.30 13.71 37.83
C LEU A 387 3.66 15.05 38.47
N ASN A 388 4.89 15.53 38.29
CA ASN A 388 5.34 16.77 38.91
C ASN A 388 5.23 17.98 37.99
N ASP A 389 4.87 17.79 36.72
CA ASP A 389 4.84 18.89 35.76
C ASP A 389 3.45 19.20 35.24
N LEU A 390 2.42 18.50 35.69
CA LEU A 390 1.07 18.63 35.15
C LEU A 390 0.18 19.41 36.11
N CYS A 391 -1.01 19.74 35.62
CA CYS A 391 -2.07 20.33 36.43
C CYS A 391 -3.34 19.51 36.22
N PHE A 392 -4.07 19.26 37.30
CA PHE A 392 -5.18 18.32 37.31
C PHE A 392 -6.50 19.04 37.55
N THR A 393 -7.58 18.44 37.04
CA THR A 393 -8.91 19.02 37.12
C THR A 393 -9.93 17.96 37.54
N ASN A 394 -10.89 18.39 38.38
CA ASN A 394 -11.99 17.53 38.83
C ASN A 394 -11.46 16.30 39.59
N VAL A 395 -10.82 16.57 40.73
CA VAL A 395 -10.23 15.52 41.56
C VAL A 395 -11.24 15.06 42.61
N TYR A 396 -11.12 13.80 43.02
CA TYR A 396 -12.02 13.22 44.00
C TYR A 396 -11.28 12.10 44.74
N ALA A 397 -11.80 11.75 45.93
CA ALA A 397 -11.18 10.73 46.76
C ALA A 397 -12.26 9.85 47.39
N ASP A 398 -11.98 8.55 47.47
CA ASP A 398 -12.88 7.57 48.08
C ASP A 398 -12.12 6.75 49.10
N SER A 399 -12.82 6.36 50.17
CA SER A 399 -12.18 5.66 51.28
C SER A 399 -13.12 4.60 51.85
N PHE A 400 -12.55 3.44 52.18
CA PHE A 400 -13.28 2.35 52.82
C PHE A 400 -12.27 1.34 53.34
N VAL A 401 -12.77 0.32 54.04
CA VAL A 401 -11.95 -0.71 54.66
C VAL A 401 -12.46 -2.08 54.20
N ILE A 402 -11.54 -2.93 53.74
CA ILE A 402 -11.86 -4.28 53.29
C ILE A 402 -10.86 -5.24 53.92
N ARG A 403 -10.98 -6.51 53.55
CA ARG A 403 -10.15 -7.57 54.10
C ARG A 403 -8.76 -7.53 53.45
N GLY A 404 -7.94 -8.54 53.73
CA GLY A 404 -6.58 -8.58 53.25
C GLY A 404 -6.44 -9.06 51.82
N ASP A 405 -6.94 -10.25 51.51
CA ASP A 405 -6.78 -10.84 50.19
C ASP A 405 -7.92 -10.49 49.24
N GLU A 406 -8.61 -9.37 49.48
CA GLU A 406 -9.63 -8.87 48.57
C GLU A 406 -9.23 -7.55 47.93
N VAL A 407 -7.94 -7.20 47.98
CA VAL A 407 -7.46 -5.97 47.36
C VAL A 407 -7.07 -6.15 45.91
N ARG A 408 -7.11 -7.39 45.39
CA ARG A 408 -6.84 -7.63 43.99
C ARG A 408 -8.04 -7.37 43.09
N GLN A 409 -9.22 -7.18 43.67
CA GLN A 409 -10.44 -6.94 42.90
C GLN A 409 -10.70 -5.46 42.63
N ILE A 410 -9.84 -4.57 43.12
CA ILE A 410 -9.98 -3.14 42.82
C ILE A 410 -9.18 -2.88 41.55
N ALA A 411 -9.83 -3.15 40.42
CA ALA A 411 -9.24 -2.94 39.10
C ALA A 411 -10.29 -3.18 38.03
N PRO A 412 -10.22 -2.50 36.90
CA PRO A 412 -11.24 -2.70 35.86
C PRO A 412 -11.26 -4.14 35.36
N GLY A 413 -12.47 -4.64 35.10
CA GLY A 413 -12.64 -5.98 34.56
C GLY A 413 -12.30 -7.09 35.52
N GLN A 414 -13.09 -7.23 36.58
CA GLN A 414 -12.84 -8.26 37.58
C GLN A 414 -14.16 -8.81 38.09
N THR A 415 -14.09 -9.99 38.70
CA THR A 415 -15.26 -10.66 39.24
C THR A 415 -15.01 -11.05 40.70
N GLY A 416 -16.09 -11.06 41.47
CA GLY A 416 -16.00 -11.36 42.88
C GLY A 416 -17.15 -10.74 43.64
N LYS A 417 -17.11 -10.92 44.95
CA LYS A 417 -18.17 -10.39 45.81
C LYS A 417 -17.99 -8.92 46.13
N ILE A 418 -16.81 -8.35 45.89
CA ILE A 418 -16.61 -6.92 46.12
C ILE A 418 -16.84 -6.11 44.86
N ALA A 419 -16.59 -6.70 43.69
CA ALA A 419 -16.78 -6.03 42.41
C ALA A 419 -18.15 -6.28 41.81
N ASP A 420 -19.02 -6.99 42.50
CA ASP A 420 -20.35 -7.32 41.99
C ASP A 420 -21.49 -6.67 42.75
N TYR A 421 -21.35 -6.49 44.07
CA TYR A 421 -22.44 -5.96 44.89
C TYR A 421 -22.07 -4.70 45.67
N ASN A 422 -20.79 -4.36 45.80
CA ASN A 422 -20.37 -3.27 46.68
C ASN A 422 -19.75 -2.11 45.92
N TYR A 423 -18.72 -2.35 45.12
CA TYR A 423 -17.96 -1.28 44.50
C TYR A 423 -17.46 -1.73 43.13
N LYS A 424 -17.73 -0.93 42.10
CA LYS A 424 -17.31 -1.24 40.74
C LYS A 424 -16.60 -0.05 40.13
N LEU A 425 -15.66 -0.33 39.23
CA LEU A 425 -14.86 0.68 38.54
C LEU A 425 -15.15 0.69 37.05
N PRO A 426 -15.06 1.84 36.39
CA PRO A 426 -15.29 1.89 34.95
C PRO A 426 -14.21 1.18 34.16
N ASP A 427 -14.31 1.18 32.83
CA ASP A 427 -13.31 0.57 31.98
C ASP A 427 -12.23 1.57 31.55
N ASP A 428 -12.62 2.82 31.28
CA ASP A 428 -11.68 3.87 30.90
C ASP A 428 -11.39 4.72 32.14
N PHE A 429 -10.58 4.18 33.03
CA PHE A 429 -10.25 4.86 34.27
C PHE A 429 -9.00 5.72 34.11
N THR A 430 -8.87 6.72 34.98
CA THR A 430 -7.71 7.61 34.98
C THR A 430 -7.46 8.04 36.42
N GLY A 431 -6.44 7.46 37.05
CA GLY A 431 -6.15 7.75 38.44
C GLY A 431 -5.18 6.75 39.01
N CYS A 432 -5.20 6.62 40.34
CA CYS A 432 -4.27 5.74 41.04
C CYS A 432 -4.99 5.09 42.22
N VAL A 433 -4.47 3.95 42.65
CA VAL A 433 -5.01 3.17 43.76
C VAL A 433 -3.92 2.96 44.78
N ILE A 434 -4.25 3.16 46.07
CA ILE A 434 -3.29 3.10 47.15
C ILE A 434 -3.89 2.30 48.31
N ALA A 435 -3.08 1.44 48.93
CA ALA A 435 -3.53 0.65 50.06
C ALA A 435 -2.36 0.37 51.00
N TRP A 436 -2.68 0.14 52.26
CA TRP A 436 -1.67 -0.18 53.27
C TRP A 436 -2.33 -0.93 54.42
N ASN A 437 -1.49 -1.60 55.21
CA ASN A 437 -1.94 -2.47 56.30
C ASN A 437 -2.18 -1.67 57.57
N SER A 438 -3.33 -1.89 58.19
CA SER A 438 -3.75 -1.15 59.39
C SER A 438 -4.23 -2.12 60.47
N ASN A 439 -3.46 -3.18 60.71
CA ASN A 439 -3.85 -4.17 61.70
C ASN A 439 -3.82 -3.61 63.12
N ASN A 440 -2.94 -2.64 63.39
CA ASN A 440 -2.77 -2.16 64.76
C ASN A 440 -3.89 -1.24 65.21
N LEU A 441 -4.57 -0.56 64.27
CA LEU A 441 -5.54 0.47 64.61
C LEU A 441 -6.99 0.04 64.43
N ASP A 442 -7.24 -1.20 64.01
CA ASP A 442 -8.61 -1.64 63.73
C ASP A 442 -8.92 -3.02 64.27
N SER A 443 -8.12 -3.55 65.20
CA SER A 443 -8.33 -4.88 65.74
C SER A 443 -8.24 -4.84 67.26
N LYS A 444 -8.91 -5.80 67.90
CA LYS A 444 -8.93 -5.87 69.36
C LYS A 444 -9.24 -7.29 69.78
N VAL A 445 -8.98 -7.60 71.04
CA VAL A 445 -9.32 -8.91 71.58
C VAL A 445 -10.83 -9.01 71.74
N GLY A 446 -11.41 -10.08 71.19
CA GLY A 446 -12.84 -10.22 71.12
C GLY A 446 -13.45 -9.85 69.79
N GLY A 447 -12.68 -9.25 68.90
CA GLY A 447 -13.14 -8.96 67.56
C GLY A 447 -13.78 -7.58 67.44
N ASN A 448 -13.71 -7.04 66.22
CA ASN A 448 -14.36 -5.78 65.87
C ASN A 448 -15.50 -6.08 64.91
N TYR A 449 -16.70 -5.63 65.26
CA TYR A 449 -17.91 -5.93 64.51
C TYR A 449 -18.59 -4.66 64.02
N ASN A 450 -17.80 -3.69 63.55
CA ASN A 450 -18.33 -2.42 63.06
C ASN A 450 -18.08 -2.23 61.57
N TYR A 451 -17.76 -3.30 60.85
CA TYR A 451 -17.54 -3.24 59.41
C TYR A 451 -18.35 -4.33 58.74
N LEU A 452 -19.14 -3.95 57.74
CA LEU A 452 -20.10 -4.85 57.11
C LEU A 452 -19.92 -4.85 55.61
N TYR A 453 -20.61 -5.78 54.94
CA TYR A 453 -20.59 -5.88 53.49
C TYR A 453 -21.81 -6.64 53.01
N ARG A 454 -22.25 -6.33 51.79
CA ARG A 454 -23.43 -6.94 51.22
C ARG A 454 -23.12 -8.32 50.66
N LEU A 455 -24.06 -9.26 50.83
CA LEU A 455 -23.85 -10.65 50.46
C LEU A 455 -24.79 -11.16 49.39
N PHE A 456 -26.02 -10.65 49.32
CA PHE A 456 -27.01 -11.12 48.35
C PHE A 456 -27.56 -9.94 47.57
N ARG A 457 -27.78 -10.14 46.27
CA ARG A 457 -28.40 -9.13 45.44
C ARG A 457 -29.06 -9.79 44.25
N LYS A 458 -29.96 -9.04 43.60
CA LYS A 458 -30.68 -9.57 42.45
C LYS A 458 -29.86 -9.45 41.17
N SER A 459 -29.19 -8.32 40.97
CA SER A 459 -28.37 -8.10 39.78
C SER A 459 -27.03 -7.47 40.15
N ASN A 460 -26.27 -7.04 39.15
CA ASN A 460 -24.95 -6.48 39.37
C ASN A 460 -25.01 -4.95 39.38
N LEU A 461 -24.04 -4.34 40.06
CA LEU A 461 -23.95 -2.90 40.14
C LEU A 461 -23.50 -2.32 38.80
N LYS A 462 -23.36 -1.00 38.76
CA LYS A 462 -22.83 -0.28 37.62
C LYS A 462 -21.75 0.68 38.11
N PRO A 463 -20.84 1.10 37.24
CA PRO A 463 -19.66 1.83 37.70
C PRO A 463 -20.02 3.04 38.54
N PHE A 464 -19.28 3.22 39.64
CA PHE A 464 -19.44 4.36 40.53
C PHE A 464 -20.89 4.52 40.99
N GLU A 465 -21.47 3.41 41.42
CA GLU A 465 -22.84 3.38 41.94
C GLU A 465 -22.83 3.00 43.41
N ARG A 466 -23.91 3.33 44.11
CA ARG A 466 -24.04 3.05 45.53
C ARG A 466 -25.41 2.44 45.81
N ASP A 467 -25.49 1.68 46.89
CA ASP A 467 -26.74 1.02 47.29
C ASP A 467 -26.70 0.84 48.80
N ILE A 468 -27.58 1.54 49.51
CA ILE A 468 -27.54 1.57 50.98
C ILE A 468 -28.87 1.09 51.54
N SER A 469 -29.54 0.19 50.84
CA SER A 469 -30.87 -0.26 51.22
C SER A 469 -30.81 -1.62 51.92
N THR A 470 -31.67 -1.81 52.91
CA THR A 470 -31.82 -3.07 53.60
C THR A 470 -33.24 -3.58 53.42
N GLU A 471 -33.37 -4.82 52.94
CA GLU A 471 -34.67 -5.38 52.63
C GLU A 471 -34.50 -6.89 52.47
N ILE A 472 -35.41 -7.66 53.09
CA ILE A 472 -35.26 -9.11 53.07
C ILE A 472 -35.22 -9.61 51.63
N TYR A 473 -34.44 -10.66 51.42
CA TYR A 473 -34.16 -11.19 50.08
C TYR A 473 -34.75 -12.59 49.97
N GLN A 474 -35.63 -12.78 49.00
CA GLN A 474 -36.30 -14.06 48.79
C GLN A 474 -35.50 -14.91 47.81
N ALA A 475 -34.97 -16.04 48.29
CA ALA A 475 -34.16 -16.92 47.49
C ALA A 475 -34.94 -18.11 46.93
N GLY A 476 -36.25 -18.16 47.14
CA GLY A 476 -37.04 -19.28 46.66
C GLY A 476 -38.33 -18.86 45.99
N SER A 477 -39.29 -19.78 45.92
CA SER A 477 -40.59 -19.51 45.31
C SER A 477 -41.61 -18.95 46.29
N THR A 478 -41.28 -18.91 47.58
CA THR A 478 -42.21 -18.39 48.59
C THR A 478 -41.89 -16.94 48.88
N PRO A 479 -42.85 -16.02 48.73
CA PRO A 479 -42.57 -14.62 49.07
C PRO A 479 -42.15 -14.50 50.52
N CYS A 480 -41.16 -13.64 50.77
CA CYS A 480 -40.62 -13.50 52.12
C CYS A 480 -41.67 -12.94 53.08
N ASN A 481 -42.42 -11.94 52.64
CA ASN A 481 -43.47 -11.31 53.44
C ASN A 481 -42.91 -10.43 54.56
N GLY A 482 -41.64 -10.03 54.46
CA GLY A 482 -41.07 -9.10 55.40
C GLY A 482 -40.53 -9.69 56.69
N VAL A 483 -40.67 -11.00 56.89
CA VAL A 483 -40.20 -11.66 58.10
C VAL A 483 -39.21 -12.74 57.70
N GLU A 484 -38.05 -12.75 58.36
CA GLU A 484 -37.03 -13.75 58.06
C GLU A 484 -37.52 -15.14 58.42
N GLY A 485 -37.04 -16.13 57.69
CA GLY A 485 -37.40 -17.52 57.92
C GLY A 485 -36.65 -18.47 57.01
N PHE A 486 -37.32 -19.53 56.57
CA PHE A 486 -36.71 -20.46 55.64
C PHE A 486 -36.63 -19.82 54.25
N ASN A 487 -35.47 -19.94 53.61
CA ASN A 487 -35.24 -19.34 52.29
C ASN A 487 -35.44 -17.83 52.33
N CYS A 488 -34.96 -17.20 53.41
CA CYS A 488 -35.04 -15.76 53.57
C CYS A 488 -33.90 -15.32 54.47
N TYR A 489 -33.10 -14.36 54.00
CA TYR A 489 -31.86 -13.99 54.67
C TYR A 489 -31.73 -12.48 54.76
N PHE A 490 -30.97 -12.04 55.76
CA PHE A 490 -30.59 -10.63 55.88
C PHE A 490 -29.38 -10.35 54.99
N PRO A 491 -29.45 -9.36 54.11
CA PRO A 491 -28.39 -9.19 53.09
C PRO A 491 -27.05 -8.74 53.63
N LEU A 492 -26.97 -8.22 54.85
CA LEU A 492 -25.75 -7.60 55.37
C LEU A 492 -25.10 -8.51 56.40
N GLN A 493 -23.78 -8.69 56.27
CA GLN A 493 -22.98 -9.48 57.20
C GLN A 493 -21.90 -8.60 57.82
N SER A 494 -21.04 -9.21 58.62
CA SER A 494 -20.06 -8.46 59.41
C SER A 494 -18.68 -9.08 59.28
N TYR A 495 -17.66 -8.24 59.46
CA TYR A 495 -16.27 -8.66 59.47
C TYR A 495 -15.79 -8.86 60.90
N GLY A 496 -15.12 -9.99 61.13
CA GLY A 496 -14.54 -10.24 62.44
C GLY A 496 -13.02 -10.19 62.43
N PHE A 497 -12.45 -9.14 63.00
CA PHE A 497 -11.00 -8.91 62.99
C PHE A 497 -10.43 -9.18 64.37
N GLN A 498 -9.43 -10.05 64.44
CA GLN A 498 -8.72 -10.35 65.67
C GLN A 498 -7.23 -10.24 65.46
N PRO A 499 -6.47 -9.91 66.50
CA PRO A 499 -5.02 -9.64 66.31
C PRO A 499 -4.20 -10.87 65.97
N THR A 500 -4.76 -12.07 66.09
CA THR A 500 -4.01 -13.31 65.84
C THR A 500 -4.40 -13.99 64.54
N ASN A 501 -5.23 -13.34 63.72
CA ASN A 501 -5.65 -13.95 62.46
C ASN A 501 -4.48 -14.02 61.48
N GLY A 502 -4.67 -14.80 60.43
CA GLY A 502 -3.65 -14.94 59.41
C GLY A 502 -3.41 -13.65 58.65
N VAL A 503 -2.36 -13.66 57.84
CA VAL A 503 -2.01 -12.47 57.07
C VAL A 503 -3.08 -12.15 56.04
N GLY A 504 -3.87 -13.14 55.64
CA GLY A 504 -4.93 -12.94 54.69
C GLY A 504 -6.27 -12.59 55.30
N TYR A 505 -6.33 -12.36 56.62
CA TYR A 505 -7.56 -12.00 57.33
C TYR A 505 -7.32 -10.81 58.23
N GLN A 506 -6.65 -9.80 57.70
CA GLN A 506 -6.30 -8.60 58.45
C GLN A 506 -6.79 -7.36 57.72
N PRO A 507 -7.13 -6.30 58.45
CA PRO A 507 -7.75 -5.13 57.82
C PRO A 507 -6.79 -4.37 56.93
N TYR A 508 -7.36 -3.67 55.94
CA TYR A 508 -6.61 -2.82 55.03
C TYR A 508 -7.42 -1.56 54.75
N ARG A 509 -6.72 -0.51 54.34
CA ARG A 509 -7.33 0.77 54.01
C ARG A 509 -7.02 1.13 52.57
N VAL A 510 -8.01 1.67 51.85
CA VAL A 510 -7.89 1.95 50.42
C VAL A 510 -8.33 3.37 50.14
N VAL A 511 -7.63 4.03 49.21
CA VAL A 511 -7.99 5.36 48.73
C VAL A 511 -7.81 5.39 47.22
N VAL A 512 -8.77 6.02 46.53
CA VAL A 512 -8.79 6.09 45.08
C VAL A 512 -8.82 7.56 44.65
N LEU A 513 -8.01 7.90 43.65
CA LEU A 513 -7.93 9.24 43.12
C LEU A 513 -8.32 9.25 41.66
N SER A 514 -9.10 10.26 41.25
CA SER A 514 -9.59 10.37 39.89
C SER A 514 -9.52 11.82 39.43
N PHE A 515 -9.13 12.02 38.17
CA PHE A 515 -9.01 13.36 37.62
C PHE A 515 -9.05 13.29 36.10
N GLU A 516 -9.01 14.45 35.46
CA GLU A 516 -8.95 14.57 34.01
C GLU A 516 -7.78 15.47 33.65
N LEU A 517 -7.25 15.30 32.43
CA LEU A 517 -5.99 15.92 32.05
C LEU A 517 -6.12 16.68 30.74
N LEU A 518 -5.63 17.92 30.74
CA LEU A 518 -5.35 18.68 29.52
C LEU A 518 -6.59 18.83 28.63
N HIS A 519 -7.71 19.22 29.24
CA HIS A 519 -8.92 19.49 28.46
C HIS A 519 -9.68 20.74 28.87
N ALA A 520 -9.39 21.34 30.03
CA ALA A 520 -10.19 22.47 30.49
C ALA A 520 -9.45 23.22 31.60
N PRO A 521 -10.01 24.30 32.12
CA PRO A 521 -9.33 25.03 33.20
C PRO A 521 -9.07 24.14 34.41
N ALA A 522 -7.93 24.35 35.05
CA ALA A 522 -7.49 23.55 36.19
C ALA A 522 -7.27 24.44 37.39
N THR A 523 -7.33 23.83 38.58
CA THR A 523 -7.15 24.54 39.83
C THR A 523 -6.15 23.90 40.78
N VAL A 524 -5.68 22.69 40.49
CA VAL A 524 -4.67 22.01 41.30
C VAL A 524 -3.45 21.76 40.42
N CYS A 525 -2.29 22.24 40.88
CA CYS A 525 -1.07 22.17 40.10
C CYS A 525 0.08 21.65 40.95
N GLY A 526 1.12 21.15 40.28
CA GLY A 526 2.24 20.57 40.96
C GLY A 526 3.20 21.61 41.49
N PRO A 527 4.30 21.13 42.07
CA PRO A 527 5.29 22.02 42.73
C PRO A 527 6.38 22.50 41.77
N LYS A 528 6.03 23.44 40.90
CA LYS A 528 7.01 24.06 40.01
C LYS A 528 6.69 25.53 39.85
N LYS A 529 7.73 26.31 39.56
CA LYS A 529 7.64 27.77 39.52
C LYS A 529 7.30 28.27 38.12
N SER A 530 6.90 29.54 38.06
CA SER A 530 6.55 30.19 36.82
C SER A 530 7.69 31.12 36.38
N THR A 531 7.45 31.89 35.32
CA THR A 531 8.44 32.82 34.79
C THR A 531 7.70 34.00 34.18
N ASN A 532 8.40 34.81 33.39
CA ASN A 532 7.82 35.95 32.71
C ASN A 532 7.64 35.64 31.23
N LEU A 533 6.90 36.53 30.56
CA LEU A 533 6.51 36.32 29.16
C LEU A 533 7.46 37.05 28.23
N VAL A 534 8.00 36.33 27.26
CA VAL A 534 8.81 36.92 26.19
C VAL A 534 8.04 36.75 24.88
N LYS A 535 7.88 37.85 24.15
CA LYS A 535 7.06 37.86 22.94
C LYS A 535 7.90 38.17 21.71
N ASN A 536 7.41 37.69 20.57
CA ASN A 536 8.04 37.94 19.27
C ASN A 536 9.42 37.29 19.18
N LYS A 537 9.47 36.02 19.56
CA LYS A 537 10.71 35.26 19.55
C LYS A 537 10.38 33.78 19.61
N CYS A 538 11.25 32.96 18.99
CA CYS A 538 11.05 31.51 18.97
C CYS A 538 11.59 30.91 20.25
N VAL A 539 10.69 30.49 21.14
CA VAL A 539 11.06 29.95 22.44
C VAL A 539 10.18 28.74 22.75
N ASN A 540 10.59 27.97 23.76
CA ASN A 540 9.76 26.89 24.27
C ASN A 540 8.85 27.40 25.37
N PHE A 541 7.74 26.70 25.58
CA PHE A 541 6.74 27.15 26.55
C PHE A 541 6.13 25.96 27.26
N ASN A 542 5.53 26.25 28.43
CA ASN A 542 4.78 25.27 29.21
C ASN A 542 3.55 25.97 29.76
N PHE A 543 2.38 25.63 29.21
CA PHE A 543 1.12 26.27 29.59
C PHE A 543 0.23 25.22 30.26
N ASN A 544 0.27 25.17 31.59
CA ASN A 544 -0.55 24.24 32.36
C ASN A 544 -0.30 22.80 31.94
N GLY A 545 0.96 22.47 31.66
CA GLY A 545 1.37 21.14 31.28
C GLY A 545 1.57 20.93 29.80
N LEU A 546 1.03 21.81 28.96
CA LEU A 546 1.21 21.69 27.52
C LEU A 546 2.58 22.22 27.10
N THR A 547 3.23 21.52 26.18
CA THR A 547 4.59 21.84 25.75
C THR A 547 4.62 22.01 24.24
N GLY A 548 5.57 22.83 23.77
CA GLY A 548 5.71 23.08 22.37
C GLY A 548 6.72 24.19 22.12
N THR A 549 6.76 24.65 20.87
CA THR A 549 7.63 25.75 20.47
C THR A 549 6.97 26.55 19.37
N GLY A 550 7.35 27.81 19.25
CA GLY A 550 6.78 28.69 18.25
C GLY A 550 6.96 30.15 18.64
N VAL A 551 6.12 30.99 18.06
CA VAL A 551 6.15 32.43 18.29
C VAL A 551 4.81 32.86 18.87
N LEU A 552 4.84 33.71 19.87
CA LEU A 552 3.65 34.18 20.56
C LEU A 552 3.40 35.65 20.24
N THR A 553 2.14 35.98 19.98
CA THR A 553 1.73 37.34 19.67
C THR A 553 0.33 37.57 20.20
N GLU A 554 -0.21 38.76 19.97
CA GLU A 554 -1.51 39.15 20.47
C GLU A 554 -2.57 38.96 19.39
N SER A 555 -3.72 38.42 19.79
CA SER A 555 -4.79 38.04 18.87
C SER A 555 -6.03 38.91 19.10
N ASN A 556 -7.10 38.58 18.39
CA ASN A 556 -8.34 39.32 18.46
C ASN A 556 -9.54 38.45 18.80
N LYS A 557 -9.37 37.14 18.91
CA LYS A 557 -10.47 36.26 19.23
C LYS A 557 -10.95 36.49 20.67
N LYS A 558 -12.16 36.03 20.96
CA LYS A 558 -12.79 36.23 22.26
C LYS A 558 -13.33 34.90 22.76
N PHE A 559 -12.68 34.32 23.76
CA PHE A 559 -13.08 33.05 24.33
C PHE A 559 -14.31 33.22 25.22
N LEU A 560 -14.97 32.11 25.48
CA LEU A 560 -16.06 32.04 26.45
C LEU A 560 -15.52 31.65 27.82
N PRO A 561 -16.33 31.80 28.86
CA PRO A 561 -15.82 31.54 30.22
C PRO A 561 -15.32 30.12 30.43
N PHE A 562 -15.86 29.13 29.73
CA PHE A 562 -15.53 27.73 29.96
C PHE A 562 -14.61 27.16 28.90
N GLN A 563 -13.71 27.98 28.35
CA GLN A 563 -12.78 27.54 27.31
C GLN A 563 -11.36 27.98 27.66
N GLN A 564 -10.39 27.15 27.27
CA GLN A 564 -8.99 27.41 27.56
C GLN A 564 -8.06 27.21 26.37
N PHE A 565 -8.45 26.44 25.35
CA PHE A 565 -7.59 26.16 24.21
C PHE A 565 -8.39 26.33 22.91
N GLY A 566 -7.65 26.54 21.82
CA GLY A 566 -8.24 26.64 20.51
C GLY A 566 -7.59 25.66 19.55
N ARG A 567 -8.29 25.40 18.44
CA ARG A 567 -7.82 24.44 17.46
C ARG A 567 -8.13 24.95 16.05
N ASP A 568 -7.38 24.42 15.08
CA ASP A 568 -7.51 24.76 13.68
C ASP A 568 -8.04 23.56 12.90
N ILE A 569 -8.05 23.68 11.56
CA ILE A 569 -8.67 22.65 10.72
C ILE A 569 -8.06 21.29 11.02
N ALA A 570 -6.74 21.21 11.05
CA ALA A 570 -6.07 20.04 11.57
C ALA A 570 -6.05 20.10 13.09
N ASP A 571 -5.92 18.93 13.72
CA ASP A 571 -5.97 18.87 15.17
C ASP A 571 -4.68 19.40 15.78
N THR A 572 -4.53 20.72 15.79
CA THR A 572 -3.37 21.37 16.38
C THR A 572 -3.82 22.62 17.13
N THR A 573 -2.99 23.05 18.08
CA THR A 573 -3.31 24.18 18.94
C THR A 573 -2.67 25.45 18.39
N ASP A 574 -3.45 26.51 18.27
CA ASP A 574 -2.96 27.79 17.78
C ASP A 574 -3.41 28.99 18.60
N ALA A 575 -4.11 28.78 19.71
CA ALA A 575 -4.52 29.87 20.58
C ALA A 575 -4.53 29.37 22.01
N VAL A 576 -4.35 30.31 22.95
CA VAL A 576 -4.28 29.96 24.36
C VAL A 576 -4.59 31.21 25.18
N ARG A 577 -4.95 31.01 26.44
CA ARG A 577 -5.26 32.09 27.37
C ARG A 577 -4.21 32.10 28.49
N ASP A 578 -3.67 33.27 28.78
CA ASP A 578 -2.66 33.38 29.82
C ASP A 578 -3.31 33.25 31.19
N PRO A 579 -2.85 32.31 32.03
CA PRO A 579 -3.54 32.08 33.31
C PRO A 579 -3.26 33.14 34.38
N GLN A 580 -2.32 34.05 34.16
CA GLN A 580 -2.02 35.09 35.13
C GLN A 580 -2.43 36.48 34.66
N THR A 581 -2.93 36.62 33.43
CA THR A 581 -3.38 37.91 32.93
C THR A 581 -4.75 37.89 32.27
N LEU A 582 -5.27 36.71 31.90
CA LEU A 582 -6.60 36.59 31.30
C LEU A 582 -6.63 37.21 29.91
N GLU A 583 -5.58 36.97 29.12
CA GLU A 583 -5.48 37.47 27.76
C GLU A 583 -5.30 36.30 26.80
N ILE A 584 -5.41 36.59 25.51
CA ILE A 584 -5.38 35.59 24.46
C ILE A 584 -4.13 35.79 23.62
N LEU A 585 -3.46 34.69 23.28
CA LEU A 585 -2.23 34.72 22.50
C LEU A 585 -2.32 33.75 21.33
N ASP A 586 -1.43 33.94 20.37
CA ASP A 586 -1.37 33.12 19.16
C ASP A 586 -0.04 32.38 19.09
N ILE A 587 -0.06 31.21 18.45
CA ILE A 587 1.13 30.38 18.29
C ILE A 587 1.32 30.09 16.81
N THR A 588 2.54 30.28 16.32
CA THR A 588 2.88 30.00 14.93
C THR A 588 4.21 29.29 14.84
N PRO A 589 4.39 28.42 13.84
CA PRO A 589 5.66 27.72 13.68
C PRO A 589 6.80 28.65 13.34
N CYS A 590 8.02 28.12 13.21
CA CYS A 590 9.20 28.92 13.00
C CYS A 590 9.98 28.60 11.73
N SER A 591 9.58 27.58 10.96
CA SER A 591 10.35 27.13 9.81
C SER A 591 9.45 27.01 8.58
N PHE A 592 9.86 27.63 7.48
CA PHE A 592 9.23 27.38 6.18
C PHE A 592 10.05 28.08 5.11
N GLY A 593 10.16 27.43 3.94
CA GLY A 593 10.97 27.95 2.84
C GLY A 593 11.95 26.93 2.31
N GLY A 594 12.15 26.91 0.99
CA GLY A 594 12.98 25.91 0.34
C GLY A 594 14.32 26.46 -0.12
N VAL A 595 15.16 25.54 -0.62
CA VAL A 595 16.48 25.88 -1.12
C VAL A 595 16.89 24.99 -2.27
N SER A 596 18.00 25.37 -2.91
CA SER A 596 18.56 24.60 -4.02
C SER A 596 20.02 24.95 -4.17
N VAL A 597 20.76 24.07 -4.86
CA VAL A 597 22.20 24.23 -5.06
C VAL A 597 22.51 24.04 -6.54
N ILE A 598 23.35 24.93 -7.07
CA ILE A 598 23.78 24.89 -8.47
C ILE A 598 25.27 24.65 -8.49
N THR A 599 25.70 23.59 -9.17
CA THR A 599 27.10 23.22 -9.22
C THR A 599 27.50 22.87 -10.65
N PRO A 600 28.74 23.20 -11.04
CA PRO A 600 29.25 22.79 -12.36
C PRO A 600 29.87 21.40 -12.40
N GLY A 601 29.68 20.58 -11.39
CA GLY A 601 30.33 19.29 -11.31
C GLY A 601 31.53 19.31 -10.39
N THR A 602 31.69 18.25 -9.59
CA THR A 602 32.78 18.22 -8.62
C THR A 602 34.13 17.95 -9.24
N ASN A 603 34.18 17.62 -10.54
CA ASN A 603 35.44 17.36 -11.22
C ASN A 603 36.04 18.63 -11.84
N THR A 604 35.41 19.78 -11.65
CA THR A 604 35.91 21.04 -12.21
C THR A 604 36.30 22.05 -11.14
N SER A 605 35.40 22.33 -10.19
CA SER A 605 35.65 23.35 -9.18
C SER A 605 34.82 23.01 -7.95
N ASN A 606 35.02 23.79 -6.89
CA ASN A 606 34.31 23.59 -5.63
C ASN A 606 33.37 24.75 -5.28
N GLN A 607 33.08 25.63 -6.24
CA GLN A 607 32.18 26.74 -6.02
C GLN A 607 30.74 26.34 -6.35
N VAL A 608 29.79 27.04 -5.75
CA VAL A 608 28.37 26.77 -5.92
C VAL A 608 27.60 28.07 -5.73
N ALA A 609 26.32 28.03 -6.09
CA ALA A 609 25.40 29.13 -5.85
C ALA A 609 24.13 28.58 -5.21
N VAL A 610 23.48 29.41 -4.41
CA VAL A 610 22.31 29.00 -3.63
C VAL A 610 21.13 29.88 -4.01
N LEU A 611 19.96 29.26 -4.15
CA LEU A 611 18.73 29.93 -4.58
C LEU A 611 17.70 29.80 -3.46
N TYR A 612 17.18 30.94 -3.00
CA TYR A 612 16.14 30.99 -2.00
C TYR A 612 14.84 31.40 -2.68
N GLN A 613 13.81 30.56 -2.55
CA GLN A 613 12.61 30.68 -3.36
C GLN A 613 11.48 31.45 -2.68
N ASP A 614 11.68 31.94 -1.46
CA ASP A 614 10.62 32.66 -0.74
C ASP A 614 11.19 33.89 -0.04
N VAL A 615 12.07 34.63 -0.72
CA VAL A 615 12.72 35.79 -0.13
C VAL A 615 12.86 36.90 -1.18
N ASN A 616 12.95 38.13 -0.69
CA ASN A 616 13.23 39.30 -1.51
C ASN A 616 14.62 39.82 -1.16
N CYS A 617 15.53 39.80 -2.13
CA CYS A 617 16.91 40.17 -1.86
C CYS A 617 17.05 41.63 -1.43
N THR A 618 16.04 42.46 -1.67
CA THR A 618 16.15 43.86 -1.26
C THR A 618 16.37 43.96 0.24
N GLU A 619 15.62 43.20 1.03
CA GLU A 619 15.81 43.11 2.49
C GLU A 619 15.65 41.65 2.86
N VAL A 620 16.76 40.91 2.86
CA VAL A 620 16.76 39.48 3.10
C VAL A 620 17.03 39.24 4.58
N PRO A 621 16.07 38.78 5.37
CA PRO A 621 16.33 38.47 6.77
C PRO A 621 16.77 37.04 7.02
N VAL A 622 16.54 36.13 6.07
CA VAL A 622 16.89 34.73 6.21
C VAL A 622 17.93 34.39 5.15
N ALA A 623 19.10 33.93 5.59
CA ALA A 623 20.16 33.51 4.68
C ALA A 623 21.21 32.79 5.50
N ILE A 624 21.70 31.66 4.98
CA ILE A 624 22.63 30.84 5.74
C ILE A 624 23.91 31.60 6.01
N HIS A 625 24.48 32.22 4.97
CA HIS A 625 25.69 33.02 5.14
C HIS A 625 25.56 34.37 4.46
N ALA A 626 24.71 34.44 3.43
CA ALA A 626 24.52 35.67 2.68
C ALA A 626 25.85 36.22 2.17
N GLY A 639 29.01 37.99 -0.92
CA GLY A 639 30.11 38.70 -1.55
C GLY A 639 29.64 39.82 -2.47
N SER A 640 28.49 40.40 -2.14
CA SER A 640 27.87 41.49 -2.89
C SER A 640 27.28 41.02 -4.21
N ASN A 641 27.29 39.72 -4.49
CA ASN A 641 26.70 39.19 -5.72
C ASN A 641 25.28 38.70 -5.44
N VAL A 642 24.39 39.67 -5.27
CA VAL A 642 22.98 39.41 -4.99
C VAL A 642 22.18 39.84 -6.21
N PHE A 643 21.44 38.90 -6.80
CA PHE A 643 20.60 39.15 -7.97
C PHE A 643 19.21 38.60 -7.68
N GLN A 644 18.19 39.43 -7.90
CA GLN A 644 16.81 39.08 -7.59
C GLN A 644 16.08 38.73 -8.88
N THR A 645 15.82 37.44 -9.08
CA THR A 645 15.06 36.97 -10.22
C THR A 645 13.59 36.88 -9.85
N ARG A 646 12.78 36.27 -10.70
CA ARG A 646 11.36 36.06 -10.43
C ARG A 646 11.07 34.70 -9.82
N ALA A 647 12.11 33.89 -9.57
CA ALA A 647 11.94 32.57 -8.97
C ALA A 647 12.60 32.46 -7.60
N GLY A 648 13.11 33.55 -7.05
CA GLY A 648 13.72 33.53 -5.75
C GLY A 648 14.86 34.53 -5.66
N CYS A 649 15.83 34.19 -4.82
CA CYS A 649 17.01 35.02 -4.59
C CYS A 649 18.27 34.20 -4.85
N LEU A 650 19.19 34.76 -5.62
CA LEU A 650 20.40 34.06 -6.03
C LEU A 650 21.62 34.73 -5.38
N ILE A 651 22.49 33.91 -4.80
CA ILE A 651 23.71 34.37 -4.15
C ILE A 651 24.89 33.65 -4.77
N GLY A 652 25.89 34.42 -5.19
CA GLY A 652 27.11 33.85 -5.74
C GLY A 652 27.18 33.73 -7.25
N ALA A 653 26.35 34.47 -7.98
CA ALA A 653 26.36 34.44 -9.43
C ALA A 653 26.40 35.85 -9.98
N GLU A 654 27.00 36.02 -11.15
CA GLU A 654 27.19 37.31 -11.78
C GLU A 654 26.16 37.52 -12.89
N HIS A 655 25.52 38.69 -12.88
CA HIS A 655 24.57 39.04 -13.92
C HIS A 655 25.31 39.50 -15.18
N VAL A 656 24.64 39.35 -16.32
CA VAL A 656 25.19 39.75 -17.61
C VAL A 656 24.05 40.30 -18.45
N ASN A 657 24.40 40.88 -19.60
CA ASN A 657 23.43 41.53 -20.49
C ASN A 657 23.12 40.74 -21.75
N ASN A 658 24.12 40.14 -22.39
CA ASN A 658 23.86 39.40 -23.63
C ASN A 658 23.11 38.10 -23.33
N SER A 659 22.78 37.38 -24.39
CA SER A 659 21.99 36.16 -24.29
C SER A 659 22.67 35.02 -25.04
N TYR A 660 22.40 33.80 -24.58
CA TYR A 660 22.96 32.59 -25.17
C TYR A 660 21.86 31.52 -25.18
N GLU A 661 22.25 30.29 -25.44
CA GLU A 661 21.35 29.15 -25.38
C GLU A 661 21.43 28.50 -24.00
N CYS A 662 20.27 28.14 -23.45
CA CYS A 662 20.20 27.70 -22.07
C CYS A 662 21.10 26.50 -21.81
N ASP A 663 21.78 26.51 -20.67
CA ASP A 663 22.63 25.41 -20.23
C ASP A 663 22.09 24.72 -18.99
N ILE A 664 21.86 25.47 -17.91
CA ILE A 664 21.22 24.94 -16.71
C ILE A 664 19.95 25.75 -16.45
N PRO A 665 18.77 25.15 -16.56
CA PRO A 665 17.53 25.91 -16.42
C PRO A 665 17.19 26.18 -14.96
N ILE A 666 17.36 27.44 -14.54
CA ILE A 666 16.97 27.82 -13.19
C ILE A 666 15.45 27.91 -13.08
N GLY A 667 14.81 28.55 -14.06
CA GLY A 667 13.36 28.68 -14.07
C GLY A 667 12.88 30.11 -14.24
N ALA A 668 11.71 30.25 -14.85
CA ALA A 668 11.08 31.55 -15.07
C ALA A 668 11.78 32.37 -16.14
N GLY A 669 12.40 31.70 -17.11
CA GLY A 669 13.09 32.40 -18.18
C GLY A 669 14.50 32.82 -17.87
N ILE A 670 15.20 32.05 -17.03
CA ILE A 670 16.58 32.34 -16.67
C ILE A 670 17.40 31.06 -16.77
N CYS A 671 18.71 31.22 -16.97
CA CYS A 671 19.62 30.09 -17.06
C CYS A 671 20.97 30.49 -16.49
N ALA A 672 21.80 29.49 -16.19
CA ALA A 672 23.12 29.71 -15.63
C ALA A 672 24.12 28.75 -16.26
N SER A 673 25.37 29.19 -16.34
CA SER A 673 26.44 28.36 -16.88
C SER A 673 27.77 28.83 -16.31
N TYR A 674 28.74 27.92 -16.30
CA TYR A 674 30.05 28.18 -15.71
C TYR A 674 31.00 28.71 -16.76
N GLN A 675 31.43 29.95 -16.60
CA GLN A 675 32.37 30.57 -17.53
C GLN A 675 33.05 31.77 -16.89
N SER A 689 40.15 33.58 -15.17
CA SER A 689 39.24 33.82 -14.07
C SER A 689 37.83 33.34 -14.39
N GLN A 690 37.56 32.08 -14.04
CA GLN A 690 36.26 31.49 -14.29
C GLN A 690 35.30 31.79 -13.14
N SER A 691 34.02 31.83 -13.46
CA SER A 691 32.98 32.13 -12.49
C SER A 691 31.65 31.60 -13.02
N ILE A 692 30.57 31.92 -12.33
CA ILE A 692 29.22 31.51 -12.71
C ILE A 692 28.44 32.74 -13.11
N ILE A 693 27.66 32.63 -14.18
CA ILE A 693 26.91 33.75 -14.73
C ILE A 693 25.45 33.34 -14.90
N ALA A 694 24.58 34.35 -14.97
CA ALA A 694 23.13 34.13 -15.09
C ALA A 694 22.59 35.09 -16.15
N TYR A 695 22.34 34.57 -17.35
CA TYR A 695 21.84 35.35 -18.46
C TYR A 695 20.35 35.07 -18.67
N THR A 696 19.79 35.59 -19.75
CA THR A 696 18.41 35.36 -20.15
C THR A 696 18.39 34.54 -21.44
N MET A 697 17.65 33.44 -21.43
CA MET A 697 17.63 32.56 -22.59
C MET A 697 17.06 33.26 -23.80
N SER A 698 17.62 32.95 -24.97
CA SER A 698 17.21 33.56 -26.23
C SER A 698 16.36 32.58 -27.04
N LEU A 699 15.45 33.14 -27.84
CA LEU A 699 14.51 32.35 -28.61
C LEU A 699 15.07 31.92 -29.96
N GLY A 700 15.78 32.80 -30.66
CA GLY A 700 16.35 32.45 -31.94
C GLY A 700 16.66 33.70 -32.75
N ALA A 701 16.96 33.45 -34.03
CA ALA A 701 17.30 34.52 -34.96
C ALA A 701 16.07 35.31 -35.36
N GLU A 702 16.21 36.30 -36.22
CA GLU A 702 15.02 37.12 -36.57
C GLU A 702 15.04 37.37 -38.08
N ASN A 703 13.91 37.30 -38.77
CA ASN A 703 13.93 37.42 -40.25
C ASN A 703 12.82 38.35 -40.71
N SER A 704 12.71 38.57 -42.02
CA SER A 704 11.61 39.36 -42.56
C SER A 704 11.51 39.09 -44.05
N VAL A 705 10.32 38.72 -44.50
CA VAL A 705 10.10 38.35 -45.89
C VAL A 705 9.75 39.58 -46.70
N ALA A 706 10.17 39.73 -47.95
CA ALA A 706 9.75 40.96 -48.67
C ALA A 706 8.44 40.76 -49.44
N TYR A 707 7.28 40.81 -48.78
CA TYR A 707 5.99 40.46 -49.45
C TYR A 707 5.49 41.54 -50.40
N SER A 708 5.31 41.22 -51.68
CA SER A 708 4.72 42.14 -52.63
C SER A 708 3.63 41.40 -53.40
N ASN A 709 2.73 42.16 -54.02
CA ASN A 709 1.56 41.55 -54.66
C ASN A 709 1.84 41.03 -56.06
N ASN A 710 3.03 41.28 -56.62
CA ASN A 710 3.36 40.77 -57.94
C ASN A 710 4.80 40.28 -57.99
N SER A 711 5.21 39.51 -56.98
CA SER A 711 6.57 38.98 -56.92
C SER A 711 6.53 37.53 -56.49
N ILE A 712 7.55 36.77 -56.89
CA ILE A 712 7.64 35.34 -56.59
C ILE A 712 9.10 34.92 -56.67
N ALA A 713 9.42 33.79 -56.03
CA ALA A 713 10.76 33.23 -56.03
C ALA A 713 10.69 31.74 -56.32
N ILE A 714 11.64 31.26 -57.12
CA ILE A 714 11.65 29.86 -57.56
C ILE A 714 13.06 29.28 -57.44
N PRO A 715 13.20 28.05 -56.96
CA PRO A 715 14.54 27.46 -56.83
C PRO A 715 15.13 27.09 -58.18
N THR A 716 16.44 26.81 -58.17
CA THR A 716 17.15 26.40 -59.37
C THR A 716 18.12 25.24 -59.15
N ASN A 717 18.07 24.57 -58.00
CA ASN A 717 18.94 23.43 -57.73
C ASN A 717 18.29 22.59 -56.64
N PHE A 718 19.05 21.65 -56.08
CA PHE A 718 18.51 20.76 -55.06
C PHE A 718 19.66 20.15 -54.27
N THR A 719 19.31 19.34 -53.27
CA THR A 719 20.29 18.71 -52.39
C THR A 719 19.72 17.38 -51.91
N ILE A 720 20.62 16.53 -51.41
CA ILE A 720 20.26 15.22 -50.88
C ILE A 720 20.77 15.13 -49.44
N SER A 721 19.92 14.68 -48.53
CA SER A 721 20.25 14.64 -47.12
C SER A 721 19.86 13.29 -46.52
N VAL A 722 20.54 12.94 -45.42
CA VAL A 722 20.29 11.69 -44.71
C VAL A 722 20.31 11.97 -43.21
N THR A 723 19.35 11.39 -42.49
CA THR A 723 19.22 11.60 -41.05
C THR A 723 18.87 10.26 -40.38
N THR A 724 18.89 10.27 -39.05
CA THR A 724 18.69 9.05 -38.26
C THR A 724 17.60 9.26 -37.21
N GLU A 725 17.12 8.14 -36.68
CA GLU A 725 16.07 8.15 -35.65
C GLU A 725 16.18 6.87 -34.84
N ILE A 726 15.90 6.98 -33.54
CA ILE A 726 16.06 5.86 -32.60
C ILE A 726 14.78 5.71 -31.79
N LEU A 727 14.37 4.46 -31.58
CA LEU A 727 13.16 4.16 -30.82
C LEU A 727 13.30 2.88 -30.00
N PRO A 728 13.11 2.94 -28.68
CA PRO A 728 13.15 1.71 -27.88
C PRO A 728 11.97 0.79 -28.21
N VAL A 729 12.19 -0.51 -28.03
CA VAL A 729 11.19 -1.50 -28.43
C VAL A 729 10.79 -2.40 -27.26
N SER A 730 11.76 -3.03 -26.61
CA SER A 730 11.47 -4.04 -25.60
C SER A 730 12.15 -3.70 -24.28
N MET A 731 12.07 -4.62 -23.33
CA MET A 731 12.52 -4.42 -21.97
C MET A 731 13.16 -5.72 -21.47
N THR A 732 13.37 -5.82 -20.17
CA THR A 732 13.99 -6.98 -19.54
C THR A 732 12.96 -7.76 -18.73
N LYS A 733 13.08 -9.08 -18.74
CA LYS A 733 12.16 -9.96 -18.04
C LYS A 733 12.77 -10.43 -16.73
N THR A 734 11.93 -10.60 -15.72
CA THR A 734 12.40 -10.91 -14.37
C THR A 734 11.39 -11.78 -13.66
N SER A 735 11.86 -12.42 -12.57
CA SER A 735 11.02 -13.26 -11.73
C SER A 735 11.51 -13.14 -10.30
N VAL A 736 10.60 -13.42 -9.36
CA VAL A 736 10.90 -13.30 -7.93
C VAL A 736 10.32 -14.50 -7.19
N ASP A 737 10.90 -14.77 -6.01
CA ASP A 737 10.45 -15.84 -5.14
C ASP A 737 10.11 -15.26 -3.78
N CYS A 738 8.94 -15.64 -3.27
CA CYS A 738 8.40 -15.00 -2.06
C CYS A 738 9.02 -15.59 -0.80
N THR A 739 8.99 -16.91 -0.65
CA THR A 739 9.45 -17.55 0.58
C THR A 739 10.95 -17.37 0.78
N MET A 740 11.73 -17.42 -0.31
CA MET A 740 13.17 -17.24 -0.20
C MET A 740 13.58 -15.80 0.04
N TYR A 741 12.72 -14.84 -0.25
CA TYR A 741 13.02 -13.44 0.00
C TYR A 741 12.55 -12.97 1.36
N ILE A 742 11.38 -13.43 1.81
CA ILE A 742 10.83 -12.96 3.07
C ILE A 742 11.44 -13.69 4.25
N CYS A 743 11.35 -15.03 4.24
CA CYS A 743 11.78 -15.82 5.40
C CYS A 743 13.22 -16.29 5.26
N GLY A 744 13.52 -17.07 4.21
CA GLY A 744 14.83 -17.66 4.06
C GLY A 744 14.81 -19.16 4.29
N ASP A 745 15.69 -19.64 5.18
CA ASP A 745 15.73 -21.05 5.52
C ASP A 745 14.92 -21.38 6.77
N SER A 746 14.32 -20.39 7.43
CA SER A 746 13.57 -20.64 8.64
C SER A 746 12.30 -21.44 8.34
N THR A 747 11.98 -22.37 9.23
CA THR A 747 10.74 -23.12 9.14
C THR A 747 9.62 -22.50 9.98
N GLU A 748 9.97 -21.83 11.08
CA GLU A 748 8.97 -21.12 11.85
C GLU A 748 8.37 -19.97 11.07
N CYS A 749 9.22 -19.20 10.38
CA CYS A 749 8.71 -18.13 9.51
C CYS A 749 7.88 -18.69 8.38
N SER A 750 8.33 -19.80 7.78
CA SER A 750 7.56 -20.43 6.71
C SER A 750 6.18 -20.88 7.20
N ASN A 751 6.11 -21.43 8.40
CA ASN A 751 4.81 -21.86 8.93
C ASN A 751 3.93 -20.66 9.27
N LEU A 752 4.53 -19.60 9.81
CA LEU A 752 3.74 -18.41 10.13
C LEU A 752 3.25 -17.68 8.90
N LEU A 753 3.94 -17.81 7.77
CA LEU A 753 3.56 -17.08 6.58
C LEU A 753 2.17 -17.46 6.08
N LEU A 754 1.77 -18.73 6.26
CA LEU A 754 0.52 -19.20 5.68
C LEU A 754 -0.69 -18.44 6.19
N GLN A 755 -0.63 -17.94 7.43
CA GLN A 755 -1.79 -17.27 8.01
C GLN A 755 -2.23 -16.08 7.17
N TYR A 756 -1.27 -15.33 6.64
CA TYR A 756 -1.59 -14.20 5.77
C TYR A 756 -2.24 -14.65 4.46
N GLY A 757 -2.18 -15.93 4.13
CA GLY A 757 -2.82 -16.44 2.94
C GLY A 757 -1.98 -16.26 1.69
N SER A 758 -2.55 -16.70 0.57
CA SER A 758 -1.90 -16.61 -0.74
C SER A 758 -2.01 -15.18 -1.23
N PHE A 759 -1.03 -14.36 -0.86
CA PHE A 759 -1.03 -12.95 -1.20
C PHE A 759 -0.09 -12.59 -2.34
N CYS A 760 0.84 -13.47 -2.71
CA CYS A 760 1.78 -13.14 -3.76
C CYS A 760 1.74 -14.10 -4.94
N THR A 761 0.88 -15.11 -4.91
CA THR A 761 0.54 -15.75 -6.18
C THR A 761 -0.03 -14.75 -7.16
N GLN A 762 -0.77 -13.75 -6.66
CA GLN A 762 -1.20 -12.62 -7.47
C GLN A 762 -0.04 -11.77 -7.96
N LEU A 763 0.97 -11.55 -7.12
CA LEU A 763 2.15 -10.83 -7.58
C LEU A 763 2.83 -11.56 -8.73
N ASN A 764 2.96 -12.88 -8.61
CA ASN A 764 3.57 -13.66 -9.68
C ASN A 764 2.69 -13.66 -10.94
N ARG A 765 1.37 -13.71 -10.76
CA ARG A 765 0.47 -13.60 -11.90
C ARG A 765 0.69 -12.28 -12.63
N ALA A 766 0.81 -11.18 -11.89
CA ALA A 766 1.05 -9.88 -12.51
C ALA A 766 2.40 -9.84 -13.21
N LEU A 767 3.44 -10.41 -12.57
CA LEU A 767 4.78 -10.35 -13.14
C LEU A 767 4.90 -11.20 -14.40
N THR A 768 4.17 -12.31 -14.47
CA THR A 768 4.28 -13.20 -15.63
C THR A 768 3.58 -12.65 -16.87
N GLY A 769 2.68 -11.69 -16.72
CA GLY A 769 2.02 -11.09 -17.86
C GLY A 769 2.81 -10.00 -18.55
N ILE A 770 3.95 -9.60 -17.97
CA ILE A 770 4.80 -8.58 -18.58
C ILE A 770 5.90 -9.17 -19.45
N ALA A 771 6.06 -10.50 -19.45
CA ALA A 771 7.08 -11.15 -20.28
C ALA A 771 6.53 -11.59 -21.62
N VAL A 772 5.31 -12.14 -21.63
CA VAL A 772 4.67 -12.47 -22.89
C VAL A 772 4.48 -11.21 -23.74
N GLU A 773 4.12 -10.10 -23.10
CA GLU A 773 3.98 -8.85 -23.84
C GLU A 773 5.31 -8.42 -24.45
N GLN A 774 6.40 -8.53 -23.70
CA GLN A 774 7.70 -8.18 -24.24
C GLN A 774 8.07 -9.07 -25.42
N ASP A 775 7.76 -10.37 -25.32
CA ASP A 775 8.03 -11.26 -26.43
C ASP A 775 7.21 -10.90 -27.66
N LYS A 776 5.96 -10.47 -27.46
CA LYS A 776 5.10 -10.12 -28.57
C LYS A 776 5.47 -8.76 -29.17
N ASN A 777 6.10 -7.88 -28.39
CA ASN A 777 6.43 -6.56 -28.89
C ASN A 777 7.37 -6.62 -30.09
N THR A 778 8.40 -7.47 -30.01
CA THR A 778 9.42 -7.51 -31.05
C THR A 778 8.98 -8.29 -32.28
N GLN A 779 7.86 -9.02 -32.22
CA GLN A 779 7.40 -9.80 -33.36
C GLN A 779 6.43 -9.04 -34.26
N GLU A 780 6.10 -7.80 -33.91
CA GLU A 780 5.25 -6.97 -34.75
C GLU A 780 6.04 -5.88 -35.49
N VAL A 781 7.33 -5.74 -35.19
CA VAL A 781 8.17 -4.75 -35.85
C VAL A 781 9.01 -5.38 -36.95
N PHE A 782 9.63 -6.53 -36.68
CA PHE A 782 10.55 -7.17 -37.61
C PHE A 782 9.89 -8.26 -38.45
N ALA A 783 9.01 -9.06 -37.87
CA ALA A 783 8.40 -10.19 -38.56
C ALA A 783 7.23 -9.71 -39.42
N GLN A 784 7.57 -8.95 -40.47
CA GLN A 784 6.59 -8.44 -41.41
C GLN A 784 6.77 -8.99 -42.82
N VAL A 785 7.76 -9.86 -43.04
CA VAL A 785 8.04 -10.43 -44.35
C VAL A 785 7.85 -11.93 -44.26
N LYS A 786 7.08 -12.48 -45.19
CA LYS A 786 6.76 -13.91 -45.17
C LYS A 786 7.82 -14.77 -45.84
N GLN A 787 8.71 -14.12 -46.61
CA GLN A 787 9.73 -14.87 -47.39
C GLN A 787 11.11 -14.25 -47.21
N ILE A 788 12.16 -15.07 -47.16
CA ILE A 788 13.52 -14.59 -46.94
C ILE A 788 14.19 -14.45 -48.29
N TYR A 789 14.40 -13.21 -48.73
CA TYR A 789 15.03 -12.93 -50.02
C TYR A 789 16.55 -12.91 -49.87
N LYS A 790 17.23 -13.10 -51.00
CA LYS A 790 18.69 -13.17 -51.05
C LYS A 790 19.25 -11.98 -51.80
N THR A 791 20.36 -11.46 -51.32
CA THR A 791 21.01 -10.32 -51.97
C THR A 791 21.58 -10.75 -53.30
N PRO A 792 21.33 -10.02 -54.38
CA PRO A 792 21.86 -10.39 -55.70
C PRO A 792 23.37 -10.39 -55.70
N PRO A 793 24.00 -11.32 -56.43
CA PRO A 793 25.47 -11.36 -56.43
C PRO A 793 26.11 -10.24 -57.23
N ILE A 794 25.58 -9.91 -58.39
CA ILE A 794 26.17 -8.91 -59.27
C ILE A 794 25.57 -7.54 -58.95
N LYS A 795 26.43 -6.53 -58.81
CA LYS A 795 26.01 -5.19 -58.41
C LYS A 795 26.02 -4.28 -59.63
N ASP A 796 24.84 -4.04 -60.20
CA ASP A 796 24.64 -3.09 -61.29
C ASP A 796 23.46 -2.20 -60.88
N PHE A 797 23.75 -1.13 -60.14
CA PHE A 797 22.70 -0.28 -59.59
C PHE A 797 22.76 1.15 -60.12
N GLY A 798 23.58 1.42 -61.14
CA GLY A 798 23.61 2.72 -61.77
C GLY A 798 24.60 3.71 -61.19
N GLY A 799 25.26 3.38 -60.07
CA GLY A 799 26.23 4.28 -59.49
C GLY A 799 26.05 4.49 -58.01
N PHE A 800 25.10 3.77 -57.40
CA PHE A 800 24.85 3.84 -55.98
C PHE A 800 25.61 2.72 -55.26
N ASN A 801 26.21 3.05 -54.12
CA ASN A 801 27.04 2.12 -53.38
C ASN A 801 26.37 1.81 -52.05
N PHE A 802 25.93 0.56 -51.89
CA PHE A 802 25.26 0.10 -50.67
C PHE A 802 26.14 -0.83 -49.84
N SER A 803 27.45 -0.86 -50.11
CA SER A 803 28.31 -1.88 -49.52
C SER A 803 28.49 -1.73 -48.02
N GLN A 804 28.10 -0.61 -47.43
CA GLN A 804 28.27 -0.39 -45.99
C GLN A 804 27.02 -0.71 -45.18
N ILE A 805 25.90 -1.02 -45.83
CA ILE A 805 24.68 -1.37 -45.11
C ILE A 805 24.16 -2.72 -45.60
N LEU A 806 25.08 -3.58 -46.03
CA LEU A 806 24.73 -4.93 -46.46
C LEU A 806 25.55 -5.94 -45.69
N PRO A 807 25.04 -7.15 -45.50
CA PRO A 807 25.72 -8.12 -44.65
C PRO A 807 27.14 -8.42 -45.15
N ASP A 808 28.06 -8.59 -44.19
CA ASP A 808 29.44 -8.92 -44.49
C ASP A 808 29.71 -10.36 -44.06
N PRO A 809 29.84 -11.30 -45.00
CA PRO A 809 30.06 -12.70 -44.59
C PRO A 809 31.31 -12.91 -43.77
N SER A 810 32.38 -12.14 -44.04
CA SER A 810 33.63 -12.34 -43.29
C SER A 810 33.43 -12.05 -41.81
N LYS A 811 32.73 -10.97 -41.48
CA LYS A 811 32.48 -10.65 -40.09
C LYS A 811 31.57 -11.70 -39.46
N PRO A 812 31.91 -12.23 -38.28
CA PRO A 812 31.05 -13.23 -37.67
C PRO A 812 29.68 -12.66 -37.33
N SER A 813 28.68 -13.54 -37.33
CA SER A 813 27.28 -13.24 -37.10
C SER A 813 26.64 -12.59 -38.32
N LYS A 814 27.40 -12.29 -39.37
CA LYS A 814 26.86 -11.73 -40.60
C LYS A 814 26.09 -10.44 -40.34
N ARG A 815 26.81 -9.44 -39.85
CA ARG A 815 26.25 -8.13 -39.56
C ARG A 815 26.90 -7.07 -40.44
N SER A 816 26.13 -6.05 -40.79
CA SER A 816 26.64 -4.99 -41.64
C SER A 816 27.67 -4.15 -40.87
N PHE A 817 28.45 -3.38 -41.63
CA PHE A 817 29.50 -2.58 -41.02
C PHE A 817 28.92 -1.55 -40.05
N ILE A 818 27.85 -0.87 -40.45
CA ILE A 818 27.27 0.16 -39.58
C ILE A 818 26.62 -0.47 -38.36
N GLU A 819 26.01 -1.64 -38.52
CA GLU A 819 25.36 -2.30 -37.39
C GLU A 819 26.35 -2.62 -36.27
N ASP A 820 27.62 -2.80 -36.62
CA ASP A 820 28.62 -3.19 -35.63
C ASP A 820 29.13 -2.02 -34.80
N LEU A 821 28.83 -0.78 -35.20
CA LEU A 821 29.19 0.38 -34.40
C LEU A 821 28.15 0.71 -33.35
N LEU A 822 26.89 0.36 -33.60
CA LEU A 822 25.84 0.58 -32.61
C LEU A 822 25.87 -0.44 -31.49
N PHE A 823 26.52 -1.58 -31.70
CA PHE A 823 26.64 -2.61 -30.67
C PHE A 823 27.82 -2.40 -29.74
N ASN A 824 28.70 -1.45 -30.05
CA ASN A 824 29.84 -1.13 -29.20
C ASN A 824 29.65 0.17 -28.43
N LYS A 825 28.50 0.83 -28.56
CA LYS A 825 28.25 2.08 -27.89
C LYS A 825 27.20 1.98 -26.79
N VAL A 826 26.53 0.83 -26.67
CA VAL A 826 25.58 0.58 -25.59
C VAL A 826 26.12 -0.58 -24.76
N THR A 827 26.33 -0.34 -23.47
CA THR A 827 26.91 -1.34 -22.58
C THR A 827 25.87 -1.79 -21.55
N LEU A 828 25.81 -3.10 -21.33
CA LEU A 828 24.85 -3.68 -20.38
C LEU A 828 25.44 -3.66 -18.97
N ALA A 829 25.47 -2.47 -18.40
CA ALA A 829 25.98 -2.27 -17.05
C ALA A 829 25.07 -1.37 -16.24
N LEU A 849 26.73 -6.59 -7.54
CA LEU A 849 26.97 -7.96 -7.96
C LEU A 849 25.66 -8.69 -8.23
N ILE A 850 25.71 -9.65 -9.15
CA ILE A 850 24.53 -10.46 -9.45
C ILE A 850 24.41 -11.68 -8.55
N CYS A 851 25.48 -12.07 -7.86
CA CYS A 851 25.40 -13.20 -6.93
C CYS A 851 24.50 -12.87 -5.75
N ALA A 852 24.58 -11.64 -5.23
CA ALA A 852 23.74 -11.26 -4.11
C ALA A 852 22.26 -11.33 -4.48
N GLN A 853 21.91 -10.90 -5.69
CA GLN A 853 20.53 -10.99 -6.13
C GLN A 853 20.07 -12.43 -6.25
N LYS A 854 20.95 -13.33 -6.72
CA LYS A 854 20.54 -14.71 -6.93
C LYS A 854 20.30 -15.44 -5.63
N PHE A 855 20.93 -15.01 -4.54
CA PHE A 855 20.76 -15.69 -3.25
C PHE A 855 19.49 -15.27 -2.53
N ASN A 856 18.75 -14.28 -3.05
CA ASN A 856 17.50 -13.83 -2.44
C ASN A 856 16.30 -14.11 -3.35
N GLY A 857 16.44 -14.99 -4.32
CA GLY A 857 15.31 -15.36 -5.16
C GLY A 857 14.98 -14.41 -6.27
N LEU A 858 15.96 -13.75 -6.87
CA LEU A 858 15.76 -12.84 -7.99
C LEU A 858 16.55 -13.34 -9.19
N THR A 859 15.88 -13.47 -10.34
CA THR A 859 16.50 -14.03 -11.53
C THR A 859 16.07 -13.24 -12.76
N VAL A 860 16.78 -13.46 -13.86
CA VAL A 860 16.52 -12.80 -15.13
C VAL A 860 16.41 -13.86 -16.22
N LEU A 861 15.36 -13.75 -17.07
CA LEU A 861 15.06 -14.74 -18.10
C LEU A 861 15.54 -14.26 -19.48
N PRO A 862 15.90 -15.18 -20.36
CA PRO A 862 16.42 -14.80 -21.68
C PRO A 862 15.30 -14.61 -22.68
N PRO A 863 15.50 -13.80 -23.70
CA PRO A 863 14.47 -13.61 -24.73
C PRO A 863 14.39 -14.80 -25.69
N LEU A 864 13.26 -14.87 -26.38
CA LEU A 864 12.99 -16.01 -27.27
C LEU A 864 13.76 -15.90 -28.58
N LEU A 865 13.90 -14.68 -29.13
CA LEU A 865 14.53 -14.47 -30.41
C LEU A 865 15.97 -14.01 -30.18
N THR A 866 16.93 -14.80 -30.65
CA THR A 866 18.33 -14.46 -30.48
C THR A 866 18.71 -13.27 -31.37
N ASP A 867 19.84 -12.65 -31.04
CA ASP A 867 20.30 -11.49 -31.79
C ASP A 867 20.82 -11.85 -33.18
N GLU A 868 20.97 -13.14 -33.48
CA GLU A 868 21.39 -13.57 -34.81
C GLU A 868 20.20 -13.73 -35.75
N MET A 869 19.02 -14.08 -35.23
CA MET A 869 17.83 -14.14 -36.05
C MET A 869 17.24 -12.77 -36.35
N ILE A 870 17.48 -11.79 -35.47
CA ILE A 870 16.99 -10.44 -35.72
C ILE A 870 17.72 -9.81 -36.88
N ALA A 871 18.99 -10.17 -37.10
CA ALA A 871 19.74 -9.63 -38.23
C ALA A 871 19.40 -10.33 -39.54
N GLN A 872 18.75 -11.49 -39.48
CA GLN A 872 18.28 -12.16 -40.69
C GLN A 872 16.97 -11.59 -41.19
N TYR A 873 16.28 -10.81 -40.37
CA TYR A 873 15.02 -10.20 -40.77
C TYR A 873 15.22 -8.84 -41.42
N THR A 874 16.23 -8.08 -41.01
CA THR A 874 16.51 -6.78 -41.61
C THR A 874 17.39 -6.89 -42.85
N SER A 875 17.92 -8.07 -43.15
CA SER A 875 18.66 -8.28 -44.40
C SER A 875 17.78 -8.76 -45.53
N ALA A 876 16.51 -9.07 -45.26
CA ALA A 876 15.55 -9.42 -46.29
C ALA A 876 14.73 -8.22 -46.75
N LEU A 877 14.36 -7.35 -45.82
CA LEU A 877 13.68 -6.11 -46.19
C LEU A 877 14.58 -5.25 -47.08
N LEU A 878 15.86 -5.14 -46.72
CA LEU A 878 16.80 -4.37 -47.53
C LEU A 878 16.97 -4.97 -48.91
N ALA A 879 17.04 -6.30 -49.01
CA ALA A 879 17.23 -6.94 -50.31
C ALA A 879 15.98 -6.83 -51.17
N GLY A 880 14.79 -6.84 -50.57
CA GLY A 880 13.57 -6.71 -51.34
C GLY A 880 13.15 -5.30 -51.66
N THR A 881 13.71 -4.30 -50.96
CA THR A 881 13.43 -2.91 -51.24
C THR A 881 14.24 -2.34 -52.39
N ILE A 882 15.29 -3.04 -52.83
CA ILE A 882 16.17 -2.53 -53.87
C ILE A 882 15.94 -3.20 -55.22
N THR A 883 15.37 -4.41 -55.25
CA THR A 883 15.16 -5.12 -56.51
C THR A 883 13.71 -5.12 -56.98
N SER A 884 12.76 -4.79 -56.11
CA SER A 884 11.35 -4.77 -56.49
C SER A 884 10.74 -3.38 -56.36
N GLY A 885 10.90 -2.73 -55.21
CA GLY A 885 10.28 -1.45 -54.97
C GLY A 885 9.24 -1.53 -53.87
N TRP A 886 8.03 -1.05 -54.13
CA TRP A 886 6.92 -1.20 -53.21
C TRP A 886 5.97 -2.31 -53.62
N THR A 887 6.29 -3.05 -54.68
CA THR A 887 5.42 -4.11 -55.15
C THR A 887 5.51 -5.38 -54.32
N PHE A 888 6.55 -5.53 -53.50
CA PHE A 888 6.66 -6.71 -52.65
C PHE A 888 5.90 -6.57 -51.34
N GLY A 889 5.43 -5.37 -51.00
CA GLY A 889 4.65 -5.21 -49.79
C GLY A 889 3.31 -5.91 -49.85
N ALA A 890 2.63 -5.81 -50.99
CA ALA A 890 1.32 -6.43 -51.20
C ALA A 890 1.39 -7.28 -52.45
N GLY A 891 1.49 -8.60 -52.28
CA GLY A 891 1.54 -9.50 -53.42
C GLY A 891 2.89 -10.18 -53.57
N ALA A 892 3.39 -10.26 -54.81
CA ALA A 892 4.67 -10.90 -55.10
C ALA A 892 5.63 -9.88 -55.70
N ALA A 893 6.91 -10.08 -55.43
CA ALA A 893 7.93 -9.15 -55.89
C ALA A 893 8.00 -9.14 -57.41
N LEU A 894 8.10 -7.95 -58.00
CA LEU A 894 8.22 -7.78 -59.49
C LEU A 894 9.46 -6.89 -59.71
N GLN A 895 10.44 -7.36 -60.49
CA GLN A 895 11.73 -6.65 -60.63
C GLN A 895 11.58 -5.32 -61.37
N ILE A 896 12.45 -4.36 -61.08
CA ILE A 896 12.47 -3.07 -61.83
C ILE A 896 13.89 -2.51 -61.72
N PRO A 897 14.57 -2.09 -62.81
CA PRO A 897 15.88 -1.46 -62.62
C PRO A 897 15.81 -0.25 -61.70
N PHE A 898 16.90 -0.04 -60.96
CA PHE A 898 16.92 1.00 -59.92
C PHE A 898 16.73 2.40 -60.51
N ALA A 899 17.42 2.69 -61.62
CA ALA A 899 17.36 4.03 -62.19
C ALA A 899 15.94 4.40 -62.59
N MET A 900 15.19 3.43 -63.11
CA MET A 900 13.78 3.66 -63.43
C MET A 900 12.90 3.60 -62.19
N GLN A 901 13.41 3.06 -61.09
CA GLN A 901 12.68 3.08 -59.83
C GLN A 901 12.74 4.45 -59.17
N MET A 902 13.84 5.18 -59.35
CA MET A 902 13.94 6.51 -58.75
C MET A 902 13.07 7.54 -59.48
N ALA A 903 12.80 7.32 -60.77
CA ALA A 903 11.97 8.26 -61.52
C ALA A 903 10.55 8.29 -60.98
N TYR A 904 10.02 7.13 -60.57
CA TYR A 904 8.70 7.08 -59.95
C TYR A 904 8.66 8.00 -58.72
N ARG A 905 9.66 7.87 -57.85
CA ARG A 905 9.67 8.64 -56.62
C ARG A 905 9.89 10.12 -56.89
N PHE A 906 10.61 10.46 -57.96
CA PHE A 906 10.72 11.87 -58.33
C PHE A 906 9.38 12.41 -58.83
N ASN A 907 8.68 11.66 -59.67
CA ASN A 907 7.35 12.06 -60.11
C ASN A 907 6.37 12.16 -58.95
N GLY A 908 6.63 11.44 -57.86
CA GLY A 908 5.72 11.45 -56.73
C GLY A 908 5.72 12.71 -55.90
N ILE A 909 6.66 13.64 -56.14
CA ILE A 909 6.74 14.88 -55.37
C ILE A 909 6.55 16.12 -56.23
N GLY A 910 6.41 15.96 -57.55
CA GLY A 910 6.08 17.07 -58.43
C GLY A 910 7.05 17.30 -59.57
N VAL A 911 8.28 16.80 -59.48
CA VAL A 911 9.28 17.01 -60.52
C VAL A 911 9.07 16.02 -61.65
N THR A 912 9.72 16.23 -62.78
CA THR A 912 9.57 15.38 -63.96
C THR A 912 10.77 14.44 -64.12
N GLN A 913 10.65 13.52 -65.07
CA GLN A 913 11.63 12.45 -65.20
C GLN A 913 12.94 12.94 -65.81
N ASN A 914 12.87 13.80 -66.83
CA ASN A 914 14.09 14.22 -67.50
C ASN A 914 15.03 14.91 -66.54
N VAL A 915 14.51 15.51 -65.46
CA VAL A 915 15.36 16.13 -64.46
C VAL A 915 16.28 15.09 -63.83
N LEU A 916 15.73 13.92 -63.50
CA LEU A 916 16.55 12.85 -62.94
C LEU A 916 17.46 12.23 -64.00
N TYR A 917 16.91 11.97 -65.19
CA TYR A 917 17.70 11.29 -66.23
C TYR A 917 18.85 12.14 -66.73
N GLU A 918 18.80 13.46 -66.55
CA GLU A 918 19.86 14.34 -67.04
C GLU A 918 20.87 14.70 -65.96
N ASN A 919 20.70 14.22 -64.72
CA ASN A 919 21.61 14.52 -63.64
C ASN A 919 21.88 13.28 -62.80
N GLN A 920 22.12 12.15 -63.46
CA GLN A 920 22.29 10.89 -62.73
C GLN A 920 23.58 10.88 -61.92
N LYS A 921 24.70 11.25 -62.54
CA LYS A 921 25.99 11.17 -61.86
C LYS A 921 26.03 12.07 -60.64
N LEU A 922 25.52 13.29 -60.75
CA LEU A 922 25.56 14.21 -59.63
C LEU A 922 24.76 13.69 -58.46
N ILE A 923 23.56 13.15 -58.73
CA ILE A 923 22.73 12.62 -57.64
C ILE A 923 23.40 11.42 -56.98
N ALA A 924 23.97 10.52 -57.79
CA ALA A 924 24.66 9.37 -57.21
C ALA A 924 25.83 9.80 -56.33
N ASN A 925 26.62 10.77 -56.81
CA ASN A 925 27.74 11.25 -56.02
C ASN A 925 27.27 11.91 -54.73
N GLN A 926 26.19 12.69 -54.80
CA GLN A 926 25.66 13.32 -53.59
C GLN A 926 25.22 12.27 -52.58
N PHE A 927 24.52 11.22 -53.04
CA PHE A 927 24.09 10.17 -52.13
C PHE A 927 25.28 9.48 -51.48
N ASN A 928 26.29 9.14 -52.28
CA ASN A 928 27.46 8.46 -51.73
C ASN A 928 28.17 9.32 -50.68
N SER A 929 28.41 10.59 -51.01
CA SER A 929 29.10 11.47 -50.07
C SER A 929 28.28 11.74 -48.82
N ALA A 930 26.96 11.80 -48.95
CA ALA A 930 26.11 12.02 -47.78
C ALA A 930 26.08 10.81 -46.86
N ILE A 931 26.06 9.60 -47.43
CA ILE A 931 26.03 8.40 -46.60
C ILE A 931 27.41 8.00 -46.09
N GLY A 932 28.47 8.56 -46.65
CA GLY A 932 29.79 8.27 -46.12
C GLY A 932 30.19 9.04 -44.88
N LYS A 933 29.37 9.98 -44.43
CA LYS A 933 29.68 10.78 -43.25
C LYS A 933 29.08 10.22 -41.97
N ILE A 934 28.02 9.41 -42.07
CA ILE A 934 27.42 8.83 -40.88
C ILE A 934 28.43 7.94 -40.14
N GLN A 935 29.27 7.23 -40.89
CA GLN A 935 30.26 6.37 -40.27
C GLN A 935 31.19 7.16 -39.36
N ASP A 936 31.75 8.25 -39.88
CA ASP A 936 32.67 9.05 -39.07
C ASP A 936 31.94 9.77 -37.96
N SER A 937 30.67 10.16 -38.18
CA SER A 937 29.90 10.78 -37.11
C SER A 937 29.69 9.82 -35.96
N LEU A 938 29.39 8.55 -36.26
CA LEU A 938 29.11 7.56 -35.22
C LEU A 938 30.37 6.93 -34.65
N SER A 939 31.52 7.08 -35.30
CA SER A 939 32.75 6.48 -34.80
C SER A 939 33.50 7.38 -33.83
N SER A 940 32.93 8.52 -33.44
CA SER A 940 33.59 9.46 -32.54
C SER A 940 32.91 9.57 -31.19
N THR A 941 31.61 9.86 -31.16
CA THR A 941 30.89 10.08 -29.91
C THR A 941 30.04 8.87 -29.58
N ALA A 942 29.99 8.53 -28.29
CA ALA A 942 29.20 7.40 -27.79
C ALA A 942 27.94 7.84 -27.09
N SER A 943 27.66 9.14 -27.02
CA SER A 943 26.47 9.65 -26.35
C SER A 943 25.28 9.79 -27.29
N ALA A 944 25.43 9.40 -28.56
CA ALA A 944 24.32 9.53 -29.50
C ALA A 944 23.13 8.67 -29.08
N LEU A 945 23.39 7.44 -28.64
CA LEU A 945 22.34 6.54 -28.18
C LEU A 945 22.10 6.75 -26.69
N GLY A 946 21.55 7.91 -26.38
CA GLY A 946 21.32 8.28 -24.99
C GLY A 946 20.00 7.80 -24.44
N LYS A 947 19.04 7.50 -25.31
CA LYS A 947 17.73 7.03 -24.87
C LYS A 947 17.60 5.52 -24.85
N LEU A 948 18.46 4.80 -25.56
CA LEU A 948 18.49 3.34 -25.46
C LEU A 948 19.20 2.85 -24.20
N GLN A 949 19.91 3.75 -23.50
CA GLN A 949 20.65 3.38 -22.29
C GLN A 949 19.91 3.72 -21.01
N ASP A 950 18.96 4.65 -21.05
CA ASP A 950 18.19 4.97 -19.85
C ASP A 950 17.36 3.78 -19.40
N VAL A 951 16.79 3.04 -20.36
CA VAL A 951 16.00 1.85 -20.00
C VAL A 951 16.89 0.81 -19.35
N VAL A 952 18.15 0.70 -19.79
CA VAL A 952 19.06 -0.24 -19.18
C VAL A 952 19.46 0.21 -17.77
N ASN A 953 19.75 1.50 -17.61
CA ASN A 953 20.12 2.02 -16.29
C ASN A 953 18.99 1.80 -15.30
N GLN A 954 17.75 2.12 -15.69
CA GLN A 954 16.59 1.73 -14.92
C GLN A 954 16.34 0.24 -15.11
N ASN A 955 15.53 -0.32 -14.22
CA ASN A 955 15.27 -1.77 -14.24
C ASN A 955 16.51 -2.52 -13.78
N ALA A 956 17.60 -1.79 -13.54
CA ALA A 956 18.83 -2.36 -13.04
C ALA A 956 19.25 -1.61 -11.78
N GLN A 957 18.99 -0.30 -11.75
CA GLN A 957 19.18 0.45 -10.52
C GLN A 957 18.02 0.29 -9.55
N ALA A 958 16.89 -0.23 -10.01
CA ALA A 958 15.73 -0.45 -9.15
C ALA A 958 15.67 -1.86 -8.57
N LEU A 959 16.56 -2.75 -9.00
CA LEU A 959 16.64 -4.10 -8.44
C LEU A 959 17.63 -4.20 -7.30
N ASN A 960 18.44 -3.17 -7.07
CA ASN A 960 19.36 -3.13 -5.94
C ASN A 960 18.74 -2.52 -4.70
N THR A 961 17.76 -1.63 -4.87
CA THR A 961 17.06 -1.08 -3.72
C THR A 961 16.31 -2.18 -2.97
N LEU A 962 15.77 -3.15 -3.70
CA LEU A 962 15.12 -4.28 -3.05
C LEU A 962 16.09 -5.00 -2.11
N VAL A 963 17.29 -5.28 -2.58
CA VAL A 963 18.27 -5.99 -1.76
C VAL A 963 18.72 -5.11 -0.60
N LYS A 964 18.89 -3.80 -0.84
CA LYS A 964 19.35 -2.92 0.22
C LYS A 964 18.30 -2.74 1.30
N GLN A 965 17.02 -2.85 0.96
CA GLN A 965 15.94 -2.66 1.93
C GLN A 965 15.72 -3.85 2.84
N LEU A 966 16.66 -4.80 2.88
CA LEU A 966 16.56 -5.95 3.77
C LEU A 966 17.26 -5.73 5.10
N SER A 967 17.78 -4.54 5.35
CA SER A 967 18.53 -4.23 6.56
C SER A 967 17.88 -3.10 7.33
N SER A 968 16.56 -3.15 7.49
CA SER A 968 15.81 -2.11 8.19
C SER A 968 14.86 -2.75 9.18
N ASN A 969 14.92 -2.32 10.44
CA ASN A 969 13.90 -2.71 11.40
C ASN A 969 12.60 -1.97 11.10
N PHE A 970 11.48 -2.67 11.26
CA PHE A 970 10.17 -2.07 11.06
C PHE A 970 9.42 -1.91 12.38
N GLY A 971 10.15 -1.65 13.46
CA GLY A 971 9.55 -1.55 14.77
C GLY A 971 9.78 -2.79 15.61
N ALA A 972 10.93 -3.43 15.42
CA ALA A 972 11.26 -4.68 16.10
C ALA A 972 12.62 -4.53 16.79
N ILE A 973 13.05 -5.61 17.45
CA ILE A 973 14.30 -5.58 18.18
C ILE A 973 15.48 -5.42 17.23
N SER A 974 15.53 -6.21 16.17
CA SER A 974 16.63 -6.16 15.22
C SER A 974 16.09 -6.53 13.84
N SER A 975 17.00 -6.76 12.89
CA SER A 975 16.63 -7.09 11.52
C SER A 975 17.20 -8.43 11.07
N VAL A 976 17.49 -9.34 11.99
CA VAL A 976 17.99 -10.67 11.66
C VAL A 976 17.08 -11.68 12.33
N LEU A 977 16.59 -12.64 11.55
CA LEU A 977 15.71 -13.67 12.10
C LEU A 977 16.44 -14.69 12.95
N ASN A 978 17.76 -14.75 12.89
CA ASN A 978 18.53 -15.69 13.68
C ASN A 978 18.96 -15.12 15.03
N ASP A 979 18.71 -13.84 15.28
CA ASP A 979 19.00 -13.22 16.57
C ASP A 979 17.75 -13.00 17.40
N ILE A 980 16.57 -13.04 16.79
CA ILE A 980 15.34 -12.98 17.56
C ILE A 980 14.92 -14.37 18.03
N LEU A 981 15.33 -15.42 17.33
CA LEU A 981 14.99 -16.79 17.68
C LEU A 981 16.02 -17.45 18.60
N SER A 982 17.14 -16.79 18.85
CA SER A 982 18.18 -17.33 19.71
C SER A 982 18.07 -16.86 21.15
N ARG A 983 17.13 -15.95 21.45
CA ARG A 983 17.01 -15.39 22.80
C ARG A 983 15.58 -15.36 23.34
N LEU A 984 14.57 -15.68 22.55
CA LEU A 984 13.19 -15.55 22.98
C LEU A 984 12.41 -16.82 22.65
N ASP A 985 11.43 -17.12 23.49
CA ASP A 985 10.57 -18.27 23.31
C ASP A 985 9.54 -18.01 22.22
N PRO A 986 8.94 -19.06 21.66
CA PRO A 986 8.04 -18.91 20.51
C PRO A 986 6.94 -17.91 20.78
N PRO A 987 6.31 -17.95 21.96
CA PRO A 987 5.23 -17.00 22.23
C PRO A 987 5.65 -15.54 22.13
N GLU A 988 6.89 -15.22 22.48
CA GLU A 988 7.38 -13.86 22.36
C GLU A 988 7.94 -13.56 20.97
N ALA A 989 8.56 -14.54 20.32
CA ALA A 989 9.12 -14.31 19.00
C ALA A 989 8.03 -14.13 17.94
N GLU A 990 6.88 -14.78 18.12
CA GLU A 990 5.80 -14.62 17.17
C GLU A 990 5.28 -13.19 17.13
N VAL A 991 5.38 -12.47 18.25
CA VAL A 991 4.91 -11.09 18.28
C VAL A 991 5.79 -10.21 17.40
N GLN A 992 7.11 -10.40 17.46
CA GLN A 992 8.04 -9.52 16.77
C GLN A 992 8.42 -10.02 15.37
N ILE A 993 8.02 -11.22 15.00
CA ILE A 993 8.29 -11.66 13.62
C ILE A 993 7.21 -11.15 12.68
N ASP A 994 5.99 -10.93 13.18
CA ASP A 994 4.91 -10.42 12.33
C ASP A 994 5.21 -9.02 11.81
N ARG A 995 5.84 -8.16 12.63
CA ARG A 995 6.20 -6.83 12.16
C ARG A 995 7.18 -6.90 10.99
N LEU A 996 8.21 -7.75 11.08
CA LEU A 996 9.12 -7.92 9.96
C LEU A 996 8.40 -8.48 8.74
N ILE A 997 7.50 -9.43 8.94
CA ILE A 997 6.80 -10.03 7.81
C ILE A 997 5.98 -8.98 7.08
N THR A 998 5.20 -8.19 7.82
CA THR A 998 4.38 -7.17 7.19
C THR A 998 5.19 -6.04 6.59
N GLY A 999 6.34 -5.70 7.18
CA GLY A 999 7.21 -4.71 6.60
C GLY A 999 7.81 -5.17 5.28
N ARG A 1000 8.28 -6.41 5.23
CA ARG A 1000 8.91 -6.93 4.04
C ARG A 1000 7.90 -7.28 2.95
N LEU A 1001 6.64 -7.52 3.31
CA LEU A 1001 5.61 -7.74 2.31
C LEU A 1001 5.13 -6.47 1.64
N GLN A 1002 5.52 -5.30 2.17
CA GLN A 1002 5.10 -4.02 1.60
C GLN A 1002 6.05 -3.51 0.53
N SER A 1003 7.32 -3.87 0.61
CA SER A 1003 8.30 -3.41 -0.37
C SER A 1003 8.33 -4.29 -1.62
N LEU A 1004 7.61 -5.41 -1.63
CA LEU A 1004 7.48 -6.24 -2.82
C LEU A 1004 6.30 -5.85 -3.68
N GLN A 1005 5.44 -4.94 -3.22
CA GLN A 1005 4.28 -4.48 -3.97
C GLN A 1005 4.52 -3.18 -4.71
N THR A 1006 5.28 -2.26 -4.11
CA THR A 1006 5.65 -1.04 -4.80
C THR A 1006 6.45 -1.34 -6.05
N TYR A 1007 7.36 -2.31 -5.97
CA TYR A 1007 8.15 -2.71 -7.13
C TYR A 1007 7.25 -3.19 -8.26
N VAL A 1008 6.29 -4.06 -7.95
CA VAL A 1008 5.39 -4.58 -8.99
C VAL A 1008 4.52 -3.46 -9.55
N THR A 1009 4.01 -2.59 -8.69
CA THR A 1009 3.15 -1.50 -9.19
C THR A 1009 3.93 -0.59 -10.13
N GLN A 1010 5.15 -0.23 -9.76
CA GLN A 1010 5.94 0.67 -10.60
C GLN A 1010 6.31 -0.02 -11.92
N GLN A 1011 6.65 -1.31 -11.87
CA GLN A 1011 6.95 -2.02 -13.12
C GLN A 1011 5.73 -2.07 -14.02
N LEU A 1012 4.55 -2.32 -13.44
CA LEU A 1012 3.33 -2.35 -14.23
C LEU A 1012 3.06 -0.98 -14.87
N ILE A 1013 3.28 0.09 -14.12
CA ILE A 1013 3.06 1.44 -14.65
C ILE A 1013 4.03 1.73 -15.79
N ARG A 1014 5.30 1.38 -15.60
CA ARG A 1014 6.34 1.77 -16.55
C ARG A 1014 6.44 0.85 -17.75
N ALA A 1015 5.85 -0.34 -17.70
CA ALA A 1015 5.84 -1.21 -18.87
C ALA A 1015 4.78 -0.82 -19.89
N ALA A 1016 3.90 0.13 -19.56
CA ALA A 1016 2.89 0.60 -20.48
C ALA A 1016 3.36 1.76 -21.35
N GLU A 1017 4.58 2.24 -21.14
CA GLU A 1017 5.14 3.29 -21.98
C GLU A 1017 5.99 2.75 -23.12
N ILE A 1018 6.49 1.51 -23.00
CA ILE A 1018 7.22 0.90 -24.09
C ILE A 1018 6.28 0.37 -25.17
N ARG A 1019 5.05 0.02 -24.79
CA ARG A 1019 4.09 -0.48 -25.76
C ARG A 1019 3.74 0.59 -26.79
N ALA A 1020 3.58 1.84 -26.34
CA ALA A 1020 3.31 2.92 -27.28
C ALA A 1020 4.46 3.11 -28.26
N SER A 1021 5.70 3.08 -27.77
CA SER A 1021 6.86 3.19 -28.66
C SER A 1021 6.92 2.03 -29.65
N ALA A 1022 6.64 0.81 -29.20
CA ALA A 1022 6.61 -0.32 -30.12
C ALA A 1022 5.52 -0.16 -31.18
N ASN A 1023 4.34 0.32 -30.80
CA ASN A 1023 3.28 0.55 -31.78
C ASN A 1023 3.70 1.63 -32.78
N LEU A 1024 4.34 2.70 -32.30
CA LEU A 1024 4.79 3.75 -33.21
C LEU A 1024 5.82 3.21 -34.20
N ALA A 1025 6.77 2.41 -33.72
CA ALA A 1025 7.75 1.83 -34.62
C ALA A 1025 7.11 0.88 -35.64
N ALA A 1026 6.13 0.08 -35.19
CA ALA A 1026 5.45 -0.81 -36.12
C ALA A 1026 4.71 -0.03 -37.20
N THR A 1027 4.07 1.08 -36.81
CA THR A 1027 3.37 1.91 -37.80
C THR A 1027 4.34 2.61 -38.74
N LYS A 1028 5.51 3.02 -38.23
CA LYS A 1028 6.50 3.72 -39.04
C LYS A 1028 7.28 2.80 -39.96
N MET A 1029 7.33 1.49 -39.68
CA MET A 1029 8.01 0.56 -40.56
C MET A 1029 7.16 0.12 -41.74
N SER A 1030 5.86 0.38 -41.72
CA SER A 1030 4.97 -0.02 -42.80
C SER A 1030 4.67 1.11 -43.78
N GLU A 1031 4.95 2.35 -43.43
CA GLU A 1031 4.60 3.49 -44.25
C GLU A 1031 5.79 4.25 -44.82
N CYS A 1032 6.93 4.27 -44.13
CA CYS A 1032 8.14 4.88 -44.67
C CYS A 1032 9.06 3.88 -45.33
N VAL A 1033 9.04 2.61 -44.91
CA VAL A 1033 9.95 1.61 -45.46
C VAL A 1033 9.30 0.73 -46.52
N LEU A 1034 7.98 0.63 -46.56
CA LEU A 1034 7.27 -0.17 -47.55
C LEU A 1034 6.46 0.68 -48.52
N GLY A 1035 6.77 1.97 -48.62
CA GLY A 1035 6.03 2.84 -49.50
C GLY A 1035 6.60 4.24 -49.46
N GLN A 1036 5.82 5.19 -49.96
CA GLN A 1036 6.18 6.60 -49.92
C GLN A 1036 5.10 7.37 -49.18
N SER A 1037 5.52 8.27 -48.31
CA SER A 1037 4.62 8.96 -47.39
C SER A 1037 4.42 10.41 -47.82
N LYS A 1038 3.17 10.86 -47.77
CA LYS A 1038 2.82 12.25 -48.05
C LYS A 1038 2.54 13.06 -46.79
N ARG A 1039 2.62 12.45 -45.62
CA ARG A 1039 2.37 13.15 -44.37
C ARG A 1039 3.59 13.99 -44.00
N VAL A 1040 3.35 15.23 -43.57
CA VAL A 1040 4.43 16.18 -43.37
C VAL A 1040 5.19 15.85 -42.10
N ASP A 1041 6.52 15.83 -42.20
CA ASP A 1041 7.41 15.65 -41.05
C ASP A 1041 7.12 14.35 -40.31
N PHE A 1042 6.79 13.30 -41.06
CA PHE A 1042 6.59 11.97 -40.48
C PHE A 1042 7.82 11.09 -40.63
N CYS A 1043 8.40 11.03 -41.83
CA CYS A 1043 9.60 10.23 -42.09
C CYS A 1043 10.79 11.13 -42.43
N GLY A 1044 10.92 12.25 -41.74
CA GLY A 1044 12.07 13.13 -41.89
C GLY A 1044 11.65 14.55 -42.23
N LYS A 1045 12.67 15.38 -42.50
CA LYS A 1045 12.49 16.78 -42.85
C LYS A 1045 12.75 16.95 -44.35
N GLY A 1046 11.75 17.47 -45.07
CA GLY A 1046 11.84 17.64 -46.51
C GLY A 1046 10.76 16.84 -47.23
N TYR A 1047 11.10 16.38 -48.43
CA TYR A 1047 10.23 15.54 -49.23
C TYR A 1047 10.76 14.11 -49.22
N HIS A 1048 9.91 13.17 -48.81
CA HIS A 1048 10.32 11.79 -48.58
C HIS A 1048 10.58 11.07 -49.89
N LEU A 1049 11.70 10.35 -49.96
CA LEU A 1049 12.01 9.51 -51.10
C LEU A 1049 12.06 8.02 -50.74
N MET A 1050 12.87 7.64 -49.76
CA MET A 1050 13.00 6.24 -49.35
C MET A 1050 13.71 6.18 -48.01
N SER A 1051 13.70 4.99 -47.40
CA SER A 1051 14.29 4.80 -46.08
C SER A 1051 14.77 3.37 -45.92
N PHE A 1052 15.70 3.16 -44.99
CA PHE A 1052 16.31 1.86 -44.71
C PHE A 1052 16.37 1.61 -43.21
N PRO A 1053 16.06 0.38 -42.76
CA PRO A 1053 16.12 0.07 -41.34
C PRO A 1053 17.46 -0.53 -40.91
N GLN A 1054 17.66 -0.54 -39.59
CA GLN A 1054 18.79 -1.21 -38.97
C GLN A 1054 18.40 -1.61 -37.55
N SER A 1055 19.20 -2.49 -36.96
CA SER A 1055 18.89 -3.07 -35.65
C SER A 1055 19.95 -2.65 -34.62
N ALA A 1056 19.48 -2.35 -33.42
CA ALA A 1056 20.33 -1.98 -32.29
C ALA A 1056 19.85 -2.74 -31.07
N PRO A 1057 20.67 -2.81 -30.03
CA PRO A 1057 20.30 -3.59 -28.84
C PRO A 1057 19.09 -2.99 -28.14
N HIS A 1058 17.98 -3.74 -28.14
CA HIS A 1058 16.73 -3.33 -27.50
C HIS A 1058 16.02 -2.21 -28.25
N GLY A 1059 16.34 -2.01 -29.52
CA GLY A 1059 15.72 -0.91 -30.25
C GLY A 1059 15.98 -1.04 -31.74
N VAL A 1060 15.55 -0.02 -32.47
CA VAL A 1060 15.68 0.03 -33.92
C VAL A 1060 16.17 1.41 -34.34
N VAL A 1061 16.71 1.48 -35.55
CA VAL A 1061 17.26 2.72 -36.09
C VAL A 1061 16.81 2.87 -37.54
N PHE A 1062 16.49 4.09 -37.93
CA PHE A 1062 16.03 4.40 -39.28
C PHE A 1062 16.96 5.41 -39.94
N LEU A 1063 17.07 5.33 -41.27
CA LEU A 1063 17.81 6.28 -42.07
C LEU A 1063 16.89 6.82 -43.16
N HIS A 1064 16.74 8.14 -43.21
CA HIS A 1064 15.77 8.78 -44.10
C HIS A 1064 16.49 9.60 -45.17
N VAL A 1065 15.96 9.55 -46.39
CA VAL A 1065 16.49 10.30 -47.53
C VAL A 1065 15.43 11.30 -47.99
N THR A 1066 15.83 12.55 -48.16
CA THR A 1066 14.89 13.63 -48.48
C THR A 1066 15.47 14.53 -49.56
N TYR A 1067 14.61 15.40 -50.08
CA TYR A 1067 14.93 16.32 -51.17
C TYR A 1067 14.79 17.75 -50.67
N VAL A 1068 15.79 18.58 -50.94
CA VAL A 1068 15.80 19.95 -50.43
C VAL A 1068 16.17 20.94 -51.54
N PRO A 1069 15.39 21.98 -51.76
CA PRO A 1069 15.71 22.98 -52.80
C PRO A 1069 16.82 23.92 -52.35
N ALA A 1070 17.20 24.82 -53.25
CA ALA A 1070 18.26 25.78 -52.99
C ALA A 1070 18.37 26.76 -54.15
N GLN A 1071 19.04 27.89 -53.89
CA GLN A 1071 19.42 28.87 -54.92
C GLN A 1071 18.19 29.43 -55.64
N GLU A 1072 17.38 30.17 -54.89
CA GLU A 1072 16.17 30.79 -55.41
C GLU A 1072 16.48 32.11 -56.12
N LYS A 1073 15.46 32.65 -56.78
CA LYS A 1073 15.57 33.89 -57.54
C LYS A 1073 14.20 34.55 -57.62
N ASN A 1074 14.19 35.82 -58.02
CA ASN A 1074 12.98 36.63 -58.06
C ASN A 1074 12.53 36.86 -59.50
N PHE A 1075 11.21 36.88 -59.70
CA PHE A 1075 10.61 37.12 -61.01
C PHE A 1075 9.36 37.98 -60.81
N THR A 1076 8.54 38.06 -61.86
CA THR A 1076 7.26 38.77 -61.82
C THR A 1076 6.17 37.86 -62.35
N THR A 1077 5.00 37.92 -61.74
CA THR A 1077 3.91 36.99 -62.04
C THR A 1077 2.63 37.75 -62.40
N ALA A 1078 1.66 36.99 -62.92
CA ALA A 1078 0.36 37.51 -63.31
C ALA A 1078 -0.65 36.37 -63.29
N PRO A 1079 -1.86 36.60 -62.79
CA PRO A 1079 -2.85 35.50 -62.72
C PRO A 1079 -3.22 34.92 -64.06
N ALA A 1080 -3.29 35.75 -65.11
CA ALA A 1080 -3.72 35.30 -66.43
C ALA A 1080 -3.21 36.28 -67.47
N ILE A 1081 -3.50 35.99 -68.73
CA ILE A 1081 -3.10 36.85 -69.85
C ILE A 1081 -4.28 36.96 -70.81
N CYS A 1082 -4.42 38.14 -71.42
CA CYS A 1082 -5.52 38.44 -72.33
C CYS A 1082 -5.02 38.45 -73.76
N HIS A 1083 -5.69 37.69 -74.62
CA HIS A 1083 -5.31 37.59 -76.04
C HIS A 1083 -6.59 37.50 -76.87
N ASP A 1084 -6.91 38.57 -77.60
CA ASP A 1084 -8.07 38.60 -78.46
C ASP A 1084 -9.38 38.68 -77.67
N GLY A 1085 -9.34 39.32 -76.50
CA GLY A 1085 -10.54 39.44 -75.69
C GLY A 1085 -10.93 38.20 -74.94
N LYS A 1086 -9.99 37.29 -74.68
CA LYS A 1086 -10.27 36.06 -73.95
C LYS A 1086 -9.19 35.86 -72.88
N ALA A 1087 -9.55 35.13 -71.83
CA ALA A 1087 -8.66 34.89 -70.70
C ALA A 1087 -8.10 33.48 -70.78
N HIS A 1088 -6.79 33.35 -70.60
CA HIS A 1088 -6.09 32.07 -70.68
C HIS A 1088 -5.42 31.78 -69.34
N PHE A 1089 -5.67 30.59 -68.81
CA PHE A 1089 -5.08 30.14 -67.55
C PHE A 1089 -4.10 28.99 -67.80
N PRO A 1090 -3.09 28.83 -66.94
CA PRO A 1090 -2.11 27.77 -67.16
C PRO A 1090 -2.70 26.40 -66.85
N ARG A 1091 -2.05 25.37 -67.41
CA ARG A 1091 -2.47 24.00 -67.15
C ARG A 1091 -1.75 23.42 -65.94
N GLU A 1092 -0.42 23.50 -65.91
CA GLU A 1092 0.36 23.05 -64.77
C GLU A 1092 1.63 23.90 -64.71
N GLY A 1093 1.59 24.94 -63.89
CA GLY A 1093 2.72 25.84 -63.76
C GLY A 1093 2.25 27.23 -63.40
N VAL A 1094 3.17 28.19 -63.55
CA VAL A 1094 2.90 29.59 -63.26
C VAL A 1094 3.44 30.44 -64.41
N PHE A 1095 2.92 31.66 -64.49
CA PHE A 1095 3.39 32.64 -65.47
C PHE A 1095 4.48 33.49 -64.84
N VAL A 1096 5.61 33.64 -65.54
CA VAL A 1096 6.73 34.42 -65.05
C VAL A 1096 7.29 35.26 -66.18
N SER A 1097 8.01 36.32 -65.82
CA SER A 1097 8.64 37.21 -66.78
C SER A 1097 9.97 37.69 -66.22
N ASN A 1098 10.98 37.78 -67.08
CA ASN A 1098 12.29 38.29 -66.70
C ASN A 1098 12.44 39.78 -66.94
N GLY A 1099 11.36 40.46 -67.36
CA GLY A 1099 11.37 41.88 -67.63
C GLY A 1099 10.91 42.24 -69.03
N THR A 1100 11.08 41.33 -69.98
CA THR A 1100 10.70 41.59 -71.36
C THR A 1100 9.96 40.44 -72.04
N HIS A 1101 9.93 39.25 -71.44
CA HIS A 1101 9.29 38.10 -72.06
C HIS A 1101 8.47 37.35 -71.02
N TRP A 1102 7.51 36.58 -71.48
CA TRP A 1102 6.64 35.78 -70.62
C TRP A 1102 6.76 34.30 -70.98
N PHE A 1103 6.89 33.46 -69.96
CA PHE A 1103 7.03 32.02 -70.15
C PHE A 1103 6.09 31.25 -69.23
N VAL A 1104 6.23 29.93 -69.20
CA VAL A 1104 5.58 29.08 -68.20
C VAL A 1104 6.65 28.18 -67.60
N THR A 1105 6.39 27.70 -66.39
CA THR A 1105 7.34 26.85 -65.70
C THR A 1105 6.61 26.05 -64.62
N GLN A 1106 7.25 24.97 -64.18
CA GLN A 1106 6.75 24.22 -63.04
C GLN A 1106 7.07 24.97 -61.75
N ARG A 1107 6.41 24.55 -60.67
CA ARG A 1107 6.44 25.29 -59.42
C ARG A 1107 7.62 24.94 -58.52
N ASN A 1108 8.45 23.97 -58.90
CA ASN A 1108 9.54 23.53 -58.03
C ASN A 1108 10.90 23.50 -58.72
N PHE A 1109 10.99 23.91 -59.98
CA PHE A 1109 12.25 23.95 -60.70
C PHE A 1109 12.13 24.96 -61.82
N TYR A 1110 13.26 25.57 -62.18
CA TYR A 1110 13.27 26.61 -63.21
C TYR A 1110 13.52 25.97 -64.57
N GLU A 1111 12.53 26.05 -65.45
CA GLU A 1111 12.62 25.47 -66.79
C GLU A 1111 11.63 26.18 -67.69
N PRO A 1112 12.02 27.32 -68.28
CA PRO A 1112 11.06 28.13 -69.03
C PRO A 1112 10.64 27.46 -70.34
N GLN A 1113 9.48 27.90 -70.84
CA GLN A 1113 8.97 27.46 -72.12
C GLN A 1113 8.09 28.56 -72.70
N ILE A 1114 7.92 28.54 -74.02
CA ILE A 1114 7.16 29.57 -74.71
C ILE A 1114 5.68 29.21 -74.68
N ILE A 1115 4.84 30.21 -74.37
CA ILE A 1115 3.41 29.98 -74.25
C ILE A 1115 2.83 29.59 -75.60
N THR A 1116 2.00 28.55 -75.61
CA THR A 1116 1.29 28.12 -76.80
C THR A 1116 -0.15 27.81 -76.41
N THR A 1117 -0.89 27.20 -77.32
CA THR A 1117 -2.28 26.81 -77.06
C THR A 1117 -2.39 25.40 -76.50
N ASP A 1118 -1.26 24.73 -76.22
CA ASP A 1118 -1.27 23.37 -75.73
C ASP A 1118 -1.10 23.27 -74.22
N ASN A 1119 -0.44 24.24 -73.58
CA ASN A 1119 -0.24 24.23 -72.14
C ASN A 1119 -1.12 25.24 -71.41
N THR A 1120 -2.21 25.68 -72.04
CA THR A 1120 -3.15 26.59 -71.42
C THR A 1120 -4.56 26.20 -71.82
N PHE A 1121 -5.54 26.68 -71.06
CA PHE A 1121 -6.95 26.52 -71.40
C PHE A 1121 -7.66 27.85 -71.24
N VAL A 1122 -8.73 28.04 -72.02
CA VAL A 1122 -9.43 29.32 -72.10
C VAL A 1122 -10.77 29.21 -71.40
N SER A 1123 -11.20 30.31 -70.79
CA SER A 1123 -12.49 30.35 -70.13
C SER A 1123 -12.89 31.80 -69.88
N GLY A 1124 -14.03 32.21 -70.41
CA GLY A 1124 -14.62 33.50 -70.07
C GLY A 1124 -14.08 34.66 -70.89
N ASN A 1125 -14.57 35.84 -70.54
CA ASN A 1125 -14.15 37.09 -71.18
C ASN A 1125 -13.04 37.74 -70.36
N CYS A 1126 -12.68 38.97 -70.69
CA CYS A 1126 -11.47 39.62 -70.21
C CYS A 1126 -11.78 40.87 -69.40
N ASP A 1127 -12.84 40.83 -68.58
CA ASP A 1127 -13.18 42.00 -67.76
C ASP A 1127 -13.65 41.58 -66.37
N VAL A 1128 -13.12 40.48 -65.84
CA VAL A 1128 -13.51 40.03 -64.50
C VAL A 1128 -12.27 39.85 -63.64
N VAL A 1129 -11.29 39.10 -64.14
CA VAL A 1129 -10.12 38.80 -63.35
C VAL A 1129 -9.37 40.09 -63.00
N ILE A 1130 -8.71 40.09 -61.85
CA ILE A 1130 -7.98 41.24 -61.35
C ILE A 1130 -6.49 40.96 -61.51
N GLY A 1131 -5.80 41.86 -62.20
CA GLY A 1131 -4.38 41.68 -62.48
C GLY A 1131 -4.06 41.09 -63.84
N ILE A 1132 -5.03 41.01 -64.74
CA ILE A 1132 -4.78 40.42 -66.05
C ILE A 1132 -3.72 41.23 -66.80
N VAL A 1133 -3.11 40.59 -67.80
CA VAL A 1133 -2.02 41.17 -68.56
C VAL A 1133 -2.27 40.94 -70.04
N ASN A 1134 -1.70 41.81 -70.88
CA ASN A 1134 -1.85 41.73 -72.32
C ASN A 1134 -0.62 41.08 -72.94
N ASN A 1135 -0.82 40.03 -73.72
CA ASN A 1135 0.27 39.33 -74.38
C ASN A 1135 -0.29 38.57 -75.57
N THR A 1136 0.52 37.66 -76.12
CA THR A 1136 0.18 36.90 -77.32
C THR A 1136 0.38 35.42 -77.08
N VAL A 1137 -0.46 34.61 -77.73
CA VAL A 1137 -0.42 33.15 -77.64
C VAL A 1137 -0.23 32.60 -79.05
N TYR A 1138 0.67 31.63 -79.19
CA TYR A 1138 1.11 31.14 -80.49
C TYR A 1138 0.46 29.81 -80.80
N ASP A 1139 -0.17 29.72 -81.97
CA ASP A 1139 -0.78 28.48 -82.42
C ASP A 1139 0.30 27.53 -82.93
N PRO A 1140 0.41 26.31 -82.40
CA PRO A 1140 1.60 25.49 -82.67
C PRO A 1140 1.80 25.18 -84.15
N LEU A 1141 0.85 24.47 -84.77
CA LEU A 1141 1.02 24.05 -86.15
C LEU A 1141 -0.21 24.22 -87.03
N GLN A 1142 -1.42 24.27 -86.47
CA GLN A 1142 -2.62 24.22 -87.29
C GLN A 1142 -2.64 25.31 -88.36
N PRO A 1143 -2.40 26.58 -88.04
CA PRO A 1143 -2.44 27.62 -89.08
C PRO A 1143 -1.10 27.94 -89.71
N GLU A 1144 0.00 27.40 -89.19
CA GLU A 1144 1.32 27.69 -89.75
C GLU A 1144 1.82 26.52 -90.58
N ALA B 27 -52.64 18.28 22.16
CA ALA B 27 -52.06 17.20 22.95
C ALA B 27 -50.95 16.49 22.18
N TYR B 28 -50.55 17.06 21.05
CA TYR B 28 -49.48 16.49 20.24
C TYR B 28 -48.92 17.58 19.35
N THR B 29 -47.61 17.79 19.42
CA THR B 29 -46.93 18.77 18.59
C THR B 29 -45.57 18.20 18.17
N ASN B 30 -45.02 18.74 17.08
CA ASN B 30 -43.72 18.34 16.59
C ASN B 30 -42.73 19.48 16.67
N SER B 31 -41.47 19.14 16.92
CA SER B 31 -40.38 20.10 16.97
C SER B 31 -39.56 19.95 15.69
N PHE B 32 -39.35 21.07 14.99
CA PHE B 32 -38.72 21.00 13.68
C PHE B 32 -37.21 20.79 13.80
N THR B 33 -36.51 21.77 14.37
CA THR B 33 -35.05 21.71 14.46
C THR B 33 -34.55 22.22 15.80
N ARG B 34 -35.33 22.02 16.86
CA ARG B 34 -34.98 22.56 18.18
C ARG B 34 -34.32 21.49 19.04
N GLY B 35 -33.32 21.92 19.80
CA GLY B 35 -32.59 21.05 20.71
C GLY B 35 -31.19 20.75 20.20
N VAL B 36 -30.21 21.50 20.69
CA VAL B 36 -28.82 21.36 20.30
C VAL B 36 -27.97 21.98 21.40
N TYR B 37 -26.91 21.27 21.78
CA TYR B 37 -26.01 21.71 22.85
C TYR B 37 -24.57 21.56 22.41
N TYR B 38 -23.71 22.38 22.99
CA TYR B 38 -22.27 22.30 22.72
C TYR B 38 -21.73 20.98 23.22
N PRO B 39 -21.13 20.14 22.38
CA PRO B 39 -20.61 18.84 22.83
C PRO B 39 -19.19 18.86 23.37
N ASP B 40 -18.54 20.01 23.44
CA ASP B 40 -17.16 20.08 23.91
C ASP B 40 -16.86 21.51 24.32
N LYS B 41 -15.70 21.69 24.98
CA LYS B 41 -15.24 23.00 25.42
C LYS B 41 -13.93 23.31 24.70
N VAL B 42 -14.06 23.85 23.48
CA VAL B 42 -12.90 24.24 22.68
C VAL B 42 -13.37 25.28 21.67
N PHE B 43 -12.50 26.24 21.38
CA PHE B 43 -12.83 27.27 20.40
C PHE B 43 -12.70 26.74 18.99
N ARG B 44 -13.57 27.22 18.11
CA ARG B 44 -13.51 26.88 16.70
C ARG B 44 -14.22 27.96 15.91
N SER B 45 -13.82 28.13 14.64
CA SER B 45 -14.37 29.20 13.82
C SER B 45 -14.29 28.82 12.35
N SER B 46 -15.36 29.12 11.62
CA SER B 46 -15.40 28.97 10.16
C SER B 46 -14.95 27.57 9.73
N VAL B 47 -15.71 26.57 10.17
CA VAL B 47 -15.41 25.18 9.84
C VAL B 47 -16.67 24.36 10.10
N LEU B 48 -16.75 23.19 9.46
CA LEU B 48 -17.85 22.25 9.64
C LEU B 48 -17.33 21.04 10.39
N HIS B 49 -18.08 20.58 11.38
CA HIS B 49 -17.66 19.49 12.25
C HIS B 49 -18.78 18.45 12.35
N SER B 50 -18.37 17.20 12.53
CA SER B 50 -19.29 16.08 12.62
C SER B 50 -19.10 15.36 13.95
N THR B 51 -20.21 14.98 14.59
CA THR B 51 -20.16 14.34 15.90
C THR B 51 -21.29 13.34 16.02
N GLN B 52 -21.12 12.40 16.95
CA GLN B 52 -22.14 11.43 17.31
C GLN B 52 -22.40 11.51 18.81
N ASP B 53 -23.66 11.71 19.18
CA ASP B 53 -24.04 11.89 20.57
C ASP B 53 -25.50 11.52 20.74
N LEU B 54 -26.09 11.90 21.87
CA LEU B 54 -27.52 11.69 22.14
C LEU B 54 -28.24 12.99 21.86
N PHE B 55 -28.96 13.05 20.74
CA PHE B 55 -29.63 14.26 20.29
C PHE B 55 -31.13 14.00 20.14
N LEU B 56 -31.89 15.09 20.04
CA LEU B 56 -33.32 15.00 19.79
C LEU B 56 -33.58 15.07 18.29
N PRO B 57 -34.16 14.04 17.68
CA PRO B 57 -34.29 14.02 16.22
C PRO B 57 -35.08 15.21 15.69
N PHE B 58 -35.08 15.33 14.36
CA PHE B 58 -35.76 16.41 13.68
C PHE B 58 -37.18 16.00 13.29
N PHE B 59 -38.11 16.94 13.42
CA PHE B 59 -39.51 16.71 13.06
C PHE B 59 -40.05 15.46 13.76
N SER B 60 -40.05 15.50 15.08
CA SER B 60 -40.45 14.37 15.91
C SER B 60 -41.64 14.77 16.78
N ASN B 61 -42.36 13.75 17.25
CA ASN B 61 -43.56 13.97 18.04
C ASN B 61 -43.21 14.52 19.43
N VAL B 62 -44.12 15.32 19.97
CA VAL B 62 -43.91 15.97 21.27
C VAL B 62 -45.28 16.18 21.91
N THR B 63 -45.31 16.15 23.24
CA THR B 63 -46.55 16.24 24.00
C THR B 63 -46.72 17.64 24.57
N TRP B 64 -47.98 17.95 24.90
CA TRP B 64 -48.36 19.27 25.39
C TRP B 64 -49.17 19.10 26.68
N PHE B 65 -48.78 19.83 27.71
CA PHE B 65 -49.47 19.79 29.00
C PHE B 65 -49.94 21.19 29.37
N HIS B 66 -51.17 21.26 29.87
CA HIS B 66 -51.84 22.53 30.12
C HIS B 66 -52.04 22.77 31.61
N ALA B 67 -52.18 24.03 31.97
CA ALA B 67 -52.61 24.43 33.32
C ALA B 67 -53.38 25.74 33.16
N ILE B 68 -54.70 25.61 33.01
CA ILE B 68 -55.58 26.74 32.75
C ILE B 68 -56.83 26.61 33.59
N HIS B 69 -57.29 27.73 34.16
CA HIS B 69 -58.52 27.80 34.94
C HIS B 69 -59.49 28.73 34.24
N VAL B 70 -60.53 28.17 33.64
CA VAL B 70 -61.50 28.95 32.89
C VAL B 70 -62.04 30.11 33.71
N THR B 76 -63.46 24.33 32.71
CA THR B 76 -62.98 23.27 33.61
C THR B 76 -61.50 23.46 33.94
N LYS B 77 -61.19 23.56 35.23
CA LYS B 77 -59.82 23.72 35.66
C LYS B 77 -59.01 22.47 35.35
N ARG B 78 -57.70 22.66 35.13
CA ARG B 78 -56.79 21.56 34.88
C ARG B 78 -55.50 21.78 35.66
N PHE B 79 -54.86 20.68 36.03
CA PHE B 79 -53.62 20.73 36.81
C PHE B 79 -52.86 19.44 36.49
N ASP B 80 -51.85 19.56 35.64
CA ASP B 80 -51.18 18.40 35.07
C ASP B 80 -49.82 18.20 35.76
N ASN B 81 -49.69 17.10 36.48
CA ASN B 81 -48.40 16.70 37.06
C ASN B 81 -48.30 15.18 37.12
N PRO B 82 -48.48 14.48 36.00
CA PRO B 82 -48.40 13.02 36.02
C PRO B 82 -46.95 12.53 36.07
N VAL B 83 -46.81 11.26 36.41
CA VAL B 83 -45.51 10.61 36.49
C VAL B 83 -45.20 10.00 35.12
N LEU B 84 -44.03 10.29 34.59
CA LEU B 84 -43.63 9.90 33.25
C LEU B 84 -42.30 9.18 33.28
N PRO B 85 -42.01 8.37 32.28
CA PRO B 85 -40.74 7.62 32.27
C PRO B 85 -39.55 8.53 32.03
N PHE B 86 -38.36 7.94 32.20
CA PHE B 86 -37.07 8.62 31.98
C PHE B 86 -36.19 7.59 31.29
N ASN B 87 -36.23 7.55 29.96
CA ASN B 87 -35.63 6.44 29.23
C ASN B 87 -34.11 6.59 29.11
N ASP B 88 -33.66 7.62 28.40
CA ASP B 88 -32.24 7.93 28.26
C ASP B 88 -31.91 9.39 28.46
N GLY B 89 -32.87 10.28 28.31
CA GLY B 89 -32.67 11.71 28.50
C GLY B 89 -34.01 12.39 28.46
N VAL B 90 -33.98 13.72 28.53
CA VAL B 90 -35.22 14.49 28.51
C VAL B 90 -34.94 15.89 28.00
N TYR B 91 -35.79 16.37 27.09
CA TYR B 91 -35.78 17.75 26.64
C TYR B 91 -37.04 18.42 27.18
N PHE B 92 -36.87 19.50 27.92
CA PHE B 92 -37.97 20.17 28.60
C PHE B 92 -38.03 21.62 28.15
N ALA B 93 -39.25 22.12 27.94
CA ALA B 93 -39.45 23.50 27.52
C ALA B 93 -40.72 24.03 28.16
N SER B 94 -40.69 25.30 28.58
CA SER B 94 -41.84 25.93 29.21
C SER B 94 -41.92 27.38 28.79
N THR B 95 -43.14 27.83 28.48
CA THR B 95 -43.42 29.22 28.16
C THR B 95 -44.42 29.75 29.19
N GLU B 96 -44.11 30.90 29.78
CA GLU B 96 -44.95 31.42 30.85
C GLU B 96 -44.75 32.91 30.98
N LYS B 97 -45.75 33.57 31.56
CA LYS B 97 -45.70 34.99 31.90
C LYS B 97 -45.49 35.21 33.40
N SER B 98 -46.19 34.47 34.24
CA SER B 98 -46.01 34.50 35.68
C SER B 98 -45.45 33.16 36.14
N ASN B 99 -44.47 33.21 37.04
CA ASN B 99 -43.74 32.01 37.45
C ASN B 99 -44.67 30.99 38.10
N ILE B 100 -44.89 29.86 37.43
CA ILE B 100 -45.73 28.80 37.94
C ILE B 100 -45.07 27.43 37.86
N ILE B 101 -43.81 27.35 37.42
CA ILE B 101 -43.05 26.10 37.38
C ILE B 101 -41.79 26.31 38.20
N ARG B 102 -41.53 25.39 39.13
CA ARG B 102 -40.49 25.59 40.14
C ARG B 102 -39.35 24.60 40.06
N GLY B 103 -39.63 23.30 40.06
CA GLY B 103 -38.57 22.33 40.10
C GLY B 103 -39.03 20.96 39.63
N TRP B 104 -38.24 19.95 40.00
CA TRP B 104 -38.50 18.56 39.62
C TRP B 104 -38.05 17.63 40.74
N ILE B 105 -38.55 16.40 40.70
CA ILE B 105 -38.15 15.35 41.62
C ILE B 105 -37.89 14.09 40.80
N PHE B 106 -36.78 13.42 41.07
CA PHE B 106 -36.37 12.23 40.33
C PHE B 106 -36.23 11.05 41.29
N GLY B 107 -36.42 9.85 40.77
CA GLY B 107 -36.30 8.67 41.61
C GLY B 107 -36.68 7.42 40.84
N THR B 108 -36.76 6.31 41.59
CA THR B 108 -37.11 5.00 41.04
C THR B 108 -38.46 4.50 41.53
N THR B 109 -38.67 4.44 42.84
CA THR B 109 -39.95 4.04 43.40
C THR B 109 -40.67 5.15 44.13
N LEU B 110 -40.00 6.27 44.38
CA LEU B 110 -40.61 7.46 44.97
C LEU B 110 -41.34 7.11 46.28
N ASP B 111 -40.59 6.52 47.19
CA ASP B 111 -41.07 6.28 48.56
C ASP B 111 -39.85 6.12 49.47
N SER B 112 -40.09 5.64 50.68
CA SER B 112 -39.07 5.62 51.72
C SER B 112 -38.24 4.33 51.71
N LYS B 113 -38.15 3.65 50.58
CA LYS B 113 -37.34 2.45 50.47
C LYS B 113 -36.12 2.62 49.57
N THR B 114 -35.93 3.80 48.98
CA THR B 114 -34.79 4.05 48.11
C THR B 114 -34.39 5.52 48.21
N GLN B 115 -33.35 5.88 47.48
CA GLN B 115 -32.87 7.25 47.43
C GLN B 115 -33.50 8.00 46.25
N SER B 116 -33.62 9.32 46.40
CA SER B 116 -34.23 10.16 45.38
C SER B 116 -33.48 11.49 45.34
N LEU B 117 -33.88 12.35 44.41
CA LEU B 117 -33.25 13.65 44.20
C LEU B 117 -34.31 14.73 44.14
N LEU B 118 -33.97 15.91 44.62
CA LEU B 118 -34.91 17.03 44.68
C LEU B 118 -34.22 18.32 44.22
N ILE B 119 -34.84 19.02 43.29
CA ILE B 119 -34.43 20.36 42.89
C ILE B 119 -35.64 21.26 43.03
N VAL B 120 -35.54 22.29 43.88
CA VAL B 120 -36.68 23.11 44.25
C VAL B 120 -36.29 24.58 44.20
N ASN B 121 -37.31 25.44 44.14
CA ASN B 121 -37.14 26.88 44.22
C ASN B 121 -38.21 27.39 45.18
N ASN B 122 -37.84 27.59 46.44
CA ASN B 122 -38.78 27.97 47.49
C ASN B 122 -38.99 29.49 47.57
N ALA B 123 -38.69 30.22 46.50
CA ALA B 123 -38.90 31.66 46.38
C ALA B 123 -37.90 32.47 47.19
N THR B 124 -36.90 31.86 47.80
CA THR B 124 -35.89 32.62 48.53
C THR B 124 -34.49 32.18 48.18
N ASN B 125 -34.34 30.94 47.69
CA ASN B 125 -33.04 30.43 47.28
C ASN B 125 -33.24 29.06 46.64
N VAL B 126 -32.19 28.60 45.97
CA VAL B 126 -32.20 27.31 45.28
C VAL B 126 -31.68 26.23 46.22
N VAL B 127 -32.39 25.12 46.30
CA VAL B 127 -32.08 24.05 47.24
C VAL B 127 -31.94 22.74 46.46
N ILE B 128 -30.91 21.96 46.79
CA ILE B 128 -30.69 20.64 46.22
C ILE B 128 -30.45 19.67 47.38
N LYS B 129 -31.12 18.53 47.36
CA LYS B 129 -31.02 17.56 48.44
C LYS B 129 -31.18 16.16 47.87
N VAL B 130 -30.44 15.21 48.45
CA VAL B 130 -30.50 13.80 48.05
C VAL B 130 -30.74 12.99 49.31
N CYS B 131 -32.01 12.75 49.64
CA CYS B 131 -32.36 12.00 50.84
C CYS B 131 -33.35 10.88 50.52
N GLU B 132 -33.90 10.25 51.54
CA GLU B 132 -34.93 9.21 51.38
C GLU B 132 -36.26 9.81 51.79
N PHE B 133 -36.96 10.39 50.83
CA PHE B 133 -38.20 11.11 51.09
C PHE B 133 -39.40 10.18 51.04
N GLN B 134 -40.52 10.68 51.57
CA GLN B 134 -41.82 10.03 51.46
C GLN B 134 -42.76 11.07 50.85
N PHE B 135 -42.79 11.12 49.52
CA PHE B 135 -43.48 12.20 48.82
C PHE B 135 -45.00 12.02 48.91
N CYS B 136 -45.70 13.14 48.76
CA CYS B 136 -47.16 13.15 48.76
C CYS B 136 -47.70 12.69 47.41
N ASN B 137 -49.03 12.65 47.31
CA ASN B 137 -49.67 12.24 46.07
C ASN B 137 -49.87 13.40 45.10
N ASP B 138 -50.10 14.61 45.61
CA ASP B 138 -50.32 15.79 44.78
C ASP B 138 -49.45 16.93 45.30
N PRO B 139 -48.13 16.85 45.07
CA PRO B 139 -47.24 17.91 45.55
C PRO B 139 -47.53 19.23 44.86
N PHE B 140 -47.32 20.32 45.59
CA PHE B 140 -47.52 21.66 45.04
C PHE B 140 -47.06 22.69 46.06
N LEU B 141 -47.08 23.95 45.65
CA LEU B 141 -46.81 25.10 46.51
C LEU B 141 -47.98 26.06 46.38
N GLY B 142 -47.86 27.27 46.92
CA GLY B 142 -48.95 28.22 46.76
C GLY B 142 -48.60 29.58 47.32
N VAL B 143 -49.44 30.56 46.96
CA VAL B 143 -49.39 31.91 47.48
C VAL B 143 -50.82 32.31 47.81
N TYR B 144 -50.95 33.31 48.68
CA TYR B 144 -52.26 33.70 49.20
C TYR B 144 -52.70 35.09 48.73
N TYR B 145 -51.90 36.11 48.98
CA TYR B 145 -52.28 37.48 48.63
C TYR B 145 -51.74 37.88 47.26
N SER B 151 -48.12 42.53 48.00
CA SER B 151 -49.36 41.81 48.30
C SER B 151 -49.11 40.30 48.35
N TRP B 152 -48.78 39.72 47.20
CA TRP B 152 -48.57 38.28 47.13
C TRP B 152 -47.42 37.85 48.03
N MET B 153 -47.59 36.69 48.67
CA MET B 153 -46.59 36.16 49.59
C MET B 153 -46.56 34.65 49.48
N GLU B 154 -45.46 34.06 49.93
CA GLU B 154 -45.27 32.62 49.91
C GLU B 154 -45.64 32.05 51.28
N SER B 155 -46.62 31.15 51.30
CA SER B 155 -47.17 30.63 52.56
C SER B 155 -47.00 29.13 52.71
N GLU B 156 -47.38 28.35 51.70
CA GLU B 156 -47.49 26.90 51.83
C GLU B 156 -46.38 26.19 51.08
N PHE B 157 -45.91 25.08 51.65
CA PHE B 157 -44.88 24.25 51.04
C PHE B 157 -45.14 22.80 51.47
N ARG B 158 -45.81 22.05 50.60
CA ARG B 158 -46.24 20.68 50.91
C ARG B 158 -45.65 19.74 49.86
N VAL B 159 -44.49 19.15 50.16
CA VAL B 159 -43.84 18.24 49.22
C VAL B 159 -43.65 16.87 49.85
N TYR B 160 -42.87 16.80 50.92
CA TYR B 160 -42.54 15.54 51.57
C TYR B 160 -42.97 15.56 53.03
N SER B 161 -42.90 14.40 53.65
CA SER B 161 -43.22 14.22 55.07
C SER B 161 -42.01 13.96 55.94
N SER B 162 -41.02 13.24 55.44
CA SER B 162 -39.84 12.93 56.24
C SER B 162 -38.65 12.65 55.30
N ALA B 163 -37.45 12.90 55.82
CA ALA B 163 -36.21 12.60 55.12
C ALA B 163 -35.20 12.07 56.13
N ASN B 164 -34.46 11.04 55.73
CA ASN B 164 -33.53 10.39 56.65
C ASN B 164 -32.37 9.78 55.88
N ASN B 165 -31.19 9.81 56.51
CA ASN B 165 -30.01 9.08 56.03
C ASN B 165 -29.64 9.51 54.60
N CYS B 166 -29.24 10.77 54.46
CA CYS B 166 -28.88 11.32 53.17
C CYS B 166 -27.58 12.11 53.25
N THR B 167 -26.84 12.12 52.14
CA THR B 167 -25.45 12.55 52.10
C THR B 167 -25.19 13.48 50.93
N PHE B 168 -26.02 14.51 50.76
CA PHE B 168 -25.73 15.56 49.78
C PHE B 168 -26.64 16.76 49.99
N GLU B 169 -26.06 17.95 50.04
CA GLU B 169 -26.85 19.15 50.29
C GLU B 169 -26.13 20.36 49.72
N TYR B 170 -26.92 21.37 49.31
CA TYR B 170 -26.39 22.62 48.81
C TYR B 170 -27.50 23.66 48.75
N VAL B 171 -27.24 24.85 49.29
CA VAL B 171 -28.22 25.94 49.33
C VAL B 171 -27.58 27.20 48.76
N SER B 172 -28.28 27.86 47.85
CA SER B 172 -27.77 29.07 47.22
C SER B 172 -28.10 30.30 48.08
N GLN B 173 -27.41 31.40 47.76
CA GLN B 173 -27.59 32.62 48.51
C GLN B 173 -28.99 33.19 48.30
N PRO B 174 -29.52 33.91 49.28
CA PRO B 174 -30.91 34.36 49.20
C PRO B 174 -31.12 35.41 48.11
N PHE B 175 -32.36 35.48 47.63
CA PHE B 175 -32.76 36.48 46.66
C PHE B 175 -34.25 36.75 46.81
N LEU B 176 -34.69 37.87 46.24
CA LEU B 176 -36.09 38.27 46.27
C LEU B 176 -36.67 38.15 44.86
N MET B 177 -37.74 37.37 44.73
CA MET B 177 -38.35 37.09 43.45
C MET B 177 -39.76 37.67 43.39
N ASP B 178 -40.09 38.31 42.27
CA ASP B 178 -41.42 38.85 42.07
C ASP B 178 -42.44 37.72 41.91
N LEU B 179 -43.69 38.01 42.28
CA LEU B 179 -44.77 37.05 42.18
C LEU B 179 -45.99 37.71 41.58
N GLU B 180 -46.64 37.00 40.66
CA GLU B 180 -47.86 37.48 39.98
C GLU B 180 -47.59 38.89 39.46
N GLY B 181 -48.63 39.74 39.43
CA GLY B 181 -48.48 41.07 38.90
C GLY B 181 -48.37 41.14 37.40
N LYS B 182 -48.87 40.13 36.68
CA LYS B 182 -48.77 40.09 35.23
C LYS B 182 -49.98 39.38 34.66
N GLN B 183 -50.29 39.69 33.40
CA GLN B 183 -51.38 39.05 32.69
C GLN B 183 -51.30 39.48 31.22
N GLY B 184 -51.61 38.55 30.33
CA GLY B 184 -51.52 38.81 28.90
C GLY B 184 -51.08 37.59 28.10
N ASN B 185 -50.13 37.79 27.21
CA ASN B 185 -49.59 36.72 26.39
C ASN B 185 -48.20 36.31 26.88
N PHE B 186 -47.77 35.12 26.44
CA PHE B 186 -46.52 34.55 26.91
C PHE B 186 -45.34 35.43 26.48
N LYS B 187 -44.33 35.49 27.34
CA LYS B 187 -43.19 36.39 27.12
C LYS B 187 -41.82 35.72 27.22
N ASN B 188 -41.69 34.60 27.92
CA ASN B 188 -40.38 34.00 28.17
C ASN B 188 -40.37 32.54 27.76
N LEU B 189 -39.18 32.05 27.41
CA LEU B 189 -38.96 30.66 27.04
C LEU B 189 -37.69 30.16 27.72
N ARG B 190 -37.74 28.93 28.22
CA ARG B 190 -36.61 28.31 28.87
C ARG B 190 -36.53 26.84 28.49
N GLU B 191 -35.31 26.35 28.25
CA GLU B 191 -35.09 24.99 27.78
C GLU B 191 -34.02 24.32 28.62
N PHE B 192 -34.17 23.01 28.81
CA PHE B 192 -33.29 22.24 29.67
C PHE B 192 -32.99 20.89 29.03
N VAL B 193 -31.85 20.30 29.40
CA VAL B 193 -31.48 18.96 28.98
C VAL B 193 -30.91 18.21 30.19
N PHE B 194 -31.33 16.96 30.36
CA PHE B 194 -30.93 16.13 31.48
C PHE B 194 -30.30 14.84 30.98
N LYS B 195 -29.22 14.43 31.62
CA LYS B 195 -28.54 13.19 31.27
C LYS B 195 -28.06 12.50 32.54
N ASN B 196 -27.69 11.22 32.41
CA ASN B 196 -27.29 10.41 33.56
C ASN B 196 -26.27 9.38 33.09
N ILE B 197 -24.99 9.67 33.32
CA ILE B 197 -23.90 8.82 32.86
C ILE B 197 -22.90 8.62 34.00
N ASP B 198 -22.61 7.36 34.33
CA ASP B 198 -21.57 6.99 35.29
C ASP B 198 -21.69 7.78 36.58
N GLY B 199 -22.88 7.77 37.16
CA GLY B 199 -23.11 8.49 38.41
C GLY B 199 -22.88 9.98 38.28
N TYR B 200 -23.34 10.58 37.18
CA TYR B 200 -23.19 12.01 36.94
C TYR B 200 -24.48 12.56 36.37
N PHE B 201 -24.86 13.76 36.83
CA PHE B 201 -26.04 14.44 36.34
C PHE B 201 -25.59 15.74 35.66
N LYS B 202 -25.92 15.88 34.38
CA LYS B 202 -25.50 17.03 33.59
C LYS B 202 -26.73 17.81 33.14
N ILE B 203 -26.60 19.14 33.11
CA ILE B 203 -27.70 20.03 32.76
C ILE B 203 -27.18 21.11 31.82
N TYR B 204 -27.85 21.29 30.70
CA TYR B 204 -27.62 22.40 29.78
C TYR B 204 -28.85 23.28 29.74
N SER B 205 -28.65 24.59 29.53
CA SER B 205 -29.77 25.52 29.62
C SER B 205 -29.51 26.73 28.73
N LYS B 206 -30.59 27.44 28.41
CA LYS B 206 -30.56 28.68 27.67
C LYS B 206 -31.93 29.34 27.77
N HIS B 207 -31.93 30.68 27.73
CA HIS B 207 -33.15 31.46 27.90
C HIS B 207 -33.28 32.45 26.75
N THR B 208 -34.52 32.66 26.29
CA THR B 208 -34.77 33.52 25.14
C THR B 208 -36.12 34.23 25.27
N PRO B 209 -36.16 35.55 25.10
CA PRO B 209 -37.44 36.28 25.21
C PRO B 209 -38.25 36.20 23.91
N ILE B 210 -39.53 35.85 24.04
CA ILE B 210 -40.42 35.72 22.90
C ILE B 210 -41.76 36.36 23.22
N ASN B 211 -42.49 36.71 22.17
CA ASN B 211 -43.86 37.21 22.27
C ASN B 211 -44.75 36.36 21.39
N LEU B 212 -45.76 35.73 21.98
CA LEU B 212 -46.63 34.80 21.26
C LEU B 212 -47.84 34.53 22.14
N VAL B 213 -48.74 33.67 21.66
CA VAL B 213 -49.99 33.42 22.35
C VAL B 213 -50.16 31.94 22.73
N ARG B 214 -50.19 31.06 21.74
CA ARG B 214 -50.65 29.69 21.94
C ARG B 214 -49.81 28.68 21.16
N ASP B 215 -48.49 28.76 21.26
CA ASP B 215 -47.64 27.74 20.65
C ASP B 215 -46.20 27.98 21.12
N LEU B 216 -45.26 27.25 20.50
CA LEU B 216 -43.84 27.45 20.72
C LEU B 216 -43.19 27.90 19.43
N PRO B 217 -42.47 29.03 19.42
CA PRO B 217 -41.96 29.57 18.15
C PRO B 217 -40.93 28.69 17.48
N GLN B 218 -40.44 29.12 16.32
CA GLN B 218 -39.45 28.39 15.54
C GLN B 218 -38.18 29.21 15.44
N GLY B 219 -37.05 28.52 15.40
CA GLY B 219 -35.76 29.18 15.30
C GLY B 219 -34.64 28.22 15.59
N PHE B 220 -33.46 28.80 15.81
CA PHE B 220 -32.27 28.03 16.12
C PHE B 220 -31.54 28.65 17.31
N SER B 221 -31.08 27.80 18.23
CA SER B 221 -30.34 28.25 19.40
C SER B 221 -29.70 27.03 20.06
N ALA B 222 -28.44 27.18 20.47
CA ALA B 222 -27.68 26.11 21.09
C ALA B 222 -27.65 26.28 22.60
N LEU B 223 -27.56 25.15 23.30
CA LEU B 223 -27.52 25.13 24.75
C LEU B 223 -26.10 24.94 25.24
N GLU B 224 -25.79 25.52 26.39
CA GLU B 224 -24.46 25.57 26.95
C GLU B 224 -24.38 24.78 28.26
N PRO B 225 -23.19 24.29 28.62
CA PRO B 225 -23.04 23.56 29.88
C PRO B 225 -23.41 24.40 31.07
N LEU B 226 -24.05 23.78 32.07
CA LEU B 226 -24.46 24.48 33.28
C LEU B 226 -23.80 23.97 34.54
N VAL B 227 -23.90 22.66 34.82
CA VAL B 227 -23.38 22.11 36.07
C VAL B 227 -23.28 20.60 35.92
N ASP B 228 -22.46 19.99 36.78
CA ASP B 228 -22.25 18.53 36.79
C ASP B 228 -22.20 18.07 38.24
N LEU B 229 -23.14 17.20 38.64
CA LEU B 229 -23.26 16.80 40.03
C LEU B 229 -22.99 15.31 40.21
N PRO B 230 -22.23 14.90 41.22
CA PRO B 230 -22.11 13.48 41.54
C PRO B 230 -23.20 13.02 42.51
N ILE B 231 -23.99 12.04 42.12
CA ILE B 231 -25.03 11.52 43.01
C ILE B 231 -24.86 10.01 43.20
N GLY B 232 -24.95 9.26 42.10
CA GLY B 232 -24.74 7.83 42.16
C GLY B 232 -25.98 7.02 42.52
N ILE B 233 -27.08 7.24 41.81
CA ILE B 233 -28.33 6.53 42.07
C ILE B 233 -28.96 6.14 40.73
N ASN B 234 -29.91 5.22 40.80
CA ASN B 234 -30.62 4.69 39.63
C ASN B 234 -31.92 5.47 39.46
N ILE B 235 -32.08 6.12 38.32
CA ILE B 235 -33.23 6.98 38.04
C ILE B 235 -34.01 6.39 36.88
N THR B 236 -35.32 6.19 37.09
CA THR B 236 -36.18 5.69 36.01
C THR B 236 -37.55 6.35 36.01
N ARG B 237 -37.68 7.56 36.56
CA ARG B 237 -38.95 8.28 36.57
C ARG B 237 -38.70 9.70 37.01
N PHE B 238 -39.69 10.57 36.79
CA PHE B 238 -39.58 11.96 37.19
C PHE B 238 -40.96 12.59 37.18
N GLN B 239 -41.05 13.79 37.75
CA GLN B 239 -42.33 14.47 37.93
C GLN B 239 -42.07 15.96 38.08
N THR B 240 -43.13 16.75 37.87
CA THR B 240 -43.06 18.20 37.96
C THR B 240 -43.98 18.69 39.08
N LEU B 241 -43.58 19.77 39.72
CA LEU B 241 -44.36 20.37 40.80
C LEU B 241 -44.58 21.84 40.51
N LEU B 242 -45.82 22.29 40.72
CA LEU B 242 -46.27 23.64 40.37
C LEU B 242 -46.73 24.39 41.62
N ALA B 243 -47.33 25.56 41.40
CA ALA B 243 -47.88 26.39 42.47
C ALA B 243 -49.27 26.85 42.08
N LEU B 244 -50.08 27.17 43.09
CA LEU B 244 -51.43 27.66 42.88
C LEU B 244 -51.68 28.90 43.72
N HIS B 245 -52.60 29.74 43.25
CA HIS B 245 -52.86 31.05 43.85
C HIS B 245 -54.14 30.97 44.67
N ARG B 246 -54.00 30.55 45.94
CA ARG B 246 -55.11 30.44 46.87
C ARG B 246 -56.35 29.85 46.19
N SER B 247 -56.14 28.86 45.32
CA SER B 247 -57.24 28.25 44.58
C SER B 247 -57.22 26.74 44.76
N TYR B 248 -58.02 26.03 43.98
CA TYR B 248 -58.11 24.58 44.07
C TYR B 248 -57.91 23.97 42.68
N LEU B 249 -57.89 22.64 42.63
CA LEU B 249 -57.67 21.90 41.40
C LEU B 249 -56.58 22.54 40.55
N GLY B 261 -51.35 31.91 36.10
CA GLY B 261 -52.60 31.20 35.86
C GLY B 261 -52.58 30.37 34.60
N ALA B 262 -51.93 30.90 33.56
CA ALA B 262 -51.81 30.22 32.28
C ALA B 262 -50.36 29.85 32.03
N ALA B 263 -50.14 28.59 31.68
CA ALA B 263 -48.79 28.10 31.40
C ALA B 263 -48.90 26.68 30.87
N ALA B 264 -47.83 26.24 30.20
CA ALA B 264 -47.77 24.90 29.66
C ALA B 264 -46.31 24.52 29.47
N TYR B 265 -46.07 23.21 29.32
CA TYR B 265 -44.72 22.70 29.14
C TYR B 265 -44.77 21.49 28.20
N TYR B 266 -43.60 21.17 27.65
CA TYR B 266 -43.47 20.12 26.67
C TYR B 266 -42.47 19.08 27.17
N VAL B 267 -42.36 17.97 26.45
CA VAL B 267 -41.48 16.88 26.86
C VAL B 267 -41.11 16.05 25.63
N GLY B 268 -39.83 15.75 25.51
CA GLY B 268 -39.36 14.90 24.43
C GLY B 268 -38.12 14.15 24.87
N TYR B 269 -37.89 12.99 24.27
CA TYR B 269 -36.82 12.10 24.67
C TYR B 269 -35.63 12.23 23.72
N LEU B 270 -34.60 11.42 23.96
CA LEU B 270 -33.34 11.50 23.24
C LEU B 270 -32.98 10.14 22.67
N GLN B 271 -32.21 10.16 21.59
CA GLN B 271 -31.73 8.96 20.92
C GLN B 271 -30.33 9.21 20.40
N PRO B 272 -29.55 8.15 20.18
CA PRO B 272 -28.22 8.32 19.57
C PRO B 272 -28.35 8.71 18.11
N ARG B 273 -27.55 9.69 17.70
CA ARG B 273 -27.63 10.23 16.35
C ARG B 273 -26.27 10.83 15.98
N THR B 274 -26.12 11.12 14.68
CA THR B 274 -24.95 11.80 14.16
C THR B 274 -25.41 13.03 13.38
N PHE B 275 -24.79 14.17 13.66
CA PHE B 275 -25.18 15.45 13.09
C PHE B 275 -24.00 16.09 12.36
N LEU B 276 -24.28 17.19 11.68
CA LEU B 276 -23.26 18.03 11.06
C LEU B 276 -23.53 19.47 11.47
N LEU B 277 -22.54 20.10 12.10
CA LEU B 277 -22.70 21.42 12.69
C LEU B 277 -21.84 22.44 11.95
N LYS B 278 -22.28 23.70 12.00
CA LYS B 278 -21.60 24.80 11.34
C LYS B 278 -21.29 25.91 12.34
N TYR B 279 -20.13 26.53 12.19
CA TYR B 279 -19.66 27.57 13.10
C TYR B 279 -19.53 28.89 12.36
N ASN B 280 -19.70 29.98 13.10
CA ASN B 280 -19.53 31.32 12.57
C ASN B 280 -18.04 31.68 12.52
N GLU B 281 -17.76 32.93 12.13
CA GLU B 281 -16.43 33.47 12.33
C GLU B 281 -16.19 33.85 13.78
N ASN B 282 -17.25 34.29 14.47
CA ASN B 282 -17.13 34.62 15.90
C ASN B 282 -16.93 33.36 16.73
N GLY B 283 -17.63 32.28 16.40
CA GLY B 283 -17.46 31.03 17.10
C GLY B 283 -18.75 30.40 17.59
N THR B 284 -19.88 30.83 17.05
CA THR B 284 -21.18 30.33 17.45
C THR B 284 -21.74 29.39 16.40
N ILE B 285 -22.62 28.49 16.83
CA ILE B 285 -23.28 27.54 15.94
C ILE B 285 -24.57 28.17 15.44
N THR B 286 -24.77 28.14 14.12
CA THR B 286 -25.91 28.82 13.51
C THR B 286 -26.77 27.92 12.62
N ASP B 287 -26.31 26.73 12.27
CA ASP B 287 -27.10 25.83 11.43
C ASP B 287 -26.62 24.41 11.62
N ALA B 288 -27.47 23.46 11.24
CA ALA B 288 -27.17 22.05 11.42
C ALA B 288 -27.98 21.23 10.43
N VAL B 289 -27.56 19.97 10.26
CA VAL B 289 -28.21 19.02 9.37
C VAL B 289 -28.17 17.64 10.00
N ASP B 290 -29.26 16.89 9.86
CA ASP B 290 -29.33 15.53 10.35
C ASP B 290 -29.01 14.56 9.22
N CYS B 291 -28.09 13.63 9.48
CA CYS B 291 -27.52 12.79 8.44
C CYS B 291 -28.32 11.51 8.19
N ALA B 292 -29.47 11.33 8.83
CA ALA B 292 -30.26 10.13 8.62
C ALA B 292 -31.76 10.38 8.53
N LEU B 293 -32.19 11.65 8.43
CA LEU B 293 -33.62 11.92 8.36
C LEU B 293 -34.25 11.34 7.10
N ASP B 294 -33.59 11.48 5.95
CA ASP B 294 -34.12 11.01 4.69
C ASP B 294 -32.97 10.84 3.71
N PRO B 295 -33.20 10.17 2.58
CA PRO B 295 -32.10 9.97 1.62
C PRO B 295 -31.52 11.27 1.07
N LEU B 296 -32.35 12.31 0.92
CA LEU B 296 -31.83 13.58 0.42
C LEU B 296 -30.77 14.16 1.36
N SER B 297 -31.06 14.14 2.66
CA SER B 297 -30.12 14.66 3.65
C SER B 297 -28.93 13.75 3.89
N GLU B 298 -28.94 12.54 3.32
CA GLU B 298 -27.82 11.62 3.45
C GLU B 298 -26.70 11.91 2.45
N THR B 299 -26.95 12.77 1.47
CA THR B 299 -25.92 13.15 0.50
C THR B 299 -25.18 14.43 0.91
N LYS B 300 -25.86 15.37 1.54
CA LYS B 300 -25.19 16.58 2.02
C LYS B 300 -24.12 16.21 3.04
N CYS B 301 -24.43 15.30 3.96
CA CYS B 301 -23.43 14.84 4.91
C CYS B 301 -22.31 14.10 4.20
N THR B 302 -22.64 13.30 3.18
CA THR B 302 -21.63 12.52 2.49
C THR B 302 -20.62 13.41 1.79
N LEU B 303 -21.08 14.45 1.11
CA LEU B 303 -20.20 15.36 0.40
C LEU B 303 -19.86 16.61 1.20
N LYS B 304 -20.35 16.72 2.43
CA LYS B 304 -19.94 17.78 3.37
C LYS B 304 -20.19 19.16 2.78
N SER B 305 -21.46 19.47 2.54
CA SER B 305 -21.84 20.80 2.09
C SER B 305 -23.36 20.95 2.23
N PHE B 306 -23.80 22.19 2.25
CA PHE B 306 -25.22 22.51 2.37
C PHE B 306 -25.90 22.73 1.02
N THR B 307 -25.17 22.56 -0.08
CA THR B 307 -25.71 22.76 -1.41
C THR B 307 -25.37 21.57 -2.29
N VAL B 308 -26.31 21.18 -3.16
CA VAL B 308 -26.13 20.06 -4.07
C VAL B 308 -26.53 20.50 -5.46
N GLU B 309 -25.97 19.85 -6.47
CA GLU B 309 -26.19 20.19 -7.87
C GLU B 309 -26.85 19.03 -8.59
N LYS B 310 -27.21 19.28 -9.85
CA LYS B 310 -27.92 18.29 -10.65
C LYS B 310 -27.07 17.04 -10.84
N GLY B 311 -27.74 15.90 -10.88
CA GLY B 311 -27.07 14.63 -11.11
C GLY B 311 -27.79 13.51 -10.39
N ILE B 312 -27.11 12.38 -10.29
CA ILE B 312 -27.63 11.20 -9.62
C ILE B 312 -26.52 10.64 -8.74
N TYR B 313 -26.85 10.32 -7.50
CA TYR B 313 -25.88 9.91 -6.49
C TYR B 313 -26.23 8.52 -5.96
N GLN B 314 -25.32 7.96 -5.17
CA GLN B 314 -25.39 6.54 -4.82
C GLN B 314 -25.92 6.28 -3.42
N THR B 315 -25.46 7.01 -2.41
CA THR B 315 -25.88 6.77 -1.03
C THR B 315 -25.55 5.34 -0.58
N SER B 316 -26.41 4.76 0.25
CA SER B 316 -26.14 3.48 0.90
C SER B 316 -27.15 2.43 0.47
N ASN B 317 -27.03 1.24 1.05
CA ASN B 317 -27.88 0.10 0.73
C ASN B 317 -29.14 0.11 1.60
N PHE B 318 -29.89 -0.99 1.57
CA PHE B 318 -31.13 -1.13 2.32
C PHE B 318 -30.90 -2.06 3.50
N ARG B 319 -31.33 -1.62 4.69
CA ARG B 319 -31.08 -2.34 5.92
C ARG B 319 -32.39 -2.60 6.66
N VAL B 320 -32.43 -3.73 7.36
CA VAL B 320 -33.57 -4.12 8.18
C VAL B 320 -33.06 -4.48 9.57
N GLN B 321 -33.83 -4.12 10.61
CA GLN B 321 -33.37 -4.26 11.98
C GLN B 321 -34.07 -5.41 12.69
N PRO B 322 -33.41 -6.03 13.68
CA PRO B 322 -34.02 -7.15 14.39
C PRO B 322 -35.20 -6.71 15.26
N THR B 323 -36.07 -7.67 15.55
CA THR B 323 -37.28 -7.41 16.32
C THR B 323 -37.17 -7.84 17.79
N GLU B 324 -36.61 -9.01 18.07
CA GLU B 324 -36.51 -9.51 19.43
C GLU B 324 -35.25 -10.36 19.55
N SER B 325 -35.12 -11.07 20.67
CA SER B 325 -33.97 -11.92 20.96
C SER B 325 -34.43 -13.35 21.20
N ILE B 326 -33.46 -14.24 21.42
CA ILE B 326 -33.73 -15.66 21.59
C ILE B 326 -32.50 -16.29 22.22
N VAL B 327 -32.72 -17.36 22.99
CA VAL B 327 -31.65 -18.13 23.62
C VAL B 327 -32.03 -19.60 23.62
N ARG B 328 -31.04 -20.47 23.44
CA ARG B 328 -31.26 -21.91 23.44
C ARG B 328 -30.05 -22.59 24.06
N PHE B 329 -30.29 -23.39 25.10
CA PHE B 329 -29.27 -24.11 25.84
C PHE B 329 -29.71 -25.55 26.03
N PRO B 330 -28.78 -26.46 26.29
CA PRO B 330 -29.15 -27.86 26.52
C PRO B 330 -29.97 -28.01 27.79
N ASN B 331 -30.69 -29.13 27.88
CA ASN B 331 -31.58 -29.40 29.01
C ASN B 331 -30.81 -30.22 30.04
N ILE B 332 -30.34 -29.54 31.10
CA ILE B 332 -29.58 -30.18 32.17
C ILE B 332 -30.08 -29.64 33.50
N THR B 333 -29.97 -30.45 34.54
CA THR B 333 -30.54 -30.07 35.84
C THR B 333 -29.55 -30.17 36.99
N ASN B 334 -28.68 -31.18 36.99
CA ASN B 334 -27.81 -31.42 38.14
C ASN B 334 -26.77 -30.32 38.30
N LEU B 335 -26.33 -30.12 39.53
CA LEU B 335 -25.32 -29.12 39.86
C LEU B 335 -23.96 -29.79 39.98
N CYS B 336 -22.92 -29.08 39.55
CA CYS B 336 -21.59 -29.66 39.47
C CYS B 336 -21.04 -29.95 40.87
N PRO B 337 -20.08 -30.88 40.97
CA PRO B 337 -19.52 -31.22 42.30
C PRO B 337 -18.57 -30.16 42.81
N PHE B 338 -19.10 -29.09 43.40
CA PHE B 338 -18.27 -28.02 43.93
C PHE B 338 -17.70 -28.33 45.31
N GLY B 339 -18.18 -29.39 45.97
CA GLY B 339 -17.70 -29.71 47.31
C GLY B 339 -16.66 -30.81 47.31
N GLU B 340 -16.86 -31.85 46.49
CA GLU B 340 -15.91 -32.95 46.45
C GLU B 340 -14.54 -32.50 45.96
N VAL B 341 -14.48 -31.41 45.21
CA VAL B 341 -13.25 -31.01 44.53
C VAL B 341 -12.46 -30.00 45.35
N PHE B 342 -13.12 -28.95 45.85
CA PHE B 342 -12.37 -27.82 46.39
C PHE B 342 -11.90 -28.08 47.82
N ASN B 343 -12.81 -28.43 48.72
CA ASN B 343 -12.44 -28.77 50.09
C ASN B 343 -12.77 -30.24 50.34
N ALA B 344 -11.74 -30.98 50.76
CA ALA B 344 -11.84 -32.43 50.90
C ALA B 344 -10.98 -32.86 52.08
N THR B 345 -10.72 -34.17 52.18
CA THR B 345 -10.01 -34.71 53.32
C THR B 345 -8.50 -34.62 53.14
N ARG B 346 -7.97 -35.24 52.09
CA ARG B 346 -6.54 -35.29 51.86
C ARG B 346 -6.24 -35.03 50.39
N PHE B 347 -5.08 -34.42 50.14
CA PHE B 347 -4.59 -34.12 48.81
C PHE B 347 -3.38 -34.98 48.48
N ALA B 348 -2.94 -34.90 47.23
CA ALA B 348 -1.85 -35.73 46.73
C ALA B 348 -0.53 -34.96 46.82
N SER B 349 0.54 -35.59 46.36
CA SER B 349 1.87 -34.99 46.32
C SER B 349 2.12 -34.40 44.94
N VAL B 350 3.14 -33.53 44.88
CA VAL B 350 3.45 -32.83 43.63
C VAL B 350 3.90 -33.82 42.56
N TYR B 351 4.79 -34.74 42.93
CA TYR B 351 5.41 -35.60 41.92
C TYR B 351 4.45 -36.64 41.36
N ALA B 352 3.31 -36.87 42.02
CA ALA B 352 2.28 -37.79 41.51
C ALA B 352 0.92 -37.12 41.78
N TRP B 353 0.45 -36.35 40.81
CA TRP B 353 -0.76 -35.57 40.97
C TRP B 353 -1.99 -36.38 40.57
N ASN B 354 -3.14 -35.71 40.47
CA ASN B 354 -4.43 -36.36 40.27
C ASN B 354 -5.19 -35.67 39.15
N ARG B 355 -6.11 -36.41 38.54
CA ARG B 355 -6.93 -35.90 37.45
C ARG B 355 -8.32 -36.51 37.53
N LYS B 356 -9.35 -35.67 37.37
CA LYS B 356 -10.73 -36.08 37.48
C LYS B 356 -11.54 -35.45 36.36
N ARG B 357 -12.57 -36.15 35.90
CA ARG B 357 -13.38 -35.74 34.76
C ARG B 357 -14.76 -35.25 35.23
N ILE B 358 -15.21 -34.14 34.64
CA ILE B 358 -16.49 -33.52 34.97
C ILE B 358 -17.35 -33.47 33.72
N SER B 359 -18.63 -33.78 33.88
CA SER B 359 -19.56 -33.79 32.76
C SER B 359 -20.99 -33.77 33.24
N ASN B 360 -21.87 -33.23 32.38
CA ASN B 360 -23.32 -33.26 32.59
C ASN B 360 -23.72 -32.58 33.91
N CYS B 361 -23.48 -31.28 33.97
CA CYS B 361 -23.86 -30.48 35.14
C CYS B 361 -23.95 -29.02 34.72
N VAL B 362 -24.40 -28.19 35.66
CA VAL B 362 -24.55 -26.75 35.45
C VAL B 362 -23.60 -26.03 36.41
N ALA B 363 -22.83 -25.09 35.87
CA ALA B 363 -21.77 -24.42 36.64
C ALA B 363 -22.29 -23.11 37.20
N ASP B 364 -22.53 -23.09 38.52
CA ASP B 364 -22.93 -21.89 39.25
C ASP B 364 -21.94 -21.69 40.39
N TYR B 365 -20.92 -20.87 40.17
CA TYR B 365 -19.84 -20.69 41.14
C TYR B 365 -20.15 -19.66 42.21
N SER B 366 -21.34 -19.04 42.18
CA SER B 366 -21.71 -18.11 43.23
C SER B 366 -21.89 -18.78 44.58
N VAL B 367 -21.99 -20.11 44.62
CA VAL B 367 -22.16 -20.82 45.89
C VAL B 367 -20.90 -20.84 46.73
N LEU B 368 -19.76 -20.42 46.18
CA LEU B 368 -18.51 -20.40 46.92
C LEU B 368 -18.28 -19.09 47.68
N TYR B 369 -19.14 -18.10 47.48
CA TYR B 369 -18.91 -16.80 48.10
C TYR B 369 -18.96 -16.87 49.62
N ASN B 370 -19.70 -17.83 50.17
CA ASN B 370 -19.93 -17.86 51.61
C ASN B 370 -18.65 -18.17 52.37
N SER B 371 -17.95 -19.22 51.97
CA SER B 371 -16.83 -19.75 52.75
C SER B 371 -15.47 -19.56 52.09
N ALA B 372 -15.31 -20.02 50.86
CA ALA B 372 -13.99 -20.04 50.23
C ALA B 372 -13.44 -18.64 50.07
N SER B 373 -12.14 -18.49 50.33
CA SER B 373 -11.43 -17.23 50.13
C SER B 373 -10.13 -17.53 49.42
N PHE B 374 -10.05 -17.24 48.13
CA PHE B 374 -8.91 -17.57 47.30
C PHE B 374 -7.95 -16.39 47.22
N SER B 375 -6.65 -16.68 47.22
CA SER B 375 -5.62 -15.66 47.12
C SER B 375 -5.04 -15.53 45.72
N THR B 376 -5.32 -16.48 44.83
CA THR B 376 -4.83 -16.42 43.45
C THR B 376 -5.96 -16.85 42.52
N PHE B 377 -6.07 -16.15 41.38
CA PHE B 377 -7.06 -16.50 40.38
C PHE B 377 -6.64 -15.87 39.06
N LYS B 378 -6.33 -16.69 38.06
CA LYS B 378 -5.94 -16.21 36.74
C LYS B 378 -6.53 -17.11 35.67
N CYS B 379 -6.95 -16.51 34.56
CA CYS B 379 -7.54 -17.24 33.45
C CYS B 379 -6.88 -16.83 32.14
N TYR B 380 -6.63 -17.82 31.28
CA TYR B 380 -5.93 -17.61 30.02
C TYR B 380 -6.85 -17.94 28.85
N GLY B 381 -6.91 -17.06 27.88
CA GLY B 381 -7.68 -17.29 26.67
C GLY B 381 -9.16 -16.95 26.75
N VAL B 382 -9.61 -16.40 27.87
CA VAL B 382 -11.01 -16.03 28.06
C VAL B 382 -11.08 -14.85 29.03
N SER B 383 -12.26 -14.25 29.16
CA SER B 383 -12.42 -13.11 30.04
C SER B 383 -13.27 -13.49 31.25
N PRO B 384 -12.89 -13.04 32.44
CA PRO B 384 -13.64 -13.42 33.65
C PRO B 384 -15.10 -13.01 33.60
N THR B 385 -15.42 -11.87 32.99
CA THR B 385 -16.79 -11.36 32.99
C THR B 385 -17.68 -12.06 31.96
N LYS B 386 -17.13 -12.92 31.11
CA LYS B 386 -17.89 -13.60 30.08
C LYS B 386 -18.13 -15.08 30.41
N LEU B 387 -17.86 -15.51 31.63
CA LEU B 387 -17.91 -16.91 32.00
C LEU B 387 -19.33 -17.41 32.27
N ASN B 388 -20.31 -16.52 32.34
CA ASN B 388 -21.68 -16.92 32.69
C ASN B 388 -22.57 -17.16 31.48
N ASP B 389 -22.05 -16.98 30.26
CA ASP B 389 -22.86 -17.12 29.06
C ASP B 389 -22.38 -18.22 28.13
N LEU B 390 -21.28 -18.89 28.45
CA LEU B 390 -20.69 -19.88 27.55
C LEU B 390 -21.04 -21.29 27.98
N CYS B 391 -20.67 -22.25 27.13
CA CYS B 391 -20.75 -23.67 27.44
C CYS B 391 -19.39 -24.30 27.15
N PHE B 392 -18.95 -25.19 28.02
CA PHE B 392 -17.59 -25.71 28.00
C PHE B 392 -17.58 -27.20 27.68
N THR B 393 -16.47 -27.65 27.09
CA THR B 393 -16.33 -29.04 26.66
C THR B 393 -14.95 -29.57 27.08
N ASN B 394 -14.93 -30.85 27.47
CA ASN B 394 -13.69 -31.54 27.84
C ASN B 394 -13.00 -30.86 29.02
N VAL B 395 -13.67 -30.86 30.17
CA VAL B 395 -13.17 -30.22 31.38
C VAL B 395 -12.40 -31.24 32.22
N TYR B 396 -11.41 -30.76 32.96
CA TYR B 396 -10.59 -31.61 33.82
C TYR B 396 -10.09 -30.79 35.00
N ALA B 397 -9.70 -31.48 36.06
CA ALA B 397 -9.22 -30.85 37.29
C ALA B 397 -8.00 -31.59 37.82
N ASP B 398 -7.04 -30.83 38.36
CA ASP B 398 -5.83 -31.38 38.94
C ASP B 398 -5.60 -30.77 40.31
N SER B 399 -5.05 -31.58 41.22
CA SER B 399 -4.89 -31.17 42.61
C SER B 399 -3.57 -31.68 43.18
N PHE B 400 -2.90 -30.84 43.96
CA PHE B 400 -1.67 -31.22 44.64
C PHE B 400 -1.36 -30.13 45.68
N VAL B 401 -0.32 -30.38 46.48
CA VAL B 401 0.09 -29.48 47.54
C VAL B 401 1.57 -29.16 47.38
N ILE B 402 1.91 -27.87 47.44
CA ILE B 402 3.28 -27.39 47.32
C ILE B 402 3.55 -26.38 48.43
N ARG B 403 4.75 -25.80 48.40
CA ARG B 403 5.18 -24.86 49.41
C ARG B 403 4.53 -23.50 49.18
N GLY B 404 4.96 -22.49 49.94
CA GLY B 404 4.37 -21.17 49.86
C GLY B 404 4.87 -20.34 48.71
N ASP B 405 6.19 -20.12 48.62
CA ASP B 405 6.76 -19.26 47.60
C ASP B 405 7.14 -20.01 46.33
N GLU B 406 6.49 -21.13 46.06
CA GLU B 406 6.68 -21.87 44.81
C GLU B 406 5.43 -21.88 43.95
N VAL B 407 4.48 -20.97 44.23
CA VAL B 407 3.26 -20.88 43.44
C VAL B 407 3.41 -19.94 42.25
N ARG B 408 4.54 -19.26 42.12
CA ARG B 408 4.79 -18.40 40.97
C ARG B 408 5.26 -19.19 39.75
N GLN B 409 5.62 -20.46 39.92
CA GLN B 409 6.12 -21.29 38.82
C GLN B 409 5.00 -22.03 38.10
N ILE B 410 3.75 -21.89 38.52
CA ILE B 410 2.63 -22.51 37.82
C ILE B 410 2.16 -21.50 36.78
N ALA B 411 2.85 -21.51 35.63
CA ALA B 411 2.52 -20.63 34.52
C ALA B 411 3.38 -21.01 33.32
N PRO B 412 2.88 -20.83 32.10
CA PRO B 412 3.66 -21.22 30.92
C PRO B 412 4.98 -20.46 30.85
N GLY B 413 6.03 -21.15 30.42
CA GLY B 413 7.33 -20.53 30.24
C GLY B 413 7.99 -20.10 31.52
N GLN B 414 8.40 -21.06 32.35
CA GLN B 414 9.03 -20.78 33.64
C GLN B 414 10.11 -21.81 33.91
N THR B 415 11.02 -21.46 34.82
CA THR B 415 12.12 -22.32 35.21
C THR B 415 12.13 -22.48 36.72
N GLY B 416 12.59 -23.64 37.16
CA GLY B 416 12.62 -23.96 38.58
C GLY B 416 12.59 -25.46 38.77
N LYS B 417 12.54 -25.85 40.05
CA LYS B 417 12.52 -27.26 40.40
C LYS B 417 11.13 -27.87 40.37
N ILE B 418 10.08 -27.07 40.23
CA ILE B 418 8.72 -27.59 40.16
C ILE B 418 8.28 -27.65 38.70
N ALA B 419 8.84 -26.76 37.88
CA ALA B 419 8.52 -26.70 36.46
C ALA B 419 9.49 -27.50 35.61
N ASP B 420 10.43 -28.22 36.22
CA ASP B 420 11.43 -28.99 35.49
C ASP B 420 11.33 -30.49 35.71
N TYR B 421 10.94 -30.94 36.90
CA TYR B 421 10.93 -32.35 37.23
C TYR B 421 9.58 -32.88 37.70
N ASN B 422 8.64 -32.01 38.07
CA ASN B 422 7.39 -32.45 38.68
C ASN B 422 6.17 -32.17 37.82
N TYR B 423 5.95 -30.92 37.43
CA TYR B 423 4.72 -30.54 36.74
C TYR B 423 5.02 -29.42 35.75
N LYS B 424 4.57 -29.62 34.51
CA LYS B 424 4.80 -28.65 33.44
C LYS B 424 3.49 -28.34 32.72
N LEU B 425 3.39 -27.12 32.20
CA LEU B 425 2.21 -26.64 31.51
C LEU B 425 2.52 -26.35 30.05
N PRO B 426 1.55 -26.52 29.15
CA PRO B 426 1.81 -26.23 27.73
C PRO B 426 1.98 -24.74 27.48
N ASP B 427 2.18 -24.37 26.20
CA ASP B 427 2.32 -22.96 25.84
C ASP B 427 0.98 -22.32 25.47
N ASP B 428 0.12 -23.07 24.77
CA ASP B 428 -1.21 -22.58 24.39
C ASP B 428 -2.23 -23.15 25.37
N PHE B 429 -2.25 -22.58 26.58
CA PHE B 429 -3.15 -23.05 27.62
C PHE B 429 -4.49 -22.32 27.54
N THR B 430 -5.52 -22.96 28.10
CA THR B 430 -6.85 -22.38 28.16
C THR B 430 -7.52 -22.88 29.44
N GLY B 431 -7.58 -22.01 30.44
CA GLY B 431 -8.14 -22.41 31.73
C GLY B 431 -7.82 -21.37 32.79
N CYS B 432 -7.90 -21.81 34.05
CA CYS B 432 -7.68 -20.93 35.18
C CYS B 432 -6.90 -21.67 36.26
N VAL B 433 -6.22 -20.90 37.10
CA VAL B 433 -5.40 -21.43 38.19
C VAL B 433 -5.88 -20.81 39.50
N ILE B 434 -6.03 -21.64 40.53
CA ILE B 434 -6.59 -21.22 41.81
C ILE B 434 -5.74 -21.81 42.94
N ALA B 435 -5.50 -21.00 43.98
CA ALA B 435 -4.73 -21.46 45.13
C ALA B 435 -5.19 -20.71 46.38
N TRP B 436 -4.95 -21.32 47.54
CA TRP B 436 -5.30 -20.71 48.81
C TRP B 436 -4.47 -21.35 49.92
N ASN B 437 -4.42 -20.67 51.06
CA ASN B 437 -3.58 -21.07 52.18
C ASN B 437 -4.30 -22.08 53.07
N SER B 438 -3.62 -23.16 53.42
CA SER B 438 -4.17 -24.26 54.20
C SER B 438 -3.25 -24.63 55.35
N ASN B 439 -2.73 -23.62 56.06
CA ASN B 439 -1.81 -23.88 57.15
C ASN B 439 -2.48 -24.59 58.31
N ASN B 440 -3.78 -24.38 58.51
CA ASN B 440 -4.45 -24.91 59.68
C ASN B 440 -4.81 -26.39 59.55
N LEU B 441 -4.76 -26.94 58.35
CA LEU B 441 -5.22 -28.30 58.11
C LEU B 441 -4.10 -29.25 57.66
N ASP B 442 -2.86 -28.78 57.57
CA ASP B 442 -1.79 -29.63 57.06
C ASP B 442 -0.50 -29.51 57.86
N SER B 443 -0.55 -28.95 59.07
CA SER B 443 0.64 -28.77 59.89
C SER B 443 0.35 -29.24 61.31
N LYS B 444 1.42 -29.63 62.00
CA LYS B 444 1.31 -30.12 63.37
C LYS B 444 2.66 -29.95 64.06
N VAL B 445 2.63 -30.05 65.38
CA VAL B 445 3.86 -29.99 66.16
C VAL B 445 4.67 -31.26 65.93
N GLY B 446 5.93 -31.09 65.56
CA GLY B 446 6.77 -32.21 65.17
C GLY B 446 6.90 -32.39 63.67
N GLY B 447 6.11 -31.67 62.88
CA GLY B 447 6.26 -31.68 61.43
C GLY B 447 5.39 -32.75 60.77
N ASN B 448 5.02 -32.47 59.53
CA ASN B 448 4.30 -33.40 58.68
C ASN B 448 5.24 -33.89 57.59
N TYR B 449 5.40 -35.20 57.48
CA TYR B 449 6.35 -35.80 56.55
C TYR B 449 5.65 -36.73 55.57
N ASN B 450 4.49 -36.32 55.07
CA ASN B 450 3.71 -37.11 54.12
C ASN B 450 3.60 -36.45 52.75
N TYR B 451 4.47 -35.49 52.46
CA TYR B 451 4.49 -34.81 51.17
C TYR B 451 5.91 -34.78 50.65
N LEU B 452 6.10 -35.23 49.40
CA LEU B 452 7.42 -35.40 48.82
C LEU B 452 7.49 -34.71 47.46
N TYR B 453 8.71 -34.61 46.94
CA TYR B 453 8.95 -34.00 45.63
C TYR B 453 10.27 -34.53 45.08
N ARG B 454 10.34 -34.58 43.75
CA ARG B 454 11.53 -35.10 43.07
C ARG B 454 12.63 -34.04 43.01
N LEU B 455 13.87 -34.47 43.22
CA LEU B 455 14.99 -33.55 43.32
C LEU B 455 16.05 -33.73 42.23
N PHE B 456 16.21 -34.93 41.69
CA PHE B 456 17.22 -35.18 40.66
C PHE B 456 16.57 -35.86 39.47
N ARG B 457 17.03 -35.52 38.27
CA ARG B 457 16.56 -36.17 37.05
C ARG B 457 17.61 -35.98 35.97
N LYS B 458 17.49 -36.79 34.91
CA LYS B 458 18.42 -36.76 33.79
C LYS B 458 18.07 -35.69 32.77
N SER B 459 16.78 -35.51 32.47
CA SER B 459 16.33 -34.53 31.50
C SER B 459 15.12 -33.81 32.06
N ASN B 460 14.44 -33.03 31.22
CA ASN B 460 13.28 -32.26 31.63
C ASN B 460 12.00 -32.96 31.20
N LEU B 461 10.92 -32.67 31.91
CA LEU B 461 9.62 -33.24 31.62
C LEU B 461 9.07 -32.63 30.32
N LYS B 462 7.86 -33.06 29.96
CA LYS B 462 7.12 -32.52 28.84
C LYS B 462 5.71 -32.20 29.31
N PRO B 463 5.00 -31.30 28.62
CA PRO B 463 3.73 -30.79 29.15
C PRO B 463 2.76 -31.90 29.49
N PHE B 464 2.11 -31.75 30.65
CA PHE B 464 1.08 -32.69 31.12
C PHE B 464 1.60 -34.12 31.12
N GLU B 465 2.78 -34.31 31.69
CA GLU B 465 3.42 -35.62 31.80
C GLU B 465 3.57 -35.97 33.28
N ARG B 466 3.74 -37.27 33.54
CA ARG B 466 3.89 -37.78 34.90
C ARG B 466 5.06 -38.75 34.97
N ASP B 467 5.63 -38.89 36.16
CA ASP B 467 6.77 -39.78 36.39
C ASP B 467 6.72 -40.23 37.84
N ILE B 468 6.46 -41.52 38.07
CA ILE B 468 6.24 -42.03 39.42
C ILE B 468 7.25 -43.13 39.73
N SER B 469 8.45 -43.04 39.15
CA SER B 469 9.44 -44.08 39.29
C SER B 469 10.50 -43.69 40.32
N THR B 470 10.99 -44.69 41.05
CA THR B 470 12.06 -44.52 42.02
C THR B 470 13.23 -45.41 41.62
N GLU B 471 14.41 -44.81 41.50
CA GLU B 471 15.59 -45.54 41.04
C GLU B 471 16.81 -44.70 41.36
N ILE B 472 17.87 -45.35 41.86
CA ILE B 472 19.04 -44.61 42.29
C ILE B 472 19.62 -43.83 41.12
N TYR B 473 20.16 -42.66 41.43
CA TYR B 473 20.64 -41.71 40.42
C TYR B 473 22.14 -41.57 40.56
N GLN B 474 22.87 -41.84 39.47
CA GLN B 474 24.32 -41.78 39.46
C GLN B 474 24.77 -40.40 39.01
N ALA B 475 25.41 -39.66 39.91
CA ALA B 475 25.88 -38.31 39.62
C ALA B 475 27.35 -38.25 39.22
N GLY B 476 28.01 -39.40 39.08
CA GLY B 476 29.42 -39.41 38.73
C GLY B 476 29.77 -40.41 37.66
N SER B 477 31.05 -40.81 37.61
CA SER B 477 31.52 -41.77 36.62
C SER B 477 31.43 -43.21 37.11
N THR B 478 31.10 -43.43 38.38
CA THR B 478 31.01 -44.77 38.92
C THR B 478 29.57 -45.25 38.88
N PRO B 479 29.28 -46.37 38.22
CA PRO B 479 27.90 -46.88 38.22
C PRO B 479 27.40 -47.11 39.64
N CYS B 480 26.14 -46.73 39.88
CA CYS B 480 25.60 -46.83 41.22
C CYS B 480 25.51 -48.28 41.69
N ASN B 481 25.07 -49.18 40.81
CA ASN B 481 24.96 -50.60 41.11
C ASN B 481 23.80 -50.93 42.04
N GLY B 482 22.83 -50.02 42.19
CA GLY B 482 21.63 -50.28 42.96
C GLY B 482 21.73 -50.04 44.44
N VAL B 483 22.91 -49.67 44.96
CA VAL B 483 23.11 -49.43 46.38
C VAL B 483 23.59 -48.00 46.56
N GLU B 484 22.94 -47.28 47.48
CA GLU B 484 23.32 -45.90 47.74
C GLU B 484 24.73 -45.84 48.35
N GLY B 485 25.42 -44.74 48.06
CA GLY B 485 26.77 -44.53 48.57
C GLY B 485 27.31 -43.17 48.18
N PHE B 486 28.61 -43.11 47.91
CA PHE B 486 29.22 -41.87 47.45
C PHE B 486 28.80 -41.59 46.01
N ASN B 487 28.39 -40.34 45.75
CA ASN B 487 27.92 -39.94 44.43
C ASN B 487 26.71 -40.77 43.99
N CYS B 488 25.82 -41.05 44.94
CA CYS B 488 24.60 -41.80 44.67
C CYS B 488 23.55 -41.37 45.67
N TYR B 489 22.39 -40.92 45.18
CA TYR B 489 21.38 -40.31 46.04
C TYR B 489 20.00 -40.87 45.74
N PHE B 490 19.13 -40.82 46.74
CA PHE B 490 17.72 -41.12 46.56
C PHE B 490 16.99 -39.91 45.98
N PRO B 491 16.26 -40.06 44.87
CA PRO B 491 15.75 -38.88 44.16
C PRO B 491 14.60 -38.17 44.88
N LEU B 492 13.97 -38.78 45.88
CA LEU B 492 12.78 -38.24 46.50
C LEU B 492 13.10 -37.67 47.89
N GLN B 493 12.65 -36.46 48.15
CA GLN B 493 12.82 -35.79 49.43
C GLN B 493 11.45 -35.51 50.04
N SER B 494 11.45 -34.81 51.19
CA SER B 494 10.23 -34.62 51.97
C SER B 494 10.08 -33.17 52.38
N TYR B 495 8.83 -32.76 52.58
CA TYR B 495 8.50 -31.42 53.06
C TYR B 495 8.28 -31.46 54.57
N GLY B 496 8.87 -30.51 55.29
CA GLY B 496 8.64 -30.41 56.71
C GLY B 496 7.86 -29.17 57.08
N PHE B 497 6.60 -29.33 57.47
CA PHE B 497 5.70 -28.23 57.78
C PHE B 497 5.48 -28.14 59.28
N GLN B 498 5.74 -26.96 59.85
CA GLN B 498 5.49 -26.71 61.26
C GLN B 498 4.66 -25.43 61.41
N PRO B 499 3.87 -25.34 62.49
CA PRO B 499 2.94 -24.21 62.62
C PRO B 499 3.63 -22.86 62.84
N THR B 500 4.92 -22.84 63.16
CA THR B 500 5.63 -21.60 63.45
C THR B 500 6.55 -21.16 62.32
N ASN B 501 6.53 -21.84 61.19
CA ASN B 501 7.41 -21.49 60.08
C ASN B 501 7.01 -20.15 59.48
N GLY B 502 7.94 -19.55 58.76
CA GLY B 502 7.68 -18.28 58.10
C GLY B 502 6.53 -18.36 57.13
N VAL B 503 6.13 -17.19 56.62
CA VAL B 503 5.02 -17.13 55.68
C VAL B 503 5.39 -17.78 54.36
N GLY B 504 6.67 -17.89 54.07
CA GLY B 504 7.14 -18.52 52.85
C GLY B 504 7.40 -20.00 52.96
N TYR B 505 7.09 -20.62 54.09
CA TYR B 505 7.29 -22.05 54.33
C TYR B 505 6.02 -22.67 54.90
N GLN B 506 4.89 -22.34 54.30
CA GLN B 506 3.59 -22.82 54.76
C GLN B 506 2.84 -23.48 53.61
N PRO B 507 2.00 -24.46 53.92
CA PRO B 507 1.38 -25.26 52.84
C PRO B 507 0.37 -24.47 52.04
N TYR B 508 0.17 -24.91 50.80
CA TYR B 508 -0.81 -24.33 49.89
C TYR B 508 -1.45 -25.44 49.07
N ARG B 509 -2.66 -25.17 48.58
CA ARG B 509 -3.41 -26.12 47.74
C ARG B 509 -3.70 -25.47 46.40
N VAL B 510 -3.57 -26.24 45.33
CA VAL B 510 -3.69 -25.74 43.96
C VAL B 510 -4.67 -26.61 43.18
N VAL B 511 -5.45 -25.97 42.31
CA VAL B 511 -6.38 -26.66 41.41
C VAL B 511 -6.31 -25.98 40.06
N VAL B 512 -6.31 -26.78 38.99
CA VAL B 512 -6.20 -26.28 37.62
C VAL B 512 -7.40 -26.77 36.82
N LEU B 513 -7.97 -25.88 36.02
CA LEU B 513 -9.13 -26.19 35.17
C LEU B 513 -8.76 -25.99 33.71
N SER B 514 -9.20 -26.92 32.87
CA SER B 514 -8.88 -26.89 31.44
C SER B 514 -10.12 -27.28 30.64
N PHE B 515 -10.33 -26.60 29.52
CA PHE B 515 -11.49 -26.87 28.67
C PHE B 515 -11.22 -26.32 27.28
N GLU B 516 -12.18 -26.53 26.37
CA GLU B 516 -12.15 -25.99 25.03
C GLU B 516 -13.47 -25.28 24.75
N LEU B 517 -13.45 -24.35 23.80
CA LEU B 517 -14.56 -23.42 23.60
C LEU B 517 -15.00 -23.38 22.15
N LEU B 518 -16.31 -23.51 21.93
CA LEU B 518 -16.95 -23.16 20.65
C LEU B 518 -16.34 -23.92 19.48
N HIS B 519 -16.20 -25.24 19.63
CA HIS B 519 -15.74 -26.07 18.53
C HIS B 519 -16.48 -27.39 18.36
N ALA B 520 -17.27 -27.83 19.33
CA ALA B 520 -17.91 -29.14 19.24
C ALA B 520 -19.04 -29.25 20.25
N PRO B 521 -19.76 -30.38 20.29
CA PRO B 521 -20.85 -30.51 21.25
C PRO B 521 -20.35 -30.35 22.68
N ALA B 522 -21.17 -29.71 23.52
CA ALA B 522 -20.83 -29.41 24.89
C ALA B 522 -21.84 -30.05 25.83
N THR B 523 -21.41 -30.29 27.07
CA THR B 523 -22.27 -30.92 28.07
C THR B 523 -22.31 -30.17 29.39
N VAL B 524 -21.49 -29.14 29.59
CA VAL B 524 -21.49 -28.32 30.79
C VAL B 524 -21.78 -26.89 30.37
N CYS B 525 -22.82 -26.29 30.97
CA CYS B 525 -23.28 -24.97 30.58
C CYS B 525 -23.51 -24.11 31.83
N GLY B 526 -23.50 -22.80 31.62
CA GLY B 526 -23.64 -21.87 32.70
C GLY B 526 -25.07 -21.71 33.14
N PRO B 527 -25.28 -20.81 34.11
CA PRO B 527 -26.62 -20.59 34.70
C PRO B 527 -27.47 -19.53 33.98
N LYS B 528 -28.01 -19.90 32.82
CA LYS B 528 -28.91 -19.03 32.09
C LYS B 528 -30.01 -19.86 31.45
N LYS B 529 -31.17 -19.22 31.25
CA LYS B 529 -32.36 -19.91 30.80
C LYS B 529 -32.46 -19.91 29.28
N SER B 530 -33.32 -20.77 28.77
CA SER B 530 -33.57 -20.90 27.34
C SER B 530 -34.89 -20.23 26.98
N THR B 531 -35.30 -20.36 25.72
CA THR B 531 -36.54 -19.76 25.23
C THR B 531 -37.07 -20.65 24.10
N ASN B 532 -38.03 -20.13 23.34
CA ASN B 532 -38.56 -20.81 22.18
C ASN B 532 -38.08 -20.12 20.90
N LEU B 533 -38.11 -20.87 19.80
CA LEU B 533 -37.51 -20.43 18.56
C LEU B 533 -38.59 -19.98 17.57
N VAL B 534 -38.36 -18.83 16.95
CA VAL B 534 -39.25 -18.31 15.91
C VAL B 534 -38.53 -18.38 14.57
N LYS B 535 -39.31 -18.55 13.51
CA LYS B 535 -38.77 -18.74 12.17
C LYS B 535 -39.29 -17.66 11.23
N ASN B 536 -38.48 -17.37 10.20
CA ASN B 536 -38.86 -16.47 9.11
C ASN B 536 -38.99 -15.02 9.59
N LYS B 537 -38.05 -14.63 10.45
CA LYS B 537 -37.97 -13.26 10.93
C LYS B 537 -36.54 -12.96 11.35
N CYS B 538 -36.17 -11.68 11.30
CA CYS B 538 -34.83 -11.25 11.64
C CYS B 538 -34.76 -11.02 13.15
N VAL B 539 -33.98 -11.86 13.84
CA VAL B 539 -33.86 -11.80 15.30
C VAL B 539 -32.41 -12.10 15.69
N ASN B 540 -32.11 -11.86 16.96
CA ASN B 540 -30.82 -12.23 17.53
C ASN B 540 -30.92 -13.61 18.19
N PHE B 541 -29.81 -14.33 18.21
CA PHE B 541 -29.82 -15.70 18.69
C PHE B 541 -28.58 -15.96 19.54
N ASN B 542 -28.68 -16.98 20.38
CA ASN B 542 -27.57 -17.47 21.20
C ASN B 542 -27.62 -18.98 21.20
N PHE B 543 -26.70 -19.61 20.47
CA PHE B 543 -26.68 -21.07 20.32
C PHE B 543 -25.40 -21.59 20.98
N ASN B 544 -25.54 -22.05 22.22
CA ASN B 544 -24.42 -22.62 22.97
C ASN B 544 -23.26 -21.64 23.07
N GLY B 545 -23.58 -20.36 23.23
CA GLY B 545 -22.60 -19.31 23.38
C GLY B 545 -22.33 -18.50 22.12
N LEU B 546 -22.72 -19.00 20.95
CA LEU B 546 -22.53 -18.28 19.71
C LEU B 546 -23.60 -17.22 19.53
N THR B 547 -23.19 -16.05 19.04
CA THR B 547 -24.08 -14.91 18.90
C THR B 547 -24.07 -14.41 17.46
N GLY B 548 -25.19 -13.83 17.04
CA GLY B 548 -25.32 -13.32 15.69
C GLY B 548 -26.74 -12.84 15.43
N THR B 549 -27.02 -12.60 14.16
CA THR B 549 -28.35 -12.18 13.73
C THR B 549 -28.60 -12.67 12.31
N GLY B 550 -29.87 -12.81 11.96
CA GLY B 550 -30.23 -13.28 10.64
C GLY B 550 -31.61 -13.90 10.66
N VAL B 551 -31.86 -14.73 9.65
CA VAL B 551 -33.14 -15.43 9.47
C VAL B 551 -32.89 -16.93 9.54
N LEU B 552 -33.76 -17.64 10.25
CA LEU B 552 -33.64 -19.07 10.43
C LEU B 552 -34.75 -19.79 9.66
N THR B 553 -34.37 -20.87 8.99
CA THR B 553 -35.30 -21.67 8.21
C THR B 553 -34.85 -23.13 8.26
N GLU B 554 -35.61 -23.99 7.59
CA GLU B 554 -35.35 -25.43 7.60
C GLU B 554 -34.53 -25.83 6.38
N SER B 555 -33.53 -26.67 6.61
CA SER B 555 -32.58 -27.07 5.59
C SER B 555 -32.75 -28.55 5.24
N ASN B 556 -31.86 -29.03 4.37
CA ASN B 556 -31.89 -30.42 3.90
C ASN B 556 -30.58 -31.16 4.13
N LYS B 557 -29.55 -30.49 4.66
CA LYS B 557 -28.29 -31.16 4.91
C LYS B 557 -28.43 -32.17 6.05
N LYS B 558 -27.47 -33.08 6.13
CA LYS B 558 -27.48 -34.16 7.12
C LYS B 558 -26.12 -34.22 7.79
N PHE B 559 -26.06 -33.77 9.04
CA PHE B 559 -24.82 -33.75 9.80
C PHE B 559 -24.45 -35.16 10.26
N LEU B 560 -23.17 -35.32 10.60
CA LEU B 560 -22.67 -36.54 11.20
C LEU B 560 -22.77 -36.47 12.72
N PRO B 561 -22.65 -37.60 13.40
CA PRO B 561 -22.85 -37.59 14.86
C PRO B 561 -21.91 -36.66 15.62
N PHE B 562 -20.70 -36.44 15.13
CA PHE B 562 -19.70 -35.65 15.84
C PHE B 562 -19.54 -34.25 15.27
N GLN B 563 -20.61 -33.66 14.77
CA GLN B 563 -20.57 -32.32 14.19
C GLN B 563 -21.68 -31.46 14.76
N GLN B 564 -21.40 -30.16 14.90
CA GLN B 564 -22.37 -29.22 15.46
C GLN B 564 -22.52 -27.93 14.65
N PHE B 565 -21.55 -27.54 13.84
CA PHE B 565 -21.60 -26.31 13.09
C PHE B 565 -21.20 -26.55 11.64
N GLY B 566 -21.63 -25.64 10.76
CA GLY B 566 -21.26 -25.68 9.36
C GLY B 566 -20.60 -24.38 8.92
N ARG B 567 -19.94 -24.44 7.77
CA ARG B 567 -19.22 -23.28 7.25
C ARG B 567 -19.32 -23.25 5.73
N ASP B 568 -19.09 -22.06 5.17
CA ASP B 568 -19.14 -21.81 3.74
C ASP B 568 -17.75 -21.44 3.22
N ILE B 569 -17.69 -21.03 1.96
CA ILE B 569 -16.41 -20.77 1.31
C ILE B 569 -15.58 -19.78 2.14
N ALA B 570 -16.19 -18.67 2.54
CA ALA B 570 -15.59 -17.80 3.52
C ALA B 570 -15.84 -18.35 4.91
N ASP B 571 -14.97 -17.99 5.85
CA ASP B 571 -15.08 -18.54 7.20
C ASP B 571 -16.25 -17.91 7.95
N THR B 572 -17.47 -18.38 7.64
CA THR B 572 -18.67 -17.89 8.29
C THR B 572 -19.60 -19.07 8.53
N THR B 573 -20.50 -18.91 9.51
CA THR B 573 -21.42 -19.96 9.89
C THR B 573 -22.76 -19.77 9.20
N ASP B 574 -23.28 -20.84 8.59
CA ASP B 574 -24.56 -20.78 7.92
C ASP B 574 -25.46 -21.97 8.23
N ALA B 575 -25.05 -22.89 9.09
CA ALA B 575 -25.88 -24.02 9.49
C ALA B 575 -25.62 -24.33 10.96
N VAL B 576 -26.63 -24.92 11.61
CA VAL B 576 -26.54 -25.22 13.04
C VAL B 576 -27.54 -26.31 13.36
N ARG B 577 -27.34 -26.98 14.49
CA ARG B 577 -28.23 -28.03 14.96
C ARG B 577 -28.88 -27.59 16.27
N ASP B 578 -30.19 -27.73 16.35
CA ASP B 578 -30.92 -27.32 17.55
C ASP B 578 -30.63 -28.30 18.69
N PRO B 579 -30.16 -27.84 19.85
CA PRO B 579 -29.78 -28.76 20.92
C PRO B 579 -30.94 -29.38 21.67
N GLN B 580 -32.17 -28.91 21.46
CA GLN B 580 -33.34 -29.47 22.13
C GLN B 580 -34.26 -30.23 21.20
N THR B 581 -33.98 -30.24 19.90
CA THR B 581 -34.81 -30.96 18.94
C THR B 581 -34.03 -31.86 17.99
N LEU B 582 -32.72 -31.65 17.83
CA LEU B 582 -31.89 -32.48 16.97
C LEU B 582 -32.22 -32.26 15.48
N GLU B 583 -32.42 -31.00 15.10
CA GLU B 583 -32.73 -30.63 13.73
C GLU B 583 -31.71 -29.62 13.22
N ILE B 584 -31.67 -29.45 11.90
CA ILE B 584 -30.71 -28.58 11.24
C ILE B 584 -31.45 -27.35 10.73
N LEU B 585 -30.83 -26.18 10.92
CA LEU B 585 -31.40 -24.91 10.50
C LEU B 585 -30.39 -24.14 9.66
N ASP B 586 -30.85 -23.04 9.07
CA ASP B 586 -30.04 -22.21 8.20
C ASP B 586 -30.05 -20.77 8.69
N ILE B 587 -29.00 -20.02 8.34
CA ILE B 587 -28.85 -18.62 8.73
C ILE B 587 -28.53 -17.81 7.49
N THR B 588 -29.24 -16.70 7.31
CA THR B 588 -29.01 -15.80 6.19
C THR B 588 -29.06 -14.36 6.67
N PRO B 589 -28.30 -13.47 6.03
CA PRO B 589 -28.30 -12.05 6.44
C PRO B 589 -29.62 -11.37 6.16
N CYS B 590 -29.71 -10.08 6.48
CA CYS B 590 -30.96 -9.34 6.34
C CYS B 590 -30.85 -8.06 5.49
N SER B 591 -29.65 -7.67 5.07
CA SER B 591 -29.45 -6.45 4.29
C SER B 591 -29.01 -6.83 2.88
N PHE B 592 -29.75 -6.34 1.88
CA PHE B 592 -29.49 -6.71 0.49
C PHE B 592 -30.19 -5.72 -0.42
N GLY B 593 -29.44 -5.03 -1.27
CA GLY B 593 -30.02 -4.06 -2.20
C GLY B 593 -29.41 -2.68 -2.10
N GLY B 594 -29.45 -1.95 -3.22
CA GLY B 594 -28.89 -0.61 -3.30
C GLY B 594 -29.91 0.43 -3.70
N VAL B 595 -29.48 1.70 -3.68
CA VAL B 595 -30.35 2.81 -3.98
C VAL B 595 -29.61 3.98 -4.60
N SER B 596 -30.39 4.96 -5.07
CA SER B 596 -29.84 6.17 -5.69
C SER B 596 -30.86 7.29 -5.56
N VAL B 597 -30.39 8.53 -5.76
CA VAL B 597 -31.21 9.72 -5.60
C VAL B 597 -31.04 10.62 -6.82
N ILE B 598 -32.15 11.15 -7.31
CA ILE B 598 -32.16 12.05 -8.47
C ILE B 598 -32.72 13.40 -8.03
N THR B 599 -31.96 14.47 -8.26
CA THR B 599 -32.36 15.80 -7.85
C THR B 599 -32.09 16.79 -8.96
N PRO B 600 -32.92 17.84 -9.08
CA PRO B 600 -32.68 18.91 -10.06
C PRO B 600 -31.79 20.04 -9.56
N GLY B 601 -31.10 19.87 -8.43
CA GLY B 601 -30.31 20.93 -7.86
C GLY B 601 -31.02 21.62 -6.71
N THR B 602 -30.29 21.88 -5.62
CA THR B 602 -30.89 22.44 -4.43
C THR B 602 -31.27 23.91 -4.59
N ASN B 603 -30.86 24.55 -5.67
CA ASN B 603 -31.18 25.96 -5.91
C ASN B 603 -32.49 26.15 -6.67
N THR B 604 -33.21 25.07 -6.98
CA THR B 604 -34.47 25.16 -7.70
C THR B 604 -35.65 24.67 -6.89
N SER B 605 -35.58 23.46 -6.35
CA SER B 605 -36.70 22.88 -5.62
C SER B 605 -36.16 21.92 -4.57
N ASN B 606 -37.07 21.31 -3.81
CA ASN B 606 -36.71 20.37 -2.76
C ASN B 606 -37.28 18.99 -3.00
N GLN B 607 -37.73 18.70 -4.22
CA GLN B 607 -38.26 17.39 -4.56
C GLN B 607 -37.17 16.50 -5.15
N VAL B 608 -37.36 15.19 -5.01
CA VAL B 608 -36.40 14.21 -5.48
C VAL B 608 -37.14 12.93 -5.87
N ALA B 609 -36.43 12.02 -6.53
CA ALA B 609 -36.95 10.70 -6.86
C ALA B 609 -35.93 9.66 -6.44
N VAL B 610 -36.42 8.46 -6.12
CA VAL B 610 -35.59 7.39 -5.58
C VAL B 610 -35.71 6.17 -6.48
N LEU B 611 -34.57 5.53 -6.75
CA LEU B 611 -34.50 4.37 -7.63
C LEU B 611 -34.00 3.17 -6.85
N TYR B 612 -34.77 2.08 -6.87
CA TYR B 612 -34.42 0.83 -6.24
C TYR B 612 -34.05 -0.17 -7.33
N GLN B 613 -32.83 -0.72 -7.24
CA GLN B 613 -32.25 -1.48 -8.35
C GLN B 613 -32.43 -2.98 -8.22
N ASP B 614 -33.10 -3.47 -7.17
CA ASP B 614 -33.29 -4.91 -6.99
C ASP B 614 -34.71 -5.21 -6.53
N VAL B 615 -35.70 -4.55 -7.14
CA VAL B 615 -37.10 -4.72 -6.74
C VAL B 615 -37.99 -4.69 -7.97
N ASN B 616 -39.15 -5.32 -7.84
CA ASN B 616 -40.20 -5.29 -8.86
C ASN B 616 -41.37 -4.49 -8.31
N CYS B 617 -41.70 -3.38 -8.99
CA CYS B 617 -42.74 -2.49 -8.48
C CYS B 617 -44.11 -3.15 -8.43
N THR B 618 -44.30 -4.26 -9.15
CA THR B 618 -45.59 -4.93 -9.13
C THR B 618 -45.97 -5.34 -7.70
N GLU B 619 -45.02 -5.91 -6.97
CA GLU B 619 -45.21 -6.25 -5.55
C GLU B 619 -43.90 -5.88 -4.84
N VAL B 620 -43.84 -4.65 -4.34
CA VAL B 620 -42.63 -4.11 -3.72
C VAL B 620 -42.76 -4.32 -2.21
N PRO B 621 -41.99 -5.22 -1.61
CA PRO B 621 -42.02 -5.38 -0.15
C PRO B 621 -41.02 -4.50 0.59
N VAL B 622 -40.01 -3.98 -0.09
CA VAL B 622 -38.98 -3.14 0.52
C VAL B 622 -39.07 -1.76 -0.11
N ALA B 623 -39.30 -0.76 0.72
CA ALA B 623 -39.36 0.63 0.29
C ALA B 623 -39.38 1.52 1.52
N ILE B 624 -38.59 2.59 1.48
CA ILE B 624 -38.44 3.43 2.66
C ILE B 624 -39.78 4.06 3.04
N HIS B 625 -40.45 4.68 2.07
CA HIS B 625 -41.76 5.27 2.32
C HIS B 625 -42.77 4.84 1.28
N ALA B 626 -42.30 4.55 0.06
CA ALA B 626 -43.19 4.14 -1.02
C ALA B 626 -44.30 5.16 -1.24
N GLY B 639 -46.97 8.10 -3.82
CA GLY B 639 -48.04 8.93 -4.32
C GLY B 639 -48.66 8.40 -5.60
N SER B 640 -48.64 7.07 -5.75
CA SER B 640 -49.17 6.37 -6.91
C SER B 640 -48.33 6.54 -8.16
N ASN B 641 -47.17 7.21 -8.04
CA ASN B 641 -46.28 7.40 -9.19
C ASN B 641 -45.19 6.31 -9.17
N VAL B 642 -45.61 5.10 -9.51
CA VAL B 642 -44.72 3.95 -9.56
C VAL B 642 -44.54 3.55 -11.01
N PHE B 643 -43.30 3.56 -11.49
CA PHE B 643 -42.96 3.20 -12.86
C PHE B 643 -41.83 2.17 -12.82
N GLN B 644 -42.01 1.06 -13.52
CA GLN B 644 -41.06 -0.04 -13.50
C GLN B 644 -40.23 -0.02 -14.78
N THR B 645 -38.96 0.34 -14.65
CA THR B 645 -38.04 0.33 -15.78
C THR B 645 -37.26 -0.98 -15.79
N ARG B 646 -36.24 -1.06 -16.64
CA ARG B 646 -35.40 -2.23 -16.72
C ARG B 646 -34.15 -2.13 -15.85
N ALA B 647 -33.99 -1.03 -15.11
CA ALA B 647 -32.87 -0.85 -14.21
C ALA B 647 -33.28 -0.69 -12.76
N GLY B 648 -34.54 -0.98 -12.43
CA GLY B 648 -35.00 -0.88 -11.06
C GLY B 648 -36.43 -0.40 -10.91
N CYS B 649 -36.72 0.26 -9.79
CA CYS B 649 -38.05 0.78 -9.50
C CYS B 649 -37.93 2.26 -9.20
N LEU B 650 -38.78 3.07 -9.82
CA LEU B 650 -38.74 4.52 -9.70
C LEU B 650 -39.97 5.02 -8.96
N ILE B 651 -39.77 5.90 -8.00
CA ILE B 651 -40.85 6.47 -7.20
C ILE B 651 -40.74 7.99 -7.26
N GLY B 652 -41.85 8.64 -7.58
CA GLY B 652 -41.91 10.08 -7.60
C GLY B 652 -41.70 10.75 -8.94
N ALA B 653 -41.77 10.01 -10.05
CA ALA B 653 -41.59 10.57 -11.38
C ALA B 653 -42.76 10.16 -12.26
N GLU B 654 -43.08 11.02 -13.22
CA GLU B 654 -44.22 10.82 -14.11
C GLU B 654 -43.74 10.30 -15.46
N HIS B 655 -44.41 9.27 -15.95
CA HIS B 655 -44.11 8.72 -17.27
C HIS B 655 -44.74 9.58 -18.36
N VAL B 656 -44.14 9.54 -19.55
CA VAL B 656 -44.60 10.28 -20.71
C VAL B 656 -44.41 9.40 -21.95
N ASN B 657 -44.93 9.86 -23.08
CA ASN B 657 -44.90 9.11 -24.32
C ASN B 657 -43.92 9.64 -25.34
N ASN B 658 -43.83 10.96 -25.51
CA ASN B 658 -42.93 11.51 -26.52
C ASN B 658 -41.47 11.34 -26.08
N SER B 659 -40.56 11.79 -26.95
CA SER B 659 -39.13 11.61 -26.73
C SER B 659 -38.40 12.94 -26.92
N TYR B 660 -37.27 13.07 -26.23
CA TYR B 660 -36.43 14.26 -26.31
C TYR B 660 -34.97 13.81 -26.30
N GLU B 661 -34.07 14.75 -26.10
CA GLU B 661 -32.65 14.46 -25.96
C GLU B 661 -32.31 14.30 -24.48
N CYS B 662 -31.50 13.28 -24.18
CA CYS B 662 -31.25 12.90 -22.80
C CYS B 662 -30.68 14.06 -21.99
N ASP B 663 -31.18 14.22 -20.77
CA ASP B 663 -30.70 15.22 -19.83
C ASP B 663 -29.98 14.61 -18.63
N ILE B 664 -30.63 13.70 -17.92
CA ILE B 664 -30.01 12.96 -16.82
C ILE B 664 -30.09 11.48 -17.14
N PRO B 665 -28.97 10.80 -17.38
CA PRO B 665 -29.00 9.40 -17.79
C PRO B 665 -29.24 8.48 -16.60
N ILE B 666 -30.46 7.92 -16.52
CA ILE B 666 -30.76 6.95 -15.48
C ILE B 666 -30.12 5.61 -15.81
N GLY B 667 -30.24 5.16 -17.04
CA GLY B 667 -29.64 3.90 -17.47
C GLY B 667 -30.62 2.99 -18.17
N ALA B 668 -30.09 2.17 -19.09
CA ALA B 668 -30.89 1.19 -19.83
C ALA B 668 -31.83 1.86 -20.84
N GLY B 669 -31.41 2.96 -21.44
CA GLY B 669 -32.23 3.63 -22.43
C GLY B 669 -33.32 4.50 -21.86
N ILE B 670 -33.11 5.10 -20.69
CA ILE B 670 -34.09 5.97 -20.05
C ILE B 670 -33.38 7.23 -19.58
N CYS B 671 -34.15 8.31 -19.44
CA CYS B 671 -33.63 9.58 -18.97
C CYS B 671 -34.70 10.32 -18.20
N ALA B 672 -34.28 11.33 -17.45
CA ALA B 672 -35.20 12.12 -16.64
C ALA B 672 -34.79 13.58 -16.69
N SER B 673 -35.78 14.47 -16.54
CA SER B 673 -35.52 15.90 -16.53
C SER B 673 -36.65 16.60 -15.80
N TYR B 674 -36.35 17.78 -15.27
CA TYR B 674 -37.29 18.54 -14.45
C TYR B 674 -38.09 19.48 -15.32
N GLN B 675 -39.40 19.24 -15.43
CA GLN B 675 -40.28 20.08 -16.22
C GLN B 675 -41.73 19.91 -15.79
N SER B 689 -47.02 24.38 -12.82
CA SER B 689 -46.92 23.12 -12.10
C SER B 689 -45.76 22.29 -12.62
N GLN B 690 -44.59 22.47 -12.03
CA GLN B 690 -43.39 21.74 -12.43
C GLN B 690 -43.31 20.40 -11.72
N SER B 691 -42.69 19.44 -12.37
CA SER B 691 -42.54 18.09 -11.83
C SER B 691 -41.36 17.42 -12.52
N ILE B 692 -41.18 16.13 -12.25
CA ILE B 692 -40.10 15.33 -12.84
C ILE B 692 -40.73 14.30 -13.76
N ILE B 693 -40.13 14.11 -14.92
CA ILE B 693 -40.65 13.20 -15.94
C ILE B 693 -39.55 12.24 -16.37
N ALA B 694 -39.98 11.11 -16.94
CA ALA B 694 -39.06 10.05 -17.36
C ALA B 694 -39.49 9.57 -18.75
N TYR B 695 -38.79 10.04 -19.78
CA TYR B 695 -39.08 9.69 -21.16
C TYR B 695 -38.08 8.65 -21.66
N THR B 696 -38.13 8.36 -22.96
CA THR B 696 -37.17 7.46 -23.61
C THR B 696 -36.33 8.27 -24.58
N MET B 697 -35.00 8.15 -24.45
CA MET B 697 -34.11 8.96 -25.27
C MET B 697 -34.23 8.59 -26.74
N SER B 698 -34.13 9.61 -27.60
CA SER B 698 -34.30 9.44 -29.04
C SER B 698 -32.94 9.43 -29.73
N LEU B 699 -32.89 8.81 -30.91
CA LEU B 699 -31.64 8.63 -31.63
C LEU B 699 -31.39 9.76 -32.63
N GLY B 700 -32.42 10.22 -33.33
CA GLY B 700 -32.25 11.31 -34.27
C GLY B 700 -33.39 11.33 -35.28
N ALA B 701 -33.18 12.13 -36.32
CA ALA B 701 -34.16 12.30 -37.38
C ALA B 701 -34.17 11.08 -38.30
N GLU B 702 -34.98 11.15 -39.35
CA GLU B 702 -35.11 10.04 -40.30
C GLU B 702 -35.12 10.59 -41.72
N ASN B 703 -34.46 9.88 -42.63
CA ASN B 703 -34.44 10.32 -44.05
C ASN B 703 -34.51 9.10 -44.93
N SER B 704 -34.53 9.31 -46.24
CA SER B 704 -34.62 8.26 -47.24
C SER B 704 -34.14 8.84 -48.57
N VAL B 705 -33.18 8.18 -49.20
CA VAL B 705 -32.59 8.67 -50.43
C VAL B 705 -33.38 8.15 -51.62
N ALA B 706 -33.48 8.93 -52.69
CA ALA B 706 -34.21 8.48 -53.89
C ALA B 706 -33.29 7.72 -54.84
N TYR B 707 -32.94 6.46 -54.56
CA TYR B 707 -31.94 5.77 -55.41
C TYR B 707 -32.54 5.21 -56.69
N SER B 708 -32.00 5.58 -57.83
CA SER B 708 -32.39 5.03 -59.13
C SER B 708 -31.12 4.74 -59.91
N ASN B 709 -31.24 3.88 -60.92
CA ASN B 709 -30.07 3.41 -61.64
C ASN B 709 -29.59 4.37 -62.71
N ASN B 710 -30.31 5.45 -63.00
CA ASN B 710 -29.88 6.42 -63.99
C ASN B 710 -30.15 7.85 -63.52
N SER B 711 -29.81 8.15 -62.27
CA SER B 711 -30.04 9.49 -61.72
C SER B 711 -28.81 9.93 -60.93
N ILE B 712 -28.61 11.24 -60.85
CA ILE B 712 -27.46 11.81 -60.15
C ILE B 712 -27.82 13.23 -59.71
N ALA B 713 -27.10 13.74 -58.71
CA ALA B 713 -27.30 15.08 -58.20
C ALA B 713 -25.95 15.79 -58.06
N ILE B 714 -25.91 17.06 -58.43
CA ILE B 714 -24.67 17.83 -58.43
C ILE B 714 -24.89 19.19 -57.79
N PRO B 715 -23.94 19.68 -56.98
CA PRO B 715 -24.12 20.99 -56.33
C PRO B 715 -23.94 22.14 -57.32
N THR B 716 -24.35 23.33 -56.88
CA THR B 716 -24.20 24.53 -57.70
C THR B 716 -23.71 25.74 -56.90
N ASN B 717 -23.24 25.57 -55.67
CA ASN B 717 -22.73 26.67 -54.88
C ASN B 717 -21.81 26.09 -53.80
N PHE B 718 -21.43 26.93 -52.83
CA PHE B 718 -20.51 26.50 -51.78
C PHE B 718 -20.67 27.41 -50.58
N THR B 719 -19.90 27.11 -49.53
CA THR B 719 -19.96 27.86 -48.28
C THR B 719 -18.59 27.79 -47.61
N ILE B 720 -18.36 28.71 -46.68
CA ILE B 720 -17.12 28.79 -45.92
C ILE B 720 -17.46 28.73 -44.43
N SER B 721 -16.75 27.89 -43.70
CA SER B 721 -17.04 27.66 -42.29
C SER B 721 -15.76 27.69 -41.46
N VAL B 722 -15.91 28.00 -40.17
CA VAL B 722 -14.80 28.05 -39.23
C VAL B 722 -15.24 27.40 -37.92
N THR B 723 -14.36 26.59 -37.34
CA THR B 723 -14.64 25.88 -36.11
C THR B 723 -13.42 25.95 -35.20
N THR B 724 -13.54 25.39 -34.00
CA THR B 724 -12.50 25.47 -32.98
C THR B 724 -12.26 24.10 -32.35
N GLU B 725 -11.12 23.98 -31.66
CA GLU B 725 -10.73 22.75 -30.99
C GLU B 725 -9.77 23.09 -29.86
N ILE B 726 -9.90 22.37 -28.74
CA ILE B 726 -9.13 22.65 -27.53
C ILE B 726 -8.46 21.36 -27.05
N LEU B 727 -7.20 21.47 -26.63
CA LEU B 727 -6.43 20.33 -26.17
C LEU B 727 -5.50 20.71 -25.02
N PRO B 728 -5.59 20.04 -23.87
CA PRO B 728 -4.65 20.31 -22.78
C PRO B 728 -3.25 19.84 -23.13
N VAL B 729 -2.26 20.52 -22.56
CA VAL B 729 -0.85 20.27 -22.91
C VAL B 729 -0.02 19.89 -21.69
N SER B 730 -0.06 20.73 -20.65
CA SER B 730 0.84 20.55 -19.51
C SER B 730 0.03 20.51 -18.20
N MET B 731 0.76 20.45 -17.09
CA MET B 731 0.19 20.26 -15.77
C MET B 731 0.94 21.14 -14.78
N THR B 732 0.76 20.87 -13.49
CA THR B 732 1.39 21.64 -12.43
C THR B 732 2.46 20.82 -11.73
N LYS B 733 3.52 21.50 -11.31
CA LYS B 733 4.67 20.86 -10.67
C LYS B 733 4.63 21.10 -9.17
N THR B 734 5.00 20.08 -8.40
CA THR B 734 4.89 20.13 -6.96
C THR B 734 6.08 19.43 -6.31
N SER B 735 6.23 19.65 -5.01
CA SER B 735 7.29 19.03 -4.23
C SER B 735 6.79 18.85 -2.81
N VAL B 736 7.40 17.90 -2.09
CA VAL B 736 7.00 17.56 -0.73
C VAL B 736 8.23 17.32 0.13
N ASP B 737 8.05 17.48 1.44
CA ASP B 737 9.09 17.25 2.43
C ASP B 737 8.60 16.23 3.44
N CYS B 738 9.42 15.20 3.68
CA CYS B 738 8.97 14.06 4.49
C CYS B 738 9.02 14.39 5.98
N THR B 739 10.15 14.89 6.46
CA THR B 739 10.33 15.12 7.88
C THR B 739 9.44 16.23 8.42
N MET B 740 9.17 17.26 7.62
CA MET B 740 8.32 18.36 8.05
C MET B 740 6.84 17.99 7.99
N TYR B 741 6.48 16.96 7.24
CA TYR B 741 5.08 16.53 7.17
C TYR B 741 4.75 15.43 8.16
N ILE B 742 5.68 14.50 8.40
CA ILE B 742 5.41 13.37 9.28
C ILE B 742 5.60 13.74 10.74
N CYS B 743 6.76 14.31 11.09
CA CYS B 743 7.11 14.56 12.48
C CYS B 743 6.84 16.00 12.90
N GLY B 744 7.45 16.97 12.21
CA GLY B 744 7.33 18.36 12.61
C GLY B 744 8.61 18.89 13.22
N ASP B 745 8.50 19.51 14.40
CA ASP B 745 9.67 20.01 15.12
C ASP B 745 10.20 19.02 16.15
N SER B 746 9.55 17.87 16.32
CA SER B 746 9.98 16.90 17.31
C SER B 746 11.33 16.31 16.93
N THR B 747 12.20 16.12 17.92
CA THR B 747 13.47 15.44 17.70
C THR B 747 13.39 13.95 18.02
N GLU B 748 12.51 13.55 18.94
CA GLU B 748 12.30 12.13 19.19
C GLU B 748 11.71 11.43 17.96
N CYS B 749 10.71 12.05 17.33
CA CYS B 749 10.16 11.51 16.10
C CYS B 749 11.20 11.48 14.99
N SER B 750 12.00 12.54 14.88
CA SER B 750 13.05 12.58 13.87
C SER B 750 14.07 11.47 14.08
N ASN B 751 14.39 11.16 15.34
CA ASN B 751 15.34 10.09 15.61
C ASN B 751 14.72 8.71 15.37
N LEU B 752 13.45 8.54 15.71
CA LEU B 752 12.77 7.26 15.48
C LEU B 752 12.50 6.99 14.01
N LEU B 753 12.43 8.04 13.18
CA LEU B 753 12.12 7.83 11.76
C LEU B 753 13.20 7.02 11.05
N LEU B 754 14.47 7.18 11.44
CA LEU B 754 15.55 6.56 10.68
C LEU B 754 15.45 5.05 10.65
N GLN B 755 14.84 4.44 11.68
CA GLN B 755 14.78 2.98 11.73
C GLN B 755 14.07 2.41 10.51
N TYR B 756 13.01 3.08 10.05
CA TYR B 756 12.32 2.64 8.85
C TYR B 756 13.16 2.78 7.59
N GLY B 757 14.28 3.49 7.67
CA GLY B 757 15.17 3.62 6.53
C GLY B 757 14.75 4.72 5.57
N SER B 758 15.54 4.86 4.51
CA SER B 758 15.31 5.86 3.47
C SER B 758 14.21 5.35 2.56
N PHE B 759 12.97 5.62 2.94
CA PHE B 759 11.81 5.14 2.20
C PHE B 759 11.17 6.20 1.32
N CYS B 760 11.53 7.47 1.48
CA CYS B 760 10.91 8.52 0.70
C CYS B 760 11.88 9.30 -0.18
N THR B 761 13.18 8.98 -0.12
CA THR B 761 14.03 9.43 -1.21
C THR B 761 13.54 8.88 -2.54
N GLN B 762 12.99 7.67 -2.54
CA GLN B 762 12.31 7.13 -3.71
C GLN B 762 11.07 7.91 -4.10
N LEU B 763 10.28 8.36 -3.10
CA LEU B 763 9.13 9.20 -3.40
C LEU B 763 9.56 10.48 -4.09
N ASN B 764 10.63 11.11 -3.59
CA ASN B 764 11.12 12.34 -4.20
C ASN B 764 11.69 12.07 -5.59
N ARG B 765 12.36 10.93 -5.77
CA ARG B 765 12.84 10.55 -7.10
C ARG B 765 11.68 10.43 -8.07
N ALA B 766 10.59 9.80 -7.66
CA ALA B 766 9.42 9.67 -8.52
C ALA B 766 8.80 11.04 -8.82
N LEU B 767 8.71 11.89 -7.80
CA LEU B 767 8.06 13.19 -8.00
C LEU B 767 8.88 14.11 -8.89
N THR B 768 10.21 14.02 -8.83
CA THR B 768 11.06 14.90 -9.63
C THR B 768 11.10 14.52 -11.10
N GLY B 769 10.70 13.30 -11.46
CA GLY B 769 10.67 12.92 -12.86
C GLY B 769 9.42 13.36 -13.59
N ILE B 770 8.42 13.88 -12.88
CA ILE B 770 7.20 14.37 -13.50
C ILE B 770 7.27 15.85 -13.86
N ALA B 771 8.33 16.55 -13.46
CA ALA B 771 8.47 17.97 -13.76
C ALA B 771 9.28 18.21 -15.02
N VAL B 772 10.37 17.45 -15.21
CA VAL B 772 11.13 17.53 -16.45
C VAL B 772 10.24 17.16 -17.64
N GLU B 773 9.39 16.14 -17.47
CA GLU B 773 8.47 15.77 -18.53
C GLU B 773 7.51 16.90 -18.85
N GLN B 774 6.98 17.58 -17.83
CA GLN B 774 6.08 18.71 -18.08
C GLN B 774 6.81 19.82 -18.82
N ASP B 775 8.06 20.08 -18.45
CA ASP B 775 8.84 21.11 -19.15
C ASP B 775 9.07 20.72 -20.60
N LYS B 776 9.32 19.44 -20.86
CA LYS B 776 9.58 19.01 -22.24
C LYS B 776 8.30 18.95 -23.07
N ASN B 777 7.15 18.78 -22.43
CA ASN B 777 5.91 18.65 -23.19
C ASN B 777 5.63 19.89 -24.02
N THR B 778 5.81 21.08 -23.45
CA THR B 778 5.47 22.32 -24.13
C THR B 778 6.50 22.75 -25.16
N GLN B 779 7.66 22.11 -25.20
CA GLN B 779 8.71 22.47 -26.15
C GLN B 779 8.64 21.68 -27.45
N GLU B 780 7.73 20.69 -27.54
CA GLU B 780 7.53 19.94 -28.77
C GLU B 780 6.30 20.39 -29.54
N VAL B 781 5.52 21.31 -28.99
CA VAL B 781 4.33 21.82 -29.65
C VAL B 781 4.56 23.19 -30.27
N PHE B 782 5.20 24.09 -29.53
CA PHE B 782 5.40 25.47 -29.96
C PHE B 782 6.76 25.71 -30.61
N ALA B 783 7.82 25.10 -30.08
CA ALA B 783 9.17 25.36 -30.58
C ALA B 783 9.44 24.50 -31.82
N GLN B 784 8.74 24.84 -32.90
CA GLN B 784 8.89 24.17 -34.17
C GLN B 784 9.43 25.06 -35.28
N VAL B 785 9.73 26.33 -34.97
CA VAL B 785 10.24 27.28 -35.95
C VAL B 785 11.61 27.75 -35.50
N LYS B 786 12.59 27.66 -36.39
CA LYS B 786 13.96 28.00 -36.05
C LYS B 786 14.25 29.50 -36.13
N GLN B 787 13.38 30.25 -36.81
CA GLN B 787 13.63 31.70 -36.98
C GLN B 787 12.36 32.49 -36.69
N ILE B 788 12.48 33.69 -36.15
CA ILE B 788 11.37 34.52 -35.73
C ILE B 788 11.07 35.52 -36.85
N TYR B 789 9.98 35.29 -37.57
CA TYR B 789 9.58 36.16 -38.67
C TYR B 789 8.79 37.35 -38.13
N LYS B 790 8.74 38.41 -38.94
CA LYS B 790 8.09 39.65 -38.58
C LYS B 790 6.87 39.90 -39.45
N THR B 791 5.81 40.43 -38.86
CA THR B 791 4.60 40.71 -39.60
C THR B 791 4.83 41.86 -40.58
N PRO B 792 4.45 41.72 -41.84
CA PRO B 792 4.67 42.79 -42.82
C PRO B 792 3.91 44.05 -42.42
N PRO B 793 4.50 45.23 -42.68
CA PRO B 793 3.81 46.46 -42.27
C PRO B 793 2.62 46.81 -43.16
N ILE B 794 2.74 46.65 -44.46
CA ILE B 794 1.69 47.03 -45.40
C ILE B 794 0.76 45.85 -45.63
N LYS B 795 -0.55 46.10 -45.55
CA LYS B 795 -1.55 45.05 -45.65
C LYS B 795 -2.19 45.10 -47.05
N ASP B 796 -1.72 44.23 -47.94
CA ASP B 796 -2.31 44.05 -49.27
C ASP B 796 -2.53 42.56 -49.46
N PHE B 797 -3.69 42.07 -49.01
CA PHE B 797 -3.97 40.64 -49.02
C PHE B 797 -5.17 40.26 -49.89
N GLY B 798 -5.68 41.20 -50.69
CA GLY B 798 -6.74 40.91 -51.62
C GLY B 798 -8.15 41.08 -51.09
N GLY B 799 -8.31 41.37 -49.81
CA GLY B 799 -9.64 41.57 -49.25
C GLY B 799 -9.90 40.79 -47.98
N PHE B 800 -8.90 40.05 -47.52
CA PHE B 800 -9.00 39.29 -46.28
C PHE B 800 -8.51 40.14 -45.12
N ASN B 801 -9.21 40.06 -43.99
CA ASN B 801 -8.92 40.88 -42.82
C ASN B 801 -8.47 39.97 -41.68
N PHE B 802 -7.21 40.12 -41.26
CA PHE B 802 -6.63 39.32 -40.19
C PHE B 802 -6.37 40.13 -38.93
N SER B 803 -6.96 41.32 -38.82
CA SER B 803 -6.58 42.26 -37.77
C SER B 803 -6.97 41.79 -36.36
N GLN B 804 -7.82 40.77 -36.24
CA GLN B 804 -8.26 40.30 -34.93
C GLN B 804 -7.48 39.09 -34.44
N ILE B 805 -6.56 38.55 -35.25
CA ILE B 805 -5.74 37.42 -34.82
C ILE B 805 -4.27 37.76 -35.01
N LEU B 806 -3.93 39.04 -34.93
CA LEU B 806 -2.56 39.49 -35.04
C LEU B 806 -2.20 40.33 -33.84
N PRO B 807 -0.92 40.36 -33.46
CA PRO B 807 -0.53 41.05 -32.22
C PRO B 807 -0.92 42.52 -32.24
N ASP B 808 -1.35 43.01 -31.08
CA ASP B 808 -1.70 44.41 -30.90
C ASP B 808 -0.65 45.09 -30.02
N PRO B 809 0.22 45.93 -30.58
CA PRO B 809 1.27 46.54 -29.75
C PRO B 809 0.73 47.38 -28.60
N SER B 810 -0.42 48.04 -28.78
CA SER B 810 -0.95 48.87 -27.71
C SER B 810 -1.29 48.05 -26.47
N LYS B 811 -1.91 46.89 -26.66
CA LYS B 811 -2.23 46.03 -25.54
C LYS B 811 -0.95 45.50 -24.91
N PRO B 812 -0.79 45.57 -23.59
CA PRO B 812 0.43 45.07 -22.96
C PRO B 812 0.57 43.56 -23.17
N SER B 813 1.82 43.11 -23.18
CA SER B 813 2.21 41.72 -23.42
C SER B 813 2.12 41.36 -24.89
N LYS B 814 1.61 42.24 -25.75
CA LYS B 814 1.55 42.01 -27.19
C LYS B 814 0.79 40.72 -27.51
N ARG B 815 -0.48 40.71 -27.15
CA ARG B 815 -1.38 39.58 -27.39
C ARG B 815 -2.49 39.99 -28.32
N SER B 816 -2.95 39.04 -29.14
CA SER B 816 -4.02 39.32 -30.08
C SER B 816 -5.34 39.54 -29.34
N PHE B 817 -6.30 40.13 -30.05
CA PHE B 817 -7.59 40.44 -29.43
C PHE B 817 -8.30 39.18 -28.98
N ILE B 818 -8.31 38.14 -29.82
CA ILE B 818 -9.01 36.91 -29.47
C ILE B 818 -8.30 36.19 -28.33
N GLU B 819 -6.96 36.23 -28.32
CA GLU B 819 -6.20 35.57 -27.27
C GLU B 819 -6.53 36.11 -25.88
N ASP B 820 -6.98 37.36 -25.80
CA ASP B 820 -7.26 37.98 -24.51
C ASP B 820 -8.61 37.60 -23.93
N LEU B 821 -9.49 37.00 -24.73
CA LEU B 821 -10.76 36.51 -24.22
C LEU B 821 -10.63 35.12 -23.61
N LEU B 822 -9.68 34.32 -24.09
CA LEU B 822 -9.46 32.99 -23.50
C LEU B 822 -8.76 33.07 -22.16
N PHE B 823 -8.04 34.15 -21.88
CA PHE B 823 -7.34 34.30 -20.62
C PHE B 823 -8.23 34.85 -19.50
N ASN B 824 -9.43 35.33 -19.84
CA ASN B 824 -10.37 35.83 -18.85
C ASN B 824 -11.49 34.85 -18.55
N LYS B 825 -11.45 33.65 -19.14
CA LYS B 825 -12.50 32.66 -18.92
C LYS B 825 -12.01 31.44 -18.14
N VAL B 826 -10.71 31.32 -17.89
CA VAL B 826 -10.16 30.25 -17.07
C VAL B 826 -9.52 30.89 -15.85
N THR B 827 -9.97 30.50 -14.66
CA THR B 827 -9.50 31.07 -13.41
C THR B 827 -8.72 30.04 -12.62
N LEU B 828 -7.59 30.46 -12.06
CA LEU B 828 -6.73 29.58 -11.29
C LEU B 828 -7.19 29.56 -9.83
N ALA B 829 -8.30 28.86 -9.61
CA ALA B 829 -8.87 28.72 -8.28
C ALA B 829 -9.30 27.28 -8.02
N LEU B 849 -6.71 27.74 1.90
CA LEU B 849 -5.59 28.66 1.97
C LEU B 849 -4.29 27.98 1.57
N ILE B 850 -3.38 28.74 0.98
CA ILE B 850 -2.07 28.21 0.62
C ILE B 850 -1.07 28.30 1.76
N CYS B 851 -1.35 29.11 2.79
CA CYS B 851 -0.45 29.19 3.94
C CYS B 851 -0.42 27.87 4.70
N ALA B 852 -1.57 27.22 4.86
CA ALA B 852 -1.61 25.95 5.57
C ALA B 852 -0.78 24.89 4.85
N GLN B 853 -0.85 24.84 3.52
CA GLN B 853 -0.05 23.90 2.78
C GLN B 853 1.44 24.16 2.96
N LYS B 854 1.84 25.43 2.97
CA LYS B 854 3.26 25.76 3.08
C LYS B 854 3.85 25.35 4.41
N PHE B 855 3.08 25.48 5.50
CA PHE B 855 3.59 25.16 6.83
C PHE B 855 3.80 23.66 7.03
N ASN B 856 3.30 22.82 6.13
CA ASN B 856 3.46 21.37 6.24
C ASN B 856 4.39 20.81 5.17
N GLY B 857 5.17 21.66 4.51
CA GLY B 857 6.15 21.18 3.56
C GLY B 857 5.65 20.88 2.18
N LEU B 858 4.65 21.61 1.69
CA LEU B 858 4.12 21.45 0.35
C LEU B 858 4.27 22.75 -0.42
N THR B 859 4.88 22.68 -1.61
CA THR B 859 5.19 23.87 -2.39
C THR B 859 4.89 23.61 -3.86
N VAL B 860 4.87 24.69 -4.64
CA VAL B 860 4.61 24.65 -6.08
C VAL B 860 5.70 25.42 -6.80
N LEU B 861 6.24 24.82 -7.90
CA LEU B 861 7.35 25.37 -8.65
C LEU B 861 6.86 26.06 -9.93
N PRO B 862 7.58 27.08 -10.39
CA PRO B 862 7.14 27.82 -11.59
C PRO B 862 7.66 27.17 -12.85
N PRO B 863 6.99 27.36 -13.97
CA PRO B 863 7.45 26.79 -15.24
C PRO B 863 8.61 27.58 -15.83
N LEU B 864 9.32 26.93 -16.75
CA LEU B 864 10.53 27.52 -17.33
C LEU B 864 10.20 28.59 -18.37
N LEU B 865 9.16 28.40 -19.16
CA LEU B 865 8.81 29.32 -20.24
C LEU B 865 7.66 30.21 -19.78
N THR B 866 7.91 31.52 -19.76
CA THR B 866 6.90 32.46 -19.32
C THR B 866 5.80 32.59 -20.38
N ASP B 867 4.65 33.13 -19.95
CA ASP B 867 3.51 33.30 -20.84
C ASP B 867 3.74 34.37 -21.89
N GLU B 868 4.79 35.17 -21.76
CA GLU B 868 5.12 36.16 -22.78
C GLU B 868 5.99 35.60 -23.90
N MET B 869 6.78 34.56 -23.62
CA MET B 869 7.56 33.90 -24.64
C MET B 869 6.70 32.98 -25.51
N ILE B 870 5.62 32.43 -24.95
CA ILE B 870 4.77 31.52 -25.70
C ILE B 870 4.05 32.24 -26.83
N ALA B 871 3.71 33.52 -26.64
CA ALA B 871 3.04 34.28 -27.69
C ALA B 871 3.99 34.66 -28.82
N GLN B 872 5.28 34.83 -28.53
CA GLN B 872 6.25 35.16 -29.56
C GLN B 872 6.46 34.03 -30.56
N TYR B 873 6.02 32.82 -30.23
CA TYR B 873 6.09 31.69 -31.15
C TYR B 873 4.88 31.63 -32.06
N THR B 874 3.69 31.81 -31.51
CA THR B 874 2.47 31.84 -32.32
C THR B 874 2.34 33.11 -33.13
N SER B 875 3.07 34.17 -32.78
CA SER B 875 3.10 35.36 -33.63
C SER B 875 4.00 35.19 -34.84
N ALA B 876 4.94 34.24 -34.79
CA ALA B 876 5.78 33.93 -35.94
C ALA B 876 5.22 32.81 -36.79
N LEU B 877 4.62 31.79 -36.17
CA LEU B 877 3.94 30.76 -36.94
C LEU B 877 2.84 31.33 -37.82
N LEU B 878 2.11 32.33 -37.31
CA LEU B 878 1.06 32.98 -38.08
C LEU B 878 1.61 33.88 -39.18
N ALA B 879 2.72 34.57 -38.93
CA ALA B 879 3.29 35.47 -39.92
C ALA B 879 3.98 34.71 -41.05
N GLY B 880 4.51 33.52 -40.77
CA GLY B 880 5.13 32.74 -41.82
C GLY B 880 4.18 31.95 -42.69
N THR B 881 2.91 31.85 -42.30
CA THR B 881 1.92 31.10 -43.05
C THR B 881 1.12 31.96 -44.02
N ILE B 882 1.28 33.28 -43.98
CA ILE B 882 0.54 34.17 -44.85
C ILE B 882 1.38 34.76 -45.97
N THR B 883 2.71 34.76 -45.83
CA THR B 883 3.59 35.32 -46.85
C THR B 883 4.34 34.28 -47.66
N SER B 884 4.43 33.05 -47.18
CA SER B 884 5.15 31.98 -47.90
C SER B 884 4.23 30.84 -48.30
N GLY B 885 3.48 30.28 -47.37
CA GLY B 885 2.67 29.11 -47.66
C GLY B 885 3.16 27.89 -46.90
N TRP B 886 3.33 26.77 -47.60
CA TRP B 886 3.92 25.59 -47.00
C TRP B 886 5.40 25.45 -47.32
N THR B 887 5.98 26.41 -48.03
CA THR B 887 7.39 26.33 -48.40
C THR B 887 8.34 26.60 -47.24
N PHE B 888 7.86 27.25 -46.18
CA PHE B 888 8.71 27.53 -45.03
C PHE B 888 8.80 26.36 -44.06
N GLY B 889 7.95 25.34 -44.21
CA GLY B 889 8.04 24.18 -43.34
C GLY B 889 9.31 23.39 -43.54
N ALA B 890 9.71 23.19 -44.79
CA ALA B 890 10.91 22.45 -45.14
C ALA B 890 11.78 23.31 -46.05
N GLY B 891 12.82 23.91 -45.51
CA GLY B 891 13.71 24.75 -46.29
C GLY B 891 13.65 26.22 -45.90
N ALA B 892 13.61 27.10 -46.89
CA ALA B 892 13.58 28.54 -46.67
C ALA B 892 12.30 29.12 -47.24
N ALA B 893 11.82 30.18 -46.60
CA ALA B 893 10.57 30.81 -47.02
C ALA B 893 10.70 31.42 -48.40
N LEU B 894 9.66 31.27 -49.21
CA LEU B 894 9.60 31.82 -50.55
C LEU B 894 8.29 32.58 -50.71
N GLN B 895 8.39 33.89 -51.01
CA GLN B 895 7.21 34.79 -51.10
C GLN B 895 6.26 34.41 -52.24
N ILE B 896 4.96 34.64 -52.08
CA ILE B 896 3.90 34.38 -53.05
C ILE B 896 2.65 35.18 -52.66
N PRO B 897 2.00 35.86 -53.60
CA PRO B 897 0.78 36.60 -53.26
C PRO B 897 -0.33 35.68 -52.77
N PHE B 898 -1.15 36.21 -51.86
CA PHE B 898 -2.16 35.40 -51.19
C PHE B 898 -3.20 34.84 -52.16
N ALA B 899 -3.68 35.68 -53.09
CA ALA B 899 -4.72 35.25 -54.01
C ALA B 899 -4.26 34.09 -54.88
N MET B 900 -2.99 34.12 -55.29
CA MET B 900 -2.43 32.99 -56.03
C MET B 900 -2.12 31.81 -55.11
N GLN B 901 -2.05 32.06 -53.80
CA GLN B 901 -1.85 30.97 -52.84
C GLN B 901 -3.13 30.19 -52.60
N MET B 902 -4.29 30.85 -52.68
CA MET B 902 -5.55 30.13 -52.46
C MET B 902 -5.92 29.24 -53.64
N ALA B 903 -5.45 29.58 -54.84
CA ALA B 903 -5.75 28.75 -56.01
C ALA B 903 -5.12 27.37 -55.89
N TYR B 904 -3.91 27.29 -55.33
CA TYR B 904 -3.29 25.99 -55.08
C TYR B 904 -4.20 25.12 -54.23
N ARG B 905 -4.69 25.68 -53.12
CA ARG B 905 -5.51 24.90 -52.21
C ARG B 905 -6.86 24.54 -52.82
N PHE B 906 -7.40 25.40 -53.68
CA PHE B 906 -8.62 25.03 -54.40
C PHE B 906 -8.37 23.88 -55.35
N ASN B 907 -7.27 23.92 -56.11
CA ASN B 907 -6.90 22.80 -56.96
C ASN B 907 -6.63 21.53 -56.17
N GLY B 908 -6.26 21.66 -54.90
CA GLY B 908 -5.96 20.50 -54.09
C GLY B 908 -7.15 19.67 -53.67
N ILE B 909 -8.37 20.13 -53.90
CA ILE B 909 -9.57 19.39 -53.52
C ILE B 909 -10.43 19.02 -54.71
N GLY B 910 -10.09 19.45 -55.91
CA GLY B 910 -10.76 19.03 -57.14
C GLY B 910 -11.31 20.15 -58.00
N VAL B 911 -11.51 21.34 -57.44
CA VAL B 911 -12.07 22.45 -58.21
C VAL B 911 -10.98 23.11 -59.04
N THR B 912 -11.37 23.97 -59.97
CA THR B 912 -10.42 24.64 -60.87
C THR B 912 -10.19 26.08 -60.43
N GLN B 913 -9.23 26.73 -61.09
CA GLN B 913 -8.79 28.05 -60.66
C GLN B 913 -9.79 29.14 -61.01
N ASN B 914 -10.38 29.08 -62.21
CA ASN B 914 -11.27 30.15 -62.62
C ASN B 914 -12.45 30.30 -61.66
N VAL B 915 -12.81 29.21 -60.96
CA VAL B 915 -13.88 29.30 -59.98
C VAL B 915 -13.51 30.29 -58.87
N LEU B 916 -12.27 30.21 -58.39
CA LEU B 916 -11.82 31.16 -57.38
C LEU B 916 -11.62 32.55 -57.97
N TYR B 917 -10.98 32.63 -59.14
CA TYR B 917 -10.66 33.94 -59.71
C TYR B 917 -11.92 34.72 -60.12
N GLU B 918 -13.05 34.04 -60.29
CA GLU B 918 -14.28 34.70 -60.70
C GLU B 918 -15.24 34.97 -59.54
N ASN B 919 -14.87 34.60 -58.31
CA ASN B 919 -15.72 34.82 -57.15
C ASN B 919 -14.90 35.29 -55.96
N GLN B 920 -13.97 36.22 -56.19
CA GLN B 920 -13.05 36.63 -55.13
C GLN B 920 -13.78 37.41 -54.04
N LYS B 921 -14.58 38.40 -54.43
CA LYS B 921 -15.23 39.26 -53.44
C LYS B 921 -16.16 38.46 -52.54
N LEU B 922 -16.96 37.56 -53.13
CA LEU B 922 -17.89 36.78 -52.34
C LEU B 922 -17.17 35.92 -51.31
N ILE B 923 -16.07 35.27 -51.72
CA ILE B 923 -15.34 34.42 -50.80
C ILE B 923 -14.71 35.24 -49.68
N ALA B 924 -14.13 36.39 -50.02
CA ALA B 924 -13.55 37.24 -48.99
C ALA B 924 -14.60 37.70 -47.99
N ASN B 925 -15.77 38.12 -48.49
CA ASN B 925 -16.83 38.55 -47.60
C ASN B 925 -17.31 37.41 -46.70
N GLN B 926 -17.45 36.21 -47.27
CA GLN B 926 -17.86 35.06 -46.48
C GLN B 926 -16.86 34.78 -45.37
N PHE B 927 -15.56 34.80 -45.69
CA PHE B 927 -14.55 34.55 -44.67
C PHE B 927 -14.61 35.60 -43.56
N ASN B 928 -14.73 36.87 -43.94
CA ASN B 928 -14.79 37.92 -42.93
C ASN B 928 -16.00 37.76 -42.02
N SER B 929 -17.18 37.53 -42.61
CA SER B 929 -18.39 37.40 -41.81
C SER B 929 -18.37 36.14 -40.95
N ALA B 930 -17.71 35.08 -41.42
CA ALA B 930 -17.62 33.86 -40.62
C ALA B 930 -16.68 34.03 -39.44
N ILE B 931 -15.55 34.71 -39.65
CA ILE B 931 -14.61 34.91 -38.55
C ILE B 931 -15.01 36.02 -37.61
N GLY B 932 -15.97 36.86 -37.99
CA GLY B 932 -16.44 37.90 -37.09
C GLY B 932 -17.45 37.44 -36.05
N LYS B 933 -17.90 36.19 -36.12
CA LYS B 933 -18.89 35.68 -35.17
C LYS B 933 -18.27 34.96 -33.98
N ILE B 934 -17.04 34.47 -34.12
CA ILE B 934 -16.37 33.79 -33.01
C ILE B 934 -16.20 34.73 -31.83
N GLN B 935 -15.90 36.00 -32.11
CA GLN B 935 -15.72 36.96 -31.03
C GLN B 935 -16.98 37.08 -30.18
N ASP B 936 -18.14 37.26 -30.82
CA ASP B 936 -19.38 37.39 -30.06
C ASP B 936 -19.78 36.07 -29.41
N SER B 937 -19.46 34.94 -30.05
CA SER B 937 -19.74 33.65 -29.42
C SER B 937 -18.94 33.47 -28.14
N LEU B 938 -17.67 33.88 -28.15
CA LEU B 938 -16.80 33.70 -27.00
C LEU B 938 -16.95 34.81 -25.96
N SER B 939 -17.56 35.93 -26.31
CA SER B 939 -17.73 37.03 -25.36
C SER B 939 -18.98 36.89 -24.50
N SER B 940 -19.72 35.79 -24.61
CA SER B 940 -20.96 35.61 -23.87
C SER B 940 -20.87 34.50 -22.82
N THR B 941 -20.48 33.29 -23.23
CA THR B 941 -20.44 32.14 -22.33
C THR B 941 -19.02 31.83 -21.91
N ALA B 942 -18.87 31.48 -20.63
CA ALA B 942 -17.56 31.13 -20.07
C ALA B 942 -17.39 29.62 -19.86
N SER B 943 -18.38 28.82 -20.24
CA SER B 943 -18.31 27.37 -20.08
C SER B 943 -17.73 26.66 -21.29
N ALA B 944 -17.31 27.40 -22.33
CA ALA B 944 -16.76 26.77 -23.51
C ALA B 944 -15.48 25.99 -23.19
N LEU B 945 -14.60 26.58 -22.38
CA LEU B 945 -13.37 25.92 -21.99
C LEU B 945 -13.61 25.10 -20.71
N GLY B 946 -14.38 24.03 -20.88
CA GLY B 946 -14.75 23.19 -19.77
C GLY B 946 -13.74 22.10 -19.47
N LYS B 947 -12.91 21.75 -20.46
CA LYS B 947 -11.91 20.70 -20.27
C LYS B 947 -10.55 21.25 -19.86
N LEU B 948 -10.29 22.54 -20.08
CA LEU B 948 -9.07 23.15 -19.59
C LEU B 948 -9.15 23.49 -18.11
N GLN B 949 -10.34 23.43 -17.52
CA GLN B 949 -10.53 23.76 -16.11
C GLN B 949 -10.60 22.54 -15.21
N ASP B 950 -10.93 21.36 -15.76
CA ASP B 950 -10.96 20.16 -14.93
C ASP B 950 -9.58 19.83 -14.40
N VAL B 951 -8.55 20.00 -15.21
CA VAL B 951 -7.19 19.72 -14.76
C VAL B 951 -6.80 20.68 -13.64
N VAL B 952 -7.27 21.93 -13.70
CA VAL B 952 -6.98 22.87 -12.63
C VAL B 952 -7.74 22.50 -11.36
N ASN B 953 -9.02 22.12 -11.50
CA ASN B 953 -9.79 21.74 -10.32
C ASN B 953 -9.16 20.54 -9.63
N GLN B 954 -8.77 19.53 -10.40
CA GLN B 954 -7.94 18.45 -9.88
C GLN B 954 -6.51 18.96 -9.70
N ASN B 955 -5.73 18.22 -8.92
CA ASN B 955 -4.37 18.64 -8.61
C ASN B 955 -4.40 19.82 -7.64
N ALA B 956 -5.61 20.32 -7.37
CA ALA B 956 -5.81 21.40 -6.40
C ALA B 956 -6.81 20.94 -5.35
N GLN B 957 -7.79 20.14 -5.77
CA GLN B 957 -8.68 19.51 -4.80
C GLN B 957 -8.07 18.27 -4.17
N ALA B 958 -6.98 17.74 -4.74
CA ALA B 958 -6.32 16.57 -4.19
C ALA B 958 -5.16 16.91 -3.26
N LEU B 959 -4.75 18.18 -3.20
CA LEU B 959 -3.71 18.62 -2.29
C LEU B 959 -4.26 19.06 -0.94
N ASN B 960 -5.58 19.18 -0.81
CA ASN B 960 -6.20 19.52 0.47
C ASN B 960 -6.57 18.29 1.29
N THR B 961 -6.84 17.16 0.63
CA THR B 961 -7.10 15.93 1.36
C THR B 961 -5.87 15.51 2.14
N LEU B 962 -4.67 15.75 1.60
CA LEU B 962 -3.45 15.46 2.35
C LEU B 962 -3.42 16.22 3.67
N VAL B 963 -3.73 17.52 3.63
CA VAL B 963 -3.71 18.32 4.84
C VAL B 963 -4.82 17.89 5.79
N LYS B 964 -5.98 17.55 5.25
CA LYS B 964 -7.11 17.16 6.10
C LYS B 964 -6.88 15.82 6.78
N GLN B 965 -6.10 14.94 6.15
CA GLN B 965 -5.84 13.62 6.71
C GLN B 965 -4.80 13.62 7.83
N LEU B 966 -4.48 14.78 8.39
CA LEU B 966 -3.54 14.87 9.50
C LEU B 966 -4.23 14.88 10.86
N SER B 967 -5.54 14.66 10.89
CA SER B 967 -6.33 14.71 12.12
C SER B 967 -7.06 13.40 12.34
N SER B 968 -6.39 12.28 12.15
CA SER B 968 -6.98 10.96 12.32
C SER B 968 -6.04 10.08 13.13
N ASN B 969 -6.58 9.46 14.18
CA ASN B 969 -5.84 8.43 14.88
C ASN B 969 -5.78 7.16 14.04
N PHE B 970 -4.69 6.43 14.16
CA PHE B 970 -4.52 5.16 13.45
C PHE B 970 -4.39 4.02 14.45
N GLY B 971 -5.22 4.04 15.49
CA GLY B 971 -5.15 3.06 16.55
C GLY B 971 -4.30 3.53 17.72
N ALA B 972 -4.39 4.82 18.04
CA ALA B 972 -3.63 5.42 19.12
C ALA B 972 -4.57 6.20 20.03
N ILE B 973 -4.01 6.80 21.08
CA ILE B 973 -4.84 7.52 22.05
C ILE B 973 -5.17 8.93 21.59
N SER B 974 -4.37 9.51 20.71
CA SER B 974 -4.60 10.88 20.25
C SER B 974 -3.95 11.04 18.89
N SER B 975 -4.15 12.22 18.29
CA SER B 975 -3.57 12.56 16.99
C SER B 975 -2.65 13.76 17.07
N VAL B 976 -2.17 14.10 18.27
CA VAL B 976 -1.23 15.20 18.47
C VAL B 976 0.02 14.64 19.12
N LEU B 977 1.18 14.93 18.53
CA LEU B 977 2.43 14.41 19.06
C LEU B 977 2.89 15.13 20.31
N ASN B 978 2.32 16.29 20.62
CA ASN B 978 2.68 17.02 21.82
C ASN B 978 1.84 16.64 23.04
N ASP B 979 0.81 15.81 22.85
CA ASP B 979 0.00 15.32 23.95
C ASP B 979 0.34 13.89 24.34
N ILE B 980 1.03 13.15 23.48
CA ILE B 980 1.52 11.82 23.86
C ILE B 980 2.86 11.91 24.58
N LEU B 981 3.63 12.97 24.33
CA LEU B 981 4.93 13.16 24.95
C LEU B 981 4.87 13.96 26.24
N SER B 982 3.70 14.49 26.60
CA SER B 982 3.54 15.27 27.82
C SER B 982 3.02 14.44 28.99
N ARG B 983 2.69 13.16 28.76
CA ARG B 983 2.10 12.34 29.80
C ARG B 983 2.72 10.95 29.93
N LEU B 984 3.59 10.53 29.02
CA LEU B 984 4.12 9.18 29.02
C LEU B 984 5.63 9.20 28.88
N ASP B 985 6.28 8.20 29.48
CA ASP B 985 7.72 8.05 29.40
C ASP B 985 8.14 7.49 28.04
N PRO B 986 9.39 7.65 27.68
CA PRO B 986 9.84 7.27 26.33
C PRO B 986 9.51 5.82 26.01
N PRO B 987 9.72 4.90 26.95
CA PRO B 987 9.40 3.49 26.66
C PRO B 987 7.96 3.26 26.26
N GLU B 988 7.03 4.02 26.81
CA GLU B 988 5.62 3.89 26.46
C GLU B 988 5.24 4.72 25.24
N ALA B 989 5.85 5.90 25.07
CA ALA B 989 5.53 6.74 23.92
C ALA B 989 6.06 6.15 22.62
N GLU B 990 7.17 5.42 22.67
CA GLU B 990 7.69 4.80 21.46
C GLU B 990 6.71 3.78 20.89
N VAL B 991 5.92 3.14 21.74
CA VAL B 991 4.95 2.15 21.27
C VAL B 991 3.87 2.82 20.43
N GLN B 992 3.38 3.96 20.87
CA GLN B 992 2.24 4.62 20.22
C GLN B 992 2.64 5.65 19.19
N ILE B 993 3.93 5.99 19.08
CA ILE B 993 4.33 6.89 18.00
C ILE B 993 4.53 6.12 16.70
N ASP B 994 4.87 4.84 16.78
CA ASP B 994 5.05 4.03 15.57
C ASP B 994 3.76 3.86 14.79
N ARG B 995 2.62 3.73 15.48
CA ARG B 995 1.35 3.64 14.77
C ARG B 995 1.07 4.89 13.96
N LEU B 996 1.29 6.07 14.55
CA LEU B 996 1.12 7.32 13.81
C LEU B 996 2.10 7.38 12.63
N ILE B 997 3.35 6.98 12.86
CA ILE B 997 4.34 7.06 11.78
C ILE B 997 3.93 6.19 10.60
N THR B 998 3.55 4.95 10.87
CA THR B 998 3.17 4.05 9.78
C THR B 998 1.84 4.43 9.15
N GLY B 999 0.94 5.07 9.89
CA GLY B 999 -0.28 5.56 9.29
C GLY B 999 -0.04 6.73 8.35
N ARG B 1000 0.79 7.68 8.79
CA ARG B 1000 1.08 8.86 8.00
C ARG B 1000 2.00 8.56 6.82
N LEU B 1001 2.79 7.50 6.89
CA LEU B 1001 3.62 7.11 5.75
C LEU B 1001 2.82 6.41 4.66
N GLN B 1002 1.58 6.01 4.94
CA GLN B 1002 0.75 5.33 3.95
C GLN B 1002 -0.05 6.29 3.07
N SER B 1003 -0.36 7.48 3.57
CA SER B 1003 -1.12 8.45 2.80
C SER B 1003 -0.24 9.30 1.89
N LEU B 1004 1.07 9.19 2.00
CA LEU B 1004 1.98 9.87 1.09
C LEU B 1004 2.33 9.04 -0.13
N GLN B 1005 1.92 7.78 -0.17
CA GLN B 1005 2.20 6.89 -1.31
C GLN B 1005 1.03 6.80 -2.28
N THR B 1006 -0.21 6.83 -1.78
CA THR B 1006 -1.36 6.87 -2.66
C THR B 1006 -1.34 8.12 -3.53
N TYR B 1007 -0.96 9.26 -2.93
CA TYR B 1007 -0.87 10.50 -3.69
C TYR B 1007 0.12 10.37 -4.84
N VAL B 1008 1.31 9.83 -4.56
CA VAL B 1008 2.32 9.68 -5.60
C VAL B 1008 1.86 8.70 -6.67
N THR B 1009 1.26 7.58 -6.27
CA THR B 1009 0.80 6.60 -7.24
C THR B 1009 -0.25 7.19 -8.17
N GLN B 1010 -1.21 7.91 -7.60
CA GLN B 1010 -2.26 8.50 -8.43
C GLN B 1010 -1.71 9.58 -9.34
N GLN B 1011 -0.78 10.39 -8.86
CA GLN B 1011 -0.17 11.40 -9.73
C GLN B 1011 0.59 10.75 -10.87
N LEU B 1012 1.32 9.67 -10.57
CA LEU B 1012 2.04 8.96 -11.62
C LEU B 1012 1.08 8.39 -12.66
N ILE B 1013 -0.04 7.82 -12.20
CA ILE B 1013 -1.01 7.26 -13.14
C ILE B 1013 -1.61 8.37 -14.01
N ARG B 1014 -1.98 9.49 -13.40
CA ARG B 1014 -2.72 10.53 -14.12
C ARG B 1014 -1.83 11.45 -14.94
N ALA B 1015 -0.52 11.45 -14.72
CA ALA B 1015 0.37 12.24 -15.56
C ALA B 1015 0.68 11.56 -16.88
N ALA B 1016 0.26 10.31 -17.07
CA ALA B 1016 0.48 9.59 -18.32
C ALA B 1016 -0.64 9.81 -19.33
N GLU B 1017 -1.69 10.53 -18.95
CA GLU B 1017 -2.77 10.86 -19.87
C GLU B 1017 -2.59 12.21 -20.56
N ILE B 1018 -1.82 13.11 -19.95
CA ILE B 1018 -1.52 14.39 -20.60
C ILE B 1018 -0.47 14.21 -21.69
N ARG B 1019 0.39 13.20 -21.58
CA ARG B 1019 1.42 12.97 -22.58
C ARG B 1019 0.80 12.59 -23.92
N ALA B 1020 -0.26 11.77 -23.91
CA ALA B 1020 -0.95 11.43 -25.14
C ALA B 1020 -1.57 12.65 -25.80
N SER B 1021 -2.21 13.52 -25.01
CA SER B 1021 -2.77 14.75 -25.56
C SER B 1021 -1.70 15.66 -26.14
N ALA B 1022 -0.57 15.79 -25.46
CA ALA B 1022 0.53 16.58 -25.99
C ALA B 1022 1.06 16.02 -27.30
N ASN B 1023 1.19 14.69 -27.39
CA ASN B 1023 1.64 14.07 -28.64
C ASN B 1023 0.64 14.31 -29.75
N LEU B 1024 -0.66 14.20 -29.44
CA LEU B 1024 -1.67 14.46 -30.47
C LEU B 1024 -1.62 15.90 -30.95
N ALA B 1025 -1.46 16.85 -30.03
CA ALA B 1025 -1.34 18.25 -30.45
C ALA B 1025 -0.09 18.49 -31.29
N ALA B 1026 1.03 17.87 -30.92
CA ALA B 1026 2.25 18.03 -31.70
C ALA B 1026 2.06 17.47 -33.10
N THR B 1027 1.40 16.31 -33.23
CA THR B 1027 1.16 15.75 -34.56
C THR B 1027 0.17 16.59 -35.36
N LYS B 1028 -0.82 17.20 -34.70
CA LYS B 1028 -1.81 18.00 -35.40
C LYS B 1028 -1.30 19.38 -35.78
N MET B 1029 -0.24 19.86 -35.14
CA MET B 1029 0.33 21.15 -35.52
C MET B 1029 1.26 21.07 -36.72
N SER B 1030 1.68 19.87 -37.11
CA SER B 1030 2.59 19.69 -38.24
C SER B 1030 1.87 19.32 -39.53
N GLU B 1031 0.60 18.93 -39.47
CA GLU B 1031 -0.12 18.44 -40.64
C GLU B 1031 -1.29 19.32 -41.05
N CYS B 1032 -1.93 20.02 -40.12
CA CYS B 1032 -2.99 20.96 -40.47
C CYS B 1032 -2.51 22.40 -40.55
N VAL B 1033 -1.38 22.72 -39.95
CA VAL B 1033 -0.88 24.10 -39.92
C VAL B 1033 0.30 24.31 -40.85
N LEU B 1034 1.10 23.28 -41.14
CA LEU B 1034 2.23 23.41 -42.04
C LEU B 1034 2.00 22.69 -43.37
N GLY B 1035 0.75 22.44 -43.71
CA GLY B 1035 0.45 21.76 -44.96
C GLY B 1035 -1.05 21.64 -45.14
N GLN B 1036 -1.43 20.75 -46.06
CA GLN B 1036 -2.84 20.45 -46.32
C GLN B 1036 -3.06 18.95 -46.14
N SER B 1037 -4.16 18.60 -45.47
CA SER B 1037 -4.41 17.22 -45.06
C SER B 1037 -5.50 16.60 -45.92
N LYS B 1038 -5.30 15.34 -46.30
CA LYS B 1038 -6.28 14.57 -47.04
C LYS B 1038 -6.99 13.52 -46.19
N ARG B 1039 -6.65 13.42 -44.91
CA ARG B 1039 -7.28 12.45 -44.03
C ARG B 1039 -8.65 12.98 -43.58
N VAL B 1040 -9.65 12.09 -43.61
CA VAL B 1040 -11.02 12.53 -43.41
C VAL B 1040 -11.28 12.83 -41.94
N ASP B 1041 -11.90 13.98 -41.67
CA ASP B 1041 -12.31 14.37 -40.33
C ASP B 1041 -11.13 14.42 -39.37
N PHE B 1042 -9.96 14.84 -39.86
CA PHE B 1042 -8.80 15.04 -39.01
C PHE B 1042 -8.63 16.49 -38.59
N CYS B 1043 -8.75 17.43 -39.54
CA CYS B 1043 -8.59 18.85 -39.27
C CYS B 1043 -9.91 19.59 -39.49
N GLY B 1044 -11.02 18.99 -39.08
CA GLY B 1044 -12.32 19.61 -39.16
C GLY B 1044 -13.30 18.78 -39.97
N LYS B 1045 -14.48 19.35 -40.19
CA LYS B 1045 -15.55 18.74 -40.95
C LYS B 1045 -15.68 19.44 -42.29
N GLY B 1046 -15.48 18.69 -43.38
CA GLY B 1046 -15.51 19.23 -44.72
C GLY B 1046 -14.24 18.91 -45.49
N TYR B 1047 -13.88 19.83 -46.38
CA TYR B 1047 -12.63 19.74 -47.13
C TYR B 1047 -11.66 20.77 -46.59
N HIS B 1048 -10.48 20.31 -46.17
CA HIS B 1048 -9.54 21.18 -45.46
C HIS B 1048 -8.89 22.17 -46.41
N LEU B 1049 -8.81 23.43 -45.98
CA LEU B 1049 -8.09 24.47 -46.72
C LEU B 1049 -6.89 25.00 -45.96
N MET B 1050 -7.07 25.48 -44.73
CA MET B 1050 -5.98 26.06 -43.97
C MET B 1050 -6.45 26.25 -42.53
N SER B 1051 -5.50 26.49 -41.63
CA SER B 1051 -5.79 26.58 -40.20
C SER B 1051 -4.79 27.51 -39.52
N PHE B 1052 -5.18 28.02 -38.35
CA PHE B 1052 -4.38 28.96 -37.56
C PHE B 1052 -4.37 28.56 -36.09
N PRO B 1053 -3.23 28.70 -35.42
CA PRO B 1053 -3.15 28.37 -34.00
C PRO B 1053 -3.36 29.57 -33.09
N GLN B 1054 -3.61 29.26 -31.81
CA GLN B 1054 -3.68 30.26 -30.75
C GLN B 1054 -3.32 29.58 -29.43
N SER B 1055 -3.03 30.41 -28.43
CA SER B 1055 -2.55 29.92 -27.14
C SER B 1055 -3.53 30.26 -26.03
N ALA B 1056 -3.71 29.32 -25.11
CA ALA B 1056 -4.58 29.47 -23.94
C ALA B 1056 -3.83 28.95 -22.72
N PRO B 1057 -4.31 29.27 -21.53
CA PRO B 1057 -3.59 28.85 -20.30
C PRO B 1057 -3.58 27.34 -20.15
N HIS B 1058 -2.40 26.76 -20.23
CA HIS B 1058 -2.19 25.32 -20.07
C HIS B 1058 -2.70 24.52 -21.26
N GLY B 1059 -2.86 25.14 -22.43
CA GLY B 1059 -3.40 24.43 -23.57
C GLY B 1059 -3.24 25.22 -24.85
N VAL B 1060 -3.84 24.70 -25.92
CA VAL B 1060 -3.78 25.30 -27.23
C VAL B 1060 -5.16 25.27 -27.87
N VAL B 1061 -5.35 26.13 -28.87
CA VAL B 1061 -6.63 26.26 -29.56
C VAL B 1061 -6.36 26.35 -31.06
N PHE B 1062 -7.22 25.70 -31.85
CA PHE B 1062 -7.09 25.68 -33.30
C PHE B 1062 -8.34 26.26 -33.95
N LEU B 1063 -8.16 26.87 -35.12
CA LEU B 1063 -9.26 27.38 -35.93
C LEU B 1063 -9.14 26.79 -37.33
N HIS B 1064 -10.18 26.09 -37.77
CA HIS B 1064 -10.15 25.34 -39.02
C HIS B 1064 -11.08 25.97 -40.05
N VAL B 1065 -10.64 26.01 -41.30
CA VAL B 1065 -11.41 26.54 -42.42
C VAL B 1065 -11.68 25.41 -43.40
N THR B 1066 -12.93 25.26 -43.82
CA THR B 1066 -13.34 24.14 -44.65
C THR B 1066 -14.27 24.64 -45.77
N TYR B 1067 -14.55 23.74 -46.71
CA TYR B 1067 -15.37 24.02 -47.88
C TYR B 1067 -16.59 23.11 -47.86
N VAL B 1068 -17.77 23.67 -48.10
CA VAL B 1068 -19.02 22.91 -48.00
C VAL B 1068 -19.92 23.20 -49.19
N PRO B 1069 -20.41 22.19 -49.90
CA PRO B 1069 -21.30 22.41 -51.04
C PRO B 1069 -22.71 22.76 -50.60
N ALA B 1070 -23.58 23.02 -51.57
CA ALA B 1070 -24.96 23.39 -51.31
C ALA B 1070 -25.72 23.47 -52.63
N GLN B 1071 -27.05 23.46 -52.53
CA GLN B 1071 -27.95 23.73 -53.65
C GLN B 1071 -27.75 22.73 -54.80
N GLU B 1072 -28.10 21.47 -54.52
CA GLU B 1072 -27.96 20.40 -55.49
C GLU B 1072 -29.16 20.36 -56.45
N LYS B 1073 -29.03 19.52 -57.48
CA LYS B 1073 -30.06 19.37 -58.50
C LYS B 1073 -29.95 17.98 -59.12
N ASN B 1074 -30.99 17.58 -59.85
CA ASN B 1074 -31.07 16.24 -60.43
C ASN B 1074 -30.88 16.29 -61.94
N PHE B 1075 -30.26 15.25 -62.48
CA PHE B 1075 -30.01 15.12 -63.92
C PHE B 1075 -30.16 13.65 -64.30
N THR B 1076 -29.71 13.31 -65.50
CA THR B 1076 -29.69 11.94 -66.00
C THR B 1076 -28.29 11.63 -66.52
N THR B 1077 -27.83 10.41 -66.27
CA THR B 1077 -26.45 10.03 -66.57
C THR B 1077 -26.41 8.78 -67.44
N ALA B 1078 -25.21 8.48 -67.94
CA ALA B 1078 -24.94 7.32 -68.79
C ALA B 1078 -23.47 6.96 -68.70
N PRO B 1079 -23.11 5.69 -68.71
CA PRO B 1079 -21.68 5.33 -68.57
C PRO B 1079 -20.84 5.76 -69.77
N ALA B 1080 -21.35 5.60 -70.98
CA ALA B 1080 -20.60 5.93 -72.19
C ALA B 1080 -21.60 6.34 -73.28
N ILE B 1081 -21.06 6.69 -74.45
CA ILE B 1081 -21.86 7.09 -75.60
C ILE B 1081 -21.28 6.43 -76.84
N CYS B 1082 -22.16 6.04 -77.76
CA CYS B 1082 -21.78 5.32 -78.98
C CYS B 1082 -21.87 6.27 -80.17
N HIS B 1083 -20.79 6.36 -80.95
CA HIS B 1083 -20.73 7.21 -82.13
C HIS B 1083 -19.92 6.51 -83.20
N ASP B 1084 -20.58 6.06 -84.26
CA ASP B 1084 -19.93 5.39 -85.37
C ASP B 1084 -19.45 3.99 -85.00
N GLY B 1085 -20.15 3.33 -84.09
CA GLY B 1085 -19.77 1.99 -83.67
C GLY B 1085 -18.58 1.93 -82.74
N LYS B 1086 -18.30 2.99 -81.99
CA LYS B 1086 -17.21 3.03 -81.04
C LYS B 1086 -17.68 3.62 -79.72
N ALA B 1087 -17.00 3.26 -78.64
CA ALA B 1087 -17.36 3.69 -77.30
C ALA B 1087 -16.41 4.79 -76.84
N HIS B 1088 -16.97 5.87 -76.29
CA HIS B 1088 -16.19 7.01 -75.83
C HIS B 1088 -16.44 7.22 -74.34
N PHE B 1089 -15.36 7.31 -73.57
CA PHE B 1089 -15.43 7.54 -72.14
C PHE B 1089 -14.90 8.93 -71.79
N PRO B 1090 -15.36 9.51 -70.68
CA PRO B 1090 -14.90 10.86 -70.32
C PRO B 1090 -13.45 10.84 -69.83
N ARG B 1091 -12.84 12.02 -69.88
CA ARG B 1091 -11.48 12.18 -69.37
C ARG B 1091 -11.48 12.58 -67.90
N GLU B 1092 -12.22 13.63 -67.55
CA GLU B 1092 -12.36 14.06 -66.15
C GLU B 1092 -13.73 14.71 -66.02
N GLY B 1093 -14.70 13.94 -65.56
CA GLY B 1093 -16.05 14.44 -65.37
C GLY B 1093 -17.05 13.31 -65.55
N VAL B 1094 -18.31 13.72 -65.72
CA VAL B 1094 -19.41 12.80 -65.91
C VAL B 1094 -20.27 13.28 -67.08
N PHE B 1095 -21.04 12.37 -67.64
CA PHE B 1095 -22.00 12.69 -68.69
C PHE B 1095 -23.36 12.99 -68.06
N VAL B 1096 -23.94 14.12 -68.44
CA VAL B 1096 -25.23 14.56 -67.91
C VAL B 1096 -26.10 15.07 -69.06
N SER B 1097 -27.41 15.07 -68.81
CA SER B 1097 -28.38 15.57 -69.78
C SER B 1097 -29.51 16.26 -69.05
N ASN B 1098 -29.98 17.37 -69.62
CA ASN B 1098 -31.11 18.10 -69.05
C ASN B 1098 -32.44 17.67 -69.64
N GLY B 1099 -32.46 16.66 -70.51
CA GLY B 1099 -33.67 16.16 -71.14
C GLY B 1099 -33.57 16.12 -72.66
N THR B 1100 -32.78 17.01 -73.26
CA THR B 1100 -32.64 17.06 -74.71
C THR B 1100 -31.22 17.19 -75.20
N HIS B 1101 -30.25 17.46 -74.33
CA HIS B 1101 -28.87 17.65 -74.75
C HIS B 1101 -27.94 16.91 -73.80
N TRP B 1102 -26.73 16.63 -74.27
CA TRP B 1102 -25.72 15.93 -73.49
C TRP B 1102 -24.47 16.79 -73.37
N PHE B 1103 -23.93 16.88 -72.15
CA PHE B 1103 -22.73 17.68 -71.89
C PHE B 1103 -21.73 16.89 -71.07
N VAL B 1104 -20.66 17.55 -70.63
CA VAL B 1104 -19.74 17.02 -69.64
C VAL B 1104 -19.55 18.06 -68.55
N THR B 1105 -19.17 17.61 -67.37
CA THR B 1105 -18.97 18.52 -66.25
C THR B 1105 -18.07 17.87 -65.22
N GLN B 1106 -17.48 18.70 -64.36
CA GLN B 1106 -16.72 18.21 -63.23
C GLN B 1106 -17.67 17.70 -62.16
N ARG B 1107 -17.11 16.93 -61.22
CA ARG B 1107 -17.93 16.19 -60.27
C ARG B 1107 -18.32 16.99 -59.03
N ASN B 1108 -17.81 18.22 -58.87
CA ASN B 1108 -18.09 18.99 -57.68
C ASN B 1108 -18.67 20.38 -57.95
N PHE B 1109 -18.91 20.73 -59.21
CA PHE B 1109 -19.49 22.02 -59.56
C PHE B 1109 -20.18 21.87 -60.91
N TYR B 1110 -21.15 22.73 -61.16
CA TYR B 1110 -21.95 22.66 -62.39
C TYR B 1110 -21.37 23.61 -63.43
N GLU B 1111 -20.78 23.04 -64.49
CA GLU B 1111 -20.22 23.84 -65.58
C GLU B 1111 -20.30 23.03 -66.86
N PRO B 1112 -21.42 23.09 -67.56
CA PRO B 1112 -21.59 22.25 -68.76
C PRO B 1112 -20.65 22.67 -69.89
N GLN B 1113 -20.36 21.70 -70.76
CA GLN B 1113 -19.56 21.94 -71.95
C GLN B 1113 -19.99 20.95 -73.03
N ILE B 1114 -19.75 21.32 -74.28
CA ILE B 1114 -20.17 20.49 -75.40
C ILE B 1114 -19.13 19.40 -75.66
N ILE B 1115 -19.61 18.19 -75.87
CA ILE B 1115 -18.73 17.05 -76.06
C ILE B 1115 -17.94 17.22 -77.35
N THR B 1116 -16.63 16.98 -77.27
CA THR B 1116 -15.75 17.01 -78.44
C THR B 1116 -14.82 15.82 -78.36
N THR B 1117 -13.82 15.80 -79.22
CA THR B 1117 -12.83 14.73 -79.25
C THR B 1117 -11.62 15.03 -78.37
N ASP B 1118 -11.63 16.14 -77.64
CA ASP B 1118 -10.51 16.54 -76.81
C ASP B 1118 -10.67 16.19 -75.34
N ASN B 1119 -11.91 16.06 -74.85
CA ASN B 1119 -12.15 15.72 -73.46
C ASN B 1119 -12.68 14.29 -73.29
N THR B 1120 -12.45 13.43 -74.29
CA THR B 1120 -12.85 12.03 -74.21
C THR B 1120 -11.77 11.17 -74.85
N PHE B 1121 -11.78 9.89 -74.51
CA PHE B 1121 -10.90 8.92 -75.15
C PHE B 1121 -11.72 7.70 -75.56
N VAL B 1122 -11.27 7.02 -76.61
CA VAL B 1122 -12.02 5.93 -77.23
C VAL B 1122 -11.33 4.60 -76.91
N SER B 1123 -12.14 3.56 -76.77
CA SER B 1123 -11.62 2.23 -76.52
C SER B 1123 -12.70 1.20 -76.80
N GLY B 1124 -12.41 0.26 -77.71
CA GLY B 1124 -13.27 -0.89 -77.91
C GLY B 1124 -14.44 -0.65 -78.85
N ASN B 1125 -15.25 -1.68 -79.00
CA ASN B 1125 -16.44 -1.63 -79.82
C ASN B 1125 -17.66 -1.30 -78.96
N CYS B 1126 -18.85 -1.41 -79.52
CA CYS B 1126 -20.07 -0.86 -78.93
C CYS B 1126 -21.10 -1.95 -78.61
N ASP B 1127 -20.64 -3.10 -78.12
CA ASP B 1127 -21.57 -4.18 -77.79
C ASP B 1127 -21.16 -4.90 -76.50
N VAL B 1128 -20.53 -4.20 -75.57
CA VAL B 1128 -20.09 -4.77 -74.30
C VAL B 1128 -20.65 -3.99 -73.11
N VAL B 1129 -20.44 -2.67 -73.11
CA VAL B 1129 -20.87 -1.86 -71.97
C VAL B 1129 -22.39 -1.93 -71.82
N ILE B 1130 -22.85 -1.82 -70.58
CA ILE B 1130 -24.27 -1.88 -70.25
C ILE B 1130 -24.74 -0.48 -69.92
N GLY B 1131 -25.78 -0.03 -70.62
CA GLY B 1131 -26.28 1.32 -70.46
C GLY B 1131 -25.78 2.33 -71.47
N ILE B 1132 -25.14 1.88 -72.54
CA ILE B 1132 -24.60 2.80 -73.53
C ILE B 1132 -25.73 3.61 -74.17
N VAL B 1133 -25.36 4.74 -74.77
CA VAL B 1133 -26.31 5.67 -75.35
C VAL B 1133 -25.80 6.10 -76.73
N ASN B 1134 -26.73 6.54 -77.58
CA ASN B 1134 -26.42 6.96 -78.94
C ASN B 1134 -26.39 8.49 -78.99
N ASN B 1135 -25.29 9.05 -79.48
CA ASN B 1135 -25.16 10.49 -79.62
C ASN B 1135 -24.08 10.78 -80.65
N THR B 1136 -23.64 12.05 -80.70
CA THR B 1136 -22.67 12.51 -81.68
C THR B 1136 -21.52 13.22 -80.99
N VAL B 1137 -20.33 13.12 -81.59
CA VAL B 1137 -19.11 13.74 -81.08
C VAL B 1137 -18.57 14.68 -82.14
N TYR B 1138 -18.18 15.88 -81.72
CA TYR B 1138 -17.80 16.95 -82.63
C TYR B 1138 -16.28 17.02 -82.77
N ASP B 1139 -15.80 17.02 -84.01
CA ASP B 1139 -14.38 17.19 -84.28
C ASP B 1139 -14.01 18.67 -84.22
N PRO B 1140 -13.08 19.07 -83.36
CA PRO B 1140 -12.93 20.51 -83.06
C PRO B 1140 -12.58 21.36 -84.26
N LEU B 1141 -11.42 21.11 -84.89
CA LEU B 1141 -10.99 21.94 -86.01
C LEU B 1141 -10.41 21.17 -87.19
N GLN B 1142 -9.92 19.95 -87.00
CA GLN B 1142 -9.19 19.27 -88.08
C GLN B 1142 -10.00 19.17 -89.36
N PRO B 1143 -11.25 18.72 -89.36
CA PRO B 1143 -12.02 18.62 -90.61
C PRO B 1143 -12.89 19.82 -90.93
N GLU B 1144 -13.02 20.77 -90.02
CA GLU B 1144 -13.85 21.94 -90.26
C GLU B 1144 -13.00 23.16 -90.62
N ALA C 27 7.71 -59.43 1.59
CA ALA C 27 8.30 -58.78 2.75
C ALA C 27 8.46 -57.27 2.53
N TYR C 28 7.93 -56.79 1.40
CA TYR C 28 7.99 -55.36 1.10
C TYR C 28 6.87 -55.05 0.11
N THR C 29 6.01 -54.09 0.47
CA THR C 29 4.92 -53.64 -0.39
C THR C 29 4.78 -52.13 -0.27
N ASN C 30 4.20 -51.51 -1.29
CA ASN C 30 3.97 -50.08 -1.31
C ASN C 30 2.48 -49.79 -1.29
N SER C 31 2.12 -48.70 -0.60
CA SER C 31 0.74 -48.22 -0.54
C SER C 31 0.62 -47.00 -1.45
N PHE C 32 -0.35 -47.04 -2.36
CA PHE C 32 -0.45 -46.01 -3.37
C PHE C 32 -1.01 -44.71 -2.81
N THR C 33 -2.28 -44.75 -2.37
CA THR C 33 -2.94 -43.54 -1.89
C THR C 33 -3.80 -43.83 -0.66
N ARG C 34 -3.38 -44.79 0.17
CA ARG C 34 -4.18 -45.20 1.32
C ARG C 34 -3.70 -44.51 2.59
N GLY C 35 -4.66 -44.19 3.45
CA GLY C 35 -4.40 -43.53 4.71
C GLY C 35 -4.77 -42.06 4.70
N VAL C 36 -5.97 -41.76 5.19
CA VAL C 36 -6.49 -40.39 5.23
C VAL C 36 -7.58 -40.35 6.30
N TYR C 37 -7.53 -39.31 7.14
CA TYR C 37 -8.48 -39.16 8.22
C TYR C 37 -9.02 -37.74 8.25
N TYR C 38 -10.22 -37.58 8.78
CA TYR C 38 -10.84 -36.27 8.92
C TYR C 38 -10.03 -35.43 9.90
N PRO C 39 -9.52 -34.27 9.51
CA PRO C 39 -8.71 -33.45 10.41
C PRO C 39 -9.49 -32.49 11.29
N ASP C 40 -10.82 -32.43 11.19
CA ASP C 40 -11.61 -31.49 11.96
C ASP C 40 -13.04 -31.98 12.02
N LYS C 41 -13.82 -31.37 12.90
CA LYS C 41 -15.23 -31.71 13.07
C LYS C 41 -16.06 -30.49 12.66
N VAL C 42 -16.32 -30.38 11.36
CA VAL C 42 -17.14 -29.30 10.81
C VAL C 42 -17.67 -29.77 9.47
N PHE C 43 -18.90 -29.38 9.17
CA PHE C 43 -19.52 -29.74 7.89
C PHE C 43 -18.96 -28.89 6.76
N ARG C 44 -18.83 -29.49 5.60
CA ARG C 44 -18.40 -28.78 4.40
C ARG C 44 -18.91 -29.53 3.18
N SER C 45 -19.06 -28.81 2.07
CA SER C 45 -19.62 -29.41 0.86
C SER C 45 -19.16 -28.64 -0.36
N SER C 46 -18.81 -29.39 -1.41
CA SER C 46 -18.49 -28.83 -2.73
C SER C 46 -17.46 -27.70 -2.62
N VAL C 47 -16.27 -28.06 -2.13
CA VAL C 47 -15.19 -27.10 -1.96
C VAL C 47 -13.89 -27.88 -1.83
N LEU C 48 -12.77 -27.20 -2.12
CA LEU C 48 -11.44 -27.78 -1.98
C LEU C 48 -10.73 -27.10 -0.81
N HIS C 49 -10.08 -27.89 0.03
CA HIS C 49 -9.45 -27.40 1.25
C HIS C 49 -8.03 -27.90 1.33
N SER C 50 -7.17 -27.10 1.96
CA SER C 50 -5.75 -27.41 2.12
C SER C 50 -5.39 -27.43 3.59
N THR C 51 -4.59 -28.41 4.00
CA THR C 51 -4.22 -28.57 5.40
C THR C 51 -2.81 -29.13 5.50
N GLN C 52 -2.21 -28.93 6.67
CA GLN C 52 -0.91 -29.50 6.99
C GLN C 52 -1.03 -30.30 8.29
N ASP C 53 -0.61 -31.56 8.24
CA ASP C 53 -0.75 -32.46 9.38
C ASP C 53 0.29 -33.57 9.24
N LEU C 54 0.13 -34.63 10.03
CA LEU C 54 0.98 -35.81 9.96
C LEU C 54 0.25 -36.87 9.15
N PHE C 55 0.70 -37.10 7.92
CA PHE C 55 0.04 -38.01 7.00
C PHE C 55 1.02 -39.08 6.53
N LEU C 56 0.48 -40.14 5.94
CA LEU C 56 1.28 -41.20 5.35
C LEU C 56 1.53 -40.90 3.89
N PRO C 57 2.78 -40.72 3.45
CA PRO C 57 3.04 -40.28 2.08
C PRO C 57 2.47 -41.24 1.05
N PHE C 58 2.52 -40.80 -0.21
CA PHE C 58 2.02 -41.58 -1.33
C PHE C 58 3.13 -42.42 -1.94
N PHE C 59 2.79 -43.65 -2.33
CA PHE C 59 3.73 -44.57 -2.96
C PHE C 59 4.99 -44.72 -2.11
N SER C 60 4.81 -45.25 -0.90
CA SER C 60 5.88 -45.39 0.07
C SER C 60 6.02 -46.86 0.46
N ASN C 61 7.21 -47.19 0.97
CA ASN C 61 7.51 -48.57 1.33
C ASN C 61 6.71 -49.01 2.54
N VAL C 62 6.36 -50.30 2.58
CA VAL C 62 5.56 -50.87 3.65
C VAL C 62 5.96 -52.32 3.83
N THR C 63 5.89 -52.80 5.07
CA THR C 63 6.33 -54.14 5.41
C THR C 63 5.15 -55.10 5.50
N TRP C 64 5.45 -56.39 5.38
CA TRP C 64 4.45 -57.44 5.37
C TRP C 64 4.84 -58.50 6.39
N PHE C 65 3.91 -58.83 7.28
CA PHE C 65 4.12 -59.85 8.31
C PHE C 65 3.08 -60.96 8.13
N HIS C 66 3.54 -62.20 8.19
CA HIS C 66 2.71 -63.35 7.87
C HIS C 66 2.61 -64.29 9.07
N ALA C 67 1.53 -65.06 9.09
CA ALA C 67 1.33 -66.10 10.11
C ALA C 67 0.57 -67.24 9.41
N ILE C 68 1.32 -68.23 8.93
CA ILE C 68 0.75 -69.34 8.17
C ILE C 68 1.39 -70.63 8.64
N HIS C 69 0.58 -71.68 8.76
CA HIS C 69 1.04 -73.01 9.14
C HIS C 69 0.78 -73.95 7.97
N VAL C 70 1.83 -74.26 7.21
CA VAL C 70 1.69 -75.10 6.03
C VAL C 70 1.09 -76.45 6.39
N THR C 76 6.68 -74.80 6.73
CA THR C 76 7.25 -74.29 7.98
C THR C 76 6.32 -73.27 8.63
N LYS C 77 5.95 -73.53 9.88
CA LYS C 77 5.08 -72.61 10.60
C LYS C 77 5.79 -71.29 10.87
N ARG C 78 5.00 -70.22 10.96
CA ARG C 78 5.52 -68.90 11.28
C ARG C 78 4.59 -68.23 12.27
N PHE C 79 5.17 -67.37 13.11
CA PHE C 79 4.42 -66.65 14.15
C PHE C 79 5.18 -65.36 14.42
N ASP C 80 4.69 -64.25 13.86
CA ASP C 80 5.42 -63.00 13.83
C ASP C 80 4.85 -62.04 14.87
N ASN C 81 5.65 -61.70 15.87
CA ASN C 81 5.31 -60.67 16.85
C ASN C 81 6.57 -59.98 17.35
N PRO C 82 7.39 -59.41 16.47
CA PRO C 82 8.60 -58.73 16.92
C PRO C 82 8.28 -57.35 17.49
N VAL C 83 9.26 -56.80 18.21
CA VAL C 83 9.16 -55.47 18.79
C VAL C 83 9.70 -54.46 17.79
N LEU C 84 8.91 -53.42 17.52
CA LEU C 84 9.22 -52.44 16.49
C LEU C 84 9.16 -51.04 17.09
N PRO C 85 9.83 -50.08 16.47
CA PRO C 85 9.85 -48.72 17.01
C PRO C 85 8.49 -48.04 16.86
N PHE C 86 8.41 -46.84 17.44
CA PHE C 86 7.22 -45.99 17.39
C PHE C 86 7.74 -44.55 17.29
N ASN C 87 7.92 -44.07 16.06
CA ASN C 87 8.68 -42.83 15.85
C ASN C 87 7.81 -41.60 16.10
N ASP C 88 6.78 -41.41 15.28
CA ASP C 88 5.83 -40.31 15.43
C ASP C 88 4.38 -40.74 15.31
N GLY C 89 4.11 -41.86 14.65
CA GLY C 89 2.76 -42.38 14.51
C GLY C 89 2.85 -43.77 13.93
N VAL C 90 1.69 -44.33 13.60
CA VAL C 90 1.65 -45.68 13.05
C VAL C 90 0.37 -45.89 12.27
N TYR C 91 0.49 -46.46 11.08
CA TYR C 91 -0.65 -46.89 10.28
C TYR C 91 -0.64 -48.40 10.26
N PHE C 92 -1.75 -49.00 10.69
CA PHE C 92 -1.87 -50.45 10.85
C PHE C 92 -3.03 -50.95 10.02
N ALA C 93 -2.82 -52.08 9.35
CA ALA C 93 -3.87 -52.69 8.52
C ALA C 93 -3.76 -54.20 8.62
N SER C 94 -4.92 -54.86 8.69
CA SER C 94 -4.97 -56.31 8.79
C SER C 94 -6.12 -56.85 7.95
N THR C 95 -5.86 -57.95 7.25
CA THR C 95 -6.88 -58.66 6.48
C THR C 95 -6.96 -60.08 7.01
N GLU C 96 -8.17 -60.55 7.30
CA GLU C 96 -8.33 -61.85 7.92
C GLU C 96 -9.74 -62.36 7.69
N LYS C 97 -9.88 -63.68 7.78
CA LYS C 97 -11.18 -64.36 7.73
C LYS C 97 -11.66 -64.83 9.09
N SER C 98 -10.75 -65.38 9.90
CA SER C 98 -11.04 -65.76 11.27
C SER C 98 -10.24 -64.87 12.21
N ASN C 99 -10.86 -64.48 13.32
CA ASN C 99 -10.27 -63.50 14.23
C ASN C 99 -9.01 -64.06 14.86
N ILE C 100 -7.85 -63.53 14.48
CA ILE C 100 -6.57 -63.96 15.01
C ILE C 100 -5.71 -62.79 15.49
N ILE C 101 -6.21 -61.56 15.43
CA ILE C 101 -5.52 -60.39 15.95
C ILE C 101 -6.41 -59.74 16.99
N ARG C 102 -5.85 -59.46 18.17
CA ARG C 102 -6.65 -59.06 19.32
C ARG C 102 -6.34 -57.65 19.82
N GLY C 103 -5.09 -57.35 20.11
CA GLY C 103 -4.77 -56.06 20.68
C GLY C 103 -3.31 -55.69 20.52
N TRP C 104 -2.87 -54.75 21.35
CA TRP C 104 -1.51 -54.24 21.31
C TRP C 104 -1.08 -53.86 22.71
N ILE C 105 0.24 -53.75 22.90
CA ILE C 105 0.83 -53.29 24.15
C ILE C 105 1.88 -52.23 23.82
N PHE C 106 1.83 -51.11 24.52
CA PHE C 106 2.73 -49.99 24.27
C PHE C 106 3.54 -49.70 25.53
N GLY C 107 4.76 -49.19 25.33
CA GLY C 107 5.61 -48.89 26.46
C GLY C 107 6.95 -48.35 26.01
N THR C 108 7.86 -48.21 26.97
CA THR C 108 9.21 -47.71 26.75
C THR C 108 10.27 -48.78 26.96
N THR C 109 10.28 -49.42 28.13
CA THR C 109 11.21 -50.51 28.40
C THR C 109 10.51 -51.86 28.57
N LEU C 110 9.18 -51.88 28.57
CA LEU C 110 8.42 -53.12 28.69
C LEU C 110 8.95 -53.99 29.82
N ASP C 111 9.01 -53.40 31.01
CA ASP C 111 9.50 -54.06 32.20
C ASP C 111 8.77 -53.50 33.41
N SER C 112 9.19 -53.92 34.61
CA SER C 112 8.54 -53.52 35.85
C SER C 112 9.16 -52.26 36.45
N LYS C 113 9.88 -51.47 35.67
CA LYS C 113 10.48 -50.23 36.14
C LYS C 113 9.82 -48.99 35.58
N THR C 114 8.78 -49.13 34.76
CA THR C 114 8.09 -48.00 34.16
C THR C 114 6.63 -48.35 33.95
N GLN C 115 5.86 -47.38 33.46
CA GLN C 115 4.46 -47.57 33.16
C GLN C 115 4.27 -47.98 31.70
N SER C 116 3.18 -48.70 31.44
CA SER C 116 2.87 -49.17 30.11
C SER C 116 1.36 -49.12 29.90
N LEU C 117 0.93 -49.46 28.68
CA LEU C 117 -0.48 -49.43 28.30
C LEU C 117 -0.85 -50.75 27.65
N LEU C 118 -2.11 -51.16 27.86
CA LEU C 118 -2.60 -52.44 27.36
C LEU C 118 -4.00 -52.27 26.79
N ILE C 119 -4.18 -52.70 25.54
CA ILE C 119 -5.50 -52.79 24.92
C ILE C 119 -5.68 -54.23 24.48
N VAL C 120 -6.74 -54.89 24.98
CA VAL C 120 -6.92 -56.32 24.77
C VAL C 120 -8.37 -56.60 24.40
N ASN C 121 -8.59 -57.82 23.92
CA ASN C 121 -9.93 -58.34 23.63
C ASN C 121 -9.95 -59.79 24.07
N ASN C 122 -10.45 -60.04 25.28
CA ASN C 122 -10.43 -61.37 25.88
C ASN C 122 -11.64 -62.22 25.49
N ALA C 123 -12.29 -61.89 24.37
CA ALA C 123 -13.40 -62.64 23.81
C ALA C 123 -14.71 -62.44 24.56
N THR C 124 -14.74 -61.57 25.57
CA THR C 124 -15.98 -61.32 26.30
C THR C 124 -16.26 -59.83 26.45
N ASN C 125 -15.20 -59.02 26.41
CA ASN C 125 -15.36 -57.57 26.51
C ASN C 125 -14.01 -56.91 26.27
N VAL C 126 -14.05 -55.60 26.03
CA VAL C 126 -12.85 -54.82 25.75
C VAL C 126 -12.31 -54.25 27.05
N VAL C 127 -11.00 -54.40 27.26
CA VAL C 127 -10.34 -54.01 28.51
C VAL C 127 -9.21 -53.06 28.19
N ILE C 128 -9.08 -51.99 28.98
CA ILE C 128 -7.98 -51.05 28.89
C ILE C 128 -7.42 -50.85 30.29
N LYS C 129 -6.09 -50.93 30.42
CA LYS C 129 -5.44 -50.83 31.71
C LYS C 129 -4.09 -50.15 31.54
N VAL C 130 -3.71 -49.34 32.54
CA VAL C 130 -2.43 -48.64 32.54
C VAL C 130 -1.75 -48.95 33.87
N CYS C 131 -0.97 -50.03 33.92
CA CYS C 131 -0.27 -50.44 35.13
C CYS C 131 1.21 -50.65 34.88
N GLU C 132 1.91 -51.20 35.87
CA GLU C 132 3.33 -51.55 35.72
C GLU C 132 3.42 -53.06 35.59
N PHE C 133 3.40 -53.54 34.35
CA PHE C 133 3.37 -54.97 34.07
C PHE C 133 4.78 -55.55 33.96
N GLN C 134 4.85 -56.88 34.03
CA GLN C 134 6.06 -57.64 33.76
C GLN C 134 5.70 -58.64 32.66
N PHE C 135 5.83 -58.21 31.41
CA PHE C 135 5.33 -58.99 30.29
C PHE C 135 6.22 -60.21 30.02
N CYS C 136 5.63 -61.20 29.36
CA CYS C 136 6.34 -62.41 28.98
C CYS C 136 7.15 -62.17 27.70
N ASN C 137 7.89 -63.20 27.29
CA ASN C 137 8.71 -63.10 26.09
C ASN C 137 7.92 -63.41 24.82
N ASP C 138 6.94 -64.30 24.90
CA ASP C 138 6.12 -64.69 23.75
C ASP C 138 4.64 -64.63 24.15
N PRO C 139 4.10 -63.42 24.29
CA PRO C 139 2.69 -63.30 24.69
C PRO C 139 1.75 -63.85 23.63
N PHE C 140 0.62 -64.40 24.09
CA PHE C 140 -0.39 -64.91 23.18
C PHE C 140 -1.64 -65.38 23.92
N LEU C 141 -2.65 -65.79 23.15
CA LEU C 141 -3.87 -66.39 23.67
C LEU C 141 -4.09 -67.73 22.99
N GLY C 142 -5.25 -68.35 23.16
CA GLY C 142 -5.49 -69.61 22.48
C GLY C 142 -6.91 -70.09 22.68
N VAL C 143 -7.27 -71.08 21.85
CA VAL C 143 -8.53 -71.81 21.94
C VAL C 143 -8.21 -73.29 21.79
N TYR C 144 -9.12 -74.13 22.28
CA TYR C 144 -8.87 -75.57 22.32
C TYR C 144 -9.79 -76.36 21.39
N TYR C 145 -11.10 -76.21 21.55
CA TYR C 145 -12.04 -76.99 20.75
C TYR C 145 -12.49 -76.21 19.52
N SER C 151 -18.36 -75.45 19.78
CA SER C 151 -17.19 -76.28 20.00
C SER C 151 -16.03 -75.46 20.53
N TRP C 152 -15.55 -74.52 19.73
CA TRP C 152 -14.40 -73.72 20.12
C TRP C 152 -14.70 -72.91 21.38
N MET C 153 -13.70 -72.80 22.25
CA MET C 153 -13.83 -72.09 23.51
C MET C 153 -12.53 -71.37 23.83
N GLU C 154 -12.63 -70.37 24.69
CA GLU C 154 -11.48 -69.58 25.12
C GLU C 154 -10.99 -70.12 26.45
N SER C 155 -9.72 -70.57 26.48
CA SER C 155 -9.17 -71.23 27.65
C SER C 155 -7.96 -70.51 28.24
N GLU C 156 -6.99 -70.13 27.43
CA GLU C 156 -5.70 -69.67 27.91
C GLU C 156 -5.54 -68.16 27.71
N PHE C 157 -4.86 -67.52 28.66
CA PHE C 157 -4.59 -66.08 28.60
C PHE C 157 -3.27 -65.85 29.33
N ARG C 158 -2.18 -65.75 28.57
CA ARG C 158 -0.83 -65.64 29.12
C ARG C 158 -0.18 -64.36 28.58
N VAL C 159 -0.28 -63.26 29.32
CA VAL C 159 0.29 -62.01 28.88
C VAL C 159 1.30 -61.49 29.89
N TYR C 160 0.83 -61.20 31.11
CA TYR C 160 1.67 -60.61 32.14
C TYR C 160 1.68 -61.50 33.38
N SER C 161 2.62 -61.20 34.28
CA SER C 161 2.76 -61.90 35.54
C SER C 161 2.27 -61.10 36.74
N SER C 162 2.43 -59.78 36.74
CA SER C 162 2.00 -58.96 37.87
C SER C 162 1.77 -57.55 37.40
N ALA C 163 0.92 -56.83 38.15
CA ALA C 163 0.63 -55.43 37.90
C ALA C 163 0.46 -54.73 39.25
N ASN C 164 1.01 -53.52 39.36
CA ASN C 164 1.00 -52.81 40.63
C ASN C 164 1.04 -51.31 40.40
N ASN C 165 0.37 -50.57 41.28
CA ASN C 165 0.46 -49.11 41.34
C ASN C 165 0.07 -48.48 40.00
N CYS C 166 -1.19 -48.64 39.63
CA CYS C 166 -1.69 -48.09 38.38
C CYS C 166 -3.02 -47.39 38.57
N THR C 167 -3.25 -46.38 37.73
CA THR C 167 -4.31 -45.38 37.94
C THR C 167 -5.11 -45.14 36.67
N PHE C 168 -5.55 -46.21 36.01
CA PHE C 168 -6.48 -46.06 34.90
C PHE C 168 -7.09 -47.40 34.51
N GLU C 169 -8.41 -47.45 34.37
CA GLU C 169 -9.08 -48.70 34.06
C GLU C 169 -10.41 -48.41 33.39
N TYR C 170 -10.86 -49.35 32.57
CA TYR C 170 -12.14 -49.27 31.87
C TYR C 170 -12.44 -50.62 31.26
N VAL C 171 -13.69 -51.06 31.41
CA VAL C 171 -14.13 -52.36 30.90
C VAL C 171 -15.46 -52.17 30.18
N SER C 172 -15.57 -52.74 28.99
CA SER C 172 -16.79 -52.63 28.20
C SER C 172 -17.79 -53.72 28.58
N GLN C 173 -19.04 -53.52 28.14
CA GLN C 173 -20.09 -54.46 28.47
C GLN C 173 -19.86 -55.79 27.75
N PRO C 174 -20.36 -56.89 28.32
CA PRO C 174 -20.07 -58.21 27.75
C PRO C 174 -20.71 -58.42 26.40
N PHE C 175 -20.10 -59.31 25.62
CA PHE C 175 -20.64 -59.71 24.33
C PHE C 175 -20.14 -61.12 24.00
N LEU C 176 -20.78 -61.74 23.02
CA LEU C 176 -20.43 -63.08 22.57
C LEU C 176 -19.90 -62.98 21.14
N MET C 177 -18.68 -63.50 20.93
CA MET C 177 -18.02 -63.42 19.64
C MET C 177 -17.80 -64.81 19.07
N ASP C 178 -18.06 -64.96 17.77
CA ASP C 178 -17.83 -66.23 17.10
C ASP C 178 -16.34 -66.52 17.00
N LEU C 179 -15.99 -67.81 16.98
CA LEU C 179 -14.61 -68.26 16.89
C LEU C 179 -14.50 -69.34 15.82
N GLU C 180 -13.48 -69.22 14.98
CA GLU C 180 -13.20 -70.18 13.92
C GLU C 180 -14.49 -70.42 13.13
N GLY C 181 -14.67 -71.62 12.58
CA GLY C 181 -15.82 -71.90 11.75
C GLY C 181 -15.77 -71.30 10.36
N LYS C 182 -14.58 -70.97 9.87
CA LYS C 182 -14.46 -70.35 8.56
C LYS C 182 -13.16 -70.82 7.91
N GLN C 183 -13.14 -70.76 6.57
CA GLN C 183 -11.96 -71.11 5.80
C GLN C 183 -12.20 -70.72 4.35
N GLY C 184 -11.15 -70.22 3.69
CA GLY C 184 -11.26 -69.76 2.32
C GLY C 184 -10.34 -68.60 2.02
N ASN C 185 -10.89 -67.53 1.45
CA ASN C 185 -10.12 -66.33 1.13
C ASN C 185 -10.51 -65.18 2.07
N PHE C 186 -9.64 -64.17 2.11
CA PHE C 186 -9.83 -63.05 3.03
C PHE C 186 -11.11 -62.30 2.70
N LYS C 187 -11.77 -61.80 3.73
CA LYS C 187 -13.08 -61.17 3.59
C LYS C 187 -13.21 -59.79 4.22
N ASN C 188 -12.37 -59.43 5.19
CA ASN C 188 -12.54 -58.19 5.93
C ASN C 188 -11.24 -57.41 5.98
N LEU C 189 -11.37 -56.09 6.09
CA LEU C 189 -10.22 -55.19 6.22
C LEU C 189 -10.50 -54.17 7.31
N ARG C 190 -9.47 -53.85 8.08
CA ARG C 190 -9.58 -52.88 9.17
C ARG C 190 -8.31 -52.05 9.24
N GLU C 191 -8.47 -50.76 9.47
CA GLU C 191 -7.35 -49.82 9.48
C GLU C 191 -7.40 -48.96 10.72
N PHE C 192 -6.22 -48.58 11.22
CA PHE C 192 -6.09 -47.84 12.47
C PHE C 192 -5.01 -46.79 12.33
N VAL C 193 -5.12 -45.74 13.15
CA VAL C 193 -4.09 -44.70 13.23
C VAL C 193 -3.89 -44.36 14.70
N PHE C 194 -2.62 -44.21 15.09
CA PHE C 194 -2.25 -43.93 16.47
C PHE C 194 -1.40 -42.67 16.54
N LYS C 195 -1.64 -41.84 17.56
CA LYS C 195 -0.87 -40.63 17.75
C LYS C 195 -0.69 -40.37 19.25
N ASN C 196 0.27 -39.52 19.58
CA ASN C 196 0.64 -39.27 20.97
C ASN C 196 1.08 -37.81 21.09
N ILE C 197 0.16 -36.95 21.54
CA ILE C 197 0.40 -35.51 21.63
C ILE C 197 -0.07 -35.02 22.99
N ASP C 198 0.83 -34.36 23.73
CA ASP C 198 0.52 -33.69 25.00
C ASP C 198 -0.28 -34.60 25.94
N GLY C 199 0.27 -35.79 26.17
CA GLY C 199 -0.40 -36.74 27.04
C GLY C 199 -1.78 -37.14 26.57
N TYR C 200 -1.92 -37.39 25.27
CA TYR C 200 -3.20 -37.77 24.68
C TYR C 200 -2.97 -38.87 23.66
N PHE C 201 -3.85 -39.87 23.65
CA PHE C 201 -3.79 -40.96 22.69
C PHE C 201 -5.05 -40.90 21.83
N LYS C 202 -4.86 -40.75 20.52
CA LYS C 202 -5.97 -40.62 19.57
C LYS C 202 -5.98 -41.80 18.62
N ILE C 203 -7.18 -42.25 18.27
CA ILE C 203 -7.36 -43.42 17.41
C ILE C 203 -8.43 -43.11 16.37
N TYR C 204 -8.13 -43.37 15.11
CA TYR C 204 -9.10 -43.30 14.02
C TYR C 204 -9.25 -44.69 13.41
N SER C 205 -10.44 -44.98 12.90
CA SER C 205 -10.71 -46.34 12.43
C SER C 205 -11.76 -46.31 11.33
N LYS C 206 -11.82 -47.40 10.57
CA LYS C 206 -12.81 -47.64 9.52
C LYS C 206 -12.70 -49.08 9.06
N HIS C 207 -13.84 -49.65 8.68
CA HIS C 207 -13.92 -51.05 8.29
C HIS C 207 -14.58 -51.18 6.93
N THR C 208 -14.07 -52.09 6.09
CA THR C 208 -14.56 -52.27 4.73
C THR C 208 -14.52 -53.73 4.33
N PRO C 209 -15.61 -54.27 3.77
CA PRO C 209 -15.62 -55.68 3.35
C PRO C 209 -15.00 -55.85 1.96
N ILE C 210 -14.07 -56.80 1.84
CA ILE C 210 -13.37 -57.07 0.59
C ILE C 210 -13.29 -58.57 0.36
N ASN C 211 -13.12 -58.94 -0.91
CA ASN C 211 -12.88 -60.32 -1.31
C ASN C 211 -11.60 -60.36 -2.13
N LEU C 212 -10.62 -61.14 -1.66
CA LEU C 212 -9.31 -61.20 -2.29
C LEU C 212 -8.57 -62.40 -1.73
N VAL C 213 -7.33 -62.60 -2.17
CA VAL C 213 -6.57 -63.79 -1.78
C VAL C 213 -5.26 -63.43 -1.08
N ARG C 214 -4.37 -62.72 -1.75
CA ARG C 214 -2.99 -62.59 -1.30
C ARG C 214 -2.45 -61.18 -1.52
N ASP C 215 -3.18 -60.16 -1.10
CA ASP C 215 -2.66 -58.79 -1.16
C ASP C 215 -3.63 -57.87 -0.42
N LEU C 216 -3.40 -56.57 -0.53
CA LEU C 216 -4.29 -55.55 -0.01
C LEU C 216 -4.84 -54.73 -1.17
N PRO C 217 -6.17 -54.61 -1.30
CA PRO C 217 -6.73 -53.97 -2.49
C PRO C 217 -6.40 -52.49 -2.60
N GLN C 218 -6.92 -51.85 -3.65
CA GLN C 218 -6.69 -50.44 -3.92
C GLN C 218 -8.02 -49.69 -3.91
N GLY C 219 -7.98 -48.45 -3.45
CA GLY C 219 -9.18 -47.65 -3.38
C GLY C 219 -8.95 -46.40 -2.55
N PHE C 220 -10.05 -45.76 -2.19
CA PHE C 220 -10.02 -44.56 -1.37
C PHE C 220 -11.05 -44.65 -0.26
N SER C 221 -10.67 -44.22 0.94
CA SER C 221 -11.56 -44.21 2.09
C SER C 221 -10.91 -43.39 3.21
N ALA C 222 -11.71 -42.56 3.86
CA ALA C 222 -11.23 -41.70 4.93
C ALA C 222 -11.56 -42.32 6.30
N LEU C 223 -10.72 -42.00 7.28
CA LEU C 223 -10.87 -42.50 8.63
C LEU C 223 -11.47 -41.42 9.52
N GLU C 224 -12.26 -41.85 10.52
CA GLU C 224 -13.02 -40.96 11.37
C GLU C 224 -12.55 -41.03 12.81
N PRO C 225 -12.77 -39.98 13.60
CA PRO C 225 -12.34 -40.00 15.01
C PRO C 225 -13.03 -41.11 15.78
N LEU C 226 -12.30 -41.72 16.70
CA LEU C 226 -12.84 -42.81 17.51
C LEU C 226 -12.87 -42.50 19.00
N VAL C 227 -11.73 -42.12 19.59
CA VAL C 227 -11.65 -41.92 21.03
C VAL C 227 -10.39 -41.13 21.35
N ASP C 228 -10.37 -40.51 22.53
CA ASP C 228 -9.22 -39.72 22.99
C ASP C 228 -9.04 -39.99 24.48
N LEU C 229 -7.89 -40.58 24.84
CA LEU C 229 -7.65 -41.02 26.21
C LEU C 229 -6.52 -40.22 26.85
N PRO C 230 -6.67 -39.77 28.09
CA PRO C 230 -5.54 -39.16 28.80
C PRO C 230 -4.72 -40.21 29.55
N ILE C 231 -3.43 -40.32 29.25
CA ILE C 231 -2.58 -41.27 29.95
C ILE C 231 -1.39 -40.55 30.58
N GLY C 232 -0.56 -39.91 29.73
CA GLY C 232 0.57 -39.16 30.21
C GLY C 232 1.82 -39.97 30.48
N ILE C 233 2.29 -40.72 29.47
CA ILE C 233 3.50 -41.52 29.58
C ILE C 233 4.31 -41.40 28.31
N ASN C 234 5.57 -41.82 28.40
CA ASN C 234 6.50 -41.76 27.26
C ASN C 234 6.49 -43.11 26.56
N ILE C 235 6.13 -43.11 25.28
CA ILE C 235 6.00 -44.32 24.47
C ILE C 235 7.03 -44.29 23.36
N THR C 236 7.83 -45.36 23.26
CA THR C 236 8.81 -45.47 22.18
C THR C 236 8.91 -46.89 21.63
N ARG C 237 7.87 -47.71 21.78
CA ARG C 237 7.89 -49.07 21.25
C ARG C 237 6.47 -49.62 21.31
N PHE C 238 6.25 -50.74 20.62
CA PHE C 238 4.95 -51.39 20.62
C PHE C 238 5.11 -52.80 20.08
N GLN C 239 4.06 -53.61 20.25
CA GLN C 239 4.10 -55.01 19.90
C GLN C 239 2.67 -55.50 19.69
N THR C 240 2.55 -56.64 18.99
CA THR C 240 1.27 -57.24 18.68
C THR C 240 1.17 -58.62 19.34
N LEU C 241 -0.04 -58.99 19.73
CA LEU C 241 -0.30 -60.27 20.35
C LEU C 241 -1.43 -60.98 19.61
N LEU C 242 -1.23 -62.28 19.37
CA LEU C 242 -2.12 -63.09 18.54
C LEU C 242 -2.70 -64.25 19.37
N ALA C 243 -3.39 -65.16 18.70
CA ALA C 243 -3.95 -66.35 19.31
C ALA C 243 -3.63 -67.57 18.45
N LEU C 244 -3.59 -68.73 19.09
CA LEU C 244 -3.31 -69.99 18.40
C LEU C 244 -4.35 -71.03 18.77
N HIS C 245 -4.55 -71.98 17.86
CA HIS C 245 -5.62 -72.98 17.98
C HIS C 245 -5.01 -74.30 18.43
N ARG C 246 -4.86 -74.46 19.75
CA ARG C 246 -4.33 -75.68 20.35
C ARG C 246 -3.15 -76.23 19.54
N SER C 247 -2.28 -75.33 19.09
CA SER C 247 -1.14 -75.70 18.26
C SER C 247 0.10 -75.09 18.87
N TYR C 248 1.22 -75.16 18.14
CA TYR C 248 2.49 -74.63 18.60
C TYR C 248 3.08 -73.70 17.56
N LEU C 249 4.26 -73.18 17.85
CA LEU C 249 4.95 -72.24 16.99
C LEU C 249 3.98 -71.23 16.37
N GLY C 261 -6.24 -69.23 11.05
CA GLY C 261 -5.07 -69.94 10.58
C GLY C 261 -4.17 -69.11 9.67
N ALA C 262 -4.80 -68.41 8.74
CA ALA C 262 -4.08 -67.55 7.79
C ALA C 262 -4.45 -66.10 8.04
N ALA C 263 -3.44 -65.24 8.12
CA ALA C 263 -3.66 -63.82 8.33
C ALA C 263 -2.33 -63.11 8.24
N ALA C 264 -2.39 -61.80 8.01
CA ALA C 264 -1.20 -60.98 7.91
C ALA C 264 -1.57 -59.53 8.22
N TYR C 265 -0.55 -58.73 8.53
CA TYR C 265 -0.76 -57.33 8.84
C TYR C 265 0.40 -56.51 8.30
N TYR C 266 0.18 -55.21 8.18
CA TYR C 266 1.13 -54.28 7.60
C TYR C 266 1.47 -53.19 8.62
N VAL C 267 2.47 -52.38 8.29
CA VAL C 267 2.93 -51.33 9.20
C VAL C 267 3.59 -50.23 8.40
N GLY C 268 3.25 -49.00 8.72
CA GLY C 268 3.86 -47.85 8.08
C GLY C 268 3.83 -46.67 9.02
N TYR C 269 4.78 -45.75 8.84
CA TYR C 269 4.95 -44.63 9.75
C TYR C 269 4.37 -43.35 9.14
N LEU C 270 4.52 -42.24 9.87
CA LEU C 270 3.90 -40.98 9.51
C LEU C 270 4.96 -39.87 9.46
N GLN C 271 4.69 -38.86 8.65
CA GLN C 271 5.56 -37.71 8.50
C GLN C 271 4.72 -36.46 8.30
N PRO C 272 5.27 -35.29 8.62
CA PRO C 272 4.54 -34.04 8.34
C PRO C 272 4.44 -33.79 6.84
N ARG C 273 3.25 -33.39 6.41
CA ARG C 273 2.98 -33.21 4.99
C ARG C 273 1.86 -32.20 4.83
N THR C 274 1.68 -31.73 3.60
CA THR C 274 0.58 -30.86 3.23
C THR C 274 -0.17 -31.47 2.05
N PHE C 275 -1.49 -31.54 2.16
CA PHE C 275 -2.34 -32.21 1.18
C PHE C 275 -3.38 -31.24 0.65
N LEU C 276 -4.09 -31.68 -0.39
CA LEU C 276 -5.26 -30.97 -0.92
C LEU C 276 -6.41 -31.96 -1.00
N LEU C 277 -7.51 -31.64 -0.33
CA LEU C 277 -8.63 -32.56 -0.20
C LEU C 277 -9.85 -32.01 -0.94
N LYS C 278 -10.73 -32.92 -1.36
CA LYS C 278 -11.93 -32.58 -2.10
C LYS C 278 -13.15 -33.17 -1.40
N TYR C 279 -14.25 -32.43 -1.41
CA TYR C 279 -15.48 -32.83 -0.73
C TYR C 279 -16.60 -33.00 -1.76
N ASN C 280 -17.55 -33.87 -1.40
CA ASN C 280 -18.72 -34.10 -2.23
C ASN C 280 -19.76 -33.01 -2.00
N GLU C 281 -20.93 -33.18 -2.62
CA GLU C 281 -22.09 -32.38 -2.25
C GLU C 281 -22.72 -32.88 -0.96
N ASN C 282 -22.63 -34.20 -0.70
CA ASN C 282 -23.14 -34.76 0.54
C ASN C 282 -22.26 -34.37 1.72
N GLY C 283 -20.94 -34.36 1.54
CA GLY C 283 -20.03 -33.95 2.59
C GLY C 283 -18.90 -34.91 2.86
N THR C 284 -18.67 -35.86 1.95
CA THR C 284 -17.63 -36.87 2.12
C THR C 284 -16.42 -36.52 1.26
N ILE C 285 -15.26 -37.02 1.68
CA ILE C 285 -14.01 -36.84 0.95
C ILE C 285 -13.85 -37.99 -0.03
N THR C 286 -13.59 -37.65 -1.30
CA THR C 286 -13.52 -38.65 -2.36
C THR C 286 -12.22 -38.67 -3.14
N ASP C 287 -11.37 -37.64 -3.03
CA ASP C 287 -10.12 -37.63 -3.75
C ASP C 287 -9.15 -36.68 -3.06
N ALA C 288 -7.86 -36.84 -3.35
CA ALA C 288 -6.83 -36.05 -2.72
C ALA C 288 -5.60 -36.00 -3.62
N VAL C 289 -4.71 -35.06 -3.32
CA VAL C 289 -3.46 -34.88 -4.06
C VAL C 289 -2.37 -34.49 -3.07
N ASP C 290 -1.17 -35.03 -3.28
CA ASP C 290 -0.01 -34.69 -2.46
C ASP C 290 0.80 -33.59 -3.15
N CYS C 291 1.10 -32.53 -2.41
CA CYS C 291 1.66 -31.32 -3.00
C CYS C 291 3.18 -31.34 -3.08
N ALA C 292 3.83 -32.45 -2.73
CA ALA C 292 5.29 -32.50 -2.81
C ALA C 292 5.82 -33.83 -3.35
N LEU C 293 4.96 -34.68 -3.92
CA LEU C 293 5.43 -35.96 -4.43
C LEU C 293 6.40 -35.78 -5.59
N ASP C 294 6.09 -34.86 -6.51
CA ASP C 294 6.92 -34.64 -7.69
C ASP C 294 6.59 -33.27 -8.26
N PRO C 295 7.42 -32.76 -9.17
CA PRO C 295 7.16 -31.42 -9.73
C PRO C 295 5.82 -31.31 -10.43
N LEU C 296 5.35 -32.37 -11.09
CA LEU C 296 4.07 -32.31 -11.77
C LEU C 296 2.94 -32.04 -10.78
N SER C 297 2.94 -32.74 -9.65
CA SER C 297 1.91 -32.55 -8.63
C SER C 297 2.08 -31.26 -7.85
N GLU C 298 3.19 -30.55 -8.04
CA GLU C 298 3.40 -29.28 -7.37
C GLU C 298 2.72 -28.12 -8.08
N THR C 299 2.22 -28.32 -9.29
CA THR C 299 1.49 -27.28 -10.01
C THR C 299 -0.02 -27.35 -9.79
N LYS C 300 -0.57 -28.55 -9.65
CA LYS C 300 -2.00 -28.67 -9.37
C LYS C 300 -2.34 -28.01 -8.04
N CYS C 301 -1.51 -28.21 -7.02
CA CYS C 301 -1.72 -27.52 -5.76
C CYS C 301 -1.56 -26.02 -5.92
N THR C 302 -0.58 -25.58 -6.70
CA THR C 302 -0.31 -24.17 -6.86
C THR C 302 -1.50 -23.44 -7.50
N LEU C 303 -2.08 -24.03 -8.54
CA LEU C 303 -3.23 -23.42 -9.22
C LEU C 303 -4.56 -23.98 -8.73
N LYS C 304 -4.56 -24.89 -7.76
CA LYS C 304 -5.78 -25.33 -7.09
C LYS C 304 -6.79 -25.92 -8.07
N SER C 305 -6.40 -27.02 -8.70
CA SER C 305 -7.30 -27.75 -9.58
C SER C 305 -6.69 -29.10 -9.90
N PHE C 306 -7.55 -30.02 -10.36
CA PHE C 306 -7.13 -31.36 -10.71
C PHE C 306 -6.83 -31.52 -12.20
N THR C 307 -6.90 -30.43 -12.97
CA THR C 307 -6.65 -30.48 -14.41
C THR C 307 -5.70 -29.35 -14.80
N VAL C 308 -4.80 -29.65 -15.73
CA VAL C 308 -3.82 -28.69 -16.22
C VAL C 308 -3.84 -28.71 -17.74
N GLU C 309 -3.41 -27.60 -18.32
CA GLU C 309 -3.42 -27.39 -19.77
C GLU C 309 -2.01 -27.19 -20.29
N LYS C 310 -1.89 -27.17 -21.62
CA LYS C 310 -0.60 -27.03 -22.26
C LYS C 310 0.08 -25.72 -21.86
N GLY C 311 1.40 -25.76 -21.75
CA GLY C 311 2.17 -24.59 -21.42
C GLY C 311 3.42 -24.97 -20.63
N ILE C 312 4.02 -23.96 -20.04
CA ILE C 312 5.23 -24.11 -19.23
C ILE C 312 5.06 -23.29 -17.96
N TYR C 313 5.39 -23.88 -16.81
CA TYR C 313 5.17 -23.27 -15.51
C TYR C 313 6.47 -23.20 -14.73
N GLN C 314 6.46 -22.43 -13.64
CA GLN C 314 7.68 -22.05 -12.94
C GLN C 314 7.93 -22.81 -11.65
N THR C 315 6.90 -23.30 -10.98
CA THR C 315 7.08 -24.03 -9.73
C THR C 315 8.00 -23.30 -8.76
N SER C 316 9.02 -24.00 -8.24
CA SER C 316 9.88 -23.43 -7.20
C SER C 316 11.36 -23.63 -7.51
N ASN C 317 12.22 -23.31 -6.55
CA ASN C 317 13.67 -23.41 -6.71
C ASN C 317 14.17 -24.76 -6.22
N PHE C 318 15.48 -24.90 -6.14
CA PHE C 318 16.14 -26.14 -5.73
C PHE C 318 16.67 -25.98 -4.31
N ARG C 319 16.37 -26.95 -3.45
CA ARG C 319 16.73 -26.89 -2.04
C ARG C 319 17.52 -28.12 -1.63
N VAL C 320 18.43 -27.92 -0.68
CA VAL C 320 19.24 -28.99 -0.11
C VAL C 320 19.13 -28.92 1.41
N GLN C 321 19.09 -30.09 2.06
CA GLN C 321 18.81 -30.14 3.49
C GLN C 321 20.07 -30.51 4.29
N PRO C 322 20.15 -30.07 5.54
CA PRO C 322 21.34 -30.36 6.35
C PRO C 322 21.42 -31.84 6.72
N THR C 323 22.65 -32.27 7.03
CA THR C 323 22.92 -33.66 7.36
C THR C 323 23.05 -33.92 8.86
N GLU C 324 23.76 -33.06 9.59
CA GLU C 324 23.95 -33.26 11.02
C GLU C 324 24.06 -31.89 11.70
N SER C 325 24.50 -31.88 12.95
CA SER C 325 24.62 -30.67 13.74
C SER C 325 26.06 -30.52 14.25
N ILE C 326 26.30 -29.41 14.94
CA ILE C 326 27.63 -29.08 15.44
C ILE C 326 27.50 -28.02 16.52
N VAL C 327 28.40 -28.05 17.49
CA VAL C 327 28.45 -27.06 18.56
C VAL C 327 29.91 -26.75 18.87
N ARG C 328 30.19 -25.48 19.15
CA ARG C 328 31.55 -25.04 19.48
C ARG C 328 31.48 -23.98 20.58
N PHE C 329 32.11 -24.27 21.71
CA PHE C 329 32.17 -23.38 22.85
C PHE C 329 33.61 -23.29 23.34
N PRO C 330 33.97 -22.19 24.01
CA PRO C 330 35.30 -22.14 24.64
C PRO C 330 35.39 -23.18 25.74
N ASN C 331 36.60 -23.69 25.97
CA ASN C 331 36.83 -24.73 26.96
C ASN C 331 37.39 -24.11 28.23
N ILE C 332 36.69 -24.34 29.35
CA ILE C 332 37.04 -23.77 30.65
C ILE C 332 36.45 -24.67 31.72
N THR C 333 37.17 -24.79 32.84
CA THR C 333 36.81 -25.75 33.88
C THR C 333 36.27 -25.14 35.15
N ASN C 334 36.75 -23.97 35.55
CA ASN C 334 36.38 -23.39 36.83
C ASN C 334 34.89 -23.10 36.89
N LEU C 335 34.32 -23.25 38.09
CA LEU C 335 32.91 -22.98 38.33
C LEU C 335 32.76 -21.61 38.98
N CYS C 336 31.70 -20.90 38.62
CA CYS C 336 31.54 -19.53 39.06
C CYS C 336 31.34 -19.44 40.57
N PRO C 337 31.67 -18.31 41.19
CA PRO C 337 31.53 -18.19 42.65
C PRO C 337 30.09 -18.04 43.09
N PHE C 338 29.37 -19.15 43.19
CA PHE C 338 27.98 -19.13 43.60
C PHE C 338 27.81 -19.02 45.11
N GLY C 339 28.87 -19.19 45.89
CA GLY C 339 28.78 -19.13 47.34
C GLY C 339 29.19 -17.78 47.91
N GLU C 340 30.28 -17.22 47.40
CA GLU C 340 30.77 -15.95 47.91
C GLU C 340 29.77 -14.83 47.68
N VAL C 341 28.91 -14.97 46.67
CA VAL C 341 28.02 -13.89 46.26
C VAL C 341 26.68 -13.95 46.96
N PHE C 342 26.03 -15.12 46.95
CA PHE C 342 24.63 -15.19 47.36
C PHE C 342 24.48 -15.22 48.88
N ASN C 343 25.07 -16.20 49.53
CA ASN C 343 24.96 -16.32 50.98
C ASN C 343 26.34 -16.13 51.59
N ALA C 344 26.46 -15.12 52.44
CA ALA C 344 27.73 -14.66 52.96
C ALA C 344 27.52 -14.09 54.36
N THR C 345 28.51 -13.35 54.84
CA THR C 345 28.51 -12.91 56.24
C THR C 345 27.69 -11.63 56.44
N ARG C 346 28.10 -10.54 55.80
CA ARG C 346 27.47 -9.24 55.99
C ARG C 346 27.28 -8.55 54.65
N PHE C 347 26.20 -7.79 54.54
CA PHE C 347 25.87 -7.01 53.35
C PHE C 347 26.03 -5.53 53.63
N ALA C 348 25.88 -4.73 52.57
CA ALA C 348 26.10 -3.30 52.63
C ALA C 348 24.78 -2.56 52.85
N SER C 349 24.86 -1.24 52.89
CA SER C 349 23.70 -0.37 53.04
C SER C 349 23.24 0.12 51.66
N VAL C 350 22.00 0.62 51.64
CA VAL C 350 21.41 1.03 50.36
C VAL C 350 22.15 2.22 49.77
N TYR C 351 22.45 3.22 50.61
CA TYR C 351 23.01 4.47 50.08
C TYR C 351 24.44 4.32 49.58
N ALA C 352 25.13 3.24 49.96
CA ALA C 352 26.49 2.96 49.48
C ALA C 352 26.56 1.46 49.20
N TRP C 353 26.25 1.08 47.97
CA TRP C 353 26.16 -0.33 47.60
C TRP C 353 27.52 -0.84 47.12
N ASN C 354 27.53 -2.05 46.54
CA ASN C 354 28.75 -2.75 46.20
C ASN C 354 28.67 -3.28 44.77
N ARG C 355 29.83 -3.51 44.17
CA ARG C 355 29.92 -4.01 42.80
C ARG C 355 31.13 -4.92 42.66
N LYS C 356 30.92 -6.07 42.02
CA LYS C 356 31.96 -7.09 41.87
C LYS C 356 31.93 -7.61 40.45
N ARG C 357 33.11 -8.00 39.95
CA ARG C 357 33.28 -8.45 38.57
C ARG C 357 33.50 -9.95 38.50
N ILE C 358 32.84 -10.59 37.55
CA ILE C 358 32.91 -12.03 37.35
C ILE C 358 33.43 -12.31 35.93
N SER C 359 34.28 -13.32 35.81
CA SER C 359 34.87 -13.65 34.51
C SER C 359 35.51 -15.03 34.58
N ASN C 360 35.60 -15.68 33.42
CA ASN C 360 36.33 -16.94 33.25
C ASN C 360 35.79 -18.03 34.17
N CYS C 361 34.53 -18.42 33.93
CA CYS C 361 33.90 -19.48 34.70
C CYS C 361 32.75 -20.04 33.89
N VAL C 362 32.16 -21.13 34.40
CA VAL C 362 31.04 -21.81 33.78
C VAL C 362 29.83 -21.68 34.70
N ALA C 363 28.69 -21.27 34.14
CA ALA C 363 27.50 -20.96 34.93
C ALA C 363 26.57 -22.17 34.96
N ASP C 364 26.49 -22.82 36.12
CA ASP C 364 25.56 -23.93 36.35
C ASP C 364 24.76 -23.62 37.61
N TYR C 365 23.59 -23.02 37.43
CA TYR C 365 22.79 -22.56 38.56
C TYR C 365 21.92 -23.63 39.18
N SER C 366 21.98 -24.87 38.67
CA SER C 366 21.23 -25.95 39.28
C SER C 366 21.74 -26.32 40.66
N VAL C 367 22.93 -25.86 41.04
CA VAL C 367 23.49 -26.17 42.35
C VAL C 367 22.80 -25.43 43.49
N LEU C 368 21.92 -24.46 43.18
CA LEU C 368 21.20 -23.72 44.19
C LEU C 368 19.86 -24.35 44.57
N TYR C 369 19.45 -25.41 43.88
CA TYR C 369 18.15 -26.01 44.15
C TYR C 369 18.07 -26.58 45.55
N ASN C 370 19.20 -26.96 46.14
CA ASN C 370 19.18 -27.66 47.42
C ASN C 370 18.70 -26.76 48.55
N SER C 371 19.27 -25.56 48.67
CA SER C 371 19.05 -24.71 49.82
C SER C 371 18.31 -23.41 49.50
N ALA C 372 18.81 -22.63 48.55
CA ALA C 372 18.27 -21.30 48.31
C ALA C 372 16.80 -21.38 47.90
N SER C 373 16.00 -20.46 48.45
CA SER C 373 14.58 -20.33 48.10
C SER C 373 14.29 -18.85 47.89
N PHE C 374 14.12 -18.46 46.63
CA PHE C 374 13.92 -17.06 46.26
C PHE C 374 12.44 -16.76 46.10
N SER C 375 12.04 -15.56 46.52
CA SER C 375 10.66 -15.11 46.40
C SER C 375 10.43 -14.18 45.23
N THR C 376 11.49 -13.69 44.60
CA THR C 376 11.37 -12.81 43.44
C THR C 376 12.40 -13.21 42.40
N PHE C 377 12.00 -13.19 41.13
CA PHE C 377 12.92 -13.49 40.03
C PHE C 377 12.32 -12.94 38.75
N LYS C 378 12.99 -11.96 38.15
CA LYS C 378 12.53 -11.35 36.90
C LYS C 378 13.74 -11.06 36.01
N CYS C 379 13.57 -11.28 34.71
CA CYS C 379 14.62 -11.06 33.73
C CYS C 379 14.10 -10.20 32.59
N TYR C 380 14.94 -9.29 32.10
CA TYR C 380 14.57 -8.33 31.08
C TYR C 380 15.45 -8.52 29.85
N GLY C 381 14.83 -8.58 28.67
CA GLY C 381 15.55 -8.69 27.42
C GLY C 381 15.98 -10.08 27.03
N VAL C 382 15.60 -11.11 27.79
CA VAL C 382 15.95 -12.49 27.50
C VAL C 382 14.86 -13.38 28.05
N SER C 383 14.92 -14.67 27.70
CA SER C 383 13.92 -15.62 28.16
C SER C 383 14.53 -16.62 29.12
N PRO C 384 13.84 -16.94 30.23
CA PRO C 384 14.44 -17.85 31.21
C PRO C 384 14.78 -19.22 30.66
N THR C 385 13.98 -19.75 29.73
CA THR C 385 14.21 -21.08 29.20
C THR C 385 15.37 -21.15 28.22
N LYS C 386 15.93 -20.01 27.81
CA LYS C 386 17.03 -19.97 26.86
C LYS C 386 18.37 -19.67 27.51
N LEU C 387 18.44 -19.68 28.85
CA LEU C 387 19.64 -19.26 29.55
C LEU C 387 20.74 -20.31 29.58
N ASN C 388 20.46 -21.54 29.15
CA ASN C 388 21.42 -22.63 29.22
C ASN C 388 22.24 -22.80 27.95
N ASP C 389 21.95 -22.05 26.90
CA ASP C 389 22.61 -22.21 25.61
C ASP C 389 23.41 -21.00 25.16
N LEU C 390 23.46 -19.94 25.96
CA LEU C 390 24.10 -18.69 25.56
C LEU C 390 25.44 -18.51 26.26
N CYS C 391 26.16 -17.48 25.85
CA CYS C 391 27.38 -17.04 26.50
C CYS C 391 27.29 -15.55 26.75
N PHE C 392 27.75 -15.13 27.92
CA PHE C 392 27.53 -13.77 28.41
C PHE C 392 28.85 -13.00 28.52
N THR C 393 28.75 -11.68 28.40
CA THR C 393 29.91 -10.80 28.44
C THR C 393 29.65 -9.60 29.33
N ASN C 394 30.69 -9.16 30.05
CA ASN C 394 30.63 -7.99 30.90
C ASN C 394 29.56 -8.13 31.99
N VAL C 395 29.77 -9.11 32.88
CA VAL C 395 28.84 -9.40 33.96
C VAL C 395 29.24 -8.63 35.21
N TYR C 396 28.24 -8.29 36.03
CA TYR C 396 28.46 -7.56 37.27
C TYR C 396 27.37 -7.93 38.27
N ALA C 397 27.65 -7.69 39.55
CA ALA C 397 26.72 -8.02 40.62
C ALA C 397 26.70 -6.92 41.66
N ASP C 398 25.49 -6.58 42.13
CA ASP C 398 25.30 -5.57 43.16
C ASP C 398 24.55 -6.19 44.33
N SER C 399 24.80 -5.66 45.54
CA SER C 399 24.21 -6.22 46.74
C SER C 399 23.94 -5.13 47.77
N PHE C 400 22.80 -5.24 48.45
CA PHE C 400 22.42 -4.31 49.51
C PHE C 400 21.22 -4.88 50.24
N VAL C 401 20.81 -4.21 51.31
CA VAL C 401 19.71 -4.64 52.16
C VAL C 401 18.72 -3.48 52.30
N ILE C 402 17.43 -3.78 52.09
CA ILE C 402 16.36 -2.81 52.21
C ILE C 402 15.23 -3.42 53.02
N ARG C 403 14.13 -2.67 53.15
CA ARG C 403 12.98 -3.08 53.94
C ARG C 403 12.17 -4.11 53.16
N GLY C 404 11.00 -4.47 53.69
CA GLY C 404 10.16 -5.49 53.09
C GLY C 404 9.32 -5.02 51.93
N ASP C 405 8.50 -3.98 52.14
CA ASP C 405 7.59 -3.49 51.13
C ASP C 405 8.19 -2.40 50.26
N GLU C 406 9.52 -2.35 50.14
CA GLU C 406 10.19 -1.43 49.25
C GLU C 406 10.93 -2.15 48.12
N VAL C 407 10.59 -3.42 47.88
CA VAL C 407 11.21 -4.19 46.81
C VAL C 407 10.49 -4.03 45.48
N ARG C 408 9.34 -3.33 45.46
CA ARG C 408 8.63 -3.06 44.23
C ARG C 408 9.21 -1.90 43.45
N GLN C 409 10.11 -1.12 44.05
CA GLN C 409 10.71 0.03 43.41
C GLN C 409 12.00 -0.31 42.65
N ILE C 410 12.43 -1.56 42.67
CA ILE C 410 13.60 -1.98 41.89
C ILE C 410 13.07 -2.42 40.52
N ALA C 411 12.87 -1.43 39.66
CA ALA C 411 12.40 -1.67 38.29
C ALA C 411 12.45 -0.36 37.52
N PRO C 412 12.68 -0.41 36.21
CA PRO C 412 12.75 0.84 35.44
C PRO C 412 11.45 1.63 35.51
N GLY C 413 11.57 2.95 35.58
CA GLY C 413 10.42 3.82 35.59
C GLY C 413 9.58 3.74 36.84
N GLN C 414 10.13 4.19 37.97
CA GLN C 414 9.41 4.13 39.24
C GLN C 414 9.75 5.36 40.06
N THR C 415 8.90 5.63 41.06
CA THR C 415 9.05 6.77 41.94
C THR C 415 8.99 6.31 43.40
N GLY C 416 9.72 7.01 44.25
CA GLY C 416 9.80 6.66 45.64
C GLY C 416 11.07 7.20 46.26
N LYS C 417 11.26 6.86 47.53
CA LYS C 417 12.44 7.32 48.26
C LYS C 417 13.66 6.46 48.00
N ILE C 418 13.49 5.27 47.43
CA ILE C 418 14.64 4.42 47.11
C ILE C 418 15.09 4.62 45.66
N ALA C 419 14.18 4.96 44.77
CA ALA C 419 14.50 5.19 43.37
C ALA C 419 14.79 6.65 43.06
N ASP C 420 14.81 7.51 44.07
CA ASP C 420 15.05 8.94 43.88
C ASP C 420 16.36 9.42 44.48
N TYR C 421 16.80 8.85 45.59
CA TYR C 421 18.00 9.32 46.27
C TYR C 421 19.06 8.26 46.50
N ASN C 422 18.75 6.97 46.35
CA ASN C 422 19.67 5.91 46.72
C ASN C 422 20.14 5.08 45.52
N TYR C 423 19.21 4.51 44.74
CA TYR C 423 19.57 3.58 43.69
C TYR C 423 18.59 3.72 42.53
N LYS C 424 19.12 3.88 41.32
CA LYS C 424 18.30 4.03 40.13
C LYS C 424 18.77 3.08 39.04
N LEU C 425 17.84 2.65 38.19
CA LEU C 425 18.10 1.72 37.11
C LEU C 425 17.85 2.39 35.76
N PRO C 426 18.61 2.00 34.72
CA PRO C 426 18.40 2.60 33.40
C PRO C 426 17.06 2.20 32.79
N ASP C 427 16.79 2.69 31.58
CA ASP C 427 15.54 2.35 30.89
C ASP C 427 15.70 1.10 30.03
N ASP C 428 16.85 0.96 29.35
CA ASP C 428 17.14 -0.21 28.53
C ASP C 428 18.02 -1.16 29.33
N PHE C 429 17.40 -1.88 30.26
CA PHE C 429 18.12 -2.80 31.12
C PHE C 429 18.18 -4.18 30.48
N THR C 430 19.16 -4.98 30.92
CA THR C 430 19.31 -6.35 30.45
C THR C 430 19.92 -7.15 31.60
N GLY C 431 19.09 -7.93 32.28
CA GLY C 431 19.55 -8.69 33.43
C GLY C 431 18.38 -9.25 34.21
N CYS C 432 18.64 -9.59 35.47
CA CYS C 432 17.63 -10.20 36.33
C CYS C 432 17.76 -9.63 37.74
N VAL C 433 16.66 -9.71 38.49
CA VAL C 433 16.58 -9.21 39.86
C VAL C 433 16.14 -10.35 40.76
N ILE C 434 16.80 -10.50 41.91
CA ILE C 434 16.58 -11.61 42.83
C ILE C 434 16.51 -11.07 44.24
N ALA C 435 15.59 -11.61 45.04
CA ALA C 435 15.45 -11.21 46.43
C ALA C 435 14.90 -12.36 47.26
N TRP C 436 15.19 -12.34 48.55
CA TRP C 436 14.70 -13.35 49.48
C TRP C 436 14.69 -12.79 50.89
N ASN C 437 13.95 -13.46 51.77
CA ASN C 437 13.75 -13.00 53.14
C ASN C 437 14.86 -13.47 54.06
N SER C 438 15.40 -12.55 54.85
CA SER C 438 16.52 -12.81 55.75
C SER C 438 16.24 -12.28 57.15
N ASN C 439 15.05 -12.58 57.66
CA ASN C 439 14.67 -12.10 58.99
C ASN C 439 15.48 -12.77 60.09
N ASN C 440 15.95 -14.00 59.86
CA ASN C 440 16.60 -14.77 60.92
C ASN C 440 18.05 -14.39 61.10
N LEU C 441 18.65 -13.65 60.16
CA LEU C 441 20.08 -13.36 60.19
C LEU C 441 20.40 -11.88 60.33
N ASP C 442 19.38 -11.01 60.44
CA ASP C 442 19.64 -9.58 60.50
C ASP C 442 18.80 -8.86 61.54
N SER C 443 18.21 -9.59 62.49
CA SER C 443 17.36 -8.99 63.51
C SER C 443 17.74 -9.53 64.88
N LYS C 444 17.46 -8.74 65.91
CA LYS C 444 17.77 -9.11 67.28
C LYS C 444 16.89 -8.32 68.22
N VAL C 445 16.81 -8.78 69.47
CA VAL C 445 16.06 -8.07 70.49
C VAL C 445 16.79 -6.77 70.83
N GLY C 446 16.05 -5.67 70.80
CA GLY C 446 16.63 -4.34 70.96
C GLY C 446 16.91 -3.63 69.66
N GLY C 447 16.77 -4.31 68.52
CA GLY C 447 16.89 -3.67 67.22
C GLY C 447 18.30 -3.69 66.69
N ASN C 448 18.40 -3.65 65.36
CA ASN C 448 19.67 -3.54 64.64
C ASN C 448 19.74 -2.15 64.01
N TYR C 449 20.78 -1.40 64.33
CA TYR C 449 20.92 -0.02 63.87
C TYR C 449 22.19 0.15 63.04
N ASN C 450 22.48 -0.81 62.16
CA ASN C 450 23.66 -0.76 61.31
C ASN C 450 23.29 -0.64 59.82
N TYR C 451 22.07 -0.25 59.51
CA TYR C 451 21.62 -0.07 58.14
C TYR C 451 20.96 1.28 58.01
N LEU C 452 21.40 2.08 57.03
CA LEU C 452 20.98 3.46 56.90
C LEU C 452 20.50 3.73 55.47
N TYR C 453 19.88 4.89 55.28
CA TYR C 453 19.40 5.32 53.98
C TYR C 453 19.25 6.83 53.97
N ARG C 454 19.40 7.41 52.78
CA ARG C 454 19.35 8.86 52.61
C ARG C 454 17.90 9.34 52.56
N LEU C 455 17.64 10.49 53.17
CA LEU C 455 16.29 11.02 53.32
C LEU C 455 16.06 12.35 52.62
N PHE C 456 17.08 13.21 52.50
CA PHE C 456 16.94 14.52 51.89
C PHE C 456 17.98 14.71 50.80
N ARG C 457 17.58 15.35 49.71
CA ARG C 457 18.51 15.68 48.64
C ARG C 457 17.95 16.86 47.86
N LYS C 458 18.84 17.48 47.06
CA LYS C 458 18.45 18.65 46.29
C LYS C 458 17.82 18.27 44.96
N SER C 459 18.35 17.23 44.30
CA SER C 459 17.84 16.80 43.00
C SER C 459 17.77 15.28 43.01
N ASN C 460 17.53 14.69 41.84
CA ASN C 460 17.41 13.26 41.69
C ASN C 460 18.70 12.66 41.14
N LEU C 461 18.91 11.38 41.45
CA LEU C 461 20.07 10.66 40.97
C LEU C 461 19.96 10.40 39.47
N LYS C 462 20.97 9.72 38.93
CA LYS C 462 20.99 9.27 37.55
C LYS C 462 21.38 7.80 37.53
N PRO C 463 21.05 7.08 36.46
CA PRO C 463 21.17 5.62 36.49
C PRO C 463 22.59 5.17 36.86
N PHE C 464 22.64 4.16 37.71
CA PHE C 464 23.91 3.55 38.15
C PHE C 464 24.87 4.61 38.68
N GLU C 465 24.37 5.45 39.57
CA GLU C 465 25.15 6.51 40.21
C GLU C 465 25.21 6.26 41.71
N ARG C 466 26.20 6.86 42.36
CA ARG C 466 26.40 6.70 43.79
C ARG C 466 26.67 8.06 44.43
N ASP C 467 26.35 8.15 45.72
CA ASP C 467 26.55 9.39 46.49
C ASP C 467 26.78 9.01 47.94
N ILE C 468 27.99 9.25 48.43
CA ILE C 468 28.39 8.81 49.77
C ILE C 468 28.79 10.00 50.63
N SER C 469 28.18 11.15 50.38
CA SER C 469 28.57 12.38 51.07
C SER C 469 27.58 12.71 52.19
N THR C 470 28.10 13.26 53.28
CA THR C 470 27.31 13.72 54.39
C THR C 470 27.55 15.21 54.59
N GLU C 471 26.46 15.99 54.61
CA GLU C 471 26.55 17.43 54.71
C GLU C 471 25.18 17.97 55.09
N ILE C 472 25.17 18.93 56.02
CA ILE C 472 23.89 19.44 56.52
C ILE C 472 23.08 20.01 55.37
N TYR C 473 21.76 19.86 55.47
CA TYR C 473 20.84 20.21 54.39
C TYR C 473 19.95 21.35 54.87
N GLN C 474 19.98 22.46 54.13
CA GLN C 474 19.20 23.64 54.48
C GLN C 474 17.85 23.58 53.78
N ALA C 475 16.78 23.48 54.58
CA ALA C 475 15.43 23.39 54.06
C ALA C 475 14.69 24.71 54.07
N GLY C 476 15.35 25.81 54.43
CA GLY C 476 14.69 27.10 54.49
C GLY C 476 15.50 28.22 53.87
N SER C 477 15.22 29.46 54.27
CA SER C 477 15.92 30.63 53.76
C SER C 477 17.14 30.99 54.59
N THR C 478 17.37 30.33 55.72
CA THR C 478 18.50 30.63 56.59
C THR C 478 19.63 29.67 56.29
N PRO C 479 20.82 30.14 55.93
CA PRO C 479 21.93 29.22 55.70
C PRO C 479 22.21 28.39 56.95
N CYS C 480 22.49 27.10 56.75
CA CYS C 480 22.68 26.20 57.88
C CYS C 480 23.89 26.57 58.70
N ASN C 481 25.00 26.91 58.03
CA ASN C 481 26.24 27.32 58.69
C ASN C 481 26.97 26.15 59.35
N GLY C 482 26.64 24.92 58.98
CA GLY C 482 27.39 23.75 59.44
C GLY C 482 26.94 23.16 60.75
N VAL C 483 25.98 23.77 61.44
CA VAL C 483 25.49 23.28 62.72
C VAL C 483 24.00 23.00 62.60
N GLU C 484 23.57 21.83 63.07
CA GLU C 484 22.16 21.48 63.03
C GLU C 484 21.35 22.39 63.94
N GLY C 485 20.11 22.63 63.53
CA GLY C 485 19.21 23.47 64.30
C GLY C 485 17.82 23.50 63.71
N PHE C 486 17.17 24.66 63.77
CA PHE C 486 15.86 24.81 63.15
C PHE C 486 15.99 24.86 61.64
N ASN C 487 15.16 24.09 60.94
CA ASN C 487 15.22 24.00 59.48
C ASN C 487 16.59 23.53 59.01
N CYS C 488 17.15 22.55 59.73
CA CYS C 488 18.45 21.97 59.38
C CYS C 488 18.49 20.55 59.90
N TYR C 489 18.73 19.58 59.03
CA TYR C 489 18.61 18.18 59.37
C TYR C 489 19.82 17.39 58.89
N PHE C 490 20.07 16.27 59.56
CA PHE C 490 21.07 15.31 59.11
C PHE C 490 20.46 14.39 58.04
N PRO C 491 21.09 14.27 56.87
CA PRO C 491 20.43 13.58 55.75
C PRO C 491 20.27 12.08 55.93
N LEU C 492 20.99 11.45 56.85
CA LEU C 492 21.04 9.99 56.97
C LEU C 492 20.23 9.53 58.17
N GLN C 493 19.40 8.52 57.97
CA GLN C 493 18.59 7.91 59.03
C GLN C 493 18.96 6.43 59.15
N SER C 494 18.22 5.70 59.98
CA SER C 494 18.56 4.34 60.33
C SER C 494 17.33 3.44 60.27
N TYR C 495 17.58 2.15 60.03
CA TYR C 495 16.54 1.13 60.01
C TYR C 495 16.50 0.42 61.35
N GLY C 496 15.31 0.25 61.91
CA GLY C 496 15.16 -0.51 63.13
C GLY C 496 14.44 -1.83 62.92
N PHE C 497 15.17 -2.94 62.99
CA PHE C 497 14.62 -4.26 62.74
C PHE C 497 14.49 -5.03 64.04
N GLN C 498 13.28 -5.53 64.31
CA GLN C 498 13.01 -6.36 65.48
C GLN C 498 12.31 -7.63 65.05
N PRO C 499 12.50 -8.72 65.80
CA PRO C 499 11.96 -10.03 65.37
C PRO C 499 10.44 -10.10 65.39
N THR C 500 9.75 -9.17 66.05
CA THR C 500 8.30 -9.22 66.17
C THR C 500 7.60 -8.24 65.24
N ASN C 501 8.33 -7.58 64.36
CA ASN C 501 7.71 -6.60 63.47
C ASN C 501 6.82 -7.30 62.44
N GLY C 502 5.96 -6.51 61.80
CA GLY C 502 5.07 -7.04 60.79
C GLY C 502 5.81 -7.56 59.58
N VAL C 503 5.06 -8.23 58.71
CA VAL C 503 5.66 -8.82 57.51
C VAL C 503 6.18 -7.75 56.56
N GLY C 504 5.67 -6.53 56.67
CA GLY C 504 6.12 -5.42 55.85
C GLY C 504 7.25 -4.60 56.45
N TYR C 505 7.82 -5.04 57.56
CA TYR C 505 8.92 -4.34 58.24
C TYR C 505 10.02 -5.33 58.61
N GLN C 506 10.38 -6.18 57.66
CA GLN C 506 11.39 -7.21 57.88
C GLN C 506 12.46 -7.12 56.81
N PRO C 507 13.71 -7.48 57.13
CA PRO C 507 14.81 -7.28 56.20
C PRO C 507 14.72 -8.17 54.98
N TYR C 508 15.31 -7.71 53.88
CA TYR C 508 15.39 -8.45 52.63
C TYR C 508 16.77 -8.23 52.02
N ARG C 509 17.17 -9.16 51.16
CA ARG C 509 18.45 -9.11 50.48
C ARG C 509 18.23 -9.14 48.98
N VAL C 510 18.97 -8.30 48.25
CA VAL C 510 18.78 -8.09 46.81
C VAL C 510 20.10 -8.25 46.08
N VAL C 511 20.04 -8.85 44.90
CA VAL C 511 21.20 -8.99 44.02
C VAL C 511 20.74 -8.72 42.58
N VAL C 512 21.56 -8.00 41.83
CA VAL C 512 21.24 -7.60 40.46
C VAL C 512 22.35 -8.09 39.53
N LEU C 513 21.96 -8.67 38.40
CA LEU C 513 22.89 -9.19 37.41
C LEU C 513 22.71 -8.43 36.10
N SER C 514 23.83 -8.09 35.45
CA SER C 514 23.82 -7.33 34.22
C SER C 514 24.86 -7.87 33.25
N PHE C 515 24.51 -7.93 31.97
CA PHE C 515 25.41 -8.46 30.96
C PHE C 515 24.96 -7.95 29.59
N GLU C 516 25.75 -8.30 28.56
CA GLU C 516 25.43 -8.01 27.17
C GLU C 516 25.51 -9.31 26.38
N LEU C 517 24.81 -9.34 25.25
CA LEU C 517 24.60 -10.60 24.51
C LEU C 517 24.95 -10.44 23.04
N LEU C 518 25.72 -11.40 22.53
CA LEU C 518 25.89 -11.61 21.09
C LEU C 518 26.38 -10.35 20.36
N HIS C 519 27.42 -9.72 20.91
CA HIS C 519 28.04 -8.59 20.23
C HIS C 519 29.56 -8.58 20.26
N ALA C 520 30.21 -9.39 21.08
CA ALA C 520 31.66 -9.32 21.21
C ALA C 520 32.19 -10.59 21.86
N PRO C 521 33.52 -10.72 22.01
CA PRO C 521 34.06 -11.93 22.64
C PRO C 521 33.52 -12.11 24.05
N ALA C 522 33.31 -13.37 24.43
CA ALA C 522 32.73 -13.72 25.71
C ALA C 522 33.68 -14.62 26.49
N THR C 523 33.51 -14.64 27.81
CA THR C 523 34.35 -15.45 28.69
C THR C 523 33.57 -16.30 29.68
N VAL C 524 32.27 -16.11 29.81
CA VAL C 524 31.42 -16.90 30.69
C VAL C 524 30.38 -17.59 29.82
N CYS C 525 30.30 -18.92 29.95
CA CYS C 525 29.42 -19.72 29.11
C CYS C 525 28.66 -20.73 29.96
N GLY C 526 27.54 -21.21 29.43
CA GLY C 526 26.70 -22.13 30.15
C GLY C 526 27.22 -23.54 30.10
N PRO C 527 26.41 -24.48 30.62
CA PRO C 527 26.80 -25.90 30.70
C PRO C 527 26.47 -26.72 29.44
N LYS C 528 27.28 -26.51 28.39
CA LYS C 528 27.09 -27.26 27.15
C LYS C 528 28.40 -27.92 26.72
N LYS C 529 28.33 -28.73 25.66
CA LYS C 529 29.46 -29.55 25.24
C LYS C 529 29.90 -29.17 23.84
N SER C 530 31.14 -29.51 23.50
CA SER C 530 31.75 -29.14 22.24
C SER C 530 31.65 -30.30 21.25
N THR C 531 32.13 -30.06 20.03
CA THR C 531 32.07 -31.06 18.96
C THR C 531 33.24 -30.77 18.01
N ASN C 532 33.42 -31.62 17.00
CA ASN C 532 34.48 -31.50 16.01
C ASN C 532 34.01 -30.56 14.90
N LEU C 533 34.81 -30.42 13.84
CA LEU C 533 34.58 -29.44 12.78
C LEU C 533 34.45 -30.15 11.44
N VAL C 534 33.23 -30.22 10.91
CA VAL C 534 33.01 -30.68 9.55
C VAL C 534 32.85 -29.47 8.65
N LYS C 535 33.63 -29.43 7.56
CA LYS C 535 33.79 -28.19 6.81
C LYS C 535 32.86 -28.06 5.61
N ASN C 536 33.02 -28.94 4.62
CA ASN C 536 32.38 -28.75 3.31
C ASN C 536 31.11 -29.59 3.19
N LYS C 537 30.05 -29.12 3.85
CA LYS C 537 28.73 -29.70 3.66
C LYS C 537 27.72 -28.92 4.48
N CYS C 538 26.46 -29.00 4.08
CA CYS C 538 25.40 -28.24 4.72
C CYS C 538 25.10 -28.83 6.10
N VAL C 539 25.31 -28.03 7.15
CA VAL C 539 25.14 -28.48 8.53
C VAL C 539 24.62 -27.32 9.37
N ASN C 540 24.04 -27.65 10.52
CA ASN C 540 23.69 -26.65 11.51
C ASN C 540 24.86 -26.40 12.45
N PHE C 541 24.92 -25.19 13.00
CA PHE C 541 26.05 -24.80 13.83
C PHE C 541 25.57 -23.96 15.01
N ASN C 542 26.41 -23.91 16.05
CA ASN C 542 26.19 -23.07 17.22
C ASN C 542 27.53 -22.47 17.61
N PHE C 543 27.68 -21.17 17.38
CA PHE C 543 28.94 -20.47 17.63
C PHE C 543 28.70 -19.43 18.73
N ASN C 544 29.01 -19.80 19.97
CA ASN C 544 28.85 -18.91 21.12
C ASN C 544 27.42 -18.40 21.24
N GLY C 545 26.46 -19.27 20.94
CA GLY C 545 25.05 -18.94 21.04
C GLY C 545 24.39 -18.62 19.72
N LEU C 546 25.17 -18.31 18.68
CA LEU C 546 24.60 -18.01 17.37
C LEU C 546 24.24 -19.30 16.63
N THR C 547 23.09 -19.28 15.97
CA THR C 547 22.56 -20.46 15.29
C THR C 547 22.28 -20.15 13.82
N GLY C 548 22.39 -21.18 12.98
CA GLY C 548 22.17 -21.01 11.56
C GLY C 548 22.51 -22.28 10.82
N THR C 549 22.56 -22.16 9.49
CA THR C 549 22.92 -23.27 8.62
C THR C 549 23.62 -22.74 7.38
N GLY C 550 24.44 -23.59 6.78
CA GLY C 550 25.18 -23.20 5.60
C GLY C 550 26.40 -24.08 5.41
N VAL C 551 27.38 -23.54 4.69
CA VAL C 551 28.63 -24.24 4.38
C VAL C 551 29.79 -23.42 4.93
N LEU C 552 30.77 -24.10 5.50
CA LEU C 552 31.92 -23.45 6.11
C LEU C 552 33.17 -23.74 5.29
N THR C 553 34.02 -22.72 5.16
CA THR C 553 35.25 -22.84 4.38
C THR C 553 36.27 -21.84 4.91
N GLU C 554 37.52 -22.01 4.49
CA GLU C 554 38.61 -21.17 4.94
C GLU C 554 38.67 -19.88 4.12
N SER C 555 38.90 -18.76 4.80
CA SER C 555 38.85 -17.43 4.21
C SER C 555 40.23 -16.80 4.23
N ASN C 556 40.28 -15.53 3.80
CA ASN C 556 41.52 -14.78 3.72
C ASN C 556 41.49 -13.47 4.49
N LYS C 557 40.35 -13.10 5.06
CA LYS C 557 40.26 -11.86 5.82
C LYS C 557 41.06 -11.96 7.11
N LYS C 558 41.33 -10.80 7.72
CA LYS C 558 42.15 -10.71 8.91
C LYS C 558 41.46 -9.82 9.92
N PHE C 559 40.89 -10.43 10.97
CA PHE C 559 40.19 -9.70 12.00
C PHE C 559 41.17 -8.97 12.92
N LEU C 560 40.67 -7.93 13.57
CA LEU C 560 41.41 -7.24 14.62
C LEU C 560 41.17 -7.92 15.96
N PRO C 561 41.98 -7.59 16.97
CA PRO C 561 41.87 -8.30 18.25
C PRO C 561 40.51 -8.18 18.91
N PHE C 562 39.79 -7.08 18.73
CA PHE C 562 38.53 -6.84 19.41
C PHE C 562 37.31 -7.10 18.53
N GLN C 563 37.40 -8.06 17.61
CA GLN C 563 36.31 -8.38 16.71
C GLN C 563 36.07 -9.88 16.70
N GLN C 564 34.80 -10.27 16.55
CA GLN C 564 34.40 -11.67 16.54
C GLN C 564 33.45 -12.05 15.41
N PHE C 565 32.74 -11.11 14.80
CA PHE C 565 31.78 -11.41 13.75
C PHE C 565 31.98 -10.45 12.57
N GLY C 566 31.48 -10.87 11.40
CA GLY C 566 31.52 -10.05 10.22
C GLY C 566 30.13 -9.86 9.64
N ARG C 567 30.02 -8.89 8.73
CA ARG C 567 28.73 -8.57 8.13
C ARG C 567 28.94 -8.11 6.70
N ASP C 568 27.85 -8.16 5.93
CA ASP C 568 27.84 -7.79 4.51
C ASP C 568 26.89 -6.63 4.29
N ILE C 569 26.63 -6.32 3.02
CA ILE C 569 25.84 -5.14 2.68
C ILE C 569 24.48 -5.19 3.38
N ALA C 570 23.78 -6.31 3.29
CA ALA C 570 22.63 -6.55 4.12
C ALA C 570 23.08 -7.03 5.49
N ASP C 571 22.22 -6.81 6.50
CA ASP C 571 22.60 -7.17 7.86
C ASP C 571 22.56 -8.68 8.05
N THR C 572 23.59 -9.37 7.58
CA THR C 572 23.71 -10.81 7.72
C THR C 572 25.15 -11.17 8.03
N THR C 573 25.34 -12.33 8.64
CA THR C 573 26.65 -12.78 9.06
C THR C 573 27.24 -13.72 8.01
N ASP C 574 28.50 -13.46 7.63
CA ASP C 574 29.18 -14.31 6.66
C ASP C 574 30.61 -14.65 7.03
N ALA C 575 31.09 -14.25 8.21
CA ALA C 575 32.42 -14.61 8.67
C ALA C 575 32.40 -14.77 10.17
N VAL C 576 33.30 -15.61 10.68
CA VAL C 576 33.35 -15.91 12.11
C VAL C 576 34.74 -16.41 12.45
N ARG C 577 35.09 -16.37 13.74
CA ARG C 577 36.37 -16.83 14.23
C ARG C 577 36.16 -18.03 15.14
N ASP C 578 36.90 -19.10 14.90
CA ASP C 578 36.76 -20.31 15.71
C ASP C 578 37.34 -20.06 17.10
N PRO C 579 36.57 -20.29 18.17
CA PRO C 579 37.04 -19.96 19.51
C PRO C 579 38.06 -20.94 20.08
N GLN C 580 38.29 -22.07 19.43
CA GLN C 580 39.27 -23.05 19.91
C GLN C 580 40.50 -23.15 19.02
N THR C 581 40.54 -22.43 17.90
CA THR C 581 41.68 -22.46 17.01
C THR C 581 42.17 -21.09 16.58
N LEU C 582 41.38 -20.04 16.73
CA LEU C 582 41.78 -18.68 16.37
C LEU C 582 41.94 -18.52 14.85
N GLU C 583 41.01 -19.08 14.10
CA GLU C 583 41.00 -19.00 12.65
C GLU C 583 39.69 -18.39 12.17
N ILE C 584 39.66 -18.05 10.89
CA ILE C 584 38.52 -17.37 10.28
C ILE C 584 37.86 -18.31 9.28
N LEU C 585 36.53 -18.34 9.29
CA LEU C 585 35.75 -19.19 8.41
C LEU C 585 34.70 -18.37 7.69
N ASP C 586 34.12 -18.97 6.64
CA ASP C 586 33.11 -18.32 5.82
C ASP C 586 31.81 -19.13 5.88
N ILE C 587 30.69 -18.44 5.65
CA ILE C 587 29.38 -19.05 5.67
C ILE C 587 28.64 -18.67 4.39
N THR C 588 28.06 -19.67 3.72
CA THR C 588 27.31 -19.45 2.49
C THR C 588 26.02 -20.26 2.53
N PRO C 589 24.95 -19.75 1.91
CA PRO C 589 23.69 -20.50 1.89
C PRO C 589 23.79 -21.80 1.12
N CYS C 590 22.70 -22.58 1.06
CA CYS C 590 22.72 -23.89 0.45
C CYS C 590 21.76 -24.07 -0.72
N SER C 591 20.92 -23.08 -1.02
CA SER C 591 19.88 -23.23 -2.05
C SER C 591 19.92 -22.06 -3.02
N PHE C 592 19.94 -22.37 -4.32
CA PHE C 592 19.71 -21.36 -5.34
C PHE C 592 19.59 -22.06 -6.69
N GLY C 593 18.69 -21.56 -7.54
CA GLY C 593 18.42 -22.17 -8.84
C GLY C 593 16.95 -22.44 -9.06
N GLY C 594 16.45 -22.22 -10.28
CA GLY C 594 15.05 -22.37 -10.60
C GLY C 594 14.74 -23.60 -11.43
N VAL C 595 13.44 -23.82 -11.64
CA VAL C 595 12.96 -24.95 -12.42
C VAL C 595 11.67 -24.62 -13.15
N SER C 596 11.32 -25.50 -14.09
CA SER C 596 10.10 -25.35 -14.88
C SER C 596 9.63 -26.72 -15.33
N VAL C 597 8.35 -26.79 -15.71
CA VAL C 597 7.72 -28.04 -16.12
C VAL C 597 7.02 -27.83 -17.45
N ILE C 598 7.20 -28.77 -18.38
CA ILE C 598 6.59 -28.74 -19.70
C ILE C 598 5.64 -29.91 -19.81
N THR C 599 4.38 -29.64 -20.10
CA THR C 599 3.36 -30.67 -20.17
C THR C 599 2.50 -30.48 -21.42
N PRO C 600 2.04 -31.57 -22.03
CA PRO C 600 1.11 -31.46 -23.16
C PRO C 600 -0.36 -31.40 -22.78
N GLY C 601 -0.68 -31.15 -21.50
CA GLY C 601 -2.05 -31.16 -21.06
C GLY C 601 -2.41 -32.46 -20.35
N THR C 602 -3.14 -32.37 -19.24
CA THR C 602 -3.47 -33.55 -18.45
C THR C 602 -4.52 -34.43 -19.11
N ASN C 603 -5.14 -33.97 -20.19
CA ASN C 603 -6.15 -34.76 -20.89
C ASN C 603 -5.58 -35.63 -22.00
N THR C 604 -4.26 -35.64 -22.16
CA THR C 604 -3.61 -36.45 -23.19
C THR C 604 -2.70 -37.52 -22.62
N SER C 605 -1.77 -37.15 -21.73
CA SER C 605 -0.82 -38.10 -21.19
C SER C 605 -0.36 -37.59 -19.82
N ASN C 606 0.51 -38.37 -19.18
CA ASN C 606 1.03 -38.03 -17.86
C ASN C 606 2.54 -37.83 -17.86
N GLN C 607 3.16 -37.69 -19.03
CA GLN C 607 4.59 -37.44 -19.11
C GLN C 607 4.88 -35.95 -19.12
N VAL C 608 6.08 -35.59 -18.68
CA VAL C 608 6.51 -34.20 -18.57
C VAL C 608 8.02 -34.14 -18.78
N ALA C 609 8.53 -32.91 -18.94
CA ALA C 609 9.96 -32.65 -19.03
C ALA C 609 10.30 -31.52 -18.07
N VAL C 610 11.53 -31.53 -17.58
CA VAL C 610 11.98 -30.59 -16.56
C VAL C 610 13.19 -29.83 -17.08
N LEU C 611 13.20 -28.52 -16.85
CA LEU C 611 14.25 -27.63 -17.33
C LEU C 611 14.96 -26.99 -16.14
N TYR C 612 16.28 -27.16 -16.06
CA TYR C 612 17.11 -26.56 -15.04
C TYR C 612 17.91 -25.43 -15.67
N GLN C 613 17.77 -24.21 -15.12
CA GLN C 613 18.26 -23.01 -15.77
C GLN C 613 19.64 -22.56 -15.29
N ASP C 614 20.25 -23.29 -14.36
CA ASP C 614 21.57 -22.89 -13.84
C ASP C 614 22.48 -24.10 -13.70
N VAL C 615 22.49 -24.97 -14.70
CA VAL C 615 23.29 -26.20 -14.66
C VAL C 615 23.84 -26.51 -16.04
N ASN C 616 24.95 -27.25 -16.05
CA ASN C 616 25.56 -27.76 -17.28
C ASN C 616 25.37 -29.28 -17.30
N CYS C 617 24.67 -29.78 -18.31
CA CYS C 617 24.36 -31.21 -18.37
C CYS C 617 25.61 -32.06 -18.50
N THR C 618 26.74 -31.49 -18.90
CA THR C 618 27.95 -32.29 -19.02
C THR C 618 28.32 -32.95 -17.69
N GLU C 619 28.26 -32.18 -16.60
CA GLU C 619 28.46 -32.70 -15.25
C GLU C 619 27.42 -32.04 -14.36
N VAL C 620 26.26 -32.69 -14.23
CA VAL C 620 25.13 -32.14 -13.49
C VAL C 620 25.18 -32.71 -12.07
N PRO C 621 25.48 -31.89 -11.06
CA PRO C 621 25.45 -32.37 -9.68
C PRO C 621 24.11 -32.22 -8.99
N VAL C 622 23.23 -31.36 -9.51
CA VAL C 622 21.92 -31.11 -8.92
C VAL C 622 20.86 -31.56 -9.90
N ALA C 623 20.01 -32.48 -9.46
CA ALA C 623 18.91 -32.97 -10.27
C ALA C 623 17.99 -33.81 -9.38
N ILE C 624 16.69 -33.60 -9.51
CA ILE C 624 15.74 -34.28 -8.63
C ILE C 624 15.84 -35.79 -8.80
N HIS C 625 15.79 -36.27 -10.05
CA HIS C 625 15.91 -37.69 -10.31
C HIS C 625 16.94 -37.95 -11.41
N ALA C 626 17.09 -37.01 -12.33
CA ALA C 626 18.01 -37.15 -13.45
C ALA C 626 17.74 -38.43 -14.22
N GLY C 639 16.79 -40.92 -18.11
CA GLY C 639 16.68 -41.99 -19.08
C GLY C 639 17.59 -41.81 -20.28
N SER C 640 18.72 -41.15 -20.05
CA SER C 640 19.74 -40.87 -21.07
C SER C 640 19.30 -39.79 -22.04
N ASN C 641 18.15 -39.18 -21.83
CA ASN C 641 17.66 -38.11 -22.70
C ASN C 641 18.04 -36.74 -22.10
N VAL C 642 19.34 -36.45 -22.18
CA VAL C 642 19.89 -35.20 -21.66
C VAL C 642 20.32 -34.36 -22.85
N PHE C 643 19.75 -33.17 -22.97
CA PHE C 643 20.07 -32.24 -24.05
C PHE C 643 20.38 -30.88 -23.43
N GLN C 644 21.52 -30.30 -23.81
CA GLN C 644 21.99 -29.05 -23.23
C GLN C 644 21.73 -27.92 -24.21
N THR C 645 20.74 -27.09 -23.89
CA THR C 645 20.42 -25.91 -24.67
C THR C 645 21.19 -24.71 -24.12
N ARG C 646 20.84 -23.51 -24.61
CA ARG C 646 21.46 -22.28 -24.11
C ARG C 646 20.64 -21.61 -23.03
N ALA C 647 19.53 -22.22 -22.62
CA ALA C 647 18.69 -21.67 -21.56
C ALA C 647 18.61 -22.58 -20.33
N GLY C 648 19.39 -23.65 -20.29
CA GLY C 648 19.41 -24.53 -19.14
C GLY C 648 19.70 -25.95 -19.57
N CYS C 649 19.17 -26.89 -18.79
CA CYS C 649 19.34 -28.33 -19.02
C CYS C 649 17.96 -28.97 -19.10
N LEU C 650 17.75 -29.79 -20.13
CA LEU C 650 16.47 -30.42 -20.39
C LEU C 650 16.58 -31.93 -20.18
N ILE C 651 15.61 -32.49 -19.47
CA ILE C 651 15.56 -33.92 -19.18
C ILE C 651 14.20 -34.45 -19.63
N GLY C 652 14.22 -35.54 -20.40
CA GLY C 652 12.99 -36.18 -20.84
C GLY C 652 12.49 -35.79 -22.21
N ALA C 653 13.30 -35.14 -23.03
CA ALA C 653 12.91 -34.74 -24.38
C ALA C 653 13.93 -35.23 -25.38
N GLU C 654 13.47 -35.50 -26.60
CA GLU C 654 14.31 -36.04 -27.66
C GLU C 654 14.70 -34.93 -28.64
N HIS C 655 15.98 -34.87 -28.97
CA HIS C 655 16.46 -33.93 -29.96
C HIS C 655 16.15 -34.42 -31.37
N VAL C 656 16.09 -33.47 -32.31
CA VAL C 656 15.81 -33.77 -33.71
C VAL C 656 16.62 -32.78 -34.56
N ASN C 657 16.56 -32.98 -35.88
CA ASN C 657 17.35 -32.18 -36.81
C ASN C 657 16.51 -31.23 -37.66
N ASN C 658 15.35 -31.67 -38.15
CA ASN C 658 14.54 -30.80 -38.99
C ASN C 658 13.90 -29.69 -38.16
N SER C 659 13.22 -28.78 -38.84
CA SER C 659 12.63 -27.60 -38.22
C SER C 659 11.15 -27.50 -38.56
N TYR C 660 10.40 -26.88 -37.67
CA TYR C 660 8.96 -26.67 -37.84
C TYR C 660 8.63 -25.27 -37.33
N GLU C 661 7.34 -25.00 -37.16
CA GLU C 661 6.87 -23.75 -36.59
C GLU C 661 6.66 -23.93 -35.09
N CYS C 662 7.09 -22.93 -34.31
CA CYS C 662 7.12 -23.07 -32.86
C CYS C 662 5.74 -23.38 -32.30
N ASP C 663 5.72 -24.29 -31.32
CA ASP C 663 4.50 -24.67 -30.62
C ASP C 663 4.52 -24.26 -29.16
N ILE C 664 5.54 -24.67 -28.41
CA ILE C 664 5.72 -24.24 -27.03
C ILE C 664 7.08 -23.56 -26.94
N PRO C 665 7.12 -22.26 -26.65
CA PRO C 665 8.40 -21.52 -26.66
C PRO C 665 9.18 -21.75 -25.37
N ILE C 666 10.28 -22.49 -25.47
CA ILE C 666 11.14 -22.70 -24.32
C ILE C 666 12.03 -21.48 -24.08
N GLY C 667 12.64 -20.95 -25.13
CA GLY C 667 13.47 -19.78 -25.02
C GLY C 667 14.84 -19.95 -25.65
N ALA C 668 15.40 -18.85 -26.15
CA ALA C 668 16.73 -18.83 -26.77
C ALA C 668 16.74 -19.50 -28.13
N GLY C 669 15.61 -19.46 -28.85
CA GLY C 669 15.55 -20.05 -30.17
C GLY C 669 15.27 -21.53 -30.19
N ILE C 670 14.51 -22.05 -29.22
CA ILE C 670 14.17 -23.46 -29.14
C ILE C 670 12.69 -23.59 -28.86
N CYS C 671 12.12 -24.73 -29.25
CA CYS C 671 10.70 -25.01 -29.04
C CYS C 671 10.51 -26.50 -28.81
N ALA C 672 9.35 -26.85 -28.27
CA ALA C 672 9.02 -28.24 -27.99
C ALA C 672 7.56 -28.50 -28.32
N SER C 673 7.28 -29.74 -28.71
CA SER C 673 5.91 -30.14 -29.03
C SER C 673 5.79 -31.65 -28.84
N TYR C 674 4.55 -32.09 -28.61
CA TYR C 674 4.28 -33.49 -28.32
C TYR C 674 3.97 -34.25 -29.60
N GLN C 675 4.82 -35.19 -29.95
CA GLN C 675 4.62 -36.01 -31.15
C GLN C 675 5.43 -37.30 -31.08
N SER C 689 3.87 -44.66 -30.98
CA SER C 689 4.82 -44.28 -29.94
C SER C 689 5.01 -42.78 -29.90
N GLN C 690 4.20 -42.10 -29.09
CA GLN C 690 4.28 -40.66 -28.94
C GLN C 690 5.31 -40.29 -27.88
N SER C 691 5.91 -39.12 -28.06
CA SER C 691 6.94 -38.63 -27.14
C SER C 691 7.01 -37.11 -27.28
N ILE C 692 8.00 -36.51 -26.63
CA ILE C 692 8.24 -35.07 -26.68
C ILE C 692 9.54 -34.82 -27.41
N ILE C 693 9.55 -33.80 -28.26
CA ILE C 693 10.70 -33.48 -29.09
C ILE C 693 11.05 -32.01 -28.92
N ALA C 694 12.30 -31.67 -29.26
CA ALA C 694 12.81 -30.31 -29.11
C ALA C 694 13.60 -29.94 -30.36
N TYR C 695 12.97 -29.19 -31.26
CA TYR C 695 13.56 -28.77 -32.52
C TYR C 695 14.02 -27.32 -32.42
N THR C 696 14.44 -26.76 -33.55
CA THR C 696 14.83 -25.36 -33.66
C THR C 696 13.82 -24.64 -34.56
N MET C 697 13.28 -23.54 -34.07
CA MET C 697 12.25 -22.82 -34.81
C MET C 697 12.81 -22.27 -36.12
N SER C 698 11.98 -22.31 -37.17
CA SER C 698 12.36 -21.86 -38.49
C SER C 698 11.77 -20.49 -38.78
N LEU C 699 12.46 -19.73 -39.63
CA LEU C 699 12.08 -18.35 -39.92
C LEU C 699 11.09 -18.26 -41.07
N GLY C 700 11.28 -19.04 -42.13
CA GLY C 700 10.37 -19.01 -43.25
C GLY C 700 11.01 -19.59 -44.49
N ALA C 701 10.34 -19.38 -45.62
CA ALA C 701 10.79 -19.88 -46.91
C ALA C 701 11.96 -19.05 -47.42
N GLU C 702 12.42 -19.37 -48.63
CA GLU C 702 13.54 -18.67 -49.23
C GLU C 702 13.23 -18.38 -50.70
N ASN C 703 13.70 -17.23 -51.17
CA ASN C 703 13.40 -16.83 -52.56
C ASN C 703 14.58 -16.01 -53.07
N SER C 704 14.58 -15.71 -54.37
CA SER C 704 15.65 -14.96 -55.01
C SER C 704 15.09 -14.34 -56.28
N VAL C 705 15.24 -13.04 -56.43
CA VAL C 705 14.67 -12.31 -57.55
C VAL C 705 15.67 -12.30 -58.71
N ALA C 706 15.22 -12.13 -59.96
CA ALA C 706 16.18 -12.05 -61.06
C ALA C 706 16.52 -10.61 -61.46
N TYR C 707 17.38 -9.90 -60.74
CA TYR C 707 17.61 -8.47 -61.09
C TYR C 707 18.50 -8.26 -62.30
N SER C 708 17.94 -7.80 -63.42
CA SER C 708 18.74 -7.41 -64.56
C SER C 708 18.45 -5.93 -64.86
N ASN C 709 19.36 -5.30 -65.59
CA ASN C 709 19.26 -3.87 -65.81
C ASN C 709 18.32 -3.48 -66.95
N ASN C 710 17.78 -4.45 -67.69
CA ASN C 710 16.86 -4.16 -68.78
C ASN C 710 15.72 -5.16 -68.80
N SER C 711 15.14 -5.47 -67.64
CA SER C 711 14.05 -6.43 -67.56
C SER C 711 12.97 -5.89 -66.62
N ILE C 712 11.72 -6.32 -66.86
CA ILE C 712 10.59 -5.87 -66.08
C ILE C 712 9.49 -6.92 -66.17
N ALA C 713 8.59 -6.93 -65.18
CA ALA C 713 7.48 -7.86 -65.14
C ALA C 713 6.19 -7.10 -64.85
N ILE C 714 5.11 -7.46 -65.54
CA ILE C 714 3.83 -6.76 -65.42
C ILE C 714 2.69 -7.76 -65.27
N PRO C 715 1.71 -7.49 -64.41
CA PRO C 715 0.60 -8.43 -64.23
C PRO C 715 -0.36 -8.39 -65.40
N THR C 716 -1.25 -9.40 -65.44
CA THR C 716 -2.26 -9.49 -66.49
C THR C 716 -3.63 -9.89 -65.97
N ASN C 717 -3.86 -9.88 -64.66
CA ASN C 717 -5.17 -10.23 -64.10
C ASN C 717 -5.26 -9.60 -62.71
N PHE C 718 -6.26 -10.01 -61.94
CA PHE C 718 -6.48 -9.44 -60.62
C PHE C 718 -7.34 -10.40 -59.81
N THR C 719 -7.57 -10.04 -58.54
CA THR C 719 -8.34 -10.85 -57.61
C THR C 719 -9.02 -9.93 -56.61
N ILE C 720 -10.05 -10.46 -55.95
CA ILE C 720 -10.82 -9.74 -54.93
C ILE C 720 -10.79 -10.55 -53.65
N SER C 721 -10.51 -9.89 -52.53
CA SER C 721 -10.35 -10.55 -51.25
C SER C 721 -11.11 -9.80 -50.16
N VAL C 722 -11.47 -10.53 -49.10
CA VAL C 722 -12.17 -9.97 -47.96
C VAL C 722 -11.55 -10.53 -46.68
N THR C 723 -11.35 -9.65 -45.69
CA THR C 723 -10.73 -10.03 -44.43
C THR C 723 -11.47 -9.32 -43.29
N THR C 724 -11.13 -9.70 -42.06
CA THR C 724 -11.83 -9.23 -40.87
C THR C 724 -10.84 -8.68 -39.85
N GLU C 725 -11.37 -7.94 -38.88
CA GLU C 725 -10.58 -7.35 -37.81
C GLU C 725 -11.48 -7.12 -36.60
N ILE C 726 -10.92 -7.31 -35.40
CA ILE C 726 -11.67 -7.23 -34.16
C ILE C 726 -10.96 -6.29 -33.19
N LEU C 727 -11.74 -5.46 -32.49
CA LEU C 727 -11.19 -4.50 -31.54
C LEU C 727 -12.11 -4.31 -30.34
N PRO C 728 -11.62 -4.53 -29.12
CA PRO C 728 -12.45 -4.25 -27.94
C PRO C 728 -12.72 -2.77 -27.78
N VAL C 729 -13.86 -2.45 -27.17
CA VAL C 729 -14.31 -1.07 -27.07
C VAL C 729 -14.54 -0.65 -25.62
N SER C 730 -15.37 -1.39 -24.90
CA SER C 730 -15.79 -0.99 -23.57
C SER C 730 -15.48 -2.09 -22.55
N MET C 731 -15.96 -1.88 -21.32
CA MET C 731 -15.64 -2.74 -20.18
C MET C 731 -16.89 -2.88 -19.33
N THR C 732 -16.72 -3.37 -18.10
CA THR C 732 -17.82 -3.58 -17.17
C THR C 732 -17.73 -2.61 -16.00
N LYS C 733 -18.89 -2.16 -15.52
CA LYS C 733 -19.00 -1.19 -14.45
C LYS C 733 -19.35 -1.90 -13.14
N THR C 734 -18.83 -1.36 -12.03
CA THR C 734 -18.96 -2.01 -10.74
C THR C 734 -19.01 -0.96 -9.64
N SER C 735 -19.44 -1.40 -8.46
CA SER C 735 -19.50 -0.55 -7.28
C SER C 735 -19.25 -1.40 -6.04
N VAL C 736 -18.81 -0.76 -4.97
CA VAL C 736 -18.47 -1.45 -3.72
C VAL C 736 -19.00 -0.65 -2.54
N ASP C 737 -19.19 -1.35 -1.42
CA ASP C 737 -19.64 -0.76 -0.17
C ASP C 737 -18.63 -1.07 0.93
N CYS C 738 -18.18 -0.04 1.63
CA CYS C 738 -17.08 -0.20 2.58
C CYS C 738 -17.56 -0.85 3.88
N THR C 739 -18.62 -0.30 4.48
CA THR C 739 -19.06 -0.78 5.79
C THR C 739 -19.60 -2.20 5.72
N MET C 740 -20.30 -2.55 4.65
CA MET C 740 -20.86 -3.89 4.52
C MET C 740 -19.80 -4.93 4.19
N TYR C 741 -18.65 -4.52 3.67
CA TYR C 741 -17.57 -5.46 3.35
C TYR C 741 -16.59 -5.62 4.50
N ILE C 742 -16.28 -4.53 5.21
CA ILE C 742 -15.26 -4.60 6.26
C ILE C 742 -15.86 -5.13 7.56
N CYS C 743 -16.96 -4.55 8.02
CA CYS C 743 -17.52 -4.87 9.33
C CYS C 743 -18.68 -5.85 9.24
N GLY C 744 -19.73 -5.51 8.50
CA GLY C 744 -20.91 -6.35 8.44
C GLY C 744 -22.08 -5.75 9.20
N ASP C 745 -22.69 -6.53 10.09
CA ASP C 745 -23.78 -6.06 10.93
C ASP C 745 -23.31 -5.58 12.30
N SER C 746 -22.02 -5.69 12.61
CA SER C 746 -21.52 -5.29 13.92
C SER C 746 -21.62 -3.78 14.08
N THR C 747 -22.02 -3.34 15.26
CA THR C 747 -22.03 -1.92 15.57
C THR C 747 -20.75 -1.46 16.26
N GLU C 748 -20.07 -2.35 16.98
CA GLU C 748 -18.78 -2.00 17.57
C GLU C 748 -17.75 -1.75 16.47
N CYS C 749 -17.70 -2.61 15.46
CA CYS C 749 -16.81 -2.39 14.33
C CYS C 749 -17.18 -1.11 13.59
N SER C 750 -18.48 -0.87 13.39
CA SER C 750 -18.91 0.34 12.72
C SER C 750 -18.50 1.59 13.49
N ASN C 751 -18.53 1.54 14.82
CA ASN C 751 -18.12 2.68 15.62
C ASN C 751 -16.61 2.85 15.62
N LEU C 752 -15.85 1.75 15.66
CA LEU C 752 -14.40 1.83 15.62
C LEU C 752 -13.86 2.24 14.26
N LEU C 753 -14.63 2.05 13.18
CA LEU C 753 -14.14 2.42 11.86
C LEU C 753 -13.89 3.91 11.73
N LEU C 754 -14.73 4.75 12.34
CA LEU C 754 -14.64 6.19 12.10
C LEU C 754 -13.27 6.75 12.48
N GLN C 755 -12.59 6.14 13.46
CA GLN C 755 -11.31 6.69 13.90
C GLN C 755 -10.31 6.78 12.76
N TYR C 756 -10.34 5.81 11.84
CA TYR C 756 -9.45 5.86 10.68
C TYR C 756 -9.84 6.97 9.71
N GLY C 757 -11.00 7.57 9.87
CA GLY C 757 -11.42 8.67 9.01
C GLY C 757 -12.03 8.20 7.71
N SER C 758 -12.40 9.18 6.89
CA SER C 758 -13.01 8.92 5.59
C SER C 758 -11.91 8.56 4.61
N PHE C 759 -11.58 7.27 4.57
CA PHE C 759 -10.52 6.77 3.70
C PHE C 759 -11.02 6.10 2.44
N CYS C 760 -12.31 5.82 2.32
CA CYS C 760 -12.82 5.13 1.15
C CYS C 760 -13.86 5.93 0.38
N THR C 761 -14.25 7.11 0.86
CA THR C 761 -14.92 8.04 -0.05
C THR C 761 -14.05 8.35 -1.26
N GLN C 762 -12.73 8.38 -1.06
CA GLN C 762 -11.79 8.50 -2.17
C GLN C 762 -11.81 7.27 -3.07
N LEU C 763 -11.92 6.07 -2.49
CA LEU C 763 -12.04 4.87 -3.30
C LEU C 763 -13.27 4.93 -4.18
N ASN C 764 -14.40 5.36 -3.60
CA ASN C 764 -15.63 5.47 -4.38
C ASN C 764 -15.52 6.57 -5.44
N ARG C 765 -14.85 7.67 -5.11
CA ARG C 765 -14.62 8.72 -6.11
C ARG C 765 -13.82 8.17 -7.29
N ALA C 766 -12.78 7.40 -7.00
CA ALA C 766 -11.99 6.80 -8.08
C ALA C 766 -12.81 5.82 -8.90
N LEU C 767 -13.62 4.99 -8.22
CA LEU C 767 -14.40 3.97 -8.94
C LEU C 767 -15.48 4.59 -9.80
N THR C 768 -16.07 5.71 -9.37
CA THR C 768 -17.16 6.32 -10.13
C THR C 768 -16.69 7.02 -11.39
N GLY C 769 -15.42 7.37 -11.49
CA GLY C 769 -14.90 7.99 -12.70
C GLY C 769 -14.56 7.04 -13.81
N ILE C 770 -14.62 5.73 -13.56
CA ILE C 770 -14.35 4.74 -14.59
C ILE C 770 -15.61 4.29 -15.32
N ALA C 771 -16.80 4.68 -14.85
CA ALA C 771 -18.04 4.31 -15.50
C ALA C 771 -18.50 5.36 -16.51
N VAL C 772 -18.34 6.64 -16.18
CA VAL C 772 -18.65 7.69 -17.15
C VAL C 772 -17.74 7.56 -18.37
N GLU C 773 -16.47 7.23 -18.16
CA GLU C 773 -15.57 7.02 -19.28
C GLU C 773 -16.02 5.86 -20.15
N GLN C 774 -16.46 4.76 -19.53
CA GLN C 774 -16.95 3.63 -20.32
C GLN C 774 -18.18 4.02 -21.12
N ASP C 775 -19.09 4.81 -20.52
CA ASP C 775 -20.26 5.26 -21.25
C ASP C 775 -19.89 6.17 -22.42
N LYS C 776 -18.86 7.00 -22.24
CA LYS C 776 -18.44 7.90 -23.31
C LYS C 776 -17.66 7.17 -24.40
N ASN C 777 -17.04 6.03 -24.07
CA ASN C 777 -16.24 5.32 -25.06
C ASN C 777 -17.08 4.87 -26.25
N THR C 778 -18.26 4.33 -26.00
CA THR C 778 -19.08 3.76 -27.06
C THR C 778 -19.83 4.81 -27.86
N GLN C 779 -19.85 6.07 -27.42
CA GLN C 779 -20.57 7.12 -28.13
C GLN C 779 -19.69 7.87 -29.13
N GLU C 780 -18.40 7.55 -29.19
CA GLU C 780 -17.50 8.15 -30.17
C GLU C 780 -17.20 7.23 -31.34
N VAL C 781 -17.63 5.98 -31.28
CA VAL C 781 -17.41 5.02 -32.35
C VAL C 781 -18.63 4.86 -33.24
N PHE C 782 -19.82 4.79 -32.64
CA PHE C 782 -21.05 4.52 -33.38
C PHE C 782 -21.86 5.78 -33.69
N ALA C 783 -21.96 6.72 -32.74
CA ALA C 783 -22.78 7.91 -32.91
C ALA C 783 -22.01 8.95 -33.75
N GLN C 784 -21.80 8.60 -35.01
CA GLN C 784 -21.13 9.47 -35.95
C GLN C 784 -22.04 9.94 -37.08
N VAL C 785 -23.31 9.54 -37.08
CA VAL C 785 -24.27 9.91 -38.10
C VAL C 785 -25.39 10.70 -37.45
N LYS C 786 -25.72 11.85 -38.01
CA LYS C 786 -26.74 12.72 -37.44
C LYS C 786 -28.15 12.36 -37.87
N GLN C 787 -28.27 11.55 -38.93
CA GLN C 787 -29.60 11.23 -39.49
C GLN C 787 -29.73 9.74 -39.78
N ILE C 788 -30.88 9.13 -39.53
CA ILE C 788 -31.10 7.70 -39.65
C ILE C 788 -31.69 7.44 -41.03
N TYR C 789 -30.89 6.84 -41.91
CA TYR C 789 -31.32 6.54 -43.27
C TYR C 789 -32.02 5.18 -43.32
N LYS C 790 -32.81 4.98 -44.37
CA LYS C 790 -33.59 3.77 -44.56
C LYS C 790 -33.08 2.99 -45.76
N THR C 791 -33.09 1.67 -45.64
CA THR C 791 -32.62 0.82 -46.72
C THR C 791 -33.61 0.87 -47.89
N PRO C 792 -33.15 1.08 -49.12
CA PRO C 792 -34.06 1.15 -50.26
C PRO C 792 -34.82 -0.14 -50.44
N PRO C 793 -36.09 -0.08 -50.85
CA PRO C 793 -36.87 -1.32 -51.01
C PRO C 793 -36.47 -2.13 -52.23
N ILE C 794 -36.25 -1.48 -53.37
CA ILE C 794 -35.95 -2.19 -54.61
C ILE C 794 -34.43 -2.34 -54.75
N LYS C 795 -33.99 -3.54 -55.10
CA LYS C 795 -32.57 -3.88 -55.18
C LYS C 795 -32.15 -3.93 -56.64
N ASP C 796 -31.50 -2.85 -57.10
CA ASP C 796 -30.88 -2.80 -58.44
C ASP C 796 -29.47 -2.28 -58.24
N PHE C 797 -28.53 -3.19 -57.96
CA PHE C 797 -27.16 -2.81 -57.65
C PHE C 797 -26.15 -3.33 -58.67
N GLY C 798 -26.60 -3.88 -59.80
CA GLY C 798 -25.72 -4.29 -60.86
C GLY C 798 -25.23 -5.73 -60.79
N GLY C 799 -25.54 -6.45 -59.71
CA GLY C 799 -25.10 -7.83 -59.61
C GLY C 799 -24.45 -8.17 -58.28
N PHE C 800 -24.43 -7.20 -57.36
CA PHE C 800 -23.87 -7.40 -56.03
C PHE C 800 -24.97 -7.76 -55.06
N ASN C 801 -24.70 -8.75 -54.21
CA ASN C 801 -25.69 -9.28 -53.27
C ASN C 801 -25.26 -8.95 -51.86
N PHE C 802 -26.04 -8.09 -51.19
CA PHE C 802 -25.77 -7.66 -49.82
C PHE C 802 -26.75 -8.26 -48.81
N SER C 803 -27.50 -9.29 -49.20
CA SER C 803 -28.60 -9.77 -48.38
C SER C 803 -28.17 -10.39 -47.07
N GLN C 804 -26.89 -10.71 -46.89
CA GLN C 804 -26.41 -11.34 -45.68
C GLN C 804 -25.83 -10.35 -44.67
N ILE C 805 -25.72 -9.07 -45.02
CA ILE C 805 -25.21 -8.07 -44.10
C ILE C 805 -26.21 -6.92 -43.99
N LEU C 806 -27.49 -7.22 -44.19
CA LEU C 806 -28.54 -6.23 -44.07
C LEU C 806 -29.58 -6.73 -43.08
N PRO C 807 -30.28 -5.82 -42.41
CA PRO C 807 -31.21 -6.23 -41.34
C PRO C 807 -32.28 -7.17 -41.86
N ASP C 808 -32.63 -8.16 -41.03
CA ASP C 808 -33.67 -9.12 -41.35
C ASP C 808 -34.89 -8.85 -40.46
N PRO C 809 -35.98 -8.30 -40.99
CA PRO C 809 -37.14 -7.99 -40.14
C PRO C 809 -37.72 -9.21 -39.44
N SER C 810 -37.70 -10.38 -40.08
CA SER C 810 -38.28 -11.56 -39.47
C SER C 810 -37.56 -11.93 -38.18
N LYS C 811 -36.24 -11.88 -38.19
CA LYS C 811 -35.48 -12.20 -36.98
C LYS C 811 -35.73 -11.14 -35.92
N PRO C 812 -36.03 -11.54 -34.68
CA PRO C 812 -36.27 -10.54 -33.63
C PRO C 812 -35.02 -9.71 -33.38
N SER C 813 -35.24 -8.48 -32.93
CA SER C 813 -34.22 -7.46 -32.67
C SER C 813 -33.69 -6.85 -33.96
N LYS C 814 -34.09 -7.35 -35.13
CA LYS C 814 -33.69 -6.78 -36.42
C LYS C 814 -32.16 -6.75 -36.55
N ARG C 815 -31.57 -7.94 -36.54
CA ARG C 815 -30.13 -8.10 -36.68
C ARG C 815 -29.83 -8.87 -37.97
N SER C 816 -28.69 -8.54 -38.58
CA SER C 816 -28.29 -9.21 -39.80
C SER C 816 -27.91 -10.67 -39.53
N PHE C 817 -27.86 -11.46 -40.59
CA PHE C 817 -27.54 -12.87 -40.44
C PHE C 817 -26.15 -13.08 -39.85
N ILE C 818 -25.16 -12.33 -40.34
CA ILE C 818 -23.79 -12.51 -39.85
C ILE C 818 -23.67 -12.01 -38.42
N GLU C 819 -24.39 -10.94 -38.07
CA GLU C 819 -24.30 -10.41 -36.72
C GLU C 819 -24.77 -11.42 -35.68
N ASP C 820 -25.66 -12.34 -36.07
CA ASP C 820 -26.21 -13.31 -35.13
C ASP C 820 -25.28 -14.47 -34.85
N LEU C 821 -24.22 -14.64 -35.64
CA LEU C 821 -23.23 -15.68 -35.36
C LEU C 821 -22.16 -15.21 -34.40
N LEU C 822 -21.89 -13.91 -34.35
CA LEU C 822 -20.92 -13.37 -33.41
C LEU C 822 -21.48 -13.32 -31.99
N PHE C 823 -22.80 -13.25 -31.84
CA PHE C 823 -23.42 -13.21 -30.52
C PHE C 823 -23.56 -14.58 -29.88
N ASN C 824 -23.38 -15.65 -30.64
CA ASN C 824 -23.45 -17.00 -30.11
C ASN C 824 -22.09 -17.62 -29.83
N LYS C 825 -21.00 -16.88 -30.08
CA LYS C 825 -19.66 -17.40 -29.88
C LYS C 825 -18.93 -16.76 -28.70
N VAL C 826 -19.51 -15.73 -28.08
CA VAL C 826 -18.96 -15.12 -26.87
C VAL C 826 -19.98 -15.31 -25.75
N THR C 827 -19.54 -15.94 -24.67
CA THR C 827 -20.40 -16.27 -23.55
C THR C 827 -20.01 -15.47 -22.32
N LEU C 828 -21.00 -14.91 -21.63
CA LEU C 828 -20.76 -14.11 -20.42
C LEU C 828 -20.69 -15.03 -19.21
N ALA C 829 -19.57 -15.73 -19.11
CA ALA C 829 -19.34 -16.65 -17.99
C ALA C 829 -17.92 -16.49 -17.44
N LEU C 849 -20.71 -18.09 -7.73
CA LEU C 849 -22.08 -17.58 -7.63
C LEU C 849 -22.09 -16.07 -7.48
N ILE C 850 -23.15 -15.44 -7.97
CA ILE C 850 -23.30 -13.99 -7.82
C ILE C 850 -24.02 -13.61 -6.53
N CYS C 851 -24.69 -14.56 -5.88
CA CYS C 851 -25.34 -14.26 -4.60
C CYS C 851 -24.31 -13.95 -3.52
N ALA C 852 -23.19 -14.70 -3.51
CA ALA C 852 -22.17 -14.46 -2.51
C ALA C 852 -21.58 -13.06 -2.65
N GLN C 853 -21.36 -12.61 -3.88
CA GLN C 853 -20.85 -11.26 -4.10
C GLN C 853 -21.84 -10.20 -3.63
N LYS C 854 -23.15 -10.44 -3.84
CA LYS C 854 -24.15 -9.44 -3.48
C LYS C 854 -24.24 -9.26 -1.96
N PHE C 855 -24.08 -10.34 -1.20
CA PHE C 855 -24.20 -10.26 0.25
C PHE C 855 -23.03 -9.53 0.91
N ASN C 856 -21.98 -9.22 0.17
CA ASN C 856 -20.83 -8.51 0.71
C ASN C 856 -20.67 -7.11 0.13
N GLY C 857 -21.73 -6.59 -0.50
CA GLY C 857 -21.70 -5.21 -0.97
C GLY C 857 -21.03 -5.00 -2.31
N LEU C 858 -21.11 -5.96 -3.22
CA LEU C 858 -20.53 -5.83 -4.56
C LEU C 858 -21.64 -5.99 -5.59
N THR C 859 -21.74 -5.02 -6.51
CA THR C 859 -22.82 -4.98 -7.48
C THR C 859 -22.27 -4.62 -8.86
N VAL C 860 -23.11 -4.80 -9.87
CA VAL C 860 -22.76 -4.51 -11.26
C VAL C 860 -23.88 -3.66 -11.86
N LEU C 861 -23.50 -2.58 -12.58
CA LEU C 861 -24.44 -1.62 -13.14
C LEU C 861 -24.65 -1.86 -14.64
N PRO C 862 -25.83 -1.53 -15.15
CA PRO C 862 -26.12 -1.76 -16.58
C PRO C 862 -25.66 -0.60 -17.43
N PRO C 863 -25.35 -0.83 -18.69
CA PRO C 863 -24.94 0.25 -19.59
C PRO C 863 -26.13 1.10 -20.05
N LEU C 864 -25.80 2.31 -20.52
CA LEU C 864 -26.82 3.27 -20.90
C LEU C 864 -27.47 2.93 -22.23
N LEU C 865 -26.69 2.46 -23.20
CA LEU C 865 -27.18 2.16 -24.55
C LEU C 865 -27.43 0.66 -24.67
N THR C 866 -28.68 0.29 -24.94
CA THR C 866 -29.04 -1.10 -25.07
C THR C 866 -28.48 -1.69 -26.36
N ASP C 867 -28.44 -3.02 -26.42
CA ASP C 867 -27.92 -3.71 -27.60
C ASP C 867 -28.84 -3.60 -28.80
N GLU C 868 -30.06 -3.11 -28.63
CA GLU C 868 -30.97 -2.91 -29.75
C GLU C 868 -30.77 -1.56 -30.42
N MET C 869 -30.33 -0.55 -29.67
CA MET C 869 -30.00 0.74 -30.26
C MET C 869 -28.66 0.73 -30.97
N ILE C 870 -27.73 -0.12 -30.54
CA ILE C 870 -26.43 -0.20 -31.20
C ILE C 870 -26.58 -0.78 -32.61
N ALA C 871 -27.56 -1.65 -32.83
CA ALA C 871 -27.79 -2.20 -34.15
C ALA C 871 -28.55 -1.25 -35.06
N GLN C 872 -29.19 -0.21 -34.49
CA GLN C 872 -29.82 0.81 -35.31
C GLN C 872 -28.83 1.85 -35.83
N TYR C 873 -27.62 1.88 -35.27
CA TYR C 873 -26.59 2.81 -35.73
C TYR C 873 -25.75 2.23 -36.86
N THR C 874 -25.56 0.92 -36.89
CA THR C 874 -24.80 0.28 -37.94
C THR C 874 -25.64 -0.08 -39.16
N SER C 875 -26.96 0.06 -39.07
CA SER C 875 -27.83 -0.13 -40.22
C SER C 875 -28.06 1.16 -41.01
N ALA C 876 -27.61 2.30 -40.47
CA ALA C 876 -27.69 3.57 -41.18
C ALA C 876 -26.41 3.86 -41.95
N LEU C 877 -25.25 3.55 -41.35
CA LEU C 877 -24.00 3.70 -42.07
C LEU C 877 -23.95 2.82 -43.30
N LEU C 878 -24.39 1.56 -43.15
CA LEU C 878 -24.43 0.65 -44.29
C LEU C 878 -25.39 1.12 -45.38
N ALA C 879 -26.55 1.65 -45.01
CA ALA C 879 -27.51 2.13 -45.99
C ALA C 879 -27.07 3.42 -46.67
N GLY C 880 -26.30 4.26 -45.98
CA GLY C 880 -25.79 5.47 -46.60
C GLY C 880 -24.49 5.30 -47.35
N THR C 881 -23.77 4.21 -47.14
CA THR C 881 -22.55 3.94 -47.87
C THR C 881 -22.79 3.30 -49.24
N ILE C 882 -24.01 2.84 -49.52
CA ILE C 882 -24.30 2.16 -50.76
C ILE C 882 -25.10 3.01 -51.73
N THR C 883 -25.77 4.07 -51.26
CA THR C 883 -26.58 4.91 -52.13
C THR C 883 -25.99 6.28 -52.41
N SER C 884 -25.03 6.73 -51.60
CA SER C 884 -24.39 8.02 -51.79
C SER C 884 -22.91 7.92 -52.09
N GLY C 885 -22.15 7.19 -51.28
CA GLY C 885 -20.71 7.12 -51.45
C GLY C 885 -19.99 7.75 -50.28
N TRP C 886 -19.06 8.66 -50.56
CA TRP C 886 -18.39 9.43 -49.52
C TRP C 886 -18.96 10.84 -49.39
N THR C 887 -20.03 11.15 -50.12
CA THR C 887 -20.60 12.48 -50.08
C THR C 887 -21.47 12.72 -48.85
N PHE C 888 -21.90 11.66 -48.17
CA PHE C 888 -22.70 11.82 -46.96
C PHE C 888 -21.86 12.05 -45.72
N GLY C 889 -20.55 11.82 -45.78
CA GLY C 889 -19.70 12.07 -44.62
C GLY C 889 -19.62 13.55 -44.27
N ALA C 890 -19.49 14.40 -45.28
CA ALA C 890 -19.38 15.85 -45.09
C ALA C 890 -20.42 16.53 -45.96
N GLY C 891 -21.53 16.94 -45.34
CA GLY C 891 -22.59 17.59 -46.08
C GLY C 891 -23.87 16.79 -46.13
N ALA C 892 -24.51 16.77 -47.29
CA ALA C 892 -25.76 16.04 -47.49
C ALA C 892 -25.58 14.95 -48.52
N ALA C 893 -26.32 13.85 -48.35
CA ALA C 893 -26.18 12.71 -49.23
C ALA C 893 -26.62 13.05 -50.65
N LEU C 894 -25.86 12.56 -51.62
CA LEU C 894 -26.15 12.76 -53.04
C LEU C 894 -26.12 11.41 -53.74
N GLN C 895 -27.16 11.20 -54.55
CA GLN C 895 -27.37 9.87 -55.17
C GLN C 895 -26.38 9.56 -56.26
N ILE C 896 -26.10 8.26 -56.47
CA ILE C 896 -25.25 7.85 -57.58
C ILE C 896 -25.37 6.34 -57.76
N PRO C 897 -25.47 5.83 -58.99
CA PRO C 897 -25.55 4.38 -59.19
C PRO C 897 -24.27 3.68 -58.76
N PHE C 898 -24.44 2.43 -58.30
CA PHE C 898 -23.32 1.69 -57.71
C PHE C 898 -22.22 1.41 -58.74
N ALA C 899 -22.60 0.99 -59.94
CA ALA C 899 -21.59 0.65 -60.94
C ALA C 899 -20.74 1.85 -61.31
N MET C 900 -21.36 3.04 -61.37
CA MET C 900 -20.61 4.26 -61.59
C MET C 900 -19.83 4.67 -60.36
N GLN C 901 -20.20 4.18 -59.18
CA GLN C 901 -19.46 4.46 -57.96
C GLN C 901 -18.19 3.64 -57.86
N MET C 902 -18.19 2.42 -58.40
CA MET C 902 -16.98 1.59 -58.34
C MET C 902 -15.89 2.11 -59.26
N ALA C 903 -16.25 2.78 -60.35
CA ALA C 903 -15.25 3.30 -61.27
C ALA C 903 -14.40 4.38 -60.62
N TYR C 904 -15.00 5.20 -59.76
CA TYR C 904 -14.24 6.18 -59.01
C TYR C 904 -13.14 5.50 -58.20
N ARG C 905 -13.50 4.46 -57.46
CA ARG C 905 -12.52 3.79 -56.61
C ARG C 905 -11.48 3.05 -57.42
N PHE C 906 -11.85 2.57 -58.61
CA PHE C 906 -10.83 1.97 -59.48
C PHE C 906 -9.85 3.02 -59.99
N ASN C 907 -10.34 4.18 -60.41
CA ASN C 907 -9.46 5.28 -60.79
C ASN C 907 -8.60 5.75 -59.63
N GLY C 908 -9.06 5.55 -58.40
CA GLY C 908 -8.30 6.01 -57.24
C GLY C 908 -7.03 5.24 -56.94
N ILE C 909 -6.81 4.10 -57.59
CA ILE C 909 -5.62 3.29 -57.35
C ILE C 909 -4.72 3.18 -58.57
N GLY C 910 -5.13 3.72 -59.72
CA GLY C 910 -4.28 3.80 -60.89
C GLY C 910 -4.86 3.16 -62.15
N VAL C 911 -5.86 2.30 -62.02
CA VAL C 911 -6.43 1.62 -63.18
C VAL C 911 -7.45 2.55 -63.86
N THR C 912 -7.87 2.20 -65.07
CA THR C 912 -8.79 3.01 -65.84
C THR C 912 -10.21 2.42 -65.78
N GLN C 913 -11.17 3.19 -66.32
CA GLN C 913 -12.58 2.84 -66.16
C GLN C 913 -12.98 1.67 -67.05
N ASN C 914 -12.50 1.65 -68.30
CA ASN C 914 -12.93 0.60 -69.21
C ASN C 914 -12.57 -0.78 -68.68
N VAL C 915 -11.54 -0.87 -67.84
CA VAL C 915 -11.19 -2.15 -67.23
C VAL C 915 -12.34 -2.66 -66.39
N LEU C 916 -12.95 -1.79 -65.59
CA LEU C 916 -14.11 -2.20 -64.79
C LEU C 916 -15.34 -2.41 -65.65
N TYR C 917 -15.60 -1.49 -66.59
CA TYR C 917 -16.81 -1.60 -67.40
C TYR C 917 -16.82 -2.82 -68.31
N GLU C 918 -15.65 -3.39 -68.61
CA GLU C 918 -15.57 -4.55 -69.49
C GLU C 918 -15.48 -5.87 -68.75
N ASN C 919 -15.48 -5.86 -67.41
CA ASN C 919 -15.40 -7.09 -66.63
C ASN C 919 -16.35 -7.02 -65.43
N GLN C 920 -17.58 -6.56 -65.67
CA GLN C 920 -18.52 -6.36 -64.56
C GLN C 920 -18.96 -7.69 -63.95
N LYS C 921 -19.36 -8.64 -64.80
CA LYS C 921 -19.90 -9.91 -64.30
C LYS C 921 -18.85 -10.66 -63.49
N LEU C 922 -17.61 -10.71 -63.98
CA LEU C 922 -16.57 -11.45 -63.28
C LEU C 922 -16.30 -10.85 -61.91
N ILE C 923 -16.24 -9.52 -61.81
CA ILE C 923 -15.99 -8.87 -60.53
C ILE C 923 -17.14 -9.12 -59.56
N ALA C 924 -18.38 -9.01 -60.05
CA ALA C 924 -19.52 -9.27 -59.18
C ALA C 924 -19.51 -10.70 -58.66
N ASN C 925 -19.24 -11.66 -59.54
CA ASN C 925 -19.18 -13.06 -59.13
C ASN C 925 -18.07 -13.28 -58.10
N GLN C 926 -16.90 -12.68 -58.33
CA GLN C 926 -15.81 -12.83 -57.39
C GLN C 926 -16.18 -12.27 -56.02
N PHE C 927 -16.82 -11.10 -55.98
CA PHE C 927 -17.22 -10.53 -54.70
C PHE C 927 -18.22 -11.44 -54.00
N ASN C 928 -19.22 -11.94 -54.73
CA ASN C 928 -20.22 -12.80 -54.11
C ASN C 928 -19.57 -14.07 -53.54
N SER C 929 -18.72 -14.73 -54.32
CA SER C 929 -18.10 -15.96 -53.85
C SER C 929 -17.13 -15.71 -52.71
N ALA C 930 -16.46 -14.56 -52.69
CA ALA C 930 -15.56 -14.25 -51.58
C ALA C 930 -16.31 -13.97 -50.30
N ILE C 931 -17.46 -13.28 -50.39
CA ILE C 931 -18.21 -12.99 -49.17
C ILE C 931 -19.09 -14.15 -48.72
N GLY C 932 -19.30 -15.15 -49.58
CA GLY C 932 -20.05 -16.32 -49.14
C GLY C 932 -19.28 -17.33 -48.32
N LYS C 933 -17.97 -17.14 -48.15
CA LYS C 933 -17.15 -18.08 -47.40
C LYS C 933 -16.98 -17.69 -45.94
N ILE C 934 -17.14 -16.41 -45.61
CA ILE C 934 -17.00 -15.97 -44.22
C ILE C 934 -18.04 -16.65 -43.35
N GLN C 935 -19.25 -16.85 -43.88
CA GLN C 935 -20.31 -17.50 -43.11
C GLN C 935 -19.87 -18.89 -42.66
N ASP C 936 -19.41 -19.72 -43.61
CA ASP C 936 -18.99 -21.07 -43.26
C ASP C 936 -17.74 -21.07 -42.40
N SER C 937 -16.85 -20.09 -42.61
CA SER C 937 -15.67 -20.01 -41.75
C SER C 937 -16.05 -19.73 -40.30
N LEU C 938 -17.02 -18.84 -40.10
CA LEU C 938 -17.43 -18.46 -38.75
C LEU C 938 -18.42 -19.43 -38.13
N SER C 939 -19.04 -20.29 -38.93
CA SER C 939 -20.02 -21.25 -38.40
C SER C 939 -19.38 -22.54 -37.91
N SER C 940 -18.05 -22.64 -37.90
CA SER C 940 -17.37 -23.86 -37.48
C SER C 940 -16.60 -23.70 -36.18
N THR C 941 -15.70 -22.71 -36.11
CA THR C 941 -14.84 -22.53 -34.95
C THR C 941 -15.33 -21.37 -34.10
N ALA C 942 -15.26 -21.55 -32.78
CA ALA C 942 -15.66 -20.53 -31.82
C ALA C 942 -14.48 -19.82 -31.18
N SER C 943 -13.26 -20.16 -31.55
CA SER C 943 -12.07 -19.54 -30.99
C SER C 943 -11.61 -18.31 -31.76
N ALA C 944 -12.35 -17.91 -32.80
CA ALA C 944 -11.95 -16.74 -33.59
C ALA C 944 -11.95 -15.48 -32.74
N LEU C 945 -12.99 -15.29 -31.91
CA LEU C 945 -13.08 -14.12 -31.04
C LEU C 945 -12.40 -14.45 -29.70
N GLY C 946 -11.08 -14.56 -29.77
CA GLY C 946 -10.29 -14.90 -28.60
C GLY C 946 -9.90 -13.71 -27.75
N LYS C 947 -9.89 -12.51 -28.36
CA LYS C 947 -9.51 -11.31 -27.63
C LYS C 947 -10.69 -10.57 -27.04
N LEU C 948 -11.90 -10.81 -27.54
CA LEU C 948 -13.09 -10.25 -26.92
C LEU C 948 -13.51 -11.00 -25.66
N GLN C 949 -12.94 -12.19 -25.42
CA GLN C 949 -13.29 -13.00 -24.27
C GLN C 949 -12.30 -12.87 -23.12
N ASP C 950 -11.06 -12.43 -23.38
CA ASP C 950 -10.11 -12.24 -22.30
C ASP C 950 -10.56 -11.15 -21.35
N VAL C 951 -11.14 -10.08 -21.89
CA VAL C 951 -11.64 -8.99 -21.04
C VAL C 951 -12.78 -9.49 -20.17
N VAL C 952 -13.61 -10.40 -20.68
CA VAL C 952 -14.69 -10.95 -19.88
C VAL C 952 -14.14 -11.88 -18.79
N ASN C 953 -13.16 -12.72 -19.14
CA ASN C 953 -12.57 -13.60 -18.15
C ASN C 953 -11.92 -12.82 -17.02
N GLN C 954 -11.18 -11.77 -17.36
CA GLN C 954 -10.74 -10.81 -16.37
C GLN C 954 -11.90 -9.90 -15.99
N ASN C 955 -11.74 -9.18 -14.89
CA ASN C 955 -12.81 -8.34 -14.36
C ASN C 955 -13.91 -9.22 -13.79
N ALA C 956 -13.78 -10.53 -13.96
CA ALA C 956 -14.68 -11.52 -13.38
C ALA C 956 -13.95 -12.58 -12.57
N GLN C 957 -12.73 -12.95 -12.98
CA GLN C 957 -11.91 -13.79 -12.12
C GLN C 957 -11.21 -12.98 -11.03
N ALA C 958 -11.19 -11.65 -11.15
CA ALA C 958 -10.58 -10.80 -10.15
C ALA C 958 -11.57 -10.30 -9.10
N LEU C 959 -12.86 -10.56 -9.28
CA LEU C 959 -13.87 -10.20 -8.29
C LEU C 959 -14.15 -11.33 -7.30
N ASN C 960 -13.64 -12.53 -7.57
CA ASN C 960 -13.78 -13.65 -6.64
C ASN C 960 -12.64 -13.73 -5.64
N THR C 961 -11.46 -13.23 -6.01
CA THR C 961 -10.35 -13.19 -5.05
C THR C 961 -10.69 -12.28 -3.88
N LEU C 962 -11.43 -11.20 -4.13
CA LEU C 962 -11.87 -10.34 -3.04
C LEU C 962 -12.69 -11.13 -2.02
N VAL C 963 -13.66 -11.90 -2.50
CA VAL C 963 -14.51 -12.68 -1.59
C VAL C 963 -13.69 -13.76 -0.91
N LYS C 964 -12.74 -14.35 -1.62
CA LYS C 964 -11.95 -15.43 -1.03
C LYS C 964 -11.00 -14.91 0.04
N GLN C 965 -10.55 -13.67 -0.07
CA GLN C 965 -9.61 -13.09 0.89
C GLN C 965 -10.27 -12.65 2.19
N LEU C 966 -11.49 -13.08 2.46
CA LEU C 966 -12.18 -12.75 3.71
C LEU C 966 -11.99 -13.82 4.77
N SER C 967 -11.17 -14.84 4.51
CA SER C 967 -10.96 -15.95 5.42
C SER C 967 -9.49 -16.08 5.81
N SER C 968 -8.87 -14.95 6.14
CA SER C 968 -7.46 -14.92 6.50
C SER C 968 -7.27 -14.09 7.76
N ASN C 969 -6.56 -14.64 8.74
CA ASN C 969 -6.12 -13.84 9.88
C ASN C 969 -4.95 -12.96 9.47
N PHE C 970 -4.88 -11.78 10.06
CA PHE C 970 -3.80 -10.84 9.79
C PHE C 970 -2.98 -10.61 11.06
N GLY C 971 -2.73 -11.69 11.80
CA GLY C 971 -2.03 -11.59 13.06
C GLY C 971 -2.98 -11.51 14.23
N ALA C 972 -4.08 -12.26 14.17
CA ALA C 972 -5.07 -12.25 15.23
C ALA C 972 -5.45 -13.67 15.63
N ILE C 973 -6.47 -13.80 16.49
CA ILE C 973 -6.87 -15.12 16.98
C ILE C 973 -7.67 -15.86 15.92
N SER C 974 -8.73 -15.24 15.42
CA SER C 974 -9.62 -15.87 14.47
C SER C 974 -9.96 -14.88 13.36
N SER C 975 -10.60 -15.39 12.30
CA SER C 975 -11.03 -14.58 11.17
C SER C 975 -12.53 -14.32 11.19
N VAL C 976 -13.20 -14.51 12.32
CA VAL C 976 -14.63 -14.27 12.46
C VAL C 976 -14.83 -13.23 13.56
N LEU C 977 -15.58 -12.18 13.24
CA LEU C 977 -15.81 -11.10 14.20
C LEU C 977 -16.80 -11.48 15.29
N ASN C 978 -17.58 -12.56 15.09
CA ASN C 978 -18.54 -13.00 16.09
C ASN C 978 -17.94 -13.97 17.10
N ASP C 979 -16.70 -14.42 16.90
CA ASP C 979 -16.02 -15.29 17.84
C ASP C 979 -14.99 -14.55 18.68
N ILE C 980 -14.62 -13.33 18.30
CA ILE C 980 -13.77 -12.51 19.14
C ILE C 980 -14.57 -11.69 20.13
N LEU C 981 -15.84 -11.40 19.82
CA LEU C 981 -16.71 -10.63 20.69
C LEU C 981 -17.52 -11.49 21.64
N SER C 982 -17.45 -12.81 21.52
CA SER C 982 -18.17 -13.73 22.39
C SER C 982 -17.33 -14.23 23.55
N ARG C 983 -16.04 -13.88 23.62
CA ARG C 983 -15.17 -14.38 24.65
C ARG C 983 -14.28 -13.33 25.30
N LEU C 984 -14.28 -12.09 24.81
CA LEU C 984 -13.37 -11.07 25.32
C LEU C 984 -14.13 -9.77 25.56
N ASP C 985 -13.66 -9.00 26.55
CA ASP C 985 -14.23 -7.71 26.86
C ASP C 985 -13.75 -6.65 25.86
N PRO C 986 -14.46 -5.53 25.77
CA PRO C 986 -14.15 -4.53 24.73
C PRO C 986 -12.70 -4.09 24.77
N PRO C 987 -12.15 -3.84 25.96
CA PRO C 987 -10.75 -3.39 26.02
C PRO C 987 -9.78 -4.36 25.37
N GLU C 988 -10.04 -5.67 25.45
CA GLU C 988 -9.21 -6.66 24.80
C GLU C 988 -9.63 -6.92 23.35
N ALA C 989 -10.92 -6.74 23.05
CA ALA C 989 -11.41 -7.00 21.70
C ALA C 989 -10.95 -5.93 20.72
N GLU C 990 -10.81 -4.68 21.16
CA GLU C 990 -10.40 -3.62 20.25
C GLU C 990 -9.02 -3.88 19.67
N VAL C 991 -8.10 -4.36 20.51
CA VAL C 991 -6.73 -4.58 20.06
C VAL C 991 -6.69 -5.54 18.89
N GLN C 992 -7.47 -6.62 18.96
CA GLN C 992 -7.46 -7.63 17.91
C GLN C 992 -8.46 -7.36 16.80
N ILE C 993 -9.35 -6.40 16.97
CA ILE C 993 -10.20 -5.98 15.85
C ILE C 993 -9.50 -4.94 14.99
N ASP C 994 -8.61 -4.14 15.56
CA ASP C 994 -7.85 -3.18 14.76
C ASP C 994 -6.98 -3.86 13.72
N ARG C 995 -6.34 -4.99 14.06
CA ARG C 995 -5.54 -5.72 13.09
C ARG C 995 -6.39 -6.20 11.92
N LEU C 996 -7.57 -6.75 12.20
CA LEU C 996 -8.46 -7.18 11.13
C LEU C 996 -8.88 -6.01 10.26
N ILE C 997 -9.19 -4.87 10.88
CA ILE C 997 -9.64 -3.71 10.11
C ILE C 997 -8.54 -3.24 9.17
N THR C 998 -7.31 -3.11 9.69
CA THR C 998 -6.21 -2.65 8.85
C THR C 998 -5.83 -3.66 7.78
N GLY C 999 -5.96 -4.96 8.06
CA GLY C 999 -5.71 -5.95 7.05
C GLY C 999 -6.73 -5.93 5.93
N ARG C 1000 -8.01 -5.80 6.28
CA ARG C 1000 -9.07 -5.79 5.28
C ARG C 1000 -9.15 -4.48 4.52
N LEU C 1001 -8.62 -3.39 5.07
CA LEU C 1001 -8.58 -2.14 4.33
C LEU C 1001 -7.45 -2.09 3.30
N GLN C 1002 -6.56 -3.08 3.30
CA GLN C 1002 -5.45 -3.11 2.35
C GLN C 1002 -5.78 -3.86 1.06
N SER C 1003 -6.69 -4.82 1.12
CA SER C 1003 -7.05 -5.57 -0.07
C SER C 1003 -8.12 -4.89 -0.91
N LEU C 1004 -8.68 -3.78 -0.44
CA LEU C 1004 -9.61 -2.99 -1.22
C LEU C 1004 -8.93 -1.91 -2.04
N GLN C 1005 -7.63 -1.69 -1.83
CA GLN C 1005 -6.88 -0.67 -2.56
C GLN C 1005 -6.11 -1.24 -3.74
N THR C 1006 -5.57 -2.44 -3.61
CA THR C 1006 -4.92 -3.09 -4.74
C THR C 1006 -5.91 -3.30 -5.88
N TYR C 1007 -7.14 -3.69 -5.55
CA TYR C 1007 -8.17 -3.87 -6.57
C TYR C 1007 -8.41 -2.59 -7.34
N VAL C 1008 -8.56 -1.47 -6.63
CA VAL C 1008 -8.83 -0.19 -7.29
C VAL C 1008 -7.62 0.24 -8.12
N THR C 1009 -6.41 0.07 -7.58
CA THR C 1009 -5.22 0.47 -8.34
C THR C 1009 -5.11 -0.32 -9.63
N GLN C 1010 -5.32 -1.64 -9.56
CA GLN C 1010 -5.21 -2.46 -10.75
C GLN C 1010 -6.29 -2.12 -11.76
N GLN C 1011 -7.52 -1.86 -11.30
CA GLN C 1011 -8.57 -1.46 -12.23
C GLN C 1011 -8.24 -0.14 -12.90
N LEU C 1012 -7.71 0.81 -12.15
CA LEU C 1012 -7.32 2.09 -12.72
C LEU C 1012 -6.23 1.90 -13.77
N ILE C 1013 -5.24 1.05 -13.49
CA ILE C 1013 -4.16 0.81 -14.44
C ILE C 1013 -4.70 0.16 -15.71
N ARG C 1014 -5.57 -0.85 -15.55
CA ARG C 1014 -6.01 -1.66 -16.69
C ARG C 1014 -7.13 -1.02 -17.49
N ALA C 1015 -7.78 0.03 -16.97
CA ALA C 1015 -8.79 0.71 -17.74
C ALA C 1015 -8.22 1.76 -18.69
N ALA C 1016 -6.89 1.94 -18.72
CA ALA C 1016 -6.27 2.92 -19.58
C ALA C 1016 -5.83 2.33 -20.93
N GLU C 1017 -6.04 1.04 -21.15
CA GLU C 1017 -5.73 0.42 -22.43
C GLU C 1017 -6.96 0.29 -23.32
N ILE C 1018 -8.14 0.08 -22.73
CA ILE C 1018 -9.37 0.09 -23.50
C ILE C 1018 -9.61 1.45 -24.12
N ARG C 1019 -9.20 2.53 -23.45
CA ARG C 1019 -9.32 3.86 -24.04
C ARG C 1019 -8.45 3.99 -25.29
N ALA C 1020 -7.22 3.49 -25.24
CA ALA C 1020 -6.36 3.52 -26.41
C ALA C 1020 -6.96 2.69 -27.55
N SER C 1021 -7.51 1.52 -27.24
CA SER C 1021 -8.17 0.72 -28.27
C SER C 1021 -9.38 1.41 -28.87
N ALA C 1022 -10.21 2.06 -28.05
CA ALA C 1022 -11.39 2.76 -28.54
C ALA C 1022 -11.05 4.00 -29.34
N ASN C 1023 -9.92 4.65 -29.06
CA ASN C 1023 -9.48 5.75 -29.91
C ASN C 1023 -9.06 5.27 -31.29
N LEU C 1024 -8.34 4.14 -31.35
CA LEU C 1024 -7.97 3.56 -32.63
C LEU C 1024 -9.20 3.15 -33.43
N ALA C 1025 -10.18 2.53 -32.77
CA ALA C 1025 -11.41 2.15 -33.48
C ALA C 1025 -12.13 3.38 -34.04
N ALA C 1026 -12.22 4.45 -33.27
CA ALA C 1026 -12.87 5.67 -33.74
C ALA C 1026 -12.12 6.28 -34.91
N THR C 1027 -10.79 6.27 -34.86
CA THR C 1027 -10.01 6.81 -35.98
C THR C 1027 -10.14 5.93 -37.23
N LYS C 1028 -10.26 4.61 -37.04
CA LYS C 1028 -10.39 3.71 -38.18
C LYS C 1028 -11.79 3.68 -38.78
N MET C 1029 -12.81 4.10 -38.04
CA MET C 1029 -14.15 4.16 -38.59
C MET C 1029 -14.40 5.40 -39.44
N SER C 1030 -13.54 6.41 -39.36
CA SER C 1030 -13.71 7.64 -40.11
C SER C 1030 -12.90 7.69 -41.40
N GLU C 1031 -11.92 6.80 -41.57
CA GLU C 1031 -11.02 6.86 -42.71
C GLU C 1031 -11.15 5.68 -43.66
N CYS C 1032 -11.55 4.51 -43.16
CA CYS C 1032 -11.77 3.36 -44.03
C CYS C 1032 -13.23 3.15 -44.39
N VAL C 1033 -14.17 3.71 -43.61
CA VAL C 1033 -15.59 3.48 -43.85
C VAL C 1033 -16.25 4.70 -44.49
N LEU C 1034 -15.74 5.89 -44.19
CA LEU C 1034 -16.29 7.13 -44.74
C LEU C 1034 -15.41 7.71 -45.82
N GLY C 1035 -14.53 6.91 -46.41
CA GLY C 1035 -13.64 7.41 -47.45
C GLY C 1035 -12.77 6.30 -47.99
N GLN C 1036 -11.72 6.69 -48.70
CA GLN C 1036 -10.73 5.75 -49.22
C GLN C 1036 -9.36 6.14 -48.69
N SER C 1037 -8.58 5.14 -48.28
CA SER C 1037 -7.33 5.36 -47.59
C SER C 1037 -6.15 5.06 -48.49
N LYS C 1038 -5.14 5.93 -48.45
CA LYS C 1038 -3.89 5.73 -49.18
C LYS C 1038 -2.74 5.28 -48.29
N ARG C 1039 -2.99 5.09 -47.00
CA ARG C 1039 -1.94 4.66 -46.09
C ARG C 1039 -1.77 3.15 -46.17
N VAL C 1040 -0.51 2.71 -46.21
CA VAL C 1040 -0.20 1.31 -46.49
C VAL C 1040 -0.52 0.45 -45.27
N ASP C 1041 -1.26 -0.64 -45.50
CA ASP C 1041 -1.56 -1.63 -44.47
C ASP C 1041 -2.33 -1.03 -43.30
N PHE C 1042 -3.16 -0.02 -43.56
CA PHE C 1042 -4.00 0.54 -42.52
C PHE C 1042 -5.37 -0.12 -42.48
N CYS C 1043 -6.01 -0.28 -43.63
CA CYS C 1043 -7.33 -0.90 -43.72
C CYS C 1043 -7.26 -2.20 -44.52
N GLY C 1044 -6.23 -3.00 -44.29
CA GLY C 1044 -6.12 -4.31 -44.90
C GLY C 1044 -4.83 -4.47 -45.67
N LYS C 1045 -4.72 -5.62 -46.35
CA LYS C 1045 -3.55 -5.98 -47.15
C LYS C 1045 -3.91 -5.88 -48.62
N GLY C 1046 -3.26 -4.98 -49.35
CA GLY C 1046 -3.53 -4.75 -50.75
C GLY C 1046 -3.83 -3.28 -51.03
N TYR C 1047 -4.68 -3.05 -52.01
CA TYR C 1047 -5.15 -1.72 -52.35
C TYR C 1047 -6.59 -1.55 -51.88
N HIS C 1048 -6.85 -0.53 -51.08
CA HIS C 1048 -8.13 -0.37 -50.41
C HIS C 1048 -9.20 0.07 -51.39
N LEU C 1049 -10.38 -0.57 -51.32
CA LEU C 1049 -11.54 -0.17 -52.11
C LEU C 1049 -12.69 0.33 -51.23
N MET C 1050 -13.14 -0.48 -50.27
CA MET C 1050 -14.25 -0.10 -49.40
C MET C 1050 -14.29 -1.06 -48.22
N SER C 1051 -15.11 -0.72 -47.22
CA SER C 1051 -15.21 -1.50 -46.00
C SER C 1051 -16.59 -1.33 -45.39
N PHE C 1052 -16.98 -2.31 -44.56
CA PHE C 1052 -18.28 -2.33 -43.89
C PHE C 1052 -18.12 -2.69 -42.42
N PRO C 1053 -18.88 -2.04 -41.54
CA PRO C 1053 -18.81 -2.35 -40.11
C PRO C 1053 -19.85 -3.36 -39.65
N GLN C 1054 -19.61 -3.90 -38.46
CA GLN C 1054 -20.56 -4.78 -37.78
C GLN C 1054 -20.32 -4.68 -36.28
N SER C 1055 -21.29 -5.16 -35.51
CA SER C 1055 -21.27 -5.02 -34.06
C SER C 1055 -21.21 -6.38 -33.38
N ALA C 1056 -20.41 -6.46 -32.33
CA ALA C 1056 -20.24 -7.66 -31.51
C ALA C 1056 -20.29 -7.24 -30.05
N PRO C 1057 -20.49 -8.21 -29.14
CA PRO C 1057 -20.63 -7.86 -27.71
C PRO C 1057 -19.34 -7.28 -27.16
N HIS C 1058 -19.41 -6.01 -26.74
CA HIS C 1058 -18.28 -5.29 -26.17
C HIS C 1058 -17.20 -4.96 -27.19
N GLY C 1059 -17.53 -4.95 -28.48
CA GLY C 1059 -16.52 -4.70 -29.49
C GLY C 1059 -17.16 -4.46 -30.84
N VAL C 1060 -16.29 -4.31 -31.85
CA VAL C 1060 -16.71 -4.05 -33.22
C VAL C 1060 -15.90 -4.93 -34.16
N VAL C 1061 -16.43 -5.13 -35.36
CA VAL C 1061 -15.80 -5.98 -36.37
C VAL C 1061 -15.85 -5.25 -37.72
N PHE C 1062 -14.76 -5.38 -38.49
CA PHE C 1062 -14.63 -4.73 -39.78
C PHE C 1062 -14.43 -5.78 -40.86
N LEU C 1063 -14.90 -5.47 -42.07
CA LEU C 1063 -14.70 -6.31 -43.25
C LEU C 1063 -14.11 -5.44 -44.35
N HIS C 1064 -12.93 -5.83 -44.84
CA HIS C 1064 -12.17 -5.03 -45.79
C HIS C 1064 -12.16 -5.69 -47.16
N VAL C 1065 -12.21 -4.87 -48.21
CA VAL C 1065 -12.16 -5.33 -49.59
C VAL C 1065 -10.94 -4.72 -50.25
N THR C 1066 -10.15 -5.55 -50.94
CA THR C 1066 -8.87 -5.11 -51.49
C THR C 1066 -8.70 -5.68 -52.90
N TYR C 1067 -7.67 -5.17 -53.59
CA TYR C 1067 -7.36 -5.54 -54.96
C TYR C 1067 -5.96 -6.16 -55.01
N VAL C 1068 -5.84 -7.30 -55.68
CA VAL C 1068 -4.57 -8.04 -55.72
C VAL C 1068 -4.24 -8.47 -57.14
N PRO C 1069 -3.04 -8.18 -57.63
CA PRO C 1069 -2.65 -8.59 -58.99
C PRO C 1069 -2.31 -10.08 -59.04
N ALA C 1070 -1.99 -10.55 -60.24
CA ALA C 1070 -1.64 -11.94 -60.47
C ALA C 1070 -1.18 -12.12 -61.91
N GLN C 1071 -0.52 -13.25 -62.17
CA GLN C 1071 -0.17 -13.72 -63.51
C GLN C 1071 0.72 -12.70 -64.24
N GLU C 1072 1.94 -12.55 -63.72
CA GLU C 1072 2.92 -11.63 -64.28
C GLU C 1072 3.66 -12.27 -65.46
N LYS C 1073 4.42 -11.43 -66.17
CA LYS C 1073 5.19 -11.85 -67.34
C LYS C 1073 6.39 -10.93 -67.49
N ASN C 1074 7.35 -11.36 -68.32
CA ASN C 1074 8.60 -10.67 -68.52
C ASN C 1074 8.65 -9.99 -69.89
N PHE C 1075 9.28 -8.82 -69.94
CA PHE C 1075 9.42 -8.06 -71.17
C PHE C 1075 10.81 -7.43 -71.18
N THR C 1076 11.03 -6.49 -72.10
CA THR C 1076 12.27 -5.72 -72.18
C THR C 1076 11.93 -4.24 -72.11
N THR C 1077 12.83 -3.45 -71.51
CA THR C 1077 12.53 -2.08 -71.14
C THR C 1077 13.64 -1.15 -71.61
N ALA C 1078 13.27 0.11 -71.86
CA ALA C 1078 14.19 1.18 -72.22
C ALA C 1078 13.73 2.48 -71.58
N PRO C 1079 14.64 3.36 -71.19
CA PRO C 1079 14.24 4.62 -70.57
C PRO C 1079 13.57 5.59 -71.52
N ALA C 1080 14.15 5.75 -72.72
CA ALA C 1080 13.64 6.67 -73.73
C ALA C 1080 13.93 6.09 -75.10
N ILE C 1081 13.47 6.78 -76.15
CA ILE C 1081 13.70 6.37 -77.52
C ILE C 1081 14.11 7.60 -78.33
N CYS C 1082 14.98 7.38 -79.31
CA CYS C 1082 15.54 8.45 -80.14
C CYS C 1082 14.92 8.40 -81.53
N HIS C 1083 14.40 9.54 -81.99
CA HIS C 1083 13.78 9.65 -83.30
C HIS C 1083 14.10 11.01 -83.89
N ASP C 1084 14.94 11.04 -84.92
CA ASP C 1084 15.32 12.28 -85.59
C ASP C 1084 16.24 13.14 -84.74
N GLY C 1085 17.06 12.51 -83.89
CA GLY C 1085 17.97 13.25 -83.04
C GLY C 1085 17.33 13.93 -81.85
N LYS C 1086 16.19 13.44 -81.39
CA LYS C 1086 15.50 13.99 -80.24
C LYS C 1086 15.08 12.86 -79.30
N ALA C 1087 14.92 13.18 -78.03
CA ALA C 1087 14.57 12.21 -77.00
C ALA C 1087 13.10 12.37 -76.62
N HIS C 1088 12.38 11.25 -76.57
CA HIS C 1088 10.96 11.24 -76.26
C HIS C 1088 10.73 10.41 -74.99
N PHE C 1089 10.02 11.00 -74.02
CA PHE C 1089 9.70 10.32 -72.79
C PHE C 1089 8.21 10.03 -72.70
N PRO C 1090 7.81 8.99 -71.98
CA PRO C 1090 6.39 8.65 -71.90
C PRO C 1090 5.62 9.67 -71.05
N ARG C 1091 4.31 9.73 -71.28
CA ARG C 1091 3.45 10.59 -70.50
C ARG C 1091 2.93 9.88 -69.25
N GLU C 1092 2.34 8.69 -69.42
CA GLU C 1092 1.89 7.88 -68.29
C GLU C 1092 1.98 6.42 -68.70
N GLY C 1093 3.06 5.77 -68.31
CA GLY C 1093 3.27 4.38 -68.65
C GLY C 1093 4.75 4.07 -68.75
N VAL C 1094 5.04 2.92 -69.35
CA VAL C 1094 6.41 2.47 -69.57
C VAL C 1094 6.55 1.97 -71.00
N PHE C 1095 7.80 1.93 -71.46
CA PHE C 1095 8.12 1.38 -72.77
C PHE C 1095 8.46 -0.10 -72.63
N VAL C 1096 7.84 -0.94 -73.46
CA VAL C 1096 8.05 -2.37 -73.42
C VAL C 1096 8.16 -2.90 -74.84
N SER C 1097 8.77 -4.07 -74.97
CA SER C 1097 8.94 -4.73 -76.26
C SER C 1097 8.82 -6.24 -76.08
N ASN C 1098 8.17 -6.90 -77.02
CA ASN C 1098 8.04 -8.34 -77.01
C ASN C 1098 9.14 -9.05 -77.79
N GLY C 1099 10.12 -8.30 -78.30
CA GLY C 1099 11.22 -8.85 -79.07
C GLY C 1099 11.39 -8.22 -80.43
N THR C 1100 10.30 -7.72 -81.01
CA THR C 1100 10.34 -7.12 -82.34
C THR C 1100 9.58 -5.80 -82.45
N HIS C 1101 8.78 -5.42 -81.47
CA HIS C 1101 7.98 -4.21 -81.54
C HIS C 1101 8.05 -3.47 -80.21
N TRP C 1102 7.72 -2.18 -80.24
CA TRP C 1102 7.72 -1.33 -79.06
C TRP C 1102 6.34 -0.71 -78.88
N PHE C 1103 5.87 -0.69 -77.63
CA PHE C 1103 4.55 -0.16 -77.31
C PHE C 1103 4.66 0.72 -76.06
N VAL C 1104 3.51 1.13 -75.54
CA VAL C 1104 3.41 1.74 -74.23
C VAL C 1104 2.28 1.06 -73.47
N THR C 1105 2.33 1.13 -72.14
CA THR C 1105 1.30 0.50 -71.33
C THR C 1105 1.28 1.16 -69.96
N GLN C 1106 0.17 0.97 -69.25
CA GLN C 1106 0.09 1.39 -67.87
C GLN C 1106 0.88 0.45 -66.98
N ARG C 1107 1.16 0.90 -65.76
CA ARG C 1107 2.10 0.20 -64.89
C ARG C 1107 1.47 -0.93 -64.08
N ASN C 1108 0.15 -1.11 -64.13
CA ASN C 1108 -0.52 -2.11 -63.32
C ASN C 1108 -1.39 -3.08 -64.11
N PHE C 1109 -1.45 -2.95 -65.43
CA PHE C 1109 -2.24 -3.85 -66.26
C PHE C 1109 -1.62 -3.87 -67.65
N TYR C 1110 -1.84 -4.96 -68.38
CA TYR C 1110 -1.23 -5.12 -69.70
C TYR C 1110 -2.22 -4.67 -70.77
N GLU C 1111 -1.89 -3.58 -71.46
CA GLU C 1111 -2.72 -3.05 -72.54
C GLU C 1111 -1.83 -2.30 -73.51
N PRO C 1112 -1.24 -3.00 -74.48
CA PRO C 1112 -0.30 -2.34 -75.38
C PRO C 1112 -0.98 -1.34 -76.30
N GLN C 1113 -0.20 -0.36 -76.76
CA GLN C 1113 -0.66 0.62 -77.73
C GLN C 1113 0.53 1.09 -78.55
N ILE C 1114 0.24 1.60 -79.74
CA ILE C 1114 1.30 2.02 -80.67
C ILE C 1114 1.74 3.44 -80.32
N ILE C 1115 3.05 3.65 -80.32
CA ILE C 1115 3.61 4.93 -79.93
C ILE C 1115 3.24 5.99 -80.97
N THR C 1116 2.78 7.14 -80.49
CA THR C 1116 2.46 8.27 -81.35
C THR C 1116 3.02 9.52 -80.69
N THR C 1117 2.66 10.69 -81.23
CA THR C 1117 3.09 11.96 -80.69
C THR C 1117 2.13 12.51 -79.65
N ASP C 1118 1.09 11.75 -79.29
CA ASP C 1118 0.08 12.21 -78.34
C ASP C 1118 0.31 11.69 -76.93
N ASN C 1119 0.96 10.54 -76.77
CA ASN C 1119 1.21 9.97 -75.44
C ASN C 1119 2.68 10.08 -75.03
N THR C 1120 3.43 11.00 -75.64
CA THR C 1120 4.81 11.24 -75.29
C THR C 1120 5.09 12.74 -75.35
N PHE C 1121 6.18 13.16 -74.71
CA PHE C 1121 6.65 14.53 -74.80
C PHE C 1121 8.15 14.52 -75.04
N VAL C 1122 8.64 15.57 -75.70
CA VAL C 1122 10.01 15.64 -76.16
C VAL C 1122 10.77 16.65 -75.31
N SER C 1123 12.06 16.38 -75.11
CA SER C 1123 12.92 17.29 -74.35
C SER C 1123 14.37 16.96 -74.62
N GLY C 1124 15.14 17.93 -75.12
CA GLY C 1124 16.58 17.80 -75.21
C GLY C 1124 17.05 17.05 -76.45
N ASN C 1125 18.37 16.90 -76.53
CA ASN C 1125 19.01 16.18 -77.62
C ASN C 1125 19.17 14.71 -77.23
N CYS C 1126 19.97 13.97 -78.01
CA CYS C 1126 20.01 12.52 -77.92
C CYS C 1126 21.42 12.01 -77.62
N ASP C 1127 22.13 12.68 -76.70
CA ASP C 1127 23.49 12.26 -76.37
C ASP C 1127 23.77 12.38 -74.87
N VAL C 1128 22.74 12.34 -74.04
CA VAL C 1128 22.88 12.47 -72.59
C VAL C 1128 22.33 11.26 -71.86
N VAL C 1129 21.10 10.87 -72.17
CA VAL C 1129 20.47 9.76 -71.47
C VAL C 1129 21.25 8.47 -71.71
N ILE C 1130 21.22 7.59 -70.70
CA ILE C 1130 21.95 6.33 -70.74
C ILE C 1130 20.94 5.22 -70.97
N GLY C 1131 21.16 4.43 -72.02
CA GLY C 1131 20.24 3.37 -72.39
C GLY C 1131 19.23 3.72 -73.46
N ILE C 1132 19.41 4.85 -74.14
CA ILE C 1132 18.47 5.24 -75.18
C ILE C 1132 18.43 4.20 -76.29
N VAL C 1133 17.33 4.22 -77.07
CA VAL C 1133 17.09 3.24 -78.11
C VAL C 1133 16.62 3.98 -79.36
N ASN C 1134 16.78 3.34 -80.51
CA ASN C 1134 16.41 3.91 -81.81
C ASN C 1134 15.11 3.29 -82.28
N ASN C 1135 14.13 4.14 -82.59
CA ASN C 1135 12.84 3.69 -83.08
C ASN C 1135 12.16 4.83 -83.83
N THR C 1136 10.87 4.67 -84.11
CA THR C 1136 10.11 5.64 -84.89
C THR C 1136 8.84 6.03 -84.14
N VAL C 1137 8.44 7.29 -84.32
CA VAL C 1137 7.23 7.84 -83.70
C VAL C 1137 6.30 8.31 -84.81
N TYR C 1138 5.03 7.94 -84.71
CA TYR C 1138 4.07 8.14 -85.78
C TYR C 1138 3.22 9.39 -85.52
N ASP C 1139 3.13 10.26 -86.52
CA ASP C 1139 2.31 11.45 -86.43
C ASP C 1139 0.87 11.09 -86.76
N PRO C 1140 -0.09 11.31 -85.85
CA PRO C 1140 -1.40 10.67 -86.01
C PRO C 1140 -2.18 11.11 -87.24
N LEU C 1141 -2.49 12.39 -87.36
CA LEU C 1141 -3.30 12.87 -88.48
C LEU C 1141 -2.78 14.12 -89.17
N GLN C 1142 -1.97 14.94 -88.53
CA GLN C 1142 -1.61 16.23 -89.13
C GLN C 1142 -0.98 16.09 -90.50
N PRO C 1143 0.02 15.22 -90.71
CA PRO C 1143 0.64 15.11 -92.03
C PRO C 1143 0.06 14.00 -92.91
N GLU C 1144 -0.80 13.14 -92.37
CA GLU C 1144 -1.37 12.04 -93.14
C GLU C 1144 -2.79 12.35 -93.57
C1 Q83 D . 3.05 8.07 47.01
C2 Q83 D . 2.36 9.40 46.74
C3 Q83 D . 1.15 9.18 45.82
C4 Q83 D . 0.17 10.34 45.96
C5 Q83 D . 0.07 11.08 44.63
C6 Q83 D . -0.96 12.21 44.74
C7 Q83 D . -1.23 12.79 43.36
N1 Q83 D . -2.24 13.80 43.13
N2 Q83 D . -4.54 14.65 47.69
C8 Q83 D . -2.54 14.37 41.86
C10 Q83 D . -3.84 15.38 43.54
C11 Q83 D . -4.86 16.23 44.28
C12 Q83 D . -5.07 16.00 45.56
C13 Q83 D . -4.29 14.89 46.28
C14 Q83 D . -3.40 14.16 45.62
C15 Q83 D . -3.14 14.41 44.14
C9 Q83 D . -3.47 15.51 42.07
O1 Q83 D . 2.37 7.02 47.20
O2 Q83 D . 4.31 8.00 47.03
O3 Q83 D . -0.59 12.40 42.43
O4 Q83 D . -4.27 15.46 48.49
O5 Q83 D . -5.04 13.64 48.03
H2 Q83 D . 2.02 9.82 47.68
H1 Q83 D . 3.06 10.08 46.26
H4 Q83 D . 1.49 9.12 44.79
H3 Q83 D . 0.65 8.26 46.09
H6 Q83 D . -0.81 9.96 46.23
H5 Q83 D . 0.51 11.03 46.73
H8 Q83 D . 1.04 11.51 44.38
H7 Q83 D . -0.24 10.39 43.85
H9 Q83 D . -1.88 11.81 45.16
H10 Q83 D . -0.57 12.99 45.39
H11 Q83 D . -1.62 14.72 41.40
H12 Q83 D . -3.00 13.63 41.22
H15 Q83 D . -5.41 17.01 43.76
H16 Q83 D . -5.80 16.59 46.11
H17 Q83 D . -2.85 13.38 46.14
H13 Q83 D . -4.33 15.41 41.44
H14 Q83 D . -2.96 16.45 41.88
C1 NAG E . 37.44 31.42 16.71
C2 NAG E . 37.53 32.41 17.87
C3 NAG E . 37.87 33.81 17.35
C4 NAG E . 39.11 33.76 16.47
C5 NAG E . 38.94 32.72 15.37
C6 NAG E . 40.18 32.55 14.52
C7 NAG E . 36.17 33.09 19.80
C8 NAG E . 34.83 33.00 20.45
N2 NAG E . 36.30 32.43 18.63
O3 NAG E . 38.08 34.69 18.44
O4 NAG E . 39.33 35.03 15.88
O5 NAG E . 38.65 31.44 15.95
O6 NAG E . 41.27 33.31 15.04
O7 NAG E . 37.09 33.72 20.29
C1 NAG F . -1.57 10.96 61.77
C2 NAG F . -0.79 12.13 61.18
C3 NAG F . -0.27 13.03 62.30
C4 NAG F . -1.40 13.43 63.23
C5 NAG F . -2.16 12.21 63.72
C6 NAG F . -3.37 12.54 64.54
C7 NAG F . 1.13 12.48 59.68
C8 NAG F . 2.21 11.81 58.88
N2 NAG F . 0.31 11.66 60.35
O3 NAG F . 0.33 14.20 61.73
O4 NAG F . -0.87 14.13 64.36
O5 NAG F . -2.63 11.45 62.59
O6 NAG F . -3.43 13.93 64.86
O7 NAG F . 1.01 13.70 59.73
C1 NAG G . 37.62 14.93 -14.88
C2 NAG G . 37.29 14.58 -16.33
C3 NAG G . 38.56 14.17 -17.07
C4 NAG G . 39.63 15.24 -16.93
C5 NAG G . 39.87 15.55 -15.45
C6 NAG G . 40.84 16.68 -15.23
C7 NAG G . 36.51 12.29 -15.92
C8 NAG G . 35.37 11.32 -16.08
N2 NAG G . 36.29 13.52 -16.40
O3 NAG G . 38.26 13.97 -18.45
O4 NAG G . 40.86 14.78 -17.51
O5 NAG G . 38.62 15.94 -14.84
O6 NAG G . 40.68 17.70 -16.22
O7 NAG G . 37.56 11.97 -15.37
C1 NAG H . 24.91 45.90 -18.78
C2 NAG H . 25.84 47.04 -19.19
C3 NAG H . 25.98 48.03 -18.04
C4 NAG H . 24.61 48.49 -17.56
C5 NAG H . 23.74 47.29 -17.22
C6 NAG H . 22.32 47.66 -16.86
C7 NAG H . 27.85 47.08 -20.60
C8 NAG H . 29.17 46.43 -20.88
N2 NAG H . 27.14 46.55 -19.59
O3 NAG H . 26.74 49.16 -18.47
O4 NAG H . 24.75 49.31 -16.40
O5 NAG H . 23.65 46.42 -18.37
O6 NAG H . 21.70 48.42 -17.88
O7 NAG H . 27.43 48.03 -21.25
C1 NAG I . -1.54 36.03 41.79
C2 NAG I . -0.63 36.73 40.77
C3 NAG I . -1.43 37.80 40.02
C4 NAG I . -2.67 37.19 39.40
C5 NAG I . -3.48 36.45 40.47
C6 NAG I . -4.68 35.73 39.89
C7 NAG I . 1.59 37.77 40.75
C8 NAG I . 2.69 38.35 41.59
N2 NAG I . 0.52 37.32 41.42
O3 NAG I . -0.61 38.37 39.00
O4 NAG I . -3.47 38.21 38.82
O5 NAG I . -2.68 35.46 41.12
O6 NAG I . -5.22 36.42 38.78
O7 NAG I . 1.65 37.73 39.53
C1 Q83 J . -14.02 -18.02 41.98
C2 Q83 J . -14.80 -19.07 41.19
C3 Q83 J . -13.92 -19.66 40.09
C4 Q83 J . -14.48 -21.02 39.65
C5 Q83 J . -14.88 -20.93 38.18
C6 Q83 J . -15.37 -22.30 37.70
C7 Q83 J . -15.53 -22.27 36.18
N1 Q83 J . -15.84 -23.47 35.42
N2 Q83 J . -16.07 -27.40 38.76
C8 Q83 J . -16.00 -23.47 34.00
C10 Q83 J . -16.41 -25.62 34.90
C11 Q83 J . -16.71 -27.09 35.06
C12 Q83 J . -16.60 -27.64 36.26
C13 Q83 J . -16.18 -26.77 37.46
C14 Q83 J . -15.93 -25.48 37.30
C15 Q83 J . -16.05 -24.84 35.93
C9 Q83 J . -16.49 -24.81 33.61
O1 Q83 J . -12.82 -18.22 42.28
O2 Q83 J . -14.59 -16.95 42.34
O3 Q83 J . -15.39 -21.24 35.61
O4 Q83 J . -17.00 -27.92 39.26
O5 Q83 J . -15.04 -27.40 39.33
H2 Q83 J . -15.13 -19.85 41.86
H1 Q83 J . -15.67 -18.59 40.73
H4 Q83 J . -13.90 -18.99 39.24
H3 Q83 J . -12.91 -19.80 40.47
H6 Q83 J . -13.71 -21.77 39.76
H5 Q83 J . -15.33 -21.28 40.24
H8 Q83 J . -15.67 -20.21 38.07
H7 Q83 J . -14.03 -20.63 37.58
H9 Q83 J . -14.64 -23.06 37.98
H10 Q83 J . -16.33 -22.53 38.16
H11 Q83 J . -16.71 -22.73 33.70
H12 Q83 J . -15.03 -23.28 33.52
H15 Q83 J . -17.00 -27.69 34.21
H16 Q83 J . -16.81 -28.70 36.39
H17 Q83 J . -15.63 -24.89 38.16
H13 Q83 J . -15.84 -25.26 32.85
H14 Q83 J . -17.52 -24.75 33.26
C1 NAG K . -47.57 11.47 16.53
C2 NAG K . -48.60 10.68 17.34
C3 NAG K . -49.90 10.55 16.56
C4 NAG K . -50.39 11.92 16.11
C5 NAG K . -49.29 12.64 15.35
C6 NAG K . -49.68 14.06 14.96
C7 NAG K . -48.70 8.54 18.54
C8 NAG K . -48.02 7.23 18.79
N2 NAG K . -48.07 9.37 17.70
O3 NAG K . -50.89 9.92 17.37
O4 NAG K . -51.53 11.77 15.26
O5 NAG K . -48.11 12.74 16.16
O6 NAG K . -50.96 14.40 15.45
O7 NAG K . -49.77 8.84 19.07
C1 NAG L . -15.90 -28.64 53.59
C2 NAG L . -17.21 -28.22 52.94
C3 NAG L . -18.39 -28.57 53.86
C4 NAG L . -18.32 -30.04 54.27
C5 NAG L . -16.95 -30.38 54.83
C6 NAG L . -16.78 -31.85 55.14
C7 NAG L . -18.23 -26.17 52.04
C8 NAG L . -18.05 -24.70 51.81
N2 NAG L . -17.21 -26.80 52.64
O3 NAG L . -19.62 -28.31 53.19
O4 NAG L . -19.31 -30.30 55.26
O5 NAG L . -15.93 -30.04 53.89
O6 NAG L . -18.04 -32.52 55.17
O7 NAG L . -19.24 -26.76 51.70
C1 NAG M . -29.74 30.14 -8.01
C2 NAG M . -29.12 30.56 -9.34
C3 NAG M . -29.30 32.05 -9.58
C4 NAG M . -30.78 32.43 -9.45
C5 NAG M . -31.33 31.95 -8.12
C6 NAG M . -32.81 32.19 -7.97
C7 NAG M . -26.80 30.73 -8.54
C8 NAG M . -25.38 30.26 -8.73
N2 NAG M . -27.70 30.21 -9.38
O3 NAG M . -28.83 32.39 -10.87
O4 NAG M . -30.92 33.84 -9.54
O5 NAG M . -31.11 30.54 -7.99
O6 NAG M . -33.48 32.09 -9.22
O7 NAG M . -27.11 31.55 -7.67
C1 NAG N . -49.60 7.84 -23.60
C2 NAG N . -50.99 8.27 -24.04
C3 NAG N . -52.06 7.54 -23.23
C4 NAG N . -51.84 6.04 -23.28
C5 NAG N . -50.41 5.70 -22.87
C6 NAG N . -50.08 4.23 -23.02
C7 NAG N . -51.81 10.44 -24.82
C8 NAG N . -51.88 11.92 -24.55
N2 NAG N . -51.16 9.71 -23.92
O3 NAG N . -53.35 7.87 -23.73
O4 NAG N . -52.75 5.38 -22.41
O5 NAG N . -49.48 6.41 -23.70
O6 NAG N . -50.38 3.75 -24.32
O7 NAG N . -52.34 9.95 -25.82
C1 NAG O . -35.14 -31.90 28.17
C2 NAG O . -36.07 -31.08 27.29
C3 NAG O . -36.50 -31.91 26.07
C4 NAG O . -35.28 -32.45 25.35
C5 NAG O . -34.37 -33.20 26.32
C6 NAG O . -33.08 -33.67 25.68
C7 NAG O . -38.08 -29.71 27.56
C8 NAG O . -39.23 -29.35 28.45
N2 NAG O . -37.23 -30.62 28.02
O3 NAG O . -37.28 -31.10 25.20
O4 NAG O . -35.68 -33.34 24.31
O5 NAG O . -34.01 -32.35 27.41
O6 NAG O . -33.28 -34.04 24.32
O7 NAG O . -37.93 -29.19 26.45
C1 Q83 P . 17.47 -19.18 40.13
C2 Q83 P . 18.85 -19.10 39.47
C3 Q83 P . 19.06 -17.71 38.85
C4 Q83 P . 20.55 -17.43 38.67
C5 Q83 P . 20.86 -17.27 37.20
C6 Q83 P . 22.34 -16.89 37.01
C7 Q83 P . 22.56 -16.48 35.56
N1 Q83 P . 23.84 -15.96 35.11
N2 Q83 P . 26.93 -15.66 39.25
C8 Q83 P . 24.10 -15.55 33.77
C10 Q83 P . 26.05 -15.37 35.08
C11 Q83 P . 27.45 -15.06 35.56
C12 Q83 P . 27.72 -15.15 36.85
C13 Q83 P . 26.61 -15.57 37.84
C14 Q83 P . 25.39 -15.84 37.40
C15 Q83 P . 25.07 -15.73 35.91
C9 Q83 P . 25.56 -15.31 33.64
O1 Q83 P . 17.03 -18.21 40.78
O2 Q83 P . 16.78 -20.23 40.01
O3 Q83 P . 21.68 -16.59 34.78
O4 Q83 P . 27.75 -16.40 39.63
O5 Q83 P . 26.35 -14.99 40.03
H2 Q83 P . 19.61 -19.29 40.22
H1 Q83 P . 18.92 -19.85 38.69
H4 Q83 P . 18.57 -17.68 37.89
H3 Q83 P . 18.62 -16.97 39.50
H6 Q83 P . 20.81 -16.51 39.21
H5 Q83 P . 21.13 -18.25 39.07
H8 Q83 P . 20.66 -18.20 36.68
H7 Q83 P . 20.24 -16.48 36.78
H9 Q83 P . 22.58 -16.07 37.67
H10 Q83 P . 22.96 -17.74 37.25
H11 Q83 P . 23.81 -16.34 33.09
H12 Q83 P . 23.56 -14.64 33.55
H15 Q83 P . 28.23 -14.76 34.86
H16 Q83 P . 28.71 -14.93 37.22
H17 Q83 P . 24.61 -16.12 38.10
H13 Q83 P . 25.75 -14.33 33.21
H14 Q83 P . 26.03 -16.09 33.05
C1 NAG Q . 11.82 -50.28 -0.44
C2 NAG Q . 12.90 -51.11 0.27
C3 NAG Q . 13.75 -51.86 -0.76
C4 NAG Q . 12.87 -52.66 -1.69
C5 NAG Q . 11.80 -51.77 -2.31
C6 NAG Q . 10.82 -52.54 -3.17
C7 NAG Q . 14.65 -50.75 1.95
C8 NAG Q . 15.42 -49.74 2.74
N2 NAG Q . 13.73 -50.26 1.12
O3 NAG Q . 14.67 -52.71 -0.09
O4 NAG Q . 13.66 -53.24 -2.73
O5 NAG Q . 11.04 -51.13 -1.28
O6 NAG Q . 11.05 -53.94 -3.11
O7 NAG Q . 14.85 -51.95 2.07
C1 NAG R . 26.37 -20.21 53.31
C2 NAG R . 26.69 -21.33 52.31
C3 NAG R . 27.38 -22.49 53.03
C4 NAG R . 28.59 -21.99 53.81
C5 NAG R . 28.21 -20.81 54.72
C6 NAG R . 29.41 -20.17 55.38
C7 NAG R . 25.49 -22.74 50.69
C8 NAG R . 24.16 -23.09 50.12
N2 NAG R . 25.49 -21.80 51.64
O3 NAG R . 27.79 -23.46 52.08
O4 NAG R . 29.10 -23.03 54.63
O5 NAG R . 27.58 -19.77 53.94
O6 NAG R . 30.55 -21.01 55.31
O7 NAG R . 26.53 -23.29 50.33
C1 NAG S . -10.23 -34.59 -23.63
C2 NAG S . -10.74 -33.75 -24.80
C3 NAG S . -11.90 -34.46 -25.49
C4 NAG S . -11.50 -35.88 -25.88
C5 NAG S . -10.97 -36.62 -24.66
C6 NAG S . -10.44 -38.01 -24.99
C7 NAG S . -12.14 -32.22 -23.49
C8 NAG S . -12.43 -30.78 -23.15
N2 NAG S . -11.15 -32.43 -24.36
O3 NAG S . -12.28 -33.74 -26.65
O4 NAG S . -12.63 -36.58 -26.40
O5 NAG S . -9.87 -35.90 -24.09
O6 NAG S . -9.81 -38.03 -26.26
O7 NAG S . -12.78 -33.14 -23.00
C1 NAG T . 20.68 -35.80 -37.02
C2 NAG T . 21.05 -36.98 -37.92
C3 NAG T . 22.11 -37.85 -37.24
C4 NAG T . 23.29 -37.00 -36.81
C5 NAG T . 22.82 -35.82 -35.95
C6 NAG T . 23.93 -34.88 -35.58
C7 NAG T . 19.70 -38.32 -39.46
C8 NAG T . 18.43 -39.11 -39.64
N2 NAG T . 19.88 -37.77 -38.26
O3 NAG T . 22.52 -38.87 -38.13
O4 NAG T . 24.21 -37.79 -36.05
O5 NAG T . 21.84 -35.06 -36.68
O6 NAG T . 24.64 -34.43 -36.74
O7 NAG T . 20.52 -38.21 -40.37
C1 NAG U . 41.05 -24.84 24.88
C2 NAG U . 41.70 -25.84 23.92
C3 NAG U . 43.16 -25.45 23.68
C4 NAG U . 43.26 -24.02 23.20
C5 NAG U . 42.53 -23.09 24.17
C6 NAG U . 42.48 -21.66 23.69
C7 NAG U . 41.46 -28.26 23.64
C8 NAG U . 41.38 -29.59 24.33
N2 NAG U . 41.61 -27.19 24.43
O3 NAG U . 43.72 -26.33 22.70
O4 NAG U . 44.63 -23.62 23.11
O5 NAG U . 41.17 -23.51 24.35
O6 NAG U . 42.96 -21.54 22.36
O7 NAG U . 41.39 -28.16 22.42
#